data_6YRR
#
_entry.id   6YRR
#
_entity_poly.entity_id   1
_entity_poly.type   'polypeptide(L)'
_entity_poly.pdbx_seq_one_letter_code
;MKDGFILKKKKIPKNIFRIGNKEMSYSDDLNSLIQSQYVSYVVILDPNGAIYWTNNENWQVNGSEVLRQWMGSAPSITVA
GTKFSSFRNEPGVSFVGRNMAGGGLIILQKAPNGYVFLSWTSHEFLTTSGLPPLNIHAEIAMMAAKFQ
;
_entity_poly.pdbx_strand_id   A
#
# COMPACT_ATOMS: atom_id res chain seq x y z
N MET A 1 -10.81 11.90 23.51
CA MET A 1 -12.21 11.46 23.47
C MET A 1 -12.33 10.27 22.54
N LYS A 2 -12.62 9.14 23.10
CA LYS A 2 -12.78 7.94 22.33
C LYS A 2 -14.25 7.77 21.99
N ASP A 3 -14.62 8.16 20.79
CA ASP A 3 -16.00 8.01 20.35
C ASP A 3 -16.16 6.65 19.74
N GLY A 4 -17.38 6.22 19.59
CA GLY A 4 -17.64 4.99 18.90
C GLY A 4 -17.86 5.31 17.44
N PHE A 5 -16.84 5.89 16.84
CA PHE A 5 -16.92 6.37 15.51
C PHE A 5 -16.68 5.27 14.49
N ILE A 6 -17.74 4.85 13.89
CA ILE A 6 -17.70 3.91 12.83
C ILE A 6 -18.18 4.60 11.57
N LEU A 7 -17.25 5.05 10.78
CA LEU A 7 -17.59 5.78 9.58
C LEU A 7 -17.77 4.84 8.43
N LYS A 8 -18.94 4.82 7.87
CA LYS A 8 -19.21 4.01 6.74
C LYS A 8 -18.84 4.76 5.48
N LYS A 9 -17.74 4.36 4.89
CA LYS A 9 -17.25 5.00 3.71
C LYS A 9 -17.72 4.31 2.47
N LYS A 10 -17.87 5.09 1.44
CA LYS A 10 -18.03 4.59 0.13
C LYS A 10 -16.60 4.37 -0.35
N LYS A 11 -16.37 3.59 -1.38
CA LYS A 11 -14.99 3.26 -1.79
C LYS A 11 -14.22 4.45 -2.46
N ILE A 12 -14.55 5.65 -2.06
CA ILE A 12 -13.91 6.88 -2.49
C ILE A 12 -13.53 7.69 -1.23
N PRO A 13 -12.51 8.58 -1.32
CA PRO A 13 -12.10 9.40 -0.17
C PRO A 13 -13.15 10.45 0.22
N LYS A 14 -13.14 10.86 1.47
CA LYS A 14 -14.08 11.86 1.96
C LYS A 14 -13.68 13.25 1.50
N ASN A 15 -12.40 13.51 1.55
CA ASN A 15 -11.86 14.79 1.13
C ASN A 15 -10.96 14.56 -0.05
N ILE A 16 -10.83 15.52 -0.93
CA ILE A 16 -9.87 15.40 -1.99
C ILE A 16 -8.52 15.93 -1.53
N PHE A 17 -7.63 15.03 -1.32
CA PHE A 17 -6.34 15.35 -0.78
C PHE A 17 -5.39 15.74 -1.89
N ARG A 18 -4.36 16.42 -1.54
CA ARG A 18 -3.38 16.83 -2.49
C ARG A 18 -2.25 15.85 -2.38
N ILE A 19 -2.01 15.15 -3.45
CA ILE A 19 -1.11 14.02 -3.45
C ILE A 19 0.33 14.34 -3.13
N GLY A 20 0.68 13.97 -1.91
CA GLY A 20 2.06 13.91 -1.43
C GLY A 20 2.82 15.21 -1.42
N ASN A 21 3.25 15.65 -2.60
CA ASN A 21 4.12 16.83 -2.77
C ASN A 21 5.48 16.55 -2.15
N LYS A 22 5.93 15.32 -2.27
CA LYS A 22 7.17 14.91 -1.68
C LYS A 22 8.07 14.47 -2.82
N GLU A 23 9.38 14.57 -2.64
CA GLU A 23 10.36 14.18 -3.64
C GLU A 23 10.18 12.76 -4.22
N MET A 24 10.77 12.55 -5.35
CA MET A 24 10.70 11.29 -6.03
C MET A 24 12.05 10.61 -6.00
N SER A 25 12.06 9.37 -5.61
CA SER A 25 13.23 8.54 -5.62
C SER A 25 13.72 8.35 -7.06
N TYR A 26 15.00 8.56 -7.30
CA TYR A 26 15.57 8.41 -8.64
C TYR A 26 16.00 6.93 -8.87
N SER A 27 15.52 6.07 -7.98
CA SER A 27 15.71 4.63 -8.02
C SER A 27 17.13 4.21 -7.68
N ASP A 28 17.40 4.06 -6.38
CA ASP A 28 18.68 3.58 -5.91
C ASP A 28 18.66 3.18 -4.45
N ASP A 29 18.27 4.10 -3.58
CA ASP A 29 18.40 3.86 -2.13
C ASP A 29 17.34 2.90 -1.63
N LEU A 30 16.10 3.24 -1.83
CA LEU A 30 15.01 2.36 -1.46
C LEU A 30 14.64 1.42 -2.60
N ASN A 31 15.22 1.69 -3.78
CA ASN A 31 14.96 0.89 -4.98
C ASN A 31 15.42 -0.53 -4.80
N SER A 32 16.44 -0.70 -3.99
CA SER A 32 16.95 -2.02 -3.66
C SER A 32 15.84 -2.94 -3.08
N LEU A 33 14.85 -2.34 -2.45
CA LEU A 33 13.74 -3.10 -1.90
C LEU A 33 12.62 -3.25 -2.92
N ILE A 34 12.66 -2.41 -3.93
CA ILE A 34 11.62 -2.40 -4.96
C ILE A 34 12.01 -3.36 -6.09
N GLN A 35 13.27 -3.70 -6.16
CA GLN A 35 13.76 -4.51 -7.23
C GLN A 35 13.59 -5.97 -6.92
N SER A 36 12.94 -6.20 -5.80
CA SER A 36 12.67 -7.48 -5.28
C SER A 36 11.48 -8.02 -6.01
N GLN A 37 11.81 -8.64 -7.08
CA GLN A 37 10.89 -9.30 -7.99
C GLN A 37 10.17 -8.32 -8.90
N TYR A 38 10.77 -7.14 -9.05
CA TYR A 38 10.35 -6.13 -10.01
C TYR A 38 8.97 -5.52 -9.68
N VAL A 39 8.85 -5.02 -8.47
CA VAL A 39 7.65 -4.31 -8.13
C VAL A 39 7.83 -2.84 -8.52
N SER A 40 6.80 -2.04 -8.49
CA SER A 40 6.94 -0.68 -8.99
C SER A 40 7.29 0.31 -7.88
N TYR A 41 6.71 0.14 -6.72
CA TYR A 41 7.00 1.01 -5.61
C TYR A 41 6.77 0.31 -4.31
N VAL A 42 7.56 0.66 -3.32
CA VAL A 42 7.43 0.13 -1.99
C VAL A 42 7.51 1.28 -1.03
N VAL A 43 6.71 1.29 -0.03
CA VAL A 43 6.77 2.36 0.91
C VAL A 43 7.14 1.81 2.27
N ILE A 44 8.17 2.37 2.83
CA ILE A 44 8.67 1.95 4.11
C ILE A 44 8.19 2.93 5.15
N LEU A 45 7.84 2.44 6.30
CA LEU A 45 7.50 3.31 7.37
C LEU A 45 8.56 3.33 8.45
N ASP A 46 8.31 4.14 9.40
CA ASP A 46 9.11 4.34 10.57
C ASP A 46 8.43 3.55 11.66
N PRO A 47 9.18 3.05 12.67
CA PRO A 47 8.61 2.28 13.80
C PRO A 47 7.41 2.94 14.50
N ASN A 48 7.24 4.24 14.34
CA ASN A 48 6.12 4.95 14.94
C ASN A 48 4.87 4.90 14.06
N GLY A 49 5.02 4.51 12.82
CA GLY A 49 3.87 4.40 11.97
C GLY A 49 3.74 5.57 11.06
N ALA A 50 4.86 6.17 10.78
CA ALA A 50 4.94 7.30 9.87
C ALA A 50 5.77 6.89 8.74
N ILE A 51 5.58 7.47 7.61
CA ILE A 51 6.34 7.09 6.47
C ILE A 51 7.76 7.55 6.45
N TYR A 52 8.60 6.71 5.91
CA TYR A 52 9.95 7.04 5.67
C TYR A 52 9.94 7.84 4.38
N TRP A 53 9.41 7.21 3.32
CA TRP A 53 9.23 7.86 2.05
C TRP A 53 8.40 6.97 1.15
N THR A 54 7.48 7.56 0.44
CA THR A 54 6.68 6.88 -0.54
C THR A 54 7.06 7.38 -1.91
N ASN A 55 7.29 6.46 -2.78
CA ASN A 55 7.88 6.74 -4.07
C ASN A 55 7.00 6.35 -5.24
N ASN A 56 5.83 6.91 -5.33
CA ASN A 56 5.02 6.64 -6.52
C ASN A 56 4.33 7.86 -7.01
N GLU A 57 5.10 8.75 -7.67
CA GLU A 57 4.60 9.98 -8.32
C GLU A 57 3.58 10.69 -7.46
N ASN A 58 3.89 10.81 -6.20
CA ASN A 58 3.01 11.36 -5.19
C ASN A 58 1.81 10.44 -4.92
N TRP A 59 2.11 9.41 -4.16
CA TRP A 59 1.16 8.45 -3.66
C TRP A 59 1.15 8.74 -2.23
N GLN A 60 0.03 8.97 -1.72
CA GLN A 60 -0.05 9.57 -0.40
C GLN A 60 -0.28 8.61 0.72
N VAL A 61 0.79 7.97 1.15
CA VAL A 61 0.71 7.14 2.33
C VAL A 61 0.58 8.02 3.53
N ASN A 62 -0.60 8.13 3.99
CA ASN A 62 -0.82 8.72 5.25
C ASN A 62 -0.84 7.57 6.23
N GLY A 63 0.40 7.20 6.65
CA GLY A 63 0.67 6.00 7.46
C GLY A 63 -0.40 5.65 8.45
N SER A 64 -0.78 6.64 9.23
CA SER A 64 -1.79 6.50 10.24
C SER A 64 -3.09 5.86 9.71
N GLU A 65 -3.60 6.31 8.55
CA GLU A 65 -4.83 5.76 8.02
C GLU A 65 -4.52 4.52 7.21
N VAL A 66 -3.41 4.54 6.52
CA VAL A 66 -2.92 3.38 5.77
C VAL A 66 -2.84 2.13 6.66
N LEU A 67 -2.48 2.32 7.92
CA LEU A 67 -2.40 1.25 8.86
C LEU A 67 -3.75 1.01 9.56
N ARG A 68 -4.49 2.09 9.78
CA ARG A 68 -5.73 2.07 10.55
C ARG A 68 -6.95 1.63 9.75
N GLN A 69 -7.02 2.01 8.49
CA GLN A 69 -8.24 1.82 7.70
C GLN A 69 -8.53 0.34 7.47
N TRP A 70 -7.50 -0.45 7.55
CA TRP A 70 -7.61 -1.86 7.38
C TRP A 70 -8.33 -2.47 8.59
N MET A 71 -8.40 -1.71 9.65
CA MET A 71 -9.05 -2.17 10.86
C MET A 71 -10.42 -1.52 10.96
N GLY A 72 -11.04 -1.35 9.83
CA GLY A 72 -12.36 -0.77 9.79
C GLY A 72 -13.35 -1.69 9.16
N SER A 73 -12.99 -2.98 9.10
CA SER A 73 -13.81 -4.04 8.48
C SER A 73 -14.08 -3.72 7.00
N ALA A 74 -13.24 -2.90 6.43
CA ALA A 74 -13.39 -2.47 5.08
C ALA A 74 -12.56 -3.35 4.18
N PRO A 75 -13.17 -3.90 3.13
CA PRO A 75 -12.46 -4.72 2.16
C PRO A 75 -11.89 -3.86 1.03
N SER A 76 -11.93 -2.57 1.24
CA SER A 76 -11.49 -1.61 0.32
C SER A 76 -10.84 -0.45 1.05
N ILE A 77 -9.61 -0.24 0.77
CA ILE A 77 -8.87 0.85 1.33
C ILE A 77 -8.72 1.91 0.25
N THR A 78 -9.09 3.13 0.53
CA THR A 78 -8.98 4.18 -0.44
C THR A 78 -7.98 5.20 -0.03
N VAL A 79 -6.83 5.07 -0.59
CA VAL A 79 -5.74 5.94 -0.33
C VAL A 79 -5.28 6.46 -1.66
N ALA A 80 -4.99 7.75 -1.73
CA ALA A 80 -4.55 8.42 -2.95
C ALA A 80 -5.71 8.41 -3.97
N GLY A 81 -6.93 8.24 -3.46
CA GLY A 81 -8.11 8.26 -4.27
C GLY A 81 -8.39 6.94 -4.94
N THR A 82 -7.68 5.91 -4.56
CA THR A 82 -7.88 4.65 -5.18
C THR A 82 -8.32 3.60 -4.17
N LYS A 83 -9.37 2.91 -4.53
CA LYS A 83 -9.97 1.87 -3.73
C LYS A 83 -9.32 0.50 -4.00
N PHE A 84 -8.43 0.12 -3.13
CA PHE A 84 -7.82 -1.17 -3.15
C PHE A 84 -8.78 -2.19 -2.51
N SER A 85 -9.41 -2.99 -3.34
CA SER A 85 -10.34 -4.01 -2.92
C SER A 85 -9.57 -5.30 -2.67
N SER A 86 -9.59 -5.77 -1.47
CA SER A 86 -8.81 -6.90 -1.04
C SER A 86 -9.04 -8.22 -1.80
N PHE A 87 -7.92 -8.85 -2.16
CA PHE A 87 -7.90 -10.20 -2.69
C PHE A 87 -7.97 -11.10 -1.48
N ARG A 88 -7.00 -10.91 -0.59
CA ARG A 88 -6.92 -11.67 0.62
C ARG A 88 -7.03 -10.72 1.77
N ASN A 89 -7.89 -11.04 2.70
CA ASN A 89 -8.10 -10.22 3.86
C ASN A 89 -7.39 -10.85 5.04
N GLU A 90 -6.14 -10.50 5.27
CA GLU A 90 -5.49 -10.94 6.47
C GLU A 90 -4.98 -9.76 7.26
N PRO A 91 -5.63 -9.45 8.38
CA PRO A 91 -5.19 -8.39 9.27
C PRO A 91 -3.86 -8.77 9.91
N GLY A 92 -2.89 -7.91 9.73
CA GLY A 92 -1.59 -8.10 10.33
C GLY A 92 -0.66 -8.93 9.49
N VAL A 93 -1.19 -9.98 8.89
CA VAL A 93 -0.41 -10.98 8.19
C VAL A 93 -0.40 -10.65 6.67
N SER A 94 -0.47 -9.37 6.38
CA SER A 94 -0.42 -8.82 5.04
C SER A 94 -1.72 -8.97 4.29
N PHE A 95 -2.17 -7.87 3.80
CA PHE A 95 -3.35 -7.84 3.03
C PHE A 95 -3.00 -7.45 1.63
N VAL A 96 -3.75 -7.96 0.70
CA VAL A 96 -3.50 -7.75 -0.68
C VAL A 96 -4.70 -7.01 -1.26
N GLY A 97 -4.50 -5.79 -1.69
CA GLY A 97 -5.60 -4.99 -2.20
C GLY A 97 -5.51 -4.77 -3.70
N ARG A 98 -6.62 -4.86 -4.37
CA ARG A 98 -6.71 -4.70 -5.79
C ARG A 98 -7.00 -3.31 -6.11
N ASN A 99 -6.21 -2.76 -6.94
CA ASN A 99 -6.50 -1.49 -7.49
C ASN A 99 -7.57 -1.68 -8.52
N MET A 100 -8.79 -1.87 -7.99
CA MET A 100 -10.08 -1.91 -8.75
C MET A 100 -10.12 -0.87 -9.89
N ALA A 101 -9.38 0.18 -9.71
CA ALA A 101 -9.25 1.23 -10.66
C ALA A 101 -7.78 1.47 -10.79
N GLY A 102 -7.30 1.56 -11.99
CA GLY A 102 -5.89 1.75 -12.21
C GLY A 102 -5.22 0.46 -12.60
N GLY A 103 -5.57 -0.60 -11.89
CA GLY A 103 -5.01 -1.89 -12.18
C GLY A 103 -3.73 -2.15 -11.44
N GLY A 104 -3.81 -2.98 -10.43
CA GLY A 104 -2.62 -3.40 -9.71
C GLY A 104 -2.98 -3.94 -8.35
N LEU A 105 -2.00 -4.28 -7.55
CA LEU A 105 -2.25 -4.76 -6.22
C LEU A 105 -1.26 -4.22 -5.17
N ILE A 106 -1.80 -3.66 -4.08
CA ILE A 106 -1.00 -3.16 -2.96
C ILE A 106 -0.93 -4.25 -1.88
N ILE A 107 0.27 -4.58 -1.41
CA ILE A 107 0.44 -5.61 -0.38
C ILE A 107 1.09 -4.96 0.84
N LEU A 108 0.43 -5.01 1.98
CA LEU A 108 0.96 -4.36 3.18
C LEU A 108 1.08 -5.31 4.34
N GLN A 109 2.26 -5.36 4.92
CA GLN A 109 2.52 -6.08 6.15
C GLN A 109 2.45 -5.11 7.28
N LYS A 110 1.91 -5.53 8.39
CA LYS A 110 1.76 -4.66 9.50
C LYS A 110 2.52 -5.12 10.71
N ALA A 111 3.64 -4.55 10.93
CA ALA A 111 4.30 -4.68 12.21
C ALA A 111 3.42 -3.94 13.24
N PRO A 112 3.08 -4.57 14.38
CA PRO A 112 2.14 -4.00 15.40
C PRO A 112 2.63 -2.71 16.10
N ASN A 113 3.66 -2.08 15.60
CA ASN A 113 4.16 -0.87 16.22
C ASN A 113 3.82 0.36 15.38
N GLY A 114 3.40 0.15 14.15
CA GLY A 114 3.03 1.22 13.29
C GLY A 114 3.69 1.09 11.96
N TYR A 115 4.83 0.44 11.93
CA TYR A 115 5.58 0.25 10.78
C TYR A 115 4.86 -0.74 9.84
N VAL A 116 4.52 -0.29 8.67
CA VAL A 116 3.83 -1.11 7.73
C VAL A 116 4.61 -1.06 6.43
N PHE A 117 4.55 -2.09 5.66
CA PHE A 117 5.32 -2.12 4.47
C PHE A 117 4.42 -2.40 3.34
N LEU A 118 4.18 -1.42 2.54
CA LEU A 118 3.31 -1.62 1.43
C LEU A 118 4.08 -1.65 0.15
N SER A 119 3.86 -2.66 -0.59
CA SER A 119 4.50 -2.86 -1.85
C SER A 119 3.45 -2.86 -2.92
N TRP A 120 3.85 -2.58 -4.12
CA TRP A 120 2.93 -2.61 -5.19
C TRP A 120 3.57 -3.26 -6.36
N THR A 121 2.88 -4.15 -6.94
CA THR A 121 3.37 -4.91 -8.03
C THR A 121 2.79 -4.33 -9.31
N SER A 122 3.66 -4.16 -10.31
CA SER A 122 3.33 -3.58 -11.59
C SER A 122 2.05 -4.13 -12.19
N HIS A 123 1.33 -3.26 -12.90
CA HIS A 123 0.12 -3.65 -13.59
C HIS A 123 0.45 -4.59 -14.76
N GLU A 124 1.69 -4.55 -15.19
CA GLU A 124 2.15 -5.41 -16.26
C GLU A 124 2.58 -6.74 -15.65
N PHE A 125 3.12 -6.66 -14.47
CA PHE A 125 3.59 -7.84 -13.74
C PHE A 125 2.44 -8.38 -12.85
N LEU A 126 1.25 -7.82 -13.05
CA LEU A 126 0.06 -8.13 -12.23
C LEU A 126 -0.35 -9.58 -12.48
N THR A 127 -0.17 -10.02 -13.69
CA THR A 127 -0.55 -11.36 -14.08
C THR A 127 0.47 -12.34 -13.49
N THR A 128 1.62 -11.81 -13.13
CA THR A 128 2.66 -12.56 -12.58
C THR A 128 2.49 -12.62 -11.04
N SER A 129 1.94 -11.57 -10.45
CA SER A 129 1.61 -11.60 -9.05
C SER A 129 0.43 -12.53 -8.83
N GLY A 130 0.72 -13.67 -8.26
CA GLY A 130 -0.29 -14.69 -8.13
C GLY A 130 0.02 -15.87 -9.03
N LEU A 131 1.01 -15.73 -9.90
CA LEU A 131 1.44 -16.84 -10.73
C LEU A 131 2.34 -17.78 -9.89
N PRO A 132 3.49 -17.30 -9.28
CA PRO A 132 4.13 -18.06 -8.22
C PRO A 132 3.27 -17.90 -6.96
N PRO A 133 3.34 -18.82 -6.01
CA PRO A 133 2.43 -18.81 -4.86
C PRO A 133 2.58 -17.59 -3.93
N LEU A 134 3.76 -17.02 -3.83
CA LEU A 134 3.98 -15.98 -2.86
C LEU A 134 5.18 -15.11 -3.32
N ASN A 135 5.21 -14.84 -4.61
CA ASN A 135 6.35 -14.18 -5.31
C ASN A 135 6.79 -12.89 -4.62
N ILE A 136 5.93 -11.92 -4.61
CA ILE A 136 6.22 -10.63 -4.04
C ILE A 136 5.84 -10.55 -2.58
N HIS A 137 4.87 -11.36 -2.20
CA HIS A 137 4.30 -11.33 -0.87
C HIS A 137 5.33 -11.78 0.18
N ALA A 138 6.23 -12.65 -0.24
CA ALA A 138 7.28 -13.20 0.63
C ALA A 138 8.20 -12.12 1.14
N GLU A 139 8.39 -11.09 0.34
CA GLU A 139 9.31 -10.01 0.70
C GLU A 139 8.67 -9.08 1.74
N ILE A 140 7.39 -9.25 1.93
CA ILE A 140 6.62 -8.33 2.74
C ILE A 140 6.22 -8.90 4.10
N ALA A 141 5.48 -10.02 4.12
CA ALA A 141 4.94 -10.55 5.39
C ALA A 141 5.99 -11.22 6.24
N MET A 142 7.16 -11.39 5.68
CA MET A 142 8.25 -12.00 6.40
C MET A 142 9.11 -10.93 7.05
N MET A 143 9.57 -10.01 6.23
CA MET A 143 10.55 -9.01 6.66
C MET A 143 9.98 -8.06 7.70
N ALA A 144 8.86 -7.45 7.38
CA ALA A 144 8.27 -6.42 8.23
C ALA A 144 7.53 -7.02 9.41
N ALA A 145 7.38 -8.33 9.42
CA ALA A 145 6.73 -8.99 10.52
C ALA A 145 7.72 -9.25 11.61
N LYS A 146 8.96 -9.48 11.20
CA LYS A 146 10.03 -9.73 12.14
C LYS A 146 10.59 -8.42 12.65
N PHE A 147 10.66 -7.45 11.75
CA PHE A 147 11.17 -6.15 12.09
C PHE A 147 10.05 -5.26 12.61
N GLN A 148 9.80 -5.36 13.87
CA GLN A 148 8.81 -4.58 14.53
C GLN A 148 9.42 -3.91 15.75
N MET A 1 -16.66 5.55 24.75
CA MET A 1 -17.63 5.21 25.81
C MET A 1 -19.02 5.66 25.38
N LYS A 2 -20.02 4.78 25.58
CA LYS A 2 -21.44 5.03 25.19
C LYS A 2 -21.62 5.03 23.68
N ASP A 3 -20.60 4.64 22.99
CA ASP A 3 -20.60 4.61 21.54
C ASP A 3 -20.87 3.21 21.05
N GLY A 4 -21.54 3.12 19.94
CA GLY A 4 -21.86 1.84 19.36
C GLY A 4 -20.79 1.43 18.39
N PHE A 5 -20.93 0.28 17.79
CA PHE A 5 -19.91 -0.18 16.88
C PHE A 5 -20.04 0.53 15.56
N ILE A 6 -19.15 1.46 15.35
CA ILE A 6 -19.12 2.24 14.16
C ILE A 6 -17.85 1.93 13.43
N LEU A 7 -17.98 1.16 12.40
CA LEU A 7 -16.86 0.74 11.62
C LEU A 7 -16.54 1.83 10.63
N LYS A 8 -15.45 2.50 10.87
CA LYS A 8 -15.01 3.58 10.03
C LYS A 8 -14.38 3.04 8.78
N LYS A 9 -15.15 2.94 7.74
CA LYS A 9 -14.67 2.48 6.46
C LYS A 9 -14.24 3.70 5.67
N LYS A 10 -13.26 3.53 4.84
CA LYS A 10 -12.80 4.61 4.03
C LYS A 10 -13.20 4.35 2.60
N LYS A 11 -13.66 5.37 1.94
CA LYS A 11 -14.06 5.29 0.56
C LYS A 11 -13.27 6.29 -0.23
N ILE A 12 -13.38 6.22 -1.55
CA ILE A 12 -12.61 7.10 -2.42
C ILE A 12 -12.97 8.58 -2.23
N PRO A 13 -12.00 9.38 -1.77
CA PRO A 13 -12.21 10.80 -1.52
C PRO A 13 -12.14 11.63 -2.78
N LYS A 14 -12.60 12.84 -2.69
CA LYS A 14 -12.52 13.76 -3.78
C LYS A 14 -11.40 14.74 -3.49
N ASN A 15 -11.58 15.57 -2.48
CA ASN A 15 -10.57 16.52 -2.11
C ASN A 15 -10.04 16.29 -0.71
N ILE A 16 -9.23 15.29 -0.60
CA ILE A 16 -8.45 15.02 0.60
C ILE A 16 -7.06 14.65 0.12
N PHE A 17 -6.12 15.56 0.27
CA PHE A 17 -4.81 15.32 -0.25
C PHE A 17 -3.73 15.43 0.80
N ARG A 18 -3.17 14.31 1.15
CA ARG A 18 -1.93 14.29 1.87
C ARG A 18 -1.02 13.47 1.01
N ILE A 19 -0.30 14.11 0.15
CA ILE A 19 0.42 13.42 -0.88
C ILE A 19 1.89 13.32 -0.55
N GLY A 20 2.15 12.81 0.64
CA GLY A 20 3.49 12.68 1.11
C GLY A 20 4.12 14.01 1.43
N ASN A 21 4.63 14.67 0.39
CA ASN A 21 5.31 15.96 0.45
C ASN A 21 6.46 15.95 1.47
N LYS A 22 7.38 15.04 1.26
CA LYS A 22 8.53 14.90 2.12
C LYS A 22 9.74 14.71 1.25
N GLU A 23 10.89 14.74 1.85
CA GLU A 23 12.12 14.55 1.15
C GLU A 23 12.23 13.11 0.66
N MET A 24 12.85 12.95 -0.49
CA MET A 24 13.00 11.67 -1.13
C MET A 24 13.99 10.82 -0.38
N SER A 25 13.87 9.55 -0.53
CA SER A 25 14.78 8.63 0.02
C SER A 25 15.48 7.93 -1.12
N TYR A 26 16.48 8.60 -1.65
CA TYR A 26 17.27 8.04 -2.74
C TYR A 26 18.54 7.48 -2.11
N SER A 27 18.44 7.30 -0.81
CA SER A 27 19.45 6.79 0.08
C SER A 27 19.81 5.32 -0.24
N ASP A 28 19.02 4.71 -1.14
CA ASP A 28 19.13 3.31 -1.57
C ASP A 28 18.52 2.38 -0.52
N ASP A 29 17.81 2.98 0.43
CA ASP A 29 17.15 2.21 1.49
C ASP A 29 15.93 1.52 0.99
N LEU A 30 15.04 2.28 0.40
CA LEU A 30 13.82 1.73 -0.11
C LEU A 30 14.03 1.10 -1.45
N ASN A 31 15.16 1.43 -2.08
CA ASN A 31 15.53 0.82 -3.36
C ASN A 31 15.69 -0.69 -3.19
N SER A 32 16.19 -1.09 -2.02
CA SER A 32 16.42 -2.49 -1.68
C SER A 32 15.11 -3.28 -1.74
N LEU A 33 14.04 -2.62 -1.33
CA LEU A 33 12.74 -3.24 -1.23
C LEU A 33 12.00 -3.28 -2.57
N ILE A 34 12.26 -2.33 -3.45
CA ILE A 34 11.57 -2.36 -4.75
C ILE A 34 12.17 -3.44 -5.66
N GLN A 35 13.45 -3.71 -5.49
CA GLN A 35 14.10 -4.76 -6.25
C GLN A 35 13.78 -6.12 -5.64
N SER A 36 13.00 -6.13 -4.59
CA SER A 36 12.65 -7.32 -3.92
C SER A 36 11.50 -7.98 -4.63
N GLN A 37 11.86 -8.67 -5.69
CA GLN A 37 10.98 -9.47 -6.53
C GLN A 37 10.15 -8.65 -7.52
N TYR A 38 10.64 -7.46 -7.86
CA TYR A 38 10.03 -6.63 -8.90
C TYR A 38 8.84 -5.87 -8.42
N VAL A 39 9.06 -5.09 -7.41
CA VAL A 39 8.03 -4.27 -6.85
C VAL A 39 8.24 -2.85 -7.36
N SER A 40 7.19 -2.17 -7.75
CA SER A 40 7.31 -0.87 -8.30
C SER A 40 7.61 0.19 -7.23
N TYR A 41 6.80 0.24 -6.19
CA TYR A 41 6.96 1.26 -5.16
C TYR A 41 6.71 0.61 -3.83
N VAL A 42 7.49 0.95 -2.86
CA VAL A 42 7.36 0.44 -1.51
C VAL A 42 7.45 1.58 -0.56
N VAL A 43 6.75 1.52 0.51
CA VAL A 43 6.91 2.53 1.51
C VAL A 43 7.48 1.87 2.75
N ILE A 44 8.37 2.54 3.39
CA ILE A 44 8.89 2.05 4.63
C ILE A 44 8.27 2.87 5.71
N LEU A 45 8.11 2.29 6.84
CA LEU A 45 7.56 2.97 7.96
C LEU A 45 8.60 3.13 9.04
N ASP A 46 8.27 3.96 9.95
CA ASP A 46 9.04 4.24 11.12
C ASP A 46 8.45 3.38 12.22
N PRO A 47 9.24 2.94 13.22
CA PRO A 47 8.77 2.09 14.34
C PRO A 47 7.54 2.65 15.11
N ASN A 48 7.19 3.90 14.87
CA ASN A 48 6.03 4.51 15.50
C ASN A 48 4.78 4.37 14.62
N GLY A 49 4.97 4.05 13.35
CA GLY A 49 3.84 3.94 12.45
C GLY A 49 3.72 5.17 11.59
N ALA A 50 4.84 5.82 11.40
CA ALA A 50 4.93 7.01 10.58
C ALA A 50 5.66 6.66 9.33
N ILE A 51 5.35 7.29 8.25
CA ILE A 51 5.97 6.94 7.01
C ILE A 51 7.38 7.46 6.85
N TYR A 52 8.21 6.66 6.20
CA TYR A 52 9.56 7.02 5.90
C TYR A 52 9.50 7.83 4.63
N TRP A 53 9.07 7.19 3.56
CA TRP A 53 8.79 7.89 2.34
C TRP A 53 8.04 7.00 1.35
N THR A 54 6.96 7.52 0.87
CA THR A 54 6.13 6.95 -0.13
C THR A 54 6.56 7.49 -1.47
N ASN A 55 7.12 6.63 -2.27
CA ASN A 55 7.70 7.01 -3.53
C ASN A 55 6.87 6.61 -4.73
N ASN A 56 5.75 7.27 -4.91
CA ASN A 56 4.95 7.02 -6.11
C ASN A 56 4.15 8.24 -6.52
N GLU A 57 4.88 9.29 -6.86
CA GLU A 57 4.35 10.51 -7.45
C GLU A 57 3.06 11.02 -6.78
N ASN A 58 3.19 11.39 -5.51
CA ASN A 58 2.07 11.92 -4.70
C ASN A 58 1.13 10.81 -4.27
N TRP A 59 1.73 9.66 -3.99
CA TRP A 59 1.02 8.49 -3.52
C TRP A 59 0.71 8.76 -2.05
N GLN A 60 -0.57 8.98 -1.75
CA GLN A 60 -1.02 9.39 -0.42
C GLN A 60 -0.95 8.27 0.58
N VAL A 61 0.23 7.94 0.98
CA VAL A 61 0.45 6.98 1.99
C VAL A 61 0.66 7.68 3.29
N ASN A 62 -0.36 7.69 4.04
CA ASN A 62 -0.31 8.18 5.36
C ASN A 62 -0.40 6.98 6.29
N GLY A 63 0.79 6.53 6.69
CA GLY A 63 1.02 5.29 7.43
C GLY A 63 0.05 4.98 8.54
N SER A 64 -0.29 5.97 9.33
CA SER A 64 -1.18 5.75 10.44
C SER A 64 -2.58 5.33 9.96
N GLU A 65 -3.00 5.84 8.80
CA GLU A 65 -4.30 5.53 8.27
C GLU A 65 -4.24 4.32 7.34
N VAL A 66 -3.08 4.09 6.74
CA VAL A 66 -2.82 2.86 5.98
C VAL A 66 -3.12 1.64 6.88
N LEU A 67 -2.69 1.77 8.14
CA LEU A 67 -2.87 0.74 9.13
C LEU A 67 -4.31 0.82 9.67
N ARG A 68 -4.79 2.04 9.83
CA ARG A 68 -6.11 2.30 10.39
C ARG A 68 -7.21 1.75 9.46
N GLN A 69 -7.03 1.89 8.17
CA GLN A 69 -8.03 1.40 7.24
C GLN A 69 -7.93 -0.07 6.96
N TRP A 70 -6.90 -0.65 7.44
CA TRP A 70 -6.77 -2.08 7.43
C TRP A 70 -7.71 -2.64 8.51
N MET A 71 -8.02 -1.82 9.45
CA MET A 71 -8.84 -2.20 10.58
C MET A 71 -10.08 -1.35 10.61
N GLY A 72 -10.62 -1.09 9.44
CA GLY A 72 -11.83 -0.30 9.35
C GLY A 72 -13.00 -1.13 8.92
N SER A 73 -12.73 -2.44 8.65
CA SER A 73 -13.74 -3.39 8.16
C SER A 73 -14.22 -2.96 6.77
N ALA A 74 -13.35 -2.25 6.09
CA ALA A 74 -13.59 -1.76 4.78
C ALA A 74 -12.98 -2.72 3.78
N PRO A 75 -13.68 -3.02 2.69
CA PRO A 75 -13.16 -3.88 1.64
C PRO A 75 -12.36 -3.07 0.61
N SER A 76 -12.07 -1.85 0.96
CA SER A 76 -11.36 -0.97 0.10
C SER A 76 -10.50 -0.06 0.93
N ILE A 77 -9.32 0.14 0.49
CA ILE A 77 -8.40 1.05 1.08
C ILE A 77 -8.03 2.03 -0.01
N THR A 78 -7.97 3.29 0.31
CA THR A 78 -7.76 4.29 -0.67
C THR A 78 -6.48 5.03 -0.39
N VAL A 79 -5.53 4.81 -1.21
CA VAL A 79 -4.26 5.45 -1.12
C VAL A 79 -4.07 6.23 -2.39
N ALA A 80 -3.71 7.49 -2.26
CA ALA A 80 -3.54 8.42 -3.40
C ALA A 80 -4.86 8.75 -4.04
N GLY A 81 -5.86 8.85 -3.19
CA GLY A 81 -7.22 9.12 -3.63
C GLY A 81 -7.80 8.10 -4.62
N THR A 82 -7.23 6.90 -4.66
CA THR A 82 -7.73 5.87 -5.53
C THR A 82 -8.09 4.63 -4.69
N LYS A 83 -9.10 3.90 -5.10
CA LYS A 83 -9.64 2.80 -4.31
C LYS A 83 -9.09 1.43 -4.70
N PHE A 84 -8.48 0.78 -3.73
CA PHE A 84 -8.02 -0.57 -3.91
C PHE A 84 -8.99 -1.49 -3.21
N SER A 85 -9.75 -2.22 -3.99
CA SER A 85 -10.66 -3.18 -3.50
C SER A 85 -9.83 -4.38 -3.07
N SER A 86 -9.89 -4.68 -1.81
CA SER A 86 -9.07 -5.69 -1.24
C SER A 86 -9.68 -7.06 -1.39
N PHE A 87 -8.83 -8.06 -1.55
CA PHE A 87 -9.27 -9.42 -1.73
C PHE A 87 -9.18 -10.18 -0.44
N ARG A 88 -7.98 -10.28 0.08
CA ARG A 88 -7.78 -11.04 1.27
C ARG A 88 -7.03 -10.20 2.25
N ASN A 89 -7.46 -10.24 3.46
CA ASN A 89 -6.79 -9.56 4.51
C ASN A 89 -6.27 -10.54 5.49
N GLU A 90 -5.05 -10.95 5.28
CA GLU A 90 -4.43 -11.89 6.21
C GLU A 90 -4.09 -11.10 7.47
N PRO A 91 -4.76 -11.38 8.60
CA PRO A 91 -4.63 -10.57 9.80
C PRO A 91 -3.23 -10.61 10.36
N GLY A 92 -2.63 -9.44 10.47
CA GLY A 92 -1.29 -9.31 10.99
C GLY A 92 -0.24 -9.90 10.07
N VAL A 93 -0.65 -10.29 8.87
CA VAL A 93 0.26 -10.90 7.94
C VAL A 93 0.41 -10.05 6.70
N SER A 94 -0.62 -9.88 5.93
CA SER A 94 -0.51 -9.17 4.69
C SER A 94 -1.82 -9.10 4.02
N PHE A 95 -2.19 -7.98 3.61
CA PHE A 95 -3.42 -7.91 2.87
C PHE A 95 -3.14 -7.49 1.45
N VAL A 96 -3.93 -7.99 0.56
CA VAL A 96 -3.75 -7.76 -0.86
C VAL A 96 -5.02 -7.19 -1.42
N GLY A 97 -4.90 -6.08 -2.06
CA GLY A 97 -6.01 -5.44 -2.67
C GLY A 97 -5.62 -4.87 -3.98
N ARG A 98 -6.55 -4.73 -4.87
CA ARG A 98 -6.22 -4.28 -6.21
C ARG A 98 -7.00 -3.05 -6.52
N ASN A 99 -6.41 -2.17 -7.28
CA ASN A 99 -7.05 -1.01 -7.70
C ASN A 99 -8.16 -1.33 -8.68
N MET A 100 -9.33 -1.59 -8.11
CA MET A 100 -10.63 -1.76 -8.80
C MET A 100 -10.67 -2.82 -9.92
N ALA A 101 -10.16 -2.53 -11.10
CA ALA A 101 -10.20 -3.48 -12.19
C ALA A 101 -8.82 -4.10 -12.41
N GLY A 102 -7.89 -3.29 -12.89
CA GLY A 102 -6.56 -3.79 -13.16
C GLY A 102 -5.55 -2.70 -13.22
N GLY A 103 -5.68 -1.73 -12.33
CA GLY A 103 -4.71 -0.64 -12.30
C GLY A 103 -3.39 -1.10 -11.73
N GLY A 104 -3.48 -1.87 -10.69
CA GLY A 104 -2.33 -2.40 -10.01
C GLY A 104 -2.77 -2.84 -8.65
N LEU A 105 -1.89 -3.34 -7.84
CA LEU A 105 -2.31 -3.84 -6.55
C LEU A 105 -1.40 -3.40 -5.43
N ILE A 106 -1.96 -3.35 -4.23
CA ILE A 106 -1.26 -2.99 -3.03
C ILE A 106 -1.26 -4.16 -2.06
N ILE A 107 -0.12 -4.40 -1.48
CA ILE A 107 0.01 -5.37 -0.43
C ILE A 107 0.73 -4.74 0.75
N LEU A 108 0.21 -4.94 1.93
CA LEU A 108 0.79 -4.40 3.14
C LEU A 108 0.99 -5.49 4.16
N GLN A 109 2.14 -5.51 4.75
CA GLN A 109 2.35 -6.32 5.92
C GLN A 109 2.22 -5.32 7.04
N LYS A 110 1.58 -5.70 8.09
CA LYS A 110 1.33 -4.83 9.14
C LYS A 110 1.99 -5.34 10.42
N ALA A 111 3.12 -4.75 10.81
CA ALA A 111 3.70 -5.04 12.11
C ALA A 111 2.90 -4.31 13.20
N PRO A 112 2.86 -4.84 14.42
CA PRO A 112 2.06 -4.29 15.52
C PRO A 112 2.43 -2.84 15.91
N ASN A 113 3.70 -2.50 15.85
CA ASN A 113 4.12 -1.18 16.33
C ASN A 113 3.96 -0.04 15.32
N GLY A 114 3.67 -0.36 14.08
CA GLY A 114 3.47 0.69 13.11
C GLY A 114 4.24 0.49 11.84
N TYR A 115 5.32 -0.25 11.94
CA TYR A 115 6.10 -0.64 10.79
C TYR A 115 5.23 -1.44 9.80
N VAL A 116 4.79 -0.82 8.76
CA VAL A 116 3.98 -1.49 7.79
C VAL A 116 4.63 -1.33 6.42
N PHE A 117 4.44 -2.27 5.54
CA PHE A 117 5.11 -2.20 4.25
C PHE A 117 4.14 -2.27 3.15
N LEU A 118 3.90 -1.14 2.54
CA LEU A 118 2.94 -1.04 1.49
C LEU A 118 3.68 -1.08 0.21
N SER A 119 3.43 -2.08 -0.54
CA SER A 119 4.11 -2.24 -1.77
C SER A 119 3.12 -2.33 -2.90
N TRP A 120 3.44 -1.69 -3.97
CA TRP A 120 2.61 -1.66 -5.11
C TRP A 120 3.26 -2.48 -6.18
N THR A 121 2.49 -3.29 -6.80
CA THR A 121 3.00 -4.15 -7.80
C THR A 121 2.35 -3.70 -9.10
N SER A 122 3.15 -3.48 -10.10
CA SER A 122 2.71 -2.95 -11.37
C SER A 122 1.74 -3.90 -12.06
N HIS A 123 0.85 -3.32 -12.86
CA HIS A 123 -0.17 -4.07 -13.59
C HIS A 123 0.43 -5.06 -14.59
N GLU A 124 1.64 -4.77 -15.07
CA GLU A 124 2.30 -5.67 -15.99
C GLU A 124 2.79 -6.90 -15.22
N PHE A 125 3.24 -6.67 -14.00
CA PHE A 125 3.73 -7.73 -13.12
C PHE A 125 2.60 -8.30 -12.29
N LEU A 126 1.38 -7.88 -12.57
CA LEU A 126 0.19 -8.36 -11.87
C LEU A 126 -0.06 -9.82 -12.23
N THR A 127 0.54 -10.23 -13.31
CA THR A 127 0.44 -11.57 -13.78
C THR A 127 1.37 -12.46 -12.92
N THR A 128 2.33 -11.82 -12.29
CA THR A 128 3.25 -12.47 -11.41
C THR A 128 2.74 -12.38 -9.95
N SER A 129 2.15 -11.26 -9.59
CA SER A 129 1.67 -11.06 -8.25
C SER A 129 0.46 -11.94 -7.95
N GLY A 130 0.67 -12.91 -7.11
CA GLY A 130 -0.39 -13.79 -6.72
C GLY A 130 -0.41 -15.06 -7.55
N LEU A 131 0.46 -15.13 -8.55
CA LEU A 131 0.50 -16.32 -9.38
C LEU A 131 1.28 -17.46 -8.67
N PRO A 132 2.58 -17.31 -8.33
CA PRO A 132 3.27 -18.27 -7.49
C PRO A 132 3.18 -17.83 -6.02
N PRO A 133 2.89 -18.78 -5.10
CA PRO A 133 2.67 -18.52 -3.66
C PRO A 133 3.72 -17.60 -3.00
N LEU A 134 3.34 -16.35 -2.83
CA LEU A 134 4.16 -15.32 -2.20
C LEU A 134 5.48 -15.08 -2.91
N ASN A 135 5.48 -15.22 -4.22
CA ASN A 135 6.67 -14.94 -5.03
C ASN A 135 7.16 -13.52 -4.78
N ILE A 136 6.28 -12.56 -5.00
CA ILE A 136 6.59 -11.16 -4.77
C ILE A 136 6.20 -10.78 -3.32
N HIS A 137 5.33 -11.57 -2.76
CA HIS A 137 4.71 -11.22 -1.48
C HIS A 137 5.50 -11.65 -0.26
N ALA A 138 6.49 -12.51 -0.45
CA ALA A 138 7.31 -12.99 0.65
C ALA A 138 8.19 -11.89 1.14
N GLU A 139 8.47 -10.98 0.28
CA GLU A 139 9.32 -9.87 0.60
C GLU A 139 8.56 -8.81 1.36
N ILE A 140 7.27 -9.00 1.48
CA ILE A 140 6.45 -8.03 2.14
C ILE A 140 6.07 -8.60 3.47
N ALA A 141 5.32 -9.69 3.41
CA ALA A 141 4.77 -10.30 4.60
C ALA A 141 5.80 -10.88 5.53
N MET A 142 6.96 -11.18 5.02
CA MET A 142 7.98 -11.74 5.86
C MET A 142 8.91 -10.68 6.41
N MET A 143 9.32 -9.74 5.56
CA MET A 143 10.29 -8.71 5.98
C MET A 143 9.74 -7.75 7.00
N ALA A 144 8.50 -7.32 6.83
CA ALA A 144 7.89 -6.42 7.83
C ALA A 144 7.63 -7.13 9.14
N ALA A 145 7.67 -8.45 9.11
CA ALA A 145 7.47 -9.23 10.30
C ALA A 145 8.78 -9.35 11.08
N LYS A 146 9.85 -8.88 10.47
CA LYS A 146 11.16 -8.90 11.07
C LYS A 146 11.36 -7.55 11.73
N PHE A 147 10.63 -6.58 11.23
CA PHE A 147 10.64 -5.27 11.78
C PHE A 147 9.51 -5.16 12.76
N GLN A 148 9.85 -5.20 14.02
CA GLN A 148 8.94 -5.05 15.16
C GLN A 148 8.23 -6.36 15.46
N MET A 1 -31.72 17.93 13.53
CA MET A 1 -31.37 16.53 13.26
C MET A 1 -32.45 15.91 12.40
N LYS A 2 -32.05 15.07 11.50
CA LYS A 2 -33.00 14.40 10.66
C LYS A 2 -32.43 13.07 10.25
N ASP A 3 -32.84 12.05 10.96
CA ASP A 3 -32.37 10.71 10.67
C ASP A 3 -33.21 10.09 9.58
N GLY A 4 -32.60 9.88 8.47
CA GLY A 4 -33.26 9.27 7.37
C GLY A 4 -32.43 8.16 6.84
N PHE A 5 -31.93 8.31 5.66
CA PHE A 5 -31.04 7.35 5.10
C PHE A 5 -29.61 7.81 5.29
N ILE A 6 -28.82 6.94 5.85
CA ILE A 6 -27.42 7.24 6.08
C ILE A 6 -26.65 7.10 4.76
N LEU A 7 -25.75 8.02 4.52
CA LEU A 7 -24.92 7.93 3.34
C LEU A 7 -23.66 7.17 3.71
N LYS A 8 -23.53 5.98 3.16
CA LYS A 8 -22.39 5.13 3.44
C LYS A 8 -21.11 5.78 2.94
N LYS A 9 -20.28 6.17 3.87
CA LYS A 9 -19.05 6.84 3.56
C LYS A 9 -18.08 5.89 2.87
N LYS A 10 -17.85 6.15 1.63
CA LYS A 10 -16.87 5.42 0.86
C LYS A 10 -15.52 6.05 1.14
N LYS A 11 -14.49 5.23 1.14
CA LYS A 11 -13.16 5.68 1.55
C LYS A 11 -12.44 6.59 0.57
N ILE A 12 -13.06 6.88 -0.53
CA ILE A 12 -12.46 7.79 -1.47
C ILE A 12 -12.63 9.22 -0.92
N PRO A 13 -11.51 9.94 -0.71
CA PRO A 13 -11.52 11.28 -0.11
C PRO A 13 -12.26 12.31 -0.96
N LYS A 14 -13.13 13.08 -0.32
CA LYS A 14 -13.90 14.13 -0.98
C LYS A 14 -13.18 15.45 -0.83
N ASN A 15 -12.16 15.43 -0.01
CA ASN A 15 -11.33 16.58 0.29
C ASN A 15 -10.35 16.82 -0.83
N ILE A 16 -9.75 17.98 -0.85
CA ILE A 16 -8.74 18.29 -1.84
C ILE A 16 -7.46 17.62 -1.38
N PHE A 17 -6.94 16.74 -2.19
CA PHE A 17 -5.75 16.00 -1.82
C PHE A 17 -4.65 16.18 -2.84
N ARG A 18 -3.43 15.93 -2.42
CA ARG A 18 -2.29 15.96 -3.31
C ARG A 18 -1.82 14.54 -3.55
N ILE A 19 -1.97 14.08 -4.76
CA ILE A 19 -1.61 12.70 -5.10
C ILE A 19 -0.08 12.58 -5.15
N GLY A 20 0.49 12.33 -4.01
CA GLY A 20 1.91 12.20 -3.87
C GLY A 20 2.58 13.55 -3.91
N ASN A 21 3.10 13.89 -5.08
CA ASN A 21 3.78 15.15 -5.32
C ASN A 21 5.08 15.20 -4.54
N LYS A 22 5.90 14.19 -4.79
CA LYS A 22 7.20 14.07 -4.17
C LYS A 22 8.03 13.22 -5.13
N GLU A 23 9.33 13.18 -4.94
CA GLU A 23 10.21 12.42 -5.83
C GLU A 23 9.92 10.92 -5.76
N MET A 24 10.47 10.20 -6.69
CA MET A 24 10.43 8.76 -6.73
C MET A 24 11.81 8.20 -6.47
N SER A 25 11.89 6.92 -6.20
CA SER A 25 13.14 6.29 -5.90
C SER A 25 13.75 5.78 -7.21
N TYR A 26 14.67 6.55 -7.72
CA TYR A 26 15.40 6.17 -8.90
C TYR A 26 16.74 5.61 -8.49
N SER A 27 17.19 6.03 -7.33
CA SER A 27 18.38 5.53 -6.75
C SER A 27 18.07 4.22 -6.01
N ASP A 28 19.10 3.53 -5.60
CA ASP A 28 18.98 2.21 -4.96
C ASP A 28 18.40 2.29 -3.54
N ASP A 29 18.18 3.53 -3.05
CA ASP A 29 17.76 3.82 -1.65
C ASP A 29 16.68 2.90 -1.17
N LEU A 30 15.49 3.09 -1.65
CA LEU A 30 14.41 2.23 -1.30
C LEU A 30 14.31 1.05 -2.25
N ASN A 31 14.87 1.21 -3.46
CA ASN A 31 14.83 0.18 -4.54
C ASN A 31 15.39 -1.15 -4.10
N SER A 32 16.31 -1.11 -3.18
CA SER A 32 16.91 -2.29 -2.63
C SER A 32 15.89 -3.13 -1.83
N LEU A 33 14.89 -2.50 -1.29
CA LEU A 33 13.85 -3.20 -0.57
C LEU A 33 12.78 -3.61 -1.54
N ILE A 34 12.62 -2.80 -2.56
CA ILE A 34 11.61 -2.99 -3.58
C ILE A 34 11.94 -4.22 -4.46
N GLN A 35 13.18 -4.67 -4.40
CA GLN A 35 13.62 -5.74 -5.26
C GLN A 35 13.25 -7.09 -4.66
N SER A 36 12.56 -7.03 -3.55
CA SER A 36 12.09 -8.14 -2.86
C SER A 36 10.87 -8.60 -3.58
N GLN A 37 11.15 -9.50 -4.46
CA GLN A 37 10.21 -10.17 -5.35
C GLN A 37 9.89 -9.30 -6.55
N TYR A 38 10.71 -8.27 -6.72
CA TYR A 38 10.65 -7.36 -7.82
C TYR A 38 9.35 -6.63 -7.89
N VAL A 39 9.09 -6.01 -6.79
CA VAL A 39 8.00 -5.13 -6.61
C VAL A 39 8.35 -3.84 -7.34
N SER A 40 7.38 -3.05 -7.65
CA SER A 40 7.64 -1.87 -8.37
C SER A 40 7.98 -0.69 -7.44
N TYR A 41 7.15 -0.46 -6.40
CA TYR A 41 7.37 0.68 -5.48
C TYR A 41 7.01 0.25 -4.06
N VAL A 42 7.70 0.75 -3.05
CA VAL A 42 7.40 0.41 -1.65
C VAL A 42 7.37 1.66 -0.78
N VAL A 43 6.53 1.65 0.20
CA VAL A 43 6.46 2.72 1.17
C VAL A 43 6.93 2.15 2.49
N ILE A 44 7.82 2.85 3.12
CA ILE A 44 8.38 2.40 4.35
C ILE A 44 7.96 3.32 5.46
N LEU A 45 7.87 2.79 6.65
CA LEU A 45 7.51 3.56 7.80
C LEU A 45 8.63 3.60 8.83
N ASP A 46 8.32 4.20 9.92
CA ASP A 46 9.16 4.32 11.07
C ASP A 46 8.51 3.43 12.13
N PRO A 47 9.29 2.85 13.07
CA PRO A 47 8.75 1.96 14.14
C PRO A 47 7.64 2.60 15.02
N ASN A 48 7.38 3.87 14.83
CA ASN A 48 6.28 4.51 15.54
C ASN A 48 4.99 4.39 14.76
N GLY A 49 5.09 4.02 13.49
CA GLY A 49 3.93 3.81 12.68
C GLY A 49 3.63 4.97 11.80
N ALA A 50 4.65 5.72 11.50
CA ALA A 50 4.51 6.87 10.66
C ALA A 50 5.32 6.66 9.43
N ILE A 51 4.84 7.18 8.33
CA ILE A 51 5.49 7.02 7.06
C ILE A 51 6.84 7.68 6.97
N TYR A 52 7.75 7.04 6.26
CA TYR A 52 9.02 7.60 6.02
C TYR A 52 8.95 8.32 4.71
N TRP A 53 8.64 7.57 3.66
CA TRP A 53 8.53 8.09 2.34
C TRP A 53 7.90 7.04 1.43
N THR A 54 7.22 7.50 0.43
CA THR A 54 6.57 6.70 -0.55
C THR A 54 6.98 7.20 -1.91
N ASN A 55 7.24 6.28 -2.78
CA ASN A 55 7.70 6.58 -4.12
C ASN A 55 6.95 5.68 -5.06
N ASN A 56 5.67 5.76 -4.99
CA ASN A 56 4.86 4.85 -5.73
C ASN A 56 4.08 5.59 -6.75
N GLU A 57 4.78 6.13 -7.75
CA GLU A 57 4.14 6.89 -8.84
C GLU A 57 3.38 8.11 -8.32
N ASN A 58 3.79 8.60 -7.15
CA ASN A 58 3.14 9.71 -6.46
C ASN A 58 1.86 9.22 -5.84
N TRP A 59 2.04 8.53 -4.76
CA TRP A 59 0.99 7.90 -4.00
C TRP A 59 0.77 8.62 -2.70
N GLN A 60 -0.32 8.31 -2.04
CA GLN A 60 -0.59 8.89 -0.76
C GLN A 60 -0.73 7.83 0.27
N VAL A 61 0.35 7.28 0.71
CA VAL A 61 0.25 6.42 1.84
C VAL A 61 0.29 7.27 3.06
N ASN A 62 -0.87 7.49 3.59
CA ASN A 62 -1.00 8.23 4.78
C ASN A 62 -0.92 7.26 5.92
N GLY A 63 0.29 7.14 6.45
CA GLY A 63 0.60 6.19 7.52
C GLY A 63 -0.42 6.15 8.62
N SER A 64 -0.92 7.32 9.00
CA SER A 64 -1.90 7.47 10.03
C SER A 64 -3.20 6.67 9.72
N GLU A 65 -3.54 6.52 8.44
CA GLU A 65 -4.73 5.82 8.08
C GLU A 65 -4.39 4.43 7.52
N VAL A 66 -3.30 4.30 6.82
CA VAL A 66 -2.89 3.01 6.26
C VAL A 66 -2.66 1.97 7.37
N LEU A 67 -2.18 2.44 8.50
CA LEU A 67 -1.95 1.59 9.67
C LEU A 67 -3.28 1.33 10.39
N ARG A 68 -4.20 2.25 10.23
CA ARG A 68 -5.45 2.26 10.96
C ARG A 68 -6.59 1.57 10.19
N GLN A 69 -6.67 1.78 8.91
CA GLN A 69 -7.81 1.37 8.12
C GLN A 69 -7.80 -0.13 7.82
N TRP A 70 -6.67 -0.76 8.04
CA TRP A 70 -6.55 -2.19 7.88
C TRP A 70 -7.15 -2.88 9.13
N MET A 71 -7.49 -2.07 10.08
CA MET A 71 -8.09 -2.54 11.31
C MET A 71 -9.48 -1.92 11.39
N GLY A 72 -10.14 -1.83 10.24
CA GLY A 72 -11.45 -1.23 10.19
C GLY A 72 -12.50 -2.17 9.62
N SER A 73 -12.08 -3.40 9.30
CA SER A 73 -12.95 -4.43 8.70
C SER A 73 -13.39 -3.97 7.30
N ALA A 74 -12.59 -3.11 6.72
CA ALA A 74 -12.82 -2.59 5.41
C ALA A 74 -11.98 -3.37 4.41
N PRO A 75 -12.61 -4.10 3.49
CA PRO A 75 -11.90 -4.85 2.45
C PRO A 75 -11.40 -3.94 1.32
N SER A 76 -11.47 -2.66 1.54
CA SER A 76 -11.06 -1.69 0.58
C SER A 76 -10.32 -0.55 1.28
N ILE A 77 -9.04 -0.50 1.05
CA ILE A 77 -8.20 0.54 1.57
C ILE A 77 -7.93 1.56 0.47
N THR A 78 -7.81 2.81 0.83
CA THR A 78 -7.60 3.87 -0.11
C THR A 78 -6.23 4.47 0.09
N VAL A 79 -5.48 4.47 -0.95
CA VAL A 79 -4.18 5.06 -0.98
C VAL A 79 -4.15 5.88 -2.24
N ALA A 80 -3.65 7.10 -2.15
CA ALA A 80 -3.53 8.02 -3.30
C ALA A 80 -4.90 8.49 -3.77
N GLY A 81 -5.87 8.33 -2.90
CA GLY A 81 -7.22 8.73 -3.18
C GLY A 81 -8.00 7.67 -3.95
N THR A 82 -7.35 6.57 -4.27
CA THR A 82 -7.96 5.55 -5.06
C THR A 82 -8.22 4.29 -4.21
N LYS A 83 -9.28 3.58 -4.54
CA LYS A 83 -9.77 2.44 -3.77
C LYS A 83 -9.12 1.15 -4.23
N PHE A 84 -8.62 0.37 -3.30
CA PHE A 84 -8.09 -0.93 -3.61
C PHE A 84 -9.00 -2.02 -3.05
N SER A 85 -9.49 -2.85 -3.92
CA SER A 85 -10.33 -3.94 -3.57
C SER A 85 -9.45 -5.15 -3.22
N SER A 86 -9.56 -5.61 -2.00
CA SER A 86 -8.68 -6.65 -1.53
C SER A 86 -9.04 -8.04 -2.06
N PHE A 87 -8.01 -8.86 -2.14
CA PHE A 87 -8.15 -10.25 -2.50
C PHE A 87 -8.19 -11.04 -1.24
N ARG A 88 -7.23 -10.74 -0.38
CA ARG A 88 -7.13 -11.35 0.90
C ARG A 88 -6.96 -10.23 1.88
N ASN A 89 -7.84 -10.18 2.83
CA ASN A 89 -7.73 -9.18 3.85
C ASN A 89 -7.63 -9.85 5.21
N GLU A 90 -6.46 -10.10 5.57
CA GLU A 90 -6.17 -10.63 6.89
C GLU A 90 -5.58 -9.53 7.73
N PRO A 91 -6.34 -8.99 8.71
CA PRO A 91 -5.91 -7.84 9.51
C PRO A 91 -4.63 -8.09 10.28
N GLY A 92 -3.64 -7.24 10.03
CA GLY A 92 -2.34 -7.37 10.67
C GLY A 92 -1.60 -8.66 10.33
N VAL A 93 -2.04 -9.33 9.29
CA VAL A 93 -1.47 -10.62 8.96
C VAL A 93 -0.98 -10.65 7.52
N SER A 94 -1.81 -10.19 6.57
CA SER A 94 -1.48 -10.16 5.15
C SER A 94 -2.52 -9.34 4.44
N PHE A 95 -2.10 -8.31 3.76
CA PHE A 95 -3.03 -7.53 3.01
C PHE A 95 -2.62 -7.44 1.57
N VAL A 96 -3.57 -7.64 0.69
CA VAL A 96 -3.36 -7.56 -0.71
C VAL A 96 -4.64 -7.09 -1.41
N GLY A 97 -4.55 -5.96 -2.04
CA GLY A 97 -5.68 -5.43 -2.75
C GLY A 97 -5.27 -4.76 -4.01
N ARG A 98 -6.03 -4.96 -5.05
CA ARG A 98 -5.72 -4.33 -6.33
C ARG A 98 -6.52 -3.09 -6.44
N ASN A 99 -6.00 -2.14 -7.14
CA ASN A 99 -6.66 -0.93 -7.41
C ASN A 99 -7.85 -1.15 -8.35
N MET A 100 -8.90 -1.74 -7.80
CA MET A 100 -10.22 -1.92 -8.40
C MET A 100 -10.20 -2.89 -9.59
N ALA A 101 -9.69 -2.44 -10.72
CA ALA A 101 -9.68 -3.25 -11.92
C ALA A 101 -8.45 -2.94 -12.75
N GLY A 102 -7.68 -1.94 -12.33
CA GLY A 102 -6.49 -1.56 -13.02
C GLY A 102 -5.44 -2.63 -12.90
N GLY A 103 -5.42 -3.27 -11.75
CA GLY A 103 -4.53 -4.37 -11.54
C GLY A 103 -3.38 -4.04 -10.65
N GLY A 104 -3.14 -2.76 -10.45
CA GLY A 104 -2.04 -2.36 -9.61
C GLY A 104 -2.37 -2.64 -8.19
N LEU A 105 -1.57 -3.40 -7.54
CA LEU A 105 -1.95 -3.86 -6.24
C LEU A 105 -1.06 -3.41 -5.11
N ILE A 106 -1.71 -3.12 -4.00
CA ILE A 106 -1.08 -2.76 -2.78
C ILE A 106 -0.96 -4.01 -1.91
N ILE A 107 0.19 -4.22 -1.38
CA ILE A 107 0.47 -5.34 -0.52
C ILE A 107 0.98 -4.76 0.79
N LEU A 108 0.28 -5.00 1.86
CA LEU A 108 0.59 -4.39 3.14
C LEU A 108 0.75 -5.37 4.31
N GLN A 109 1.79 -5.16 5.11
CA GLN A 109 2.00 -5.87 6.34
C GLN A 109 2.15 -4.87 7.48
N LYS A 110 1.66 -5.24 8.66
CA LYS A 110 1.69 -4.38 9.81
C LYS A 110 2.52 -4.98 10.92
N ALA A 111 3.61 -4.35 11.24
CA ALA A 111 4.35 -4.71 12.42
C ALA A 111 3.62 -4.15 13.63
N PRO A 112 3.61 -4.87 14.75
CA PRO A 112 2.94 -4.44 15.99
C PRO A 112 3.29 -3.01 16.44
N ASN A 113 4.50 -2.55 16.13
CA ASN A 113 4.90 -1.20 16.53
C ASN A 113 4.36 -0.11 15.60
N GLY A 114 3.86 -0.49 14.44
CA GLY A 114 3.29 0.49 13.56
C GLY A 114 3.92 0.49 12.20
N TYR A 115 5.12 -0.06 12.08
CA TYR A 115 5.79 -0.15 10.84
C TYR A 115 4.98 -1.00 9.85
N VAL A 116 4.57 -0.40 8.76
CA VAL A 116 3.83 -1.10 7.77
C VAL A 116 4.60 -1.10 6.48
N PHE A 117 4.40 -2.09 5.69
CA PHE A 117 5.15 -2.21 4.47
C PHE A 117 4.15 -2.26 3.38
N LEU A 118 3.98 -1.15 2.73
CA LEU A 118 3.00 -1.00 1.71
C LEU A 118 3.73 -1.05 0.41
N SER A 119 3.51 -2.06 -0.31
CA SER A 119 4.17 -2.24 -1.54
C SER A 119 3.17 -2.18 -2.65
N TRP A 120 3.58 -1.69 -3.78
CA TRP A 120 2.71 -1.60 -4.90
C TRP A 120 3.43 -2.22 -6.04
N THR A 121 2.78 -3.08 -6.72
CA THR A 121 3.38 -3.74 -7.80
C THR A 121 2.64 -3.35 -9.05
N SER A 122 3.38 -3.18 -10.09
CA SER A 122 2.87 -2.63 -11.33
C SER A 122 1.80 -3.50 -11.97
N HIS A 123 0.82 -2.83 -12.55
CA HIS A 123 -0.26 -3.50 -13.28
C HIS A 123 0.20 -3.93 -14.65
N GLU A 124 1.35 -3.42 -15.06
CA GLU A 124 1.95 -3.81 -16.31
C GLU A 124 2.77 -5.07 -16.07
N PHE A 125 3.44 -5.09 -14.92
CA PHE A 125 4.28 -6.20 -14.48
C PHE A 125 3.41 -7.21 -13.68
N LEU A 126 2.11 -7.13 -13.88
CA LEU A 126 1.12 -7.90 -13.11
C LEU A 126 1.12 -9.38 -13.50
N THR A 127 1.74 -9.70 -14.61
CA THR A 127 1.75 -11.05 -15.11
C THR A 127 2.51 -11.96 -14.16
N THR A 128 3.68 -11.54 -13.84
CA THR A 128 4.50 -12.24 -12.93
C THR A 128 4.07 -11.93 -11.47
N SER A 129 3.66 -10.71 -11.22
CA SER A 129 3.29 -10.29 -9.89
C SER A 129 1.97 -10.92 -9.43
N GLY A 130 2.09 -11.96 -8.62
CA GLY A 130 0.94 -12.61 -8.09
C GLY A 130 0.74 -13.99 -8.67
N LEU A 131 1.46 -14.29 -9.74
CA LEU A 131 1.31 -15.58 -10.39
C LEU A 131 1.93 -16.72 -9.56
N PRO A 132 3.24 -16.67 -9.19
CA PRO A 132 3.83 -17.70 -8.35
C PRO A 132 3.36 -17.49 -6.90
N PRO A 133 3.19 -18.61 -6.13
CA PRO A 133 2.67 -18.61 -4.75
C PRO A 133 3.11 -17.44 -3.86
N LEU A 134 2.30 -16.38 -3.88
CA LEU A 134 2.48 -15.15 -3.09
C LEU A 134 3.86 -14.54 -3.28
N ASN A 135 4.40 -14.64 -4.46
CA ASN A 135 5.72 -14.09 -4.73
C ASN A 135 5.62 -12.61 -4.97
N ILE A 136 5.29 -11.95 -3.88
CA ILE A 136 5.13 -10.52 -3.64
C ILE A 136 4.42 -10.38 -2.27
N HIS A 137 3.30 -11.08 -2.17
CA HIS A 137 2.43 -11.06 -1.00
C HIS A 137 3.12 -11.62 0.24
N ALA A 138 3.65 -12.83 0.12
CA ALA A 138 4.31 -13.48 1.24
C ALA A 138 5.54 -12.73 1.71
N GLU A 139 6.19 -11.97 0.82
CA GLU A 139 7.40 -11.29 1.18
C GLU A 139 7.08 -10.10 2.09
N ILE A 140 5.87 -9.62 1.94
CA ILE A 140 5.36 -8.49 2.70
C ILE A 140 5.14 -8.90 4.15
N ALA A 141 4.50 -10.05 4.34
CA ALA A 141 4.19 -10.53 5.67
C ALA A 141 5.43 -11.13 6.34
N MET A 142 6.52 -11.11 5.61
CA MET A 142 7.82 -11.49 6.13
C MET A 142 8.52 -10.26 6.61
N MET A 143 8.58 -9.27 5.72
CA MET A 143 9.30 -8.03 5.96
C MET A 143 8.89 -7.36 7.25
N ALA A 144 7.63 -6.98 7.35
CA ALA A 144 7.16 -6.21 8.50
C ALA A 144 6.74 -7.10 9.65
N ALA A 145 7.22 -8.31 9.64
CA ALA A 145 7.00 -9.18 10.76
C ALA A 145 8.33 -9.43 11.47
N LYS A 146 9.40 -9.36 10.69
CA LYS A 146 10.74 -9.61 11.20
C LYS A 146 11.45 -8.30 11.39
N PHE A 147 11.30 -7.41 10.44
CA PHE A 147 11.89 -6.11 10.50
C PHE A 147 10.80 -5.16 10.85
N GLN A 148 10.82 -4.74 12.06
CA GLN A 148 9.80 -3.89 12.59
C GLN A 148 10.45 -2.55 12.92
N MET A 1 -23.63 5.37 27.45
CA MET A 1 -22.77 4.39 26.79
C MET A 1 -22.77 4.66 25.31
N LYS A 2 -21.77 4.18 24.59
CA LYS A 2 -21.75 4.33 23.14
C LYS A 2 -22.73 3.36 22.49
N ASP A 3 -23.16 3.69 21.31
CA ASP A 3 -24.08 2.87 20.55
C ASP A 3 -23.27 2.08 19.53
N GLY A 4 -23.91 1.20 18.79
CA GLY A 4 -23.26 0.43 17.77
C GLY A 4 -22.80 1.32 16.64
N PHE A 5 -21.53 1.62 16.64
CA PHE A 5 -20.95 2.48 15.67
C PHE A 5 -20.71 1.71 14.39
N ILE A 6 -21.36 2.13 13.35
CA ILE A 6 -21.18 1.51 12.08
C ILE A 6 -20.05 2.20 11.35
N LEU A 7 -19.10 1.42 10.92
CA LEU A 7 -17.90 1.92 10.32
C LEU A 7 -18.13 2.42 8.92
N LYS A 8 -17.53 3.53 8.61
CA LYS A 8 -17.70 4.16 7.33
C LYS A 8 -16.65 3.69 6.36
N LYS A 9 -17.09 2.99 5.37
CA LYS A 9 -16.23 2.58 4.30
C LYS A 9 -16.58 3.37 3.07
N LYS A 10 -15.71 4.26 2.71
CA LYS A 10 -15.91 5.11 1.58
C LYS A 10 -15.04 4.61 0.46
N LYS A 11 -15.35 5.01 -0.75
CA LYS A 11 -14.53 4.61 -1.88
C LYS A 11 -13.45 5.65 -2.10
N ILE A 12 -13.45 6.62 -1.22
CA ILE A 12 -12.48 7.68 -1.19
C ILE A 12 -11.81 7.64 0.19
N PRO A 13 -10.60 8.22 0.35
CA PRO A 13 -9.88 8.20 1.62
C PRO A 13 -10.64 8.92 2.73
N LYS A 14 -10.50 8.40 3.94
CA LYS A 14 -11.12 8.99 5.12
C LYS A 14 -10.45 10.32 5.44
N ASN A 15 -9.14 10.32 5.34
CA ASN A 15 -8.32 11.50 5.60
C ASN A 15 -8.05 12.21 4.31
N ILE A 16 -7.61 13.45 4.40
CA ILE A 16 -7.27 14.19 3.22
C ILE A 16 -5.93 13.71 2.71
N PHE A 17 -5.80 13.65 1.43
CA PHE A 17 -4.60 13.17 0.83
C PHE A 17 -3.85 14.32 0.21
N ARG A 18 -2.59 14.42 0.54
CA ARG A 18 -1.76 15.45 0.03
C ARG A 18 -0.72 14.79 -0.83
N ILE A 19 -0.94 14.79 -2.11
CA ILE A 19 -0.04 14.14 -3.01
C ILE A 19 1.05 15.09 -3.48
N GLY A 20 1.91 15.45 -2.56
CA GLY A 20 2.97 16.40 -2.81
C GLY A 20 4.11 15.82 -3.62
N ASN A 21 4.42 14.53 -3.39
CA ASN A 21 5.50 13.83 -4.09
C ASN A 21 6.85 14.49 -3.80
N LYS A 22 7.17 14.56 -2.54
CA LYS A 22 8.42 15.17 -2.11
C LYS A 22 9.56 14.17 -2.21
N GLU A 23 10.63 14.62 -2.87
CA GLU A 23 11.90 13.90 -3.05
C GLU A 23 11.75 12.43 -3.36
N MET A 24 11.60 12.12 -4.62
CA MET A 24 11.47 10.74 -5.02
C MET A 24 12.75 10.03 -4.79
N SER A 25 12.66 8.92 -4.12
CA SER A 25 13.76 8.09 -3.77
C SER A 25 14.64 7.74 -4.95
N TYR A 26 15.81 8.38 -4.98
CA TYR A 26 16.86 8.09 -5.92
C TYR A 26 17.18 6.63 -5.74
N SER A 27 17.08 5.87 -6.81
CA SER A 27 17.24 4.44 -6.77
C SER A 27 18.56 3.98 -6.13
N ASP A 28 18.51 3.76 -4.80
CA ASP A 28 19.64 3.27 -4.04
C ASP A 28 19.23 2.83 -2.65
N ASP A 29 18.51 3.66 -1.89
CA ASP A 29 18.21 3.24 -0.51
C ASP A 29 17.01 2.31 -0.46
N LEU A 30 15.85 2.82 -0.82
CA LEU A 30 14.63 2.03 -0.78
C LEU A 30 14.53 1.13 -2.01
N ASN A 31 15.37 1.42 -3.01
CA ASN A 31 15.41 0.64 -4.25
C ASN A 31 15.82 -0.79 -3.98
N SER A 32 16.72 -0.96 -3.05
CA SER A 32 17.16 -2.29 -2.63
C SER A 32 15.96 -3.10 -2.09
N LEU A 33 14.99 -2.39 -1.55
CA LEU A 33 13.83 -3.03 -0.96
C LEU A 33 12.76 -3.33 -2.01
N ILE A 34 12.71 -2.55 -3.10
CA ILE A 34 11.71 -2.80 -4.14
C ILE A 34 12.14 -3.99 -5.02
N GLN A 35 13.42 -4.35 -4.97
CA GLN A 35 13.93 -5.48 -5.76
C GLN A 35 13.45 -6.81 -5.15
N SER A 36 12.70 -6.72 -4.07
CA SER A 36 12.24 -7.86 -3.38
C SER A 36 11.01 -8.41 -4.08
N GLN A 37 11.27 -9.06 -5.18
CA GLN A 37 10.28 -9.75 -5.99
C GLN A 37 9.44 -8.83 -6.88
N TYR A 38 10.12 -8.02 -7.70
CA TYR A 38 9.50 -7.25 -8.81
C TYR A 38 8.67 -6.10 -8.31
N VAL A 39 8.94 -5.68 -7.11
CA VAL A 39 8.15 -4.64 -6.50
C VAL A 39 8.57 -3.29 -7.06
N SER A 40 7.64 -2.48 -7.45
CA SER A 40 7.99 -1.22 -8.02
C SER A 40 8.19 -0.14 -6.97
N TYR A 41 7.26 0.01 -6.06
CA TYR A 41 7.38 1.06 -5.07
C TYR A 41 7.13 0.48 -3.71
N VAL A 42 7.86 0.95 -2.74
CA VAL A 42 7.64 0.55 -1.38
C VAL A 42 7.52 1.78 -0.54
N VAL A 43 6.63 1.74 0.39
CA VAL A 43 6.48 2.82 1.32
C VAL A 43 6.77 2.27 2.68
N ILE A 44 7.77 2.81 3.27
CA ILE A 44 8.22 2.35 4.55
C ILE A 44 7.51 3.15 5.60
N LEU A 45 7.16 2.53 6.68
CA LEU A 45 6.60 3.23 7.78
C LEU A 45 7.58 3.40 8.92
N ASP A 46 7.19 4.24 9.80
CA ASP A 46 7.93 4.67 10.95
C ASP A 46 7.47 3.84 12.14
N PRO A 47 8.31 3.69 13.21
CA PRO A 47 7.95 2.94 14.45
C PRO A 47 6.61 3.34 15.09
N ASN A 48 6.05 4.44 14.66
CA ASN A 48 4.78 4.90 15.20
C ASN A 48 3.62 4.44 14.35
N GLY A 49 3.89 3.98 13.14
CA GLY A 49 2.82 3.55 12.28
C GLY A 49 2.44 4.66 11.36
N ALA A 50 3.40 5.50 11.11
CA ALA A 50 3.25 6.63 10.24
C ALA A 50 4.15 6.43 9.09
N ILE A 51 3.83 6.99 7.98
CA ILE A 51 4.65 6.81 6.82
C ILE A 51 5.99 7.51 6.88
N TYR A 52 7.00 6.83 6.43
CA TYR A 52 8.32 7.36 6.41
C TYR A 52 8.49 8.08 5.11
N TRP A 53 8.36 7.36 4.00
CA TRP A 53 8.50 7.97 2.72
C TRP A 53 7.89 7.10 1.63
N THR A 54 7.22 7.74 0.70
CA THR A 54 6.62 7.11 -0.44
C THR A 54 7.17 7.76 -1.68
N ASN A 55 7.47 6.94 -2.66
CA ASN A 55 8.15 7.41 -3.85
C ASN A 55 7.48 6.95 -5.12
N ASN A 56 6.25 7.33 -5.32
CA ASN A 56 5.59 6.94 -6.57
C ASN A 56 4.80 8.06 -7.23
N GLU A 57 5.53 9.04 -7.72
CA GLU A 57 5.00 10.11 -8.58
C GLU A 57 3.61 10.63 -8.13
N ASN A 58 3.52 11.07 -6.86
CA ASN A 58 2.29 11.65 -6.28
C ASN A 58 1.32 10.54 -5.83
N TRP A 59 1.82 9.61 -5.04
CA TRP A 59 1.08 8.52 -4.51
C TRP A 59 1.36 8.54 -3.06
N GLN A 60 0.39 8.84 -2.29
CA GLN A 60 0.62 8.98 -0.90
C GLN A 60 -0.25 8.05 -0.17
N VAL A 61 0.35 7.28 0.62
CA VAL A 61 -0.39 6.46 1.46
C VAL A 61 -0.32 7.06 2.84
N ASN A 62 -1.43 7.50 3.30
CA ASN A 62 -1.50 8.11 4.59
C ASN A 62 -1.45 7.05 5.68
N GLY A 63 -0.21 6.77 6.08
CA GLY A 63 0.16 5.74 7.05
C GLY A 63 -0.80 5.50 8.18
N SER A 64 -1.26 6.56 8.80
CA SER A 64 -2.14 6.45 9.91
C SER A 64 -3.47 5.73 9.55
N GLU A 65 -3.99 5.97 8.36
CA GLU A 65 -5.24 5.35 7.97
C GLU A 65 -5.00 4.16 7.04
N VAL A 66 -3.81 4.07 6.42
CA VAL A 66 -3.49 2.92 5.56
C VAL A 66 -3.53 1.64 6.43
N LEU A 67 -3.18 1.81 7.69
CA LEU A 67 -3.18 0.78 8.69
C LEU A 67 -4.55 0.68 9.39
N ARG A 68 -5.19 1.82 9.57
CA ARG A 68 -6.44 1.90 10.31
C ARG A 68 -7.62 1.41 9.49
N GLN A 69 -7.57 1.62 8.18
CA GLN A 69 -8.64 1.16 7.31
C GLN A 69 -8.54 -0.35 7.14
N TRP A 70 -7.34 -0.85 7.28
CA TRP A 70 -7.05 -2.26 7.21
C TRP A 70 -7.65 -2.92 8.42
N MET A 71 -7.52 -2.24 9.53
CA MET A 71 -7.99 -2.79 10.78
C MET A 71 -9.31 -2.17 11.15
N GLY A 72 -10.10 -1.95 10.13
CA GLY A 72 -11.44 -1.49 10.29
C GLY A 72 -12.38 -2.47 9.65
N SER A 73 -11.84 -3.65 9.36
CA SER A 73 -12.56 -4.74 8.71
C SER A 73 -13.08 -4.31 7.34
N ALA A 74 -12.30 -3.49 6.67
CA ALA A 74 -12.63 -3.03 5.37
C ALA A 74 -11.85 -3.83 4.34
N PRO A 75 -12.53 -4.49 3.41
CA PRO A 75 -11.89 -5.27 2.35
C PRO A 75 -11.46 -4.37 1.19
N SER A 76 -11.29 -3.11 1.48
CA SER A 76 -10.91 -2.12 0.54
C SER A 76 -10.14 -1.03 1.28
N ILE A 77 -9.05 -0.60 0.70
CA ILE A 77 -8.24 0.46 1.27
C ILE A 77 -8.21 1.64 0.31
N THR A 78 -8.34 2.82 0.85
CA THR A 78 -8.44 4.02 0.08
C THR A 78 -7.34 5.01 0.45
N VAL A 79 -6.31 5.07 -0.33
CA VAL A 79 -5.21 5.97 -0.13
C VAL A 79 -4.88 6.65 -1.43
N ALA A 80 -4.57 7.95 -1.35
CA ALA A 80 -4.20 8.80 -2.52
C ALA A 80 -5.40 9.03 -3.44
N GLY A 81 -6.58 8.81 -2.90
CA GLY A 81 -7.79 9.05 -3.64
C GLY A 81 -8.28 7.84 -4.38
N THR A 82 -7.56 6.75 -4.29
CA THR A 82 -7.88 5.59 -5.04
C THR A 82 -8.28 4.41 -4.11
N LYS A 83 -9.18 3.56 -4.61
CA LYS A 83 -9.77 2.48 -3.83
C LYS A 83 -9.27 1.09 -4.28
N PHE A 84 -8.48 0.45 -3.44
CA PHE A 84 -8.00 -0.89 -3.72
C PHE A 84 -8.96 -1.91 -3.12
N SER A 85 -9.42 -2.83 -3.91
CA SER A 85 -10.29 -3.89 -3.46
C SER A 85 -9.42 -5.09 -3.16
N SER A 86 -9.58 -5.70 -2.01
CA SER A 86 -8.67 -6.72 -1.60
C SER A 86 -9.03 -8.14 -2.06
N PHE A 87 -8.00 -8.90 -2.25
CA PHE A 87 -8.07 -10.30 -2.61
C PHE A 87 -8.08 -11.08 -1.33
N ARG A 88 -7.02 -10.94 -0.58
CA ARG A 88 -6.91 -11.56 0.68
C ARG A 88 -6.81 -10.47 1.69
N ASN A 89 -7.80 -10.35 2.52
CA ASN A 89 -7.77 -9.35 3.52
C ASN A 89 -7.50 -10.01 4.86
N GLU A 90 -6.29 -9.99 5.22
CA GLU A 90 -5.85 -10.54 6.48
C GLU A 90 -5.38 -9.40 7.37
N PRO A 91 -6.16 -9.03 8.40
CA PRO A 91 -5.79 -7.94 9.28
C PRO A 91 -4.56 -8.26 10.10
N GLY A 92 -3.57 -7.40 10.01
CA GLY A 92 -2.35 -7.57 10.75
C GLY A 92 -1.33 -8.47 10.06
N VAL A 93 -1.78 -9.30 9.12
CA VAL A 93 -0.92 -10.27 8.50
C VAL A 93 -0.43 -9.79 7.15
N SER A 94 -1.32 -9.66 6.19
CA SER A 94 -0.95 -9.35 4.85
C SER A 94 -2.15 -8.87 4.18
N PHE A 95 -2.03 -7.78 3.54
CA PHE A 95 -3.13 -7.28 2.86
C PHE A 95 -2.78 -7.11 1.42
N VAL A 96 -3.56 -7.68 0.57
CA VAL A 96 -3.33 -7.59 -0.83
C VAL A 96 -4.60 -7.21 -1.56
N GLY A 97 -4.55 -6.10 -2.21
CA GLY A 97 -5.65 -5.62 -2.94
C GLY A 97 -5.23 -4.99 -4.22
N ARG A 98 -6.09 -4.98 -5.19
CA ARG A 98 -5.74 -4.37 -6.45
C ARG A 98 -6.46 -3.09 -6.59
N ASN A 99 -5.84 -2.19 -7.27
CA ASN A 99 -6.36 -0.93 -7.53
C ASN A 99 -7.51 -1.05 -8.53
N MET A 100 -8.66 -1.46 -8.03
CA MET A 100 -9.89 -1.43 -8.82
C MET A 100 -10.28 0.01 -9.17
N ALA A 101 -9.54 0.56 -10.09
CA ALA A 101 -9.71 1.90 -10.62
C ALA A 101 -8.78 2.02 -11.81
N GLY A 102 -7.54 1.67 -11.57
CA GLY A 102 -6.54 1.62 -12.59
C GLY A 102 -6.06 0.20 -12.77
N GLY A 103 -4.80 -0.04 -12.50
CA GLY A 103 -4.25 -1.37 -12.65
C GLY A 103 -2.98 -1.56 -11.85
N GLY A 104 -3.07 -2.32 -10.78
CA GLY A 104 -1.89 -2.65 -9.99
C GLY A 104 -2.30 -3.11 -8.61
N LEU A 105 -1.40 -3.65 -7.84
CA LEU A 105 -1.77 -4.20 -6.53
C LEU A 105 -0.93 -3.62 -5.40
N ILE A 106 -1.58 -3.37 -4.27
CA ILE A 106 -0.90 -2.96 -3.05
C ILE A 106 -0.84 -4.15 -2.10
N ILE A 107 0.29 -4.35 -1.49
CA ILE A 107 0.45 -5.40 -0.52
C ILE A 107 1.04 -4.79 0.74
N LEU A 108 0.30 -4.83 1.83
CA LEU A 108 0.79 -4.25 3.08
C LEU A 108 0.78 -5.19 4.29
N GLN A 109 1.78 -5.03 5.16
CA GLN A 109 1.98 -5.87 6.34
C GLN A 109 2.21 -4.96 7.55
N LYS A 110 1.70 -5.34 8.72
CA LYS A 110 1.84 -4.57 9.92
C LYS A 110 2.80 -5.26 10.89
N ALA A 111 3.89 -4.62 11.17
CA ALA A 111 4.75 -5.06 12.22
C ALA A 111 4.29 -4.39 13.54
N PRO A 112 4.47 -5.09 14.69
CA PRO A 112 4.03 -4.70 16.03
C PRO A 112 3.67 -3.21 16.31
N ASN A 113 4.60 -2.29 16.13
CA ASN A 113 4.36 -0.90 16.54
C ASN A 113 3.75 -0.01 15.47
N GLY A 114 3.57 -0.51 14.28
CA GLY A 114 3.00 0.31 13.25
C GLY A 114 3.83 0.30 12.00
N TYR A 115 5.03 -0.24 12.11
CA TYR A 115 5.92 -0.45 10.98
C TYR A 115 5.22 -1.28 9.89
N VAL A 116 4.66 -0.62 8.93
CA VAL A 116 3.99 -1.28 7.84
C VAL A 116 4.91 -1.30 6.64
N PHE A 117 4.95 -2.40 5.97
CA PHE A 117 5.71 -2.51 4.77
C PHE A 117 4.73 -2.56 3.64
N LEU A 118 4.62 -1.46 2.97
CA LEU A 118 3.70 -1.28 1.90
C LEU A 118 4.45 -1.49 0.60
N SER A 119 3.91 -2.28 -0.26
CA SER A 119 4.51 -2.57 -1.52
C SER A 119 3.46 -2.47 -2.61
N TRP A 120 3.89 -2.21 -3.82
CA TRP A 120 2.99 -2.16 -4.95
C TRP A 120 3.59 -3.04 -6.03
N THR A 121 2.76 -3.81 -6.66
CA THR A 121 3.21 -4.70 -7.66
C THR A 121 2.71 -4.17 -9.00
N SER A 122 3.64 -3.98 -9.91
CA SER A 122 3.40 -3.41 -11.21
C SER A 122 2.38 -4.22 -12.02
N HIS A 123 1.56 -3.53 -12.82
CA HIS A 123 0.55 -4.18 -13.66
C HIS A 123 1.18 -4.97 -14.80
N GLU A 124 2.44 -4.70 -15.03
CA GLU A 124 3.25 -5.45 -15.97
C GLU A 124 3.44 -6.87 -15.42
N PHE A 125 3.74 -6.94 -14.15
CA PHE A 125 3.95 -8.19 -13.45
C PHE A 125 2.66 -8.72 -12.82
N LEU A 126 1.52 -8.28 -13.35
CA LEU A 126 0.20 -8.64 -12.80
C LEU A 126 -0.05 -10.15 -12.82
N THR A 127 0.51 -10.83 -13.80
CA THR A 127 0.37 -12.26 -13.94
C THR A 127 1.20 -12.95 -12.84
N THR A 128 2.20 -12.26 -12.38
CA THR A 128 3.10 -12.73 -11.39
C THR A 128 2.59 -12.30 -9.98
N SER A 129 1.59 -11.43 -9.95
CA SER A 129 1.07 -10.92 -8.71
C SER A 129 0.02 -11.88 -8.13
N GLY A 130 0.48 -12.83 -7.35
CA GLY A 130 -0.44 -13.70 -6.61
C GLY A 130 -0.78 -15.01 -7.33
N LEU A 131 -0.46 -15.12 -8.59
CA LEU A 131 -0.74 -16.35 -9.34
C LEU A 131 0.36 -17.44 -9.13
N PRO A 132 1.69 -17.10 -9.22
CA PRO A 132 2.78 -18.05 -8.89
C PRO A 132 2.83 -18.31 -7.34
N PRO A 133 3.95 -18.88 -6.75
CA PRO A 133 4.07 -19.08 -5.27
C PRO A 133 3.91 -17.80 -4.41
N LEU A 134 3.63 -16.66 -5.07
CA LEU A 134 3.33 -15.36 -4.47
C LEU A 134 4.32 -14.95 -3.41
N ASN A 135 5.60 -15.18 -3.67
CA ASN A 135 6.62 -14.82 -2.72
C ASN A 135 6.69 -13.31 -2.59
N ILE A 136 6.19 -12.60 -3.62
CA ILE A 136 6.04 -11.14 -3.59
C ILE A 136 5.23 -10.76 -2.36
N HIS A 137 4.11 -11.46 -2.18
CA HIS A 137 3.18 -11.20 -1.10
C HIS A 137 3.68 -11.82 0.20
N ALA A 138 4.11 -13.04 0.08
CA ALA A 138 4.46 -13.86 1.21
C ALA A 138 5.64 -13.33 1.96
N GLU A 139 6.59 -12.77 1.23
CA GLU A 139 7.78 -12.29 1.86
C GLU A 139 7.53 -10.96 2.55
N ILE A 140 6.40 -10.31 2.26
CA ILE A 140 6.06 -9.06 2.93
C ILE A 140 5.79 -9.35 4.41
N ALA A 141 5.01 -10.43 4.68
CA ALA A 141 4.67 -10.83 6.07
C ALA A 141 5.86 -11.47 6.77
N MET A 142 6.92 -11.66 6.03
CA MET A 142 8.17 -12.12 6.58
C MET A 142 9.04 -10.89 6.89
N MET A 143 9.21 -10.06 5.87
CA MET A 143 10.08 -8.88 5.87
C MET A 143 9.71 -7.87 6.94
N ALA A 144 8.44 -7.46 6.98
CA ALA A 144 8.00 -6.43 7.93
C ALA A 144 8.07 -6.91 9.35
N ALA A 145 7.98 -8.22 9.52
CA ALA A 145 8.06 -8.81 10.84
C ALA A 145 9.49 -8.77 11.37
N LYS A 146 10.43 -8.60 10.47
CA LYS A 146 11.83 -8.54 10.84
C LYS A 146 12.29 -7.09 10.89
N PHE A 147 11.80 -6.29 9.97
CA PHE A 147 12.18 -4.91 9.90
C PHE A 147 11.17 -4.10 10.70
N GLN A 148 11.46 -3.94 11.97
CA GLN A 148 10.59 -3.28 12.91
C GLN A 148 11.49 -2.43 13.77
N MET A 1 -24.22 9.69 17.41
CA MET A 1 -25.52 9.04 17.40
C MET A 1 -25.34 7.60 16.96
N LYS A 2 -26.32 6.77 17.22
CA LYS A 2 -26.31 5.41 16.75
C LYS A 2 -26.98 5.38 15.39
N ASP A 3 -26.20 5.16 14.39
CA ASP A 3 -26.66 5.19 13.02
C ASP A 3 -26.98 3.79 12.58
N GLY A 4 -27.35 3.64 11.33
CA GLY A 4 -27.57 2.34 10.76
C GLY A 4 -26.24 1.71 10.45
N PHE A 5 -25.75 0.89 11.37
CA PHE A 5 -24.44 0.32 11.26
C PHE A 5 -24.35 -0.65 10.10
N ILE A 6 -23.60 -0.24 9.13
CA ILE A 6 -23.30 -1.00 7.96
C ILE A 6 -21.80 -1.27 8.02
N LEU A 7 -21.38 -2.45 7.56
CA LEU A 7 -19.97 -2.78 7.57
C LEU A 7 -19.28 -1.86 6.55
N LYS A 8 -18.36 -1.07 7.06
CA LYS A 8 -17.75 -0.01 6.29
C LYS A 8 -16.90 -0.53 5.16
N LYS A 9 -17.18 -0.02 4.01
CA LYS A 9 -16.42 -0.26 2.84
C LYS A 9 -15.88 1.10 2.44
N LYS A 10 -14.60 1.29 2.62
CA LYS A 10 -13.96 2.59 2.42
C LYS A 10 -14.08 3.07 0.98
N LYS A 11 -14.65 4.25 0.83
CA LYS A 11 -14.79 4.90 -0.46
C LYS A 11 -13.66 5.89 -0.64
N ILE A 12 -13.68 6.62 -1.76
CA ILE A 12 -12.67 7.63 -2.07
C ILE A 12 -12.49 8.60 -0.91
N PRO A 13 -11.24 8.93 -0.60
CA PRO A 13 -10.92 9.67 0.60
C PRO A 13 -11.50 11.08 0.64
N LYS A 14 -11.92 11.49 1.82
CA LYS A 14 -12.52 12.80 2.03
C LYS A 14 -11.45 13.77 2.51
N ASN A 15 -10.30 13.26 2.78
CA ASN A 15 -9.22 14.08 3.26
C ASN A 15 -8.20 14.25 2.18
N ILE A 16 -7.68 15.44 2.05
CA ILE A 16 -6.63 15.68 1.10
C ILE A 16 -5.29 15.27 1.68
N PHE A 17 -4.54 14.52 0.93
CA PHE A 17 -3.27 14.05 1.40
C PHE A 17 -2.20 14.50 0.43
N ARG A 18 -0.96 14.55 0.87
CA ARG A 18 0.09 14.90 -0.03
C ARG A 18 0.36 13.70 -0.93
N ILE A 19 0.47 13.95 -2.20
CA ILE A 19 0.77 12.88 -3.12
C ILE A 19 2.26 12.56 -3.13
N GLY A 20 2.69 11.88 -2.09
CA GLY A 20 4.07 11.48 -1.94
C GLY A 20 4.91 12.60 -1.39
N ASN A 21 5.13 13.60 -2.23
CA ASN A 21 5.89 14.81 -1.91
C ASN A 21 7.29 14.48 -1.36
N LYS A 22 8.04 13.73 -2.14
CA LYS A 22 9.38 13.38 -1.79
C LYS A 22 10.36 14.22 -2.59
N GLU A 23 11.45 14.60 -1.99
CA GLU A 23 12.45 15.36 -2.71
C GLU A 23 13.77 14.59 -2.82
N MET A 24 13.95 13.59 -2.00
CA MET A 24 15.18 12.82 -1.99
C MET A 24 14.98 11.38 -2.51
N SER A 25 15.10 11.19 -3.79
CA SER A 25 15.05 9.88 -4.37
C SER A 25 16.40 9.56 -5.00
N TYR A 26 17.08 8.60 -4.43
CA TYR A 26 18.36 8.16 -4.93
C TYR A 26 18.14 6.87 -5.72
N SER A 27 16.86 6.43 -5.71
CA SER A 27 16.40 5.21 -6.32
C SER A 27 16.92 3.98 -5.57
N ASP A 28 18.23 3.79 -5.64
CA ASP A 28 18.91 2.63 -5.05
C ASP A 28 18.83 2.62 -3.52
N ASP A 29 18.46 3.75 -2.92
CA ASP A 29 18.46 3.83 -1.47
C ASP A 29 17.24 3.12 -0.89
N LEU A 30 16.06 3.38 -1.41
CA LEU A 30 14.91 2.63 -0.94
C LEU A 30 14.75 1.37 -1.75
N ASN A 31 15.46 1.28 -2.90
CA ASN A 31 15.39 0.10 -3.80
C ASN A 31 15.79 -1.15 -3.08
N SER A 32 16.60 -0.99 -2.04
CA SER A 32 16.98 -2.11 -1.18
C SER A 32 15.72 -2.89 -0.72
N LEU A 33 14.66 -2.16 -0.44
CA LEU A 33 13.41 -2.75 -0.01
C LEU A 33 12.53 -3.08 -1.22
N ILE A 34 12.72 -2.34 -2.31
CA ILE A 34 11.88 -2.49 -3.49
C ILE A 34 12.28 -3.72 -4.33
N GLN A 35 13.55 -4.14 -4.21
CA GLN A 35 14.07 -5.26 -4.98
C GLN A 35 13.62 -6.58 -4.40
N SER A 36 12.71 -6.50 -3.47
CA SER A 36 12.15 -7.61 -2.84
C SER A 36 11.09 -8.15 -3.78
N GLN A 37 11.60 -8.92 -4.71
CA GLN A 37 10.84 -9.60 -5.76
C GLN A 37 10.49 -8.65 -6.89
N TYR A 38 11.22 -7.54 -6.96
CA TYR A 38 11.06 -6.55 -8.03
C TYR A 38 9.68 -5.97 -8.05
N VAL A 39 9.30 -5.44 -6.93
CA VAL A 39 8.05 -4.79 -6.82
C VAL A 39 8.27 -3.36 -7.36
N SER A 40 7.26 -2.58 -7.58
CA SER A 40 7.48 -1.31 -8.19
C SER A 40 7.82 -0.24 -7.17
N TYR A 41 7.06 -0.17 -6.10
CA TYR A 41 7.26 0.88 -5.13
C TYR A 41 7.03 0.33 -3.76
N VAL A 42 7.70 0.88 -2.79
CA VAL A 42 7.50 0.49 -1.42
C VAL A 42 7.40 1.74 -0.58
N VAL A 43 6.61 1.70 0.43
CA VAL A 43 6.62 2.77 1.36
C VAL A 43 7.05 2.19 2.68
N ILE A 44 7.90 2.87 3.34
CA ILE A 44 8.44 2.38 4.56
C ILE A 44 7.86 3.19 5.67
N LEU A 45 7.44 2.55 6.72
CA LEU A 45 6.97 3.28 7.87
C LEU A 45 8.02 3.40 8.93
N ASP A 46 7.69 4.09 9.96
CA ASP A 46 8.52 4.35 11.10
C ASP A 46 7.85 3.69 12.29
N PRO A 47 8.58 3.31 13.39
CA PRO A 47 7.99 2.69 14.59
C PRO A 47 6.83 3.50 15.21
N ASN A 48 6.66 4.74 14.81
CA ASN A 48 5.55 5.52 15.28
C ASN A 48 4.26 5.15 14.54
N GLY A 49 4.38 4.44 13.41
CA GLY A 49 3.21 4.10 12.64
C GLY A 49 2.94 5.18 11.65
N ALA A 50 3.99 5.86 11.30
CA ALA A 50 3.94 6.96 10.41
C ALA A 50 4.77 6.62 9.21
N ILE A 51 4.42 7.12 8.04
CA ILE A 51 5.21 6.80 6.85
C ILE A 51 6.57 7.51 6.92
N TYR A 52 7.61 6.78 6.60
CA TYR A 52 8.94 7.31 6.59
C TYR A 52 9.22 7.88 5.24
N TRP A 53 8.93 7.09 4.22
CA TRP A 53 9.13 7.53 2.88
C TRP A 53 8.22 6.76 1.96
N THR A 54 7.51 7.48 1.16
CA THR A 54 6.68 6.92 0.15
C THR A 54 7.25 7.28 -1.22
N ASN A 55 7.74 6.29 -1.91
CA ASN A 55 8.35 6.47 -3.21
C ASN A 55 7.52 5.68 -4.18
N ASN A 56 6.28 6.03 -4.23
CA ASN A 56 5.33 5.29 -4.99
C ASN A 56 4.76 6.20 -6.09
N GLU A 57 5.58 7.19 -6.43
CA GLU A 57 5.32 8.13 -7.52
C GLU A 57 4.03 8.92 -7.39
N ASN A 58 3.99 9.75 -6.35
CA ASN A 58 2.87 10.63 -6.04
C ASN A 58 1.70 9.84 -5.51
N TRP A 59 2.02 8.94 -4.64
CA TRP A 59 1.07 8.07 -4.04
C TRP A 59 0.84 8.55 -2.64
N GLN A 60 -0.40 8.59 -2.23
CA GLN A 60 -0.72 9.12 -0.93
C GLN A 60 -0.91 8.00 0.04
N VAL A 61 0.16 7.43 0.55
CA VAL A 61 -0.05 6.52 1.63
C VAL A 61 -0.22 7.36 2.87
N ASN A 62 -1.46 7.51 3.21
CA ASN A 62 -1.98 8.42 4.20
C ASN A 62 -1.76 7.97 5.64
N GLY A 63 -0.54 7.54 5.93
CA GLY A 63 -0.08 7.21 7.26
C GLY A 63 -0.96 6.30 8.02
N SER A 64 -1.85 6.88 8.71
CA SER A 64 -2.70 6.18 9.59
C SER A 64 -3.91 5.56 8.91
N GLU A 65 -4.39 6.08 7.77
CA GLU A 65 -5.61 5.55 7.17
C GLU A 65 -5.31 4.18 6.56
N VAL A 66 -4.06 4.00 6.14
CA VAL A 66 -3.59 2.74 5.59
C VAL A 66 -3.63 1.65 6.70
N LEU A 67 -3.49 2.10 7.93
CA LEU A 67 -3.51 1.25 9.10
C LEU A 67 -4.94 1.10 9.59
N ARG A 68 -5.59 2.23 9.69
CA ARG A 68 -6.89 2.41 10.26
C ARG A 68 -7.99 1.77 9.52
N GLN A 69 -8.03 1.89 8.21
CA GLN A 69 -9.19 1.36 7.52
C GLN A 69 -9.20 -0.14 7.43
N TRP A 70 -8.02 -0.72 7.43
CA TRP A 70 -7.93 -2.14 7.45
C TRP A 70 -8.35 -2.65 8.81
N MET A 71 -8.04 -1.90 9.84
CA MET A 71 -8.53 -2.31 11.14
C MET A 71 -9.83 -1.55 11.46
N GLY A 72 -10.60 -1.35 10.41
CA GLY A 72 -11.90 -0.77 10.51
C GLY A 72 -12.92 -1.69 9.89
N SER A 73 -12.48 -2.94 9.66
CA SER A 73 -13.24 -4.00 9.01
C SER A 73 -13.49 -3.71 7.53
N ALA A 74 -12.72 -2.78 6.99
CA ALA A 74 -12.84 -2.42 5.61
C ALA A 74 -11.72 -3.07 4.84
N PRO A 75 -12.04 -4.04 3.97
CA PRO A 75 -11.02 -4.76 3.19
C PRO A 75 -10.62 -3.98 1.94
N SER A 76 -10.86 -2.71 1.96
CA SER A 76 -10.57 -1.86 0.87
C SER A 76 -9.92 -0.60 1.42
N ILE A 77 -8.76 -0.33 0.93
CA ILE A 77 -7.98 0.78 1.38
C ILE A 77 -7.89 1.84 0.29
N THR A 78 -7.86 3.09 0.69
CA THR A 78 -7.80 4.17 -0.22
C THR A 78 -6.55 4.99 -0.02
N VAL A 79 -5.61 4.82 -0.89
CA VAL A 79 -4.43 5.62 -0.90
C VAL A 79 -4.21 6.13 -2.30
N ALA A 80 -3.81 7.39 -2.41
CA ALA A 80 -3.60 8.08 -3.71
C ALA A 80 -4.93 8.37 -4.39
N GLY A 81 -5.95 8.43 -3.57
CA GLY A 81 -7.30 8.70 -4.05
C GLY A 81 -7.95 7.50 -4.73
N THR A 82 -7.29 6.36 -4.70
CA THR A 82 -7.80 5.20 -5.38
C THR A 82 -8.06 4.07 -4.38
N LYS A 83 -9.08 3.27 -4.65
CA LYS A 83 -9.49 2.22 -3.75
C LYS A 83 -9.07 0.84 -4.24
N PHE A 84 -8.37 0.16 -3.39
CA PHE A 84 -7.88 -1.16 -3.66
C PHE A 84 -8.81 -2.18 -3.00
N SER A 85 -9.37 -3.06 -3.79
CA SER A 85 -10.21 -4.12 -3.28
C SER A 85 -9.33 -5.33 -3.06
N SER A 86 -9.36 -5.88 -1.86
CA SER A 86 -8.47 -6.93 -1.51
C SER A 86 -8.92 -8.34 -1.92
N PHE A 87 -7.95 -9.18 -2.15
CA PHE A 87 -8.12 -10.56 -2.51
C PHE A 87 -7.76 -11.41 -1.32
N ARG A 88 -6.57 -11.19 -0.82
CA ARG A 88 -6.11 -11.85 0.36
C ARG A 88 -6.10 -10.79 1.40
N ASN A 89 -6.98 -10.89 2.31
CA ASN A 89 -7.02 -9.91 3.33
C ASN A 89 -6.88 -10.55 4.68
N GLU A 90 -5.68 -10.67 5.04
CA GLU A 90 -5.28 -11.17 6.33
C GLU A 90 -4.90 -10.04 7.27
N PRO A 91 -5.70 -9.84 8.34
CA PRO A 91 -5.49 -8.77 9.32
C PRO A 91 -4.10 -8.83 9.93
N GLY A 92 -3.37 -7.73 9.79
CA GLY A 92 -2.02 -7.63 10.31
C GLY A 92 -1.03 -8.64 9.73
N VAL A 93 -1.35 -9.28 8.60
CA VAL A 93 -0.46 -10.28 8.05
C VAL A 93 -0.13 -9.97 6.60
N SER A 94 -1.13 -9.95 5.74
CA SER A 94 -0.90 -9.78 4.33
C SER A 94 -2.13 -9.19 3.74
N PHE A 95 -1.99 -8.03 3.27
CA PHE A 95 -3.08 -7.39 2.68
C PHE A 95 -2.82 -7.19 1.22
N VAL A 96 -3.47 -7.98 0.39
CA VAL A 96 -3.23 -7.95 -1.04
C VAL A 96 -4.49 -7.47 -1.74
N GLY A 97 -4.42 -6.32 -2.35
CA GLY A 97 -5.57 -5.78 -3.02
C GLY A 97 -5.22 -5.11 -4.30
N ARG A 98 -6.16 -5.09 -5.22
CA ARG A 98 -5.92 -4.53 -6.52
C ARG A 98 -6.65 -3.24 -6.65
N ASN A 99 -6.05 -2.34 -7.35
CA ASN A 99 -6.74 -1.14 -7.77
C ASN A 99 -7.78 -1.53 -8.77
N MET A 100 -8.93 -1.92 -8.28
CA MET A 100 -10.07 -2.18 -9.15
C MET A 100 -10.52 -0.89 -9.84
N ALA A 101 -9.79 -0.53 -10.90
CA ALA A 101 -10.02 0.62 -11.74
C ALA A 101 -8.97 0.67 -12.83
N GLY A 102 -7.78 1.17 -12.49
CA GLY A 102 -6.70 1.29 -13.44
C GLY A 102 -5.82 0.06 -13.51
N GLY A 103 -5.71 -0.65 -12.41
CA GLY A 103 -4.90 -1.83 -12.38
C GLY A 103 -3.63 -1.66 -11.56
N GLY A 104 -3.33 -2.67 -10.77
CA GLY A 104 -2.13 -2.70 -9.95
C GLY A 104 -2.48 -3.21 -8.58
N LEU A 105 -1.53 -3.72 -7.84
CA LEU A 105 -1.84 -4.28 -6.52
C LEU A 105 -0.96 -3.75 -5.41
N ILE A 106 -1.57 -3.54 -4.26
CA ILE A 106 -0.88 -3.17 -3.04
C ILE A 106 -0.81 -4.38 -2.14
N ILE A 107 0.27 -4.51 -1.44
CA ILE A 107 0.39 -5.52 -0.45
C ILE A 107 0.93 -4.87 0.86
N LEU A 108 0.20 -5.03 1.96
CA LEU A 108 0.62 -4.53 3.30
C LEU A 108 0.97 -5.65 4.25
N GLN A 109 1.95 -5.39 5.07
CA GLN A 109 2.26 -6.23 6.22
C GLN A 109 2.38 -5.27 7.38
N LYS A 110 1.78 -5.58 8.48
CA LYS A 110 1.77 -4.69 9.62
C LYS A 110 2.44 -5.33 10.84
N ALA A 111 3.54 -4.77 11.28
CA ALA A 111 4.11 -5.13 12.56
C ALA A 111 3.39 -4.30 13.63
N PRO A 112 3.30 -4.79 14.89
CA PRO A 112 2.62 -4.06 15.97
C PRO A 112 3.46 -2.90 16.51
N ASN A 113 4.51 -2.55 15.80
CA ASN A 113 5.39 -1.48 16.20
C ASN A 113 5.29 -0.35 15.18
N GLY A 114 4.16 -0.24 14.49
CA GLY A 114 3.93 0.87 13.57
C GLY A 114 4.59 0.66 12.20
N TYR A 115 5.72 0.01 12.21
CA TYR A 115 6.45 -0.35 11.02
C TYR A 115 5.61 -1.28 10.10
N VAL A 116 5.05 -0.70 9.08
CA VAL A 116 4.24 -1.38 8.11
C VAL A 116 4.92 -1.24 6.75
N PHE A 117 4.72 -2.21 5.88
CA PHE A 117 5.29 -2.17 4.56
C PHE A 117 4.21 -2.24 3.55
N LEU A 118 4.19 -1.26 2.70
CA LEU A 118 3.27 -1.20 1.61
C LEU A 118 4.08 -1.34 0.37
N SER A 119 3.74 -2.27 -0.43
CA SER A 119 4.42 -2.44 -1.67
C SER A 119 3.40 -2.50 -2.79
N TRP A 120 3.71 -1.86 -3.87
CA TRP A 120 2.81 -1.82 -4.99
C TRP A 120 3.52 -2.45 -6.17
N THR A 121 2.79 -3.17 -6.96
CA THR A 121 3.36 -3.97 -8.00
C THR A 121 2.83 -3.50 -9.36
N SER A 122 3.70 -3.49 -10.36
CA SER A 122 3.39 -3.02 -11.72
C SER A 122 2.15 -3.71 -12.30
N HIS A 123 1.36 -2.97 -13.06
CA HIS A 123 0.15 -3.50 -13.67
C HIS A 123 0.46 -4.49 -14.81
N GLU A 124 1.67 -4.43 -15.34
CA GLU A 124 2.10 -5.43 -16.32
C GLU A 124 2.52 -6.71 -15.59
N PHE A 125 3.04 -6.52 -14.39
CA PHE A 125 3.43 -7.63 -13.52
C PHE A 125 2.27 -8.04 -12.62
N LEU A 126 1.07 -7.80 -13.07
CA LEU A 126 -0.12 -8.12 -12.31
C LEU A 126 -0.30 -9.64 -12.27
N THR A 127 0.27 -10.30 -13.26
CA THR A 127 0.28 -11.74 -13.34
C THR A 127 1.27 -12.28 -12.29
N THR A 128 2.20 -11.46 -11.94
CA THR A 128 3.19 -11.79 -10.98
C THR A 128 2.65 -11.45 -9.57
N SER A 129 1.58 -10.68 -9.54
CA SER A 129 1.01 -10.23 -8.32
C SER A 129 -0.03 -11.23 -7.77
N GLY A 130 0.45 -12.28 -7.15
CA GLY A 130 -0.46 -13.21 -6.49
C GLY A 130 -0.64 -14.52 -7.22
N LEU A 131 -0.20 -14.60 -8.45
CA LEU A 131 -0.30 -15.86 -9.18
C LEU A 131 0.91 -16.78 -8.82
N PRO A 132 2.19 -16.32 -8.96
CA PRO A 132 3.33 -17.13 -8.54
C PRO A 132 3.34 -17.26 -7.02
N PRO A 133 3.46 -18.52 -6.51
CA PRO A 133 3.37 -18.86 -5.08
C PRO A 133 3.90 -17.82 -4.11
N LEU A 134 2.97 -16.94 -3.69
CA LEU A 134 3.17 -15.89 -2.70
C LEU A 134 4.45 -15.09 -2.90
N ASN A 135 4.81 -14.87 -4.16
CA ASN A 135 6.04 -14.17 -4.56
C ASN A 135 6.20 -12.83 -3.84
N ILE A 136 5.32 -11.88 -4.12
CA ILE A 136 5.38 -10.58 -3.47
C ILE A 136 4.81 -10.67 -2.05
N HIS A 137 3.80 -11.50 -1.95
CA HIS A 137 2.96 -11.72 -0.76
C HIS A 137 3.79 -12.13 0.48
N ALA A 138 4.75 -12.99 0.26
CA ALA A 138 5.51 -13.60 1.36
C ALA A 138 6.67 -12.74 1.70
N GLU A 139 7.19 -12.10 0.68
CA GLU A 139 8.36 -11.29 0.80
C GLU A 139 8.07 -10.14 1.75
N ILE A 140 6.89 -9.59 1.65
CA ILE A 140 6.49 -8.49 2.49
C ILE A 140 6.09 -9.00 3.85
N ALA A 141 5.35 -10.13 3.89
CA ALA A 141 4.83 -10.62 5.15
C ALA A 141 5.91 -11.06 6.14
N MET A 142 7.08 -11.35 5.63
CA MET A 142 8.21 -11.63 6.49
C MET A 142 9.03 -10.37 6.74
N MET A 143 9.09 -9.50 5.74
CA MET A 143 9.90 -8.26 5.79
C MET A 143 9.52 -7.40 6.96
N ALA A 144 8.23 -7.24 7.16
CA ALA A 144 7.73 -6.35 8.21
C ALA A 144 7.70 -7.05 9.54
N ALA A 145 8.00 -8.33 9.53
CA ALA A 145 8.10 -9.06 10.76
C ALA A 145 9.56 -9.06 11.22
N LYS A 146 10.45 -8.78 10.28
CA LYS A 146 11.87 -8.65 10.58
C LYS A 146 12.12 -7.21 10.97
N PHE A 147 11.68 -6.32 10.11
CA PHE A 147 11.82 -4.91 10.35
C PHE A 147 10.68 -4.43 11.22
N GLN A 148 10.86 -4.55 12.48
CA GLN A 148 9.92 -4.12 13.46
C GLN A 148 10.66 -3.47 14.59
N MET A 1 -39.29 9.20 3.63
CA MET A 1 -38.09 9.32 4.45
C MET A 1 -36.90 8.75 3.71
N LYS A 2 -36.06 9.61 3.20
CA LYS A 2 -34.85 9.14 2.56
C LYS A 2 -33.69 9.19 3.54
N ASP A 3 -33.62 10.31 4.27
CA ASP A 3 -32.50 10.63 5.16
C ASP A 3 -31.27 10.94 4.32
N GLY A 4 -30.97 12.22 4.24
CA GLY A 4 -29.94 12.72 3.37
C GLY A 4 -28.54 12.40 3.81
N PHE A 5 -28.38 12.02 5.04
CA PHE A 5 -27.08 11.67 5.52
C PHE A 5 -26.77 10.25 5.11
N ILE A 6 -25.91 10.11 4.13
CA ILE A 6 -25.56 8.81 3.67
C ILE A 6 -24.29 8.37 4.34
N LEU A 7 -24.24 7.11 4.68
CA LEU A 7 -23.05 6.54 5.24
C LEU A 7 -22.07 6.37 4.11
N LYS A 8 -20.86 6.75 4.33
CA LYS A 8 -19.89 6.74 3.28
C LYS A 8 -19.39 5.35 2.97
N LYS A 9 -19.96 4.74 1.95
CA LYS A 9 -19.40 3.51 1.46
C LYS A 9 -18.17 3.86 0.68
N LYS A 10 -17.10 3.21 0.99
CA LYS A 10 -15.76 3.54 0.51
C LYS A 10 -15.64 3.44 -1.00
N LYS A 11 -15.71 4.58 -1.64
CA LYS A 11 -15.61 4.71 -3.07
C LYS A 11 -14.29 5.39 -3.40
N ILE A 12 -14.03 5.63 -4.67
CA ILE A 12 -12.84 6.35 -5.08
C ILE A 12 -13.02 7.85 -4.77
N PRO A 13 -12.17 8.39 -3.88
CA PRO A 13 -12.20 9.81 -3.51
C PRO A 13 -12.06 10.73 -4.71
N LYS A 14 -13.00 11.63 -4.85
CA LYS A 14 -13.02 12.57 -5.96
C LYS A 14 -12.33 13.85 -5.56
N ASN A 15 -11.98 13.94 -4.29
CA ASN A 15 -11.34 15.12 -3.77
C ASN A 15 -9.85 15.09 -4.08
N ILE A 16 -9.22 16.22 -4.00
CA ILE A 16 -7.86 16.39 -4.41
C ILE A 16 -6.86 16.00 -3.31
N PHE A 17 -5.99 15.07 -3.64
CA PHE A 17 -4.89 14.67 -2.79
C PHE A 17 -3.62 14.85 -3.59
N ARG A 18 -2.68 15.62 -3.09
CA ARG A 18 -1.45 15.77 -3.80
C ARG A 18 -0.56 14.59 -3.47
N ILE A 19 -0.03 13.96 -4.47
CA ILE A 19 0.75 12.77 -4.25
C ILE A 19 2.20 13.06 -3.96
N GLY A 20 2.42 13.54 -2.77
CA GLY A 20 3.75 13.84 -2.29
C GLY A 20 4.29 15.09 -2.88
N ASN A 21 4.78 14.97 -4.10
CA ASN A 21 5.38 16.09 -4.87
C ASN A 21 6.55 16.74 -4.08
N LYS A 22 7.36 15.92 -3.47
CA LYS A 22 8.52 16.39 -2.73
C LYS A 22 9.74 15.60 -3.21
N GLU A 23 10.94 16.12 -3.05
CA GLU A 23 12.11 15.40 -3.51
C GLU A 23 12.47 14.26 -2.59
N MET A 24 12.60 13.11 -3.16
CA MET A 24 12.92 11.88 -2.47
C MET A 24 14.32 11.42 -2.85
N SER A 25 14.85 10.45 -2.10
CA SER A 25 16.12 9.81 -2.40
C SER A 25 16.11 9.33 -3.86
N TYR A 26 17.00 9.91 -4.67
CA TYR A 26 17.01 9.72 -6.12
C TYR A 26 17.43 8.32 -6.52
N SER A 27 16.45 7.44 -6.56
CA SER A 27 16.60 6.04 -6.95
C SER A 27 17.63 5.26 -6.10
N ASP A 28 17.94 5.76 -4.92
CA ASP A 28 18.95 5.09 -4.10
C ASP A 28 18.37 4.08 -3.12
N ASP A 29 18.42 4.37 -1.83
CA ASP A 29 18.09 3.38 -0.79
C ASP A 29 16.63 3.00 -0.82
N LEU A 30 15.79 4.02 -0.85
CA LEU A 30 14.35 3.81 -0.86
C LEU A 30 13.92 3.08 -2.14
N ASN A 31 14.61 3.37 -3.24
CA ASN A 31 14.28 2.75 -4.52
C ASN A 31 14.83 1.33 -4.61
N SER A 32 15.91 1.07 -3.90
CA SER A 32 16.49 -0.25 -3.81
C SER A 32 15.45 -1.28 -3.32
N LEU A 33 14.60 -0.86 -2.38
CA LEU A 33 13.56 -1.73 -1.84
C LEU A 33 12.42 -1.94 -2.82
N ILE A 34 12.34 -1.11 -3.83
CA ILE A 34 11.28 -1.25 -4.79
C ILE A 34 11.69 -2.29 -5.83
N GLN A 35 12.99 -2.40 -6.07
CA GLN A 35 13.50 -3.32 -7.06
C GLN A 35 13.65 -4.70 -6.47
N SER A 36 13.26 -4.80 -5.24
CA SER A 36 13.28 -6.01 -4.53
C SER A 36 12.06 -6.75 -4.98
N GLN A 37 12.31 -7.50 -5.99
CA GLN A 37 11.38 -8.35 -6.70
C GLN A 37 10.52 -7.53 -7.68
N TYR A 38 11.00 -6.30 -7.96
CA TYR A 38 10.46 -5.47 -9.04
C TYR A 38 9.05 -5.00 -8.80
N VAL A 39 8.92 -4.36 -7.70
CA VAL A 39 7.69 -3.76 -7.23
C VAL A 39 7.59 -2.33 -7.87
N SER A 40 6.41 -1.73 -7.91
CA SER A 40 6.28 -0.40 -8.47
C SER A 40 6.47 0.65 -7.39
N TYR A 41 5.82 0.46 -6.26
CA TYR A 41 5.91 1.42 -5.17
C TYR A 41 6.02 0.66 -3.90
N VAL A 42 6.77 1.18 -2.98
CA VAL A 42 6.84 0.63 -1.68
C VAL A 42 6.68 1.78 -0.72
N VAL A 43 6.07 1.51 0.36
CA VAL A 43 5.88 2.50 1.37
C VAL A 43 6.50 2.01 2.62
N ILE A 44 7.51 2.69 3.03
CA ILE A 44 8.24 2.31 4.18
C ILE A 44 7.79 3.18 5.34
N LEU A 45 7.72 2.61 6.49
CA LEU A 45 7.43 3.34 7.69
C LEU A 45 8.62 3.38 8.59
N ASP A 46 8.42 3.92 9.73
CA ASP A 46 9.42 3.98 10.76
C ASP A 46 8.81 3.33 11.96
N PRO A 47 9.61 2.69 12.86
CA PRO A 47 9.12 2.08 14.12
C PRO A 47 8.15 2.95 14.94
N ASN A 48 8.14 4.27 14.72
CA ASN A 48 7.19 5.14 15.41
C ASN A 48 5.77 5.03 14.82
N GLY A 49 5.67 4.37 13.67
CA GLY A 49 4.39 4.05 13.10
C GLY A 49 3.91 5.06 12.12
N ALA A 50 4.83 5.76 11.54
CA ALA A 50 4.54 6.72 10.51
C ALA A 50 5.45 6.48 9.36
N ILE A 51 5.03 6.89 8.20
CA ILE A 51 5.76 6.65 6.99
C ILE A 51 7.15 7.26 7.05
N TYR A 52 8.08 6.58 6.45
CA TYR A 52 9.46 7.02 6.46
C TYR A 52 9.56 7.93 5.29
N TRP A 53 8.96 7.46 4.22
CA TRP A 53 8.76 8.18 3.03
C TRP A 53 7.91 7.28 2.16
N THR A 54 7.17 7.87 1.29
CA THR A 54 6.40 7.15 0.33
C THR A 54 7.12 7.37 -0.98
N ASN A 55 7.82 6.37 -1.42
CA ASN A 55 8.91 6.62 -2.31
C ASN A 55 8.63 6.31 -3.70
N ASN A 56 7.87 7.19 -4.25
CA ASN A 56 7.53 7.15 -5.64
C ASN A 56 6.89 8.46 -6.07
N GLU A 57 6.35 9.21 -5.09
CA GLU A 57 5.67 10.50 -5.32
C GLU A 57 4.49 10.35 -6.28
N ASN A 58 3.95 9.16 -6.36
CA ASN A 58 2.80 8.89 -7.23
C ASN A 58 1.68 8.24 -6.43
N TRP A 59 2.05 7.66 -5.34
CA TRP A 59 1.20 6.93 -4.47
C TRP A 59 1.46 7.50 -3.11
N GLN A 60 0.52 8.19 -2.58
CA GLN A 60 0.73 8.86 -1.31
C GLN A 60 -0.09 8.16 -0.27
N VAL A 61 0.58 7.52 0.62
CA VAL A 61 -0.04 6.76 1.63
C VAL A 61 -0.03 7.48 2.95
N ASN A 62 -1.20 7.72 3.44
CA ASN A 62 -1.40 8.27 4.73
C ASN A 62 -1.38 7.13 5.74
N GLY A 63 -0.16 6.84 6.22
CA GLY A 63 0.10 5.75 7.17
C GLY A 63 -0.88 5.68 8.34
N SER A 64 -1.28 6.83 8.82
CA SER A 64 -2.19 6.93 9.94
C SER A 64 -3.57 6.32 9.62
N GLU A 65 -3.98 6.39 8.37
CA GLU A 65 -5.27 5.86 8.00
C GLU A 65 -5.13 4.54 7.28
N VAL A 66 -4.01 4.32 6.60
CA VAL A 66 -3.82 3.07 5.87
C VAL A 66 -3.90 1.86 6.82
N LEU A 67 -3.43 2.07 8.05
CA LEU A 67 -3.42 1.05 9.06
C LEU A 67 -4.82 0.98 9.65
N ARG A 68 -5.38 2.14 9.94
CA ARG A 68 -6.69 2.28 10.54
C ARG A 68 -7.79 1.72 9.64
N GLN A 69 -7.63 1.90 8.35
CA GLN A 69 -8.62 1.43 7.40
C GLN A 69 -8.52 -0.08 7.18
N TRP A 70 -7.33 -0.61 7.36
CA TRP A 70 -7.10 -2.05 7.26
C TRP A 70 -7.71 -2.69 8.49
N MET A 71 -7.47 -2.07 9.61
CA MET A 71 -7.97 -2.55 10.88
C MET A 71 -9.38 -2.02 11.13
N GLY A 72 -10.15 -1.97 10.07
CA GLY A 72 -11.52 -1.55 10.14
C GLY A 72 -12.42 -2.62 9.57
N SER A 73 -11.83 -3.80 9.30
CA SER A 73 -12.52 -4.95 8.69
C SER A 73 -13.10 -4.59 7.31
N ALA A 74 -12.48 -3.65 6.66
CA ALA A 74 -12.94 -3.19 5.37
C ALA A 74 -12.08 -3.76 4.26
N PRO A 75 -12.69 -4.24 3.16
CA PRO A 75 -11.97 -4.78 2.01
C PRO A 75 -11.65 -3.68 0.99
N SER A 76 -11.65 -2.46 1.44
CA SER A 76 -11.39 -1.34 0.60
C SER A 76 -10.69 -0.24 1.37
N ILE A 77 -9.49 0.00 0.99
CA ILE A 77 -8.65 1.05 1.53
C ILE A 77 -8.52 2.13 0.48
N THR A 78 -8.50 3.39 0.88
CA THR A 78 -8.37 4.46 -0.06
C THR A 78 -7.16 5.32 0.26
N VAL A 79 -6.13 5.16 -0.49
CA VAL A 79 -4.92 5.94 -0.35
C VAL A 79 -4.57 6.53 -1.69
N ALA A 80 -4.12 7.79 -1.68
CA ALA A 80 -3.80 8.56 -2.89
C ALA A 80 -5.08 8.90 -3.66
N GLY A 81 -6.19 8.87 -2.94
CA GLY A 81 -7.49 9.14 -3.53
C GLY A 81 -7.95 8.04 -4.44
N THR A 82 -7.44 6.86 -4.24
CA THR A 82 -7.84 5.74 -5.02
C THR A 82 -8.32 4.61 -4.10
N LYS A 83 -9.30 3.81 -4.53
CA LYS A 83 -9.71 2.71 -3.69
C LYS A 83 -9.11 1.39 -4.18
N PHE A 84 -8.80 0.55 -3.25
CA PHE A 84 -8.21 -0.72 -3.51
C PHE A 84 -9.12 -1.80 -3.00
N SER A 85 -9.48 -2.68 -3.87
CA SER A 85 -10.37 -3.77 -3.60
C SER A 85 -9.56 -4.94 -3.08
N SER A 86 -9.65 -5.19 -1.83
CA SER A 86 -8.86 -6.22 -1.21
C SER A 86 -9.53 -7.58 -1.30
N PHE A 87 -8.73 -8.63 -1.43
CA PHE A 87 -9.23 -9.96 -1.53
C PHE A 87 -8.98 -10.70 -0.24
N ARG A 88 -7.75 -11.09 -0.02
CA ARG A 88 -7.43 -11.74 1.20
C ARG A 88 -7.12 -10.70 2.20
N ASN A 89 -7.98 -10.54 3.16
CA ASN A 89 -7.70 -9.62 4.20
C ASN A 89 -7.10 -10.40 5.35
N GLU A 90 -5.83 -10.47 5.31
CA GLU A 90 -5.06 -11.16 6.33
C GLU A 90 -4.73 -10.16 7.42
N PRO A 91 -5.36 -10.26 8.58
CA PRO A 91 -5.15 -9.29 9.66
C PRO A 91 -3.76 -9.40 10.24
N GLY A 92 -3.04 -8.30 10.22
CA GLY A 92 -1.71 -8.24 10.81
C GLY A 92 -0.63 -8.96 10.01
N VAL A 93 -1.00 -9.66 8.95
CA VAL A 93 -0.03 -10.39 8.17
C VAL A 93 0.30 -9.60 6.92
N SER A 94 -0.46 -9.76 5.90
CA SER A 94 -0.24 -9.10 4.66
C SER A 94 -1.48 -9.31 3.89
N PHE A 95 -2.19 -8.30 3.71
CA PHE A 95 -3.43 -8.44 2.98
C PHE A 95 -3.19 -8.11 1.54
N VAL A 96 -3.91 -8.76 0.69
CA VAL A 96 -3.69 -8.63 -0.71
C VAL A 96 -4.93 -8.06 -1.34
N GLY A 97 -4.76 -7.05 -2.11
CA GLY A 97 -5.82 -6.43 -2.78
C GLY A 97 -5.43 -6.02 -4.16
N ARG A 98 -6.38 -5.56 -4.89
CA ARG A 98 -6.15 -5.10 -6.24
C ARG A 98 -6.63 -3.70 -6.35
N ASN A 99 -5.93 -2.89 -7.05
CA ASN A 99 -6.31 -1.59 -7.26
C ASN A 99 -7.39 -1.53 -8.31
N MET A 100 -8.61 -1.80 -7.85
CA MET A 100 -9.90 -1.63 -8.57
C MET A 100 -9.85 -1.89 -10.09
N ALA A 101 -9.37 -0.93 -10.85
CA ALA A 101 -9.38 -1.01 -12.29
C ALA A 101 -8.05 -0.55 -12.87
N GLY A 102 -7.03 -0.55 -12.05
CA GLY A 102 -5.72 -0.13 -12.47
C GLY A 102 -4.88 -1.31 -12.89
N GLY A 103 -5.33 -2.50 -12.52
CA GLY A 103 -4.65 -3.71 -12.89
C GLY A 103 -3.54 -4.10 -11.93
N GLY A 104 -3.29 -3.25 -10.97
CA GLY A 104 -2.20 -3.49 -10.06
C GLY A 104 -2.68 -4.07 -8.75
N LEU A 105 -1.78 -4.61 -7.98
CA LEU A 105 -2.12 -5.24 -6.72
C LEU A 105 -1.46 -4.49 -5.59
N ILE A 106 -2.05 -4.56 -4.41
CA ILE A 106 -1.52 -3.88 -3.26
C ILE A 106 -1.44 -4.87 -2.10
N ILE A 107 -0.29 -4.94 -1.46
CA ILE A 107 -0.10 -5.81 -0.30
C ILE A 107 0.52 -5.03 0.85
N LEU A 108 -0.11 -5.10 2.00
CA LEU A 108 0.36 -4.37 3.18
C LEU A 108 0.54 -5.26 4.42
N GLN A 109 1.67 -5.07 5.08
CA GLN A 109 2.06 -5.78 6.31
C GLN A 109 1.98 -4.82 7.50
N LYS A 110 1.61 -5.30 8.66
CA LYS A 110 1.55 -4.50 9.87
C LYS A 110 2.51 -5.08 10.89
N ALA A 111 3.60 -4.39 11.14
CA ALA A 111 4.50 -4.76 12.19
C ALA A 111 3.84 -4.38 13.50
N PRO A 112 4.03 -5.16 14.56
CA PRO A 112 3.35 -4.95 15.85
C PRO A 112 3.93 -3.79 16.68
N ASN A 113 4.76 -2.96 16.08
CA ASN A 113 5.37 -1.87 16.82
C ASN A 113 5.15 -0.50 16.15
N GLY A 114 4.72 -0.47 14.91
CA GLY A 114 4.51 0.79 14.26
C GLY A 114 4.58 0.69 12.75
N TYR A 115 5.70 0.21 12.26
CA TYR A 115 5.99 0.05 10.88
C TYR A 115 4.91 -0.75 10.11
N VAL A 116 4.57 -0.29 8.92
CA VAL A 116 3.70 -1.02 8.03
C VAL A 116 4.33 -0.98 6.65
N PHE A 117 4.13 -1.97 5.83
CA PHE A 117 4.82 -2.00 4.57
C PHE A 117 3.85 -2.15 3.45
N LEU A 118 3.74 -1.15 2.61
CA LEU A 118 2.89 -1.28 1.46
C LEU A 118 3.71 -1.57 0.24
N SER A 119 3.22 -2.43 -0.58
CA SER A 119 3.83 -2.75 -1.81
C SER A 119 2.78 -2.72 -2.89
N TRP A 120 3.14 -2.23 -4.03
CA TRP A 120 2.23 -2.19 -5.14
C TRP A 120 2.88 -2.89 -6.29
N THR A 121 2.15 -3.72 -6.93
CA THR A 121 2.69 -4.51 -7.98
C THR A 121 2.03 -4.09 -9.29
N SER A 122 2.86 -3.81 -10.24
CA SER A 122 2.48 -3.29 -11.55
C SER A 122 1.59 -4.22 -12.34
N HIS A 123 0.84 -3.62 -13.26
CA HIS A 123 0.04 -4.36 -14.21
C HIS A 123 0.92 -4.83 -15.36
N GLU A 124 2.11 -4.27 -15.43
CA GLU A 124 3.07 -4.65 -16.45
C GLU A 124 3.74 -5.93 -15.96
N PHE A 125 4.06 -5.93 -14.69
CA PHE A 125 4.72 -7.05 -14.02
C PHE A 125 3.65 -8.05 -13.52
N LEU A 126 2.50 -8.01 -14.19
CA LEU A 126 1.28 -8.76 -13.83
C LEU A 126 1.48 -10.28 -13.84
N THR A 127 2.58 -10.71 -14.44
CA THR A 127 2.93 -12.10 -14.52
C THR A 127 3.16 -12.64 -13.12
N THR A 128 3.79 -11.84 -12.33
CA THR A 128 4.08 -12.18 -11.00
C THR A 128 2.96 -11.69 -10.05
N SER A 129 2.10 -10.83 -10.55
CA SER A 129 1.02 -10.26 -9.78
C SER A 129 -0.18 -11.24 -9.64
N GLY A 130 0.00 -12.25 -8.83
CA GLY A 130 -1.10 -13.12 -8.51
C GLY A 130 -1.11 -14.44 -9.27
N LEU A 131 -0.31 -14.56 -10.30
CA LEU A 131 -0.21 -15.84 -11.01
C LEU A 131 0.54 -16.86 -10.14
N PRO A 132 1.79 -16.57 -9.67
CA PRO A 132 2.40 -17.39 -8.66
C PRO A 132 1.74 -17.09 -7.31
N PRO A 133 1.06 -18.12 -6.71
CA PRO A 133 0.15 -18.02 -5.55
C PRO A 133 0.16 -16.71 -4.75
N LEU A 134 1.22 -16.48 -3.99
CA LEU A 134 1.33 -15.28 -3.18
C LEU A 134 2.79 -14.89 -3.10
N ASN A 135 3.46 -14.97 -4.24
CA ASN A 135 4.90 -14.70 -4.38
C ASN A 135 5.28 -13.33 -3.80
N ILE A 136 4.60 -12.30 -4.25
CA ILE A 136 4.84 -10.93 -3.78
C ILE A 136 4.54 -10.76 -2.27
N HIS A 137 3.51 -11.45 -1.79
CA HIS A 137 3.06 -11.42 -0.37
C HIS A 137 4.16 -11.92 0.55
N ALA A 138 4.89 -12.88 0.05
CA ALA A 138 5.88 -13.61 0.80
C ALA A 138 6.96 -12.71 1.35
N GLU A 139 7.40 -11.77 0.55
CA GLU A 139 8.50 -10.89 0.94
C GLU A 139 8.02 -9.83 1.93
N ILE A 140 6.73 -9.63 1.92
CA ILE A 140 6.12 -8.52 2.64
C ILE A 140 6.03 -8.81 4.11
N ALA A 141 5.47 -9.95 4.45
CA ALA A 141 5.31 -10.34 5.83
C ALA A 141 6.64 -10.68 6.49
N MET A 142 7.71 -10.71 5.71
CA MET A 142 9.02 -10.99 6.24
C MET A 142 9.69 -9.69 6.62
N MET A 143 9.69 -8.74 5.69
CA MET A 143 10.41 -7.47 5.86
C MET A 143 9.90 -6.64 7.00
N ALA A 144 8.60 -6.43 7.03
CA ALA A 144 8.01 -5.58 8.04
C ALA A 144 7.97 -6.27 9.40
N ALA A 145 8.26 -7.54 9.43
CA ALA A 145 8.30 -8.23 10.70
C ALA A 145 9.67 -8.03 11.34
N LYS A 146 10.63 -7.61 10.52
CA LYS A 146 11.98 -7.36 10.96
C LYS A 146 12.08 -5.92 11.40
N PHE A 147 11.62 -5.05 10.54
CA PHE A 147 11.58 -3.65 10.84
C PHE A 147 10.24 -3.35 11.42
N GLN A 148 10.19 -3.26 12.71
CA GLN A 148 8.97 -3.05 13.40
C GLN A 148 9.07 -1.86 14.33
N MET A 1 -27.02 20.99 11.15
CA MET A 1 -27.96 21.44 12.19
C MET A 1 -27.52 20.77 13.46
N LYS A 2 -28.39 20.69 14.47
CA LYS A 2 -28.04 19.96 15.67
C LYS A 2 -28.23 18.48 15.38
N ASP A 3 -27.26 17.93 14.73
CA ASP A 3 -27.29 16.56 14.27
C ASP A 3 -25.91 15.96 14.35
N GLY A 4 -25.81 14.72 14.01
CA GLY A 4 -24.54 14.03 14.03
C GLY A 4 -24.56 12.86 13.09
N PHE A 5 -24.78 13.14 11.84
CA PHE A 5 -24.82 12.11 10.82
C PHE A 5 -23.43 11.69 10.46
N ILE A 6 -23.19 10.41 10.52
CA ILE A 6 -21.91 9.90 10.11
C ILE A 6 -21.95 9.64 8.61
N LEU A 7 -21.38 10.54 7.89
CA LEU A 7 -21.40 10.51 6.45
C LEU A 7 -20.41 9.48 5.93
N LYS A 8 -20.86 8.67 5.02
CA LYS A 8 -19.98 7.75 4.35
C LYS A 8 -19.41 8.44 3.15
N LYS A 9 -18.22 8.94 3.30
CA LYS A 9 -17.59 9.69 2.26
C LYS A 9 -16.88 8.78 1.30
N LYS A 10 -17.10 8.98 0.04
CA LYS A 10 -16.42 8.24 -0.98
C LYS A 10 -15.38 9.10 -1.63
N LYS A 11 -14.16 8.93 -1.21
CA LYS A 11 -13.02 9.71 -1.68
C LYS A 11 -12.44 9.04 -2.92
N ILE A 12 -13.23 8.16 -3.49
CA ILE A 12 -12.78 7.27 -4.52
C ILE A 12 -13.21 7.74 -5.90
N PRO A 13 -12.28 8.15 -6.75
CA PRO A 13 -12.56 8.46 -8.14
C PRO A 13 -12.31 7.24 -9.04
N LYS A 14 -12.63 7.34 -10.32
CA LYS A 14 -12.33 6.27 -11.25
C LYS A 14 -11.10 6.62 -12.07
N ASN A 15 -11.00 7.89 -12.44
CA ASN A 15 -9.79 8.42 -13.04
C ASN A 15 -8.97 8.91 -11.89
N ILE A 16 -8.16 8.05 -11.37
CA ILE A 16 -7.50 8.30 -10.13
C ILE A 16 -6.20 9.06 -10.23
N PHE A 17 -6.27 10.31 -9.84
CA PHE A 17 -5.10 11.10 -9.68
C PHE A 17 -4.61 10.81 -8.29
N ARG A 18 -3.36 10.90 -8.06
CA ARG A 18 -2.82 10.58 -6.79
C ARG A 18 -2.18 11.82 -6.30
N ILE A 19 -2.24 12.08 -5.03
CA ILE A 19 -1.93 13.40 -4.62
C ILE A 19 -0.62 13.63 -3.88
N GLY A 20 0.32 14.14 -4.60
CA GLY A 20 1.53 14.69 -4.00
C GLY A 20 2.52 13.69 -3.38
N ASN A 21 3.54 14.26 -2.79
CA ASN A 21 4.71 13.52 -2.23
C ASN A 21 5.54 12.88 -3.36
N LYS A 22 5.99 13.71 -4.25
CA LYS A 22 6.81 13.28 -5.36
C LYS A 22 8.28 13.59 -5.10
N GLU A 23 9.11 12.55 -5.06
CA GLU A 23 10.54 12.69 -4.83
C GLU A 23 11.23 11.36 -5.09
N MET A 24 12.35 11.42 -5.77
CA MET A 24 13.15 10.26 -6.14
C MET A 24 13.92 9.73 -4.92
N SER A 25 14.24 8.46 -4.94
CA SER A 25 15.01 7.85 -3.87
C SER A 25 16.51 8.15 -4.08
N TYR A 26 16.91 9.37 -3.76
CA TYR A 26 18.31 9.78 -3.93
C TYR A 26 19.20 9.22 -2.85
N SER A 27 18.60 8.85 -1.74
CA SER A 27 19.32 8.25 -0.65
C SER A 27 19.61 6.77 -0.99
N ASP A 28 18.85 6.22 -1.96
CA ASP A 28 19.01 4.81 -2.45
C ASP A 28 18.58 3.75 -1.44
N ASP A 29 18.29 4.17 -0.23
CA ASP A 29 17.92 3.25 0.83
C ASP A 29 16.58 2.60 0.54
N LEU A 30 15.65 3.42 0.09
CA LEU A 30 14.32 2.97 -0.30
C LEU A 30 14.39 2.20 -1.64
N ASN A 31 15.40 2.53 -2.44
CA ASN A 31 15.64 1.87 -3.74
C ASN A 31 15.97 0.39 -3.54
N SER A 32 16.68 0.10 -2.47
CA SER A 32 17.08 -1.25 -2.13
C SER A 32 15.85 -2.17 -1.93
N LEU A 33 14.75 -1.57 -1.50
CA LEU A 33 13.54 -2.31 -1.21
C LEU A 33 12.71 -2.59 -2.47
N ILE A 34 12.89 -1.79 -3.52
CA ILE A 34 12.11 -2.03 -4.74
C ILE A 34 12.72 -3.14 -5.60
N GLN A 35 13.95 -3.47 -5.31
CA GLN A 35 14.63 -4.54 -5.99
C GLN A 35 14.20 -5.89 -5.43
N SER A 36 13.26 -5.88 -4.50
CA SER A 36 12.74 -7.05 -3.88
C SER A 36 11.77 -7.70 -4.84
N GLN A 37 12.37 -8.40 -5.76
CA GLN A 37 11.69 -9.17 -6.80
C GLN A 37 11.17 -8.30 -7.93
N TYR A 38 11.72 -7.09 -7.98
CA TYR A 38 11.47 -6.14 -9.07
C TYR A 38 10.10 -5.55 -8.96
N VAL A 39 9.86 -4.99 -7.83
CA VAL A 39 8.62 -4.33 -7.53
C VAL A 39 8.82 -2.84 -7.85
N SER A 40 7.82 -2.17 -8.33
CA SER A 40 8.00 -0.82 -8.78
C SER A 40 8.15 0.19 -7.63
N TYR A 41 7.23 0.16 -6.68
CA TYR A 41 7.28 1.08 -5.56
C TYR A 41 6.80 0.46 -4.29
N VAL A 42 7.49 0.79 -3.24
CA VAL A 42 7.23 0.31 -1.91
C VAL A 42 7.29 1.48 -0.95
N VAL A 43 6.50 1.41 0.07
CA VAL A 43 6.51 2.43 1.08
C VAL A 43 6.90 1.79 2.39
N ILE A 44 7.96 2.29 2.98
CA ILE A 44 8.42 1.79 4.25
C ILE A 44 7.86 2.68 5.33
N LEU A 45 7.56 2.09 6.45
CA LEU A 45 7.08 2.81 7.59
C LEU A 45 8.15 2.89 8.66
N ASP A 46 7.87 3.68 9.62
CA ASP A 46 8.72 3.92 10.76
C ASP A 46 7.94 3.47 11.99
N PRO A 47 8.60 3.07 13.11
CA PRO A 47 7.91 2.67 14.37
C PRO A 47 6.88 3.70 14.90
N ASN A 48 6.89 4.90 14.36
CA ASN A 48 5.91 5.91 14.73
C ASN A 48 4.58 5.66 13.98
N GLY A 49 4.61 4.85 12.94
CA GLY A 49 3.42 4.61 12.15
C GLY A 49 3.34 5.68 11.11
N ALA A 50 4.51 6.18 10.80
CA ALA A 50 4.69 7.24 9.87
C ALA A 50 5.53 6.72 8.76
N ILE A 51 5.25 7.18 7.60
CA ILE A 51 5.94 6.75 6.43
C ILE A 51 7.34 7.30 6.33
N TYR A 52 8.19 6.49 5.80
CA TYR A 52 9.55 6.86 5.55
C TYR A 52 9.50 7.74 4.32
N TRP A 53 9.04 7.16 3.23
CA TRP A 53 8.85 7.84 2.00
C TRP A 53 8.25 6.84 1.01
N THR A 54 7.54 7.36 0.06
CA THR A 54 6.93 6.60 -0.99
C THR A 54 7.39 7.14 -2.33
N ASN A 55 7.80 6.26 -3.21
CA ASN A 55 8.48 6.65 -4.42
C ASN A 55 7.66 6.38 -5.67
N ASN A 56 6.54 7.04 -5.79
CA ASN A 56 5.72 6.82 -6.99
C ASN A 56 5.25 8.13 -7.60
N GLU A 57 5.94 9.20 -7.26
CA GLU A 57 5.67 10.51 -7.84
C GLU A 57 4.21 10.90 -7.73
N ASN A 58 3.76 11.10 -6.48
CA ASN A 58 2.38 11.58 -6.12
C ASN A 58 1.51 10.54 -5.43
N TRP A 59 2.03 9.39 -5.15
CA TRP A 59 1.27 8.41 -4.47
C TRP A 59 1.74 8.47 -3.06
N GLN A 60 0.91 8.92 -2.20
CA GLN A 60 1.28 9.03 -0.86
C GLN A 60 0.31 8.37 -0.01
N VAL A 61 0.77 7.46 0.69
CA VAL A 61 -0.02 6.78 1.59
C VAL A 61 0.28 7.30 2.95
N ASN A 62 -0.71 7.81 3.58
CA ASN A 62 -0.56 8.28 4.92
C ASN A 62 -0.59 7.09 5.84
N GLY A 63 0.62 6.64 6.15
CA GLY A 63 0.91 5.47 6.97
C GLY A 63 -0.04 5.22 8.12
N SER A 64 -0.35 6.26 8.86
CA SER A 64 -1.24 6.11 9.98
C SER A 64 -2.67 5.68 9.56
N GLU A 65 -3.10 6.10 8.37
CA GLU A 65 -4.40 5.72 7.89
C GLU A 65 -4.29 4.37 7.20
N VAL A 66 -3.12 4.08 6.66
CA VAL A 66 -2.84 2.77 6.08
C VAL A 66 -2.99 1.68 7.18
N LEU A 67 -2.62 2.06 8.40
CA LEU A 67 -2.75 1.20 9.57
C LEU A 67 -4.22 1.07 9.93
N ARG A 68 -4.85 2.21 9.97
CA ARG A 68 -6.18 2.40 10.49
C ARG A 68 -7.30 1.97 9.56
N GLN A 69 -7.15 2.21 8.28
CA GLN A 69 -8.23 1.99 7.33
C GLN A 69 -8.51 0.50 7.19
N TRP A 70 -7.49 -0.29 7.45
CA TRP A 70 -7.62 -1.72 7.37
C TRP A 70 -8.34 -2.23 8.60
N MET A 71 -8.15 -1.52 9.69
CA MET A 71 -8.74 -1.90 10.97
C MET A 71 -10.14 -1.35 11.10
N GLY A 72 -10.86 -1.34 10.01
CA GLY A 72 -12.22 -0.84 10.03
C GLY A 72 -13.18 -1.88 9.55
N SER A 73 -12.67 -3.10 9.32
CA SER A 73 -13.44 -4.24 8.80
C SER A 73 -13.91 -3.92 7.36
N ALA A 74 -13.11 -3.13 6.68
CA ALA A 74 -13.40 -2.74 5.32
C ALA A 74 -12.54 -3.57 4.39
N PRO A 75 -13.14 -4.19 3.37
CA PRO A 75 -12.40 -5.03 2.41
C PRO A 75 -11.76 -4.19 1.29
N SER A 76 -11.70 -2.90 1.50
CA SER A 76 -11.14 -2.00 0.56
C SER A 76 -10.58 -0.81 1.29
N ILE A 77 -9.45 -0.36 0.83
CA ILE A 77 -8.78 0.77 1.39
C ILE A 77 -8.70 1.84 0.33
N THR A 78 -8.98 3.05 0.69
CA THR A 78 -8.93 4.14 -0.25
C THR A 78 -7.92 5.18 0.22
N VAL A 79 -6.75 5.10 -0.36
CA VAL A 79 -5.63 5.98 -0.05
C VAL A 79 -5.09 6.47 -1.36
N ALA A 80 -4.73 7.75 -1.42
CA ALA A 80 -4.31 8.44 -2.65
C ALA A 80 -5.52 8.55 -3.56
N GLY A 81 -6.70 8.39 -2.94
CA GLY A 81 -7.97 8.50 -3.60
C GLY A 81 -8.50 7.18 -4.10
N THR A 82 -7.63 6.32 -4.51
CA THR A 82 -8.04 5.14 -5.21
C THR A 82 -8.34 3.95 -4.27
N LYS A 83 -9.30 3.12 -4.68
CA LYS A 83 -9.72 1.97 -3.90
C LYS A 83 -8.84 0.76 -4.15
N PHE A 84 -8.44 0.14 -3.09
CA PHE A 84 -7.73 -1.08 -3.16
C PHE A 84 -8.63 -2.19 -2.67
N SER A 85 -9.30 -2.81 -3.60
CA SER A 85 -10.16 -3.92 -3.35
C SER A 85 -9.30 -5.10 -2.91
N SER A 86 -9.36 -5.43 -1.65
CA SER A 86 -8.48 -6.41 -1.09
C SER A 86 -9.06 -7.81 -1.19
N PHE A 87 -8.18 -8.79 -1.32
CA PHE A 87 -8.58 -10.17 -1.53
C PHE A 87 -8.32 -10.99 -0.31
N ARG A 88 -7.07 -11.18 0.00
CA ARG A 88 -6.70 -11.96 1.10
C ARG A 88 -6.37 -11.11 2.26
N ASN A 89 -7.22 -11.18 3.23
CA ASN A 89 -6.97 -10.54 4.46
C ASN A 89 -6.43 -11.57 5.38
N GLU A 90 -5.16 -11.58 5.47
CA GLU A 90 -4.51 -12.40 6.41
C GLU A 90 -4.29 -11.49 7.60
N PRO A 91 -5.07 -11.66 8.69
CA PRO A 91 -5.08 -10.71 9.80
C PRO A 91 -3.74 -10.60 10.46
N GLY A 92 -3.23 -9.39 10.48
CA GLY A 92 -1.96 -9.07 11.05
C GLY A 92 -0.77 -9.76 10.35
N VAL A 93 -1.04 -10.40 9.23
CA VAL A 93 0.00 -11.11 8.52
C VAL A 93 0.43 -10.30 7.33
N SER A 94 -0.50 -10.02 6.47
CA SER A 94 -0.25 -9.32 5.24
C SER A 94 -1.49 -9.37 4.46
N PHE A 95 -1.92 -8.27 3.99
CA PHE A 95 -3.09 -8.29 3.17
C PHE A 95 -2.75 -7.84 1.79
N VAL A 96 -3.44 -8.38 0.86
CA VAL A 96 -3.22 -8.12 -0.52
C VAL A 96 -4.50 -7.68 -1.18
N GLY A 97 -4.41 -6.63 -1.90
CA GLY A 97 -5.51 -6.11 -2.59
C GLY A 97 -5.09 -5.60 -3.91
N ARG A 98 -6.04 -5.33 -4.73
CA ARG A 98 -5.79 -4.84 -6.06
C ARG A 98 -6.35 -3.48 -6.17
N ASN A 99 -5.68 -2.64 -6.90
CA ASN A 99 -6.13 -1.35 -7.15
C ASN A 99 -7.28 -1.38 -8.16
N MET A 100 -8.44 -1.76 -7.65
CA MET A 100 -9.71 -1.79 -8.38
C MET A 100 -9.72 -2.86 -9.49
N ALA A 101 -9.18 -2.57 -10.65
CA ALA A 101 -9.19 -3.54 -11.73
C ALA A 101 -7.92 -3.49 -12.56
N GLY A 102 -7.80 -2.47 -13.39
CA GLY A 102 -6.70 -2.39 -14.32
C GLY A 102 -5.56 -1.56 -13.80
N GLY A 103 -5.10 -1.91 -12.63
CA GLY A 103 -4.01 -1.20 -12.04
C GLY A 103 -2.94 -2.16 -11.61
N GLY A 104 -2.78 -2.28 -10.32
CA GLY A 104 -1.79 -3.15 -9.77
C GLY A 104 -2.26 -3.65 -8.46
N LEU A 105 -1.39 -4.16 -7.67
CA LEU A 105 -1.76 -4.74 -6.40
C LEU A 105 -0.99 -4.10 -5.29
N ILE A 106 -1.65 -3.96 -4.17
CA ILE A 106 -1.07 -3.33 -3.02
C ILE A 106 -1.05 -4.37 -1.91
N ILE A 107 0.12 -4.63 -1.37
CA ILE A 107 0.30 -5.65 -0.36
C ILE A 107 0.95 -5.01 0.86
N LEU A 108 0.35 -5.20 2.01
CA LEU A 108 0.86 -4.60 3.24
C LEU A 108 1.05 -5.65 4.30
N GLN A 109 2.13 -5.57 5.01
CA GLN A 109 2.32 -6.38 6.21
C GLN A 109 1.92 -5.46 7.33
N LYS A 110 1.25 -5.96 8.31
CA LYS A 110 0.82 -5.15 9.40
C LYS A 110 1.50 -5.49 10.71
N ALA A 111 2.57 -4.81 11.03
CA ALA A 111 3.13 -4.94 12.35
C ALA A 111 2.45 -3.91 13.24
N PRO A 112 2.21 -4.24 14.52
CA PRO A 112 1.50 -3.34 15.45
C PRO A 112 2.36 -2.17 15.95
N ASN A 113 3.54 -2.03 15.40
CA ASN A 113 4.45 -0.98 15.83
C ASN A 113 4.50 0.13 14.79
N GLY A 114 3.45 0.25 14.00
CA GLY A 114 3.39 1.29 12.99
C GLY A 114 4.06 0.88 11.71
N TYR A 115 5.17 0.18 11.85
CA TYR A 115 5.93 -0.38 10.75
C TYR A 115 5.06 -1.32 9.92
N VAL A 116 4.59 -0.84 8.83
CA VAL A 116 3.86 -1.62 7.91
C VAL A 116 4.53 -1.51 6.57
N PHE A 117 4.42 -2.50 5.73
CA PHE A 117 5.21 -2.48 4.52
C PHE A 117 4.31 -2.58 3.37
N LEU A 118 4.19 -1.51 2.65
CA LEU A 118 3.31 -1.45 1.54
C LEU A 118 4.08 -1.60 0.28
N SER A 119 3.72 -2.55 -0.49
CA SER A 119 4.33 -2.77 -1.74
C SER A 119 3.29 -2.61 -2.81
N TRP A 120 3.67 -2.10 -3.93
CA TRP A 120 2.78 -1.96 -5.01
C TRP A 120 3.40 -2.67 -6.15
N THR A 121 2.74 -3.66 -6.61
CA THR A 121 3.32 -4.48 -7.60
C THR A 121 2.99 -3.91 -8.95
N SER A 122 4.04 -3.69 -9.74
CA SER A 122 3.99 -3.03 -11.04
C SER A 122 2.79 -3.41 -11.89
N HIS A 123 2.21 -2.39 -12.53
CA HIS A 123 1.04 -2.60 -13.36
C HIS A 123 1.44 -3.33 -14.64
N GLU A 124 2.72 -3.27 -14.95
CA GLU A 124 3.25 -3.95 -16.10
C GLU A 124 3.48 -5.40 -15.72
N PHE A 125 4.00 -5.60 -14.53
CA PHE A 125 4.21 -6.92 -13.98
C PHE A 125 2.96 -7.35 -13.21
N LEU A 126 1.80 -6.98 -13.73
CA LEU A 126 0.51 -7.30 -13.12
C LEU A 126 0.26 -8.81 -13.17
N THR A 127 0.93 -9.47 -14.08
CA THR A 127 0.85 -10.89 -14.21
C THR A 127 1.67 -11.55 -13.08
N THR A 128 2.60 -10.79 -12.56
CA THR A 128 3.44 -11.21 -11.49
C THR A 128 2.79 -10.78 -10.15
N SER A 129 1.70 -10.06 -10.24
CA SER A 129 1.04 -9.53 -9.08
C SER A 129 -0.07 -10.45 -8.60
N GLY A 130 0.23 -11.28 -7.61
CA GLY A 130 -0.81 -12.11 -6.98
C GLY A 130 -1.16 -13.35 -7.76
N LEU A 131 -0.72 -13.44 -8.98
CA LEU A 131 -0.97 -14.62 -9.78
C LEU A 131 -0.09 -15.81 -9.33
N PRO A 132 1.27 -15.65 -9.17
CA PRO A 132 2.09 -16.72 -8.62
C PRO A 132 1.75 -16.92 -7.14
N PRO A 133 1.82 -18.15 -6.60
CA PRO A 133 1.51 -18.43 -5.19
C PRO A 133 2.43 -17.70 -4.22
N LEU A 134 1.99 -16.50 -3.81
CA LEU A 134 2.68 -15.63 -2.87
C LEU A 134 4.13 -15.42 -3.22
N ASN A 135 4.35 -14.67 -4.24
CA ASN A 135 5.70 -14.33 -4.62
C ASN A 135 6.13 -13.07 -3.88
N ILE A 136 5.48 -11.97 -4.19
CA ILE A 136 5.78 -10.69 -3.57
C ILE A 136 5.22 -10.73 -2.15
N HIS A 137 3.96 -11.17 -2.09
CA HIS A 137 3.13 -11.24 -0.88
C HIS A 137 3.81 -11.99 0.29
N ALA A 138 4.54 -13.04 -0.03
CA ALA A 138 5.14 -13.90 1.00
C ALA A 138 6.19 -13.15 1.77
N GLU A 139 7.00 -12.42 1.06
CA GLU A 139 8.10 -11.74 1.67
C GLU A 139 7.68 -10.41 2.25
N ILE A 140 6.53 -9.94 1.83
CA ILE A 140 5.96 -8.73 2.39
C ILE A 140 5.56 -9.01 3.80
N ALA A 141 5.00 -10.20 4.01
CA ALA A 141 4.59 -10.65 5.33
C ALA A 141 5.79 -10.87 6.24
N MET A 142 6.96 -10.87 5.65
CA MET A 142 8.22 -11.04 6.35
C MET A 142 8.83 -9.69 6.72
N MET A 143 8.84 -8.77 5.74
CA MET A 143 9.50 -7.44 5.86
C MET A 143 9.17 -6.73 7.18
N ALA A 144 7.91 -6.41 7.37
CA ALA A 144 7.51 -5.63 8.56
C ALA A 144 7.36 -6.52 9.78
N ALA A 145 7.56 -7.80 9.62
CA ALA A 145 7.46 -8.70 10.74
C ALA A 145 8.85 -8.87 11.36
N LYS A 146 9.86 -8.75 10.52
CA LYS A 146 11.22 -8.82 10.99
C LYS A 146 11.64 -7.44 11.44
N PHE A 147 11.27 -6.45 10.67
CA PHE A 147 11.57 -5.09 11.00
C PHE A 147 10.31 -4.43 11.51
N GLN A 148 10.15 -4.41 12.80
CA GLN A 148 8.99 -3.80 13.41
C GLN A 148 9.35 -3.12 14.70
N MET A 1 -22.33 26.61 -7.11
CA MET A 1 -22.66 25.33 -7.74
C MET A 1 -23.69 24.61 -6.90
N LYS A 2 -24.33 23.63 -7.47
CA LYS A 2 -25.30 22.85 -6.74
C LYS A 2 -24.63 21.60 -6.22
N ASP A 3 -24.01 21.72 -5.08
CA ASP A 3 -23.30 20.61 -4.48
C ASP A 3 -24.15 19.91 -3.44
N GLY A 4 -24.30 20.50 -2.28
CA GLY A 4 -25.06 19.90 -1.22
C GLY A 4 -24.30 18.75 -0.64
N PHE A 5 -24.93 17.65 -0.47
CA PHE A 5 -24.22 16.53 0.02
C PHE A 5 -24.07 15.52 -1.07
N ILE A 6 -22.85 15.28 -1.44
CA ILE A 6 -22.52 14.31 -2.43
C ILE A 6 -22.62 12.94 -1.79
N LEU A 7 -23.29 12.03 -2.45
CA LEU A 7 -23.48 10.69 -1.93
C LEU A 7 -22.15 9.97 -1.96
N LYS A 8 -21.55 9.85 -0.82
CA LYS A 8 -20.22 9.32 -0.72
C LYS A 8 -20.20 7.80 -0.71
N LYS A 9 -20.10 7.25 -1.89
CA LYS A 9 -19.90 5.83 -2.06
C LYS A 9 -18.42 5.59 -2.17
N LYS A 10 -17.96 4.45 -1.73
CA LYS A 10 -16.55 4.13 -1.74
C LYS A 10 -16.06 3.99 -3.18
N LYS A 11 -15.44 5.04 -3.64
CA LYS A 11 -14.95 5.18 -4.99
C LYS A 11 -13.62 5.85 -4.94
N ILE A 12 -13.11 6.18 -6.08
CA ILE A 12 -11.93 6.99 -6.17
C ILE A 12 -12.39 8.47 -6.20
N PRO A 13 -12.22 9.23 -5.12
CA PRO A 13 -12.59 10.65 -5.11
C PRO A 13 -11.73 11.43 -6.11
N LYS A 14 -12.36 12.01 -7.09
CA LYS A 14 -11.64 12.77 -8.09
C LYS A 14 -11.45 14.19 -7.65
N ASN A 15 -10.50 14.36 -6.79
CA ASN A 15 -10.12 15.64 -6.28
C ASN A 15 -8.69 15.88 -6.67
N ILE A 16 -8.26 17.11 -6.61
CA ILE A 16 -6.89 17.43 -6.94
C ILE A 16 -6.01 17.18 -5.75
N PHE A 17 -5.27 16.13 -5.81
CA PHE A 17 -4.40 15.76 -4.74
C PHE A 17 -2.97 15.90 -5.19
N ARG A 18 -2.11 16.23 -4.28
CA ARG A 18 -0.72 16.26 -4.57
C ARG A 18 -0.21 14.92 -4.15
N ILE A 19 -0.15 14.02 -5.08
CA ILE A 19 0.20 12.66 -4.80
C ILE A 19 1.70 12.49 -4.52
N GLY A 20 2.09 12.82 -3.32
CA GLY A 20 3.48 12.69 -2.91
C GLY A 20 4.28 13.93 -3.27
N ASN A 21 4.26 14.26 -4.57
CA ASN A 21 4.90 15.46 -5.16
C ASN A 21 6.43 15.39 -5.14
N LYS A 22 6.97 14.29 -4.64
CA LYS A 22 8.40 14.10 -4.49
C LYS A 22 8.67 12.66 -4.08
N GLU A 23 9.77 12.09 -4.51
CA GLU A 23 10.21 10.81 -4.05
C GLU A 23 11.54 10.95 -3.34
N MET A 24 11.84 10.07 -2.46
CA MET A 24 13.05 10.19 -1.68
C MET A 24 14.05 9.15 -2.06
N SER A 25 14.83 9.42 -3.06
CA SER A 25 15.84 8.50 -3.48
C SER A 25 17.20 9.10 -3.21
N TYR A 26 17.37 9.55 -2.00
CA TYR A 26 18.66 9.98 -1.50
C TYR A 26 19.23 8.85 -0.71
N SER A 27 18.39 7.89 -0.50
CA SER A 27 18.70 6.68 0.12
C SER A 27 18.28 5.60 -0.87
N ASP A 28 19.25 4.88 -1.40
CA ASP A 28 19.01 3.86 -2.44
C ASP A 28 18.38 2.62 -1.81
N ASP A 29 18.19 2.69 -0.52
CA ASP A 29 17.66 1.62 0.29
C ASP A 29 16.25 1.27 -0.14
N LEU A 30 15.46 2.29 -0.42
CA LEU A 30 14.10 2.08 -0.89
C LEU A 30 14.06 1.76 -2.38
N ASN A 31 15.15 2.07 -3.05
CA ASN A 31 15.28 1.77 -4.48
C ASN A 31 15.56 0.28 -4.61
N SER A 32 16.33 -0.24 -3.64
CA SER A 32 16.64 -1.66 -3.54
C SER A 32 15.37 -2.46 -3.22
N LEU A 33 14.33 -1.78 -2.83
CA LEU A 33 13.11 -2.44 -2.47
C LEU A 33 12.28 -2.60 -3.73
N ILE A 34 12.27 -1.57 -4.59
CA ILE A 34 11.44 -1.62 -5.80
C ILE A 34 12.06 -2.44 -6.91
N GLN A 35 13.33 -2.74 -6.81
CA GLN A 35 13.98 -3.45 -7.86
C GLN A 35 13.84 -4.93 -7.67
N SER A 36 13.14 -5.29 -6.62
CA SER A 36 12.86 -6.63 -6.29
C SER A 36 11.62 -6.98 -7.04
N GLN A 37 11.87 -7.46 -8.21
CA GLN A 37 10.90 -7.88 -9.22
C GLN A 37 10.33 -6.68 -9.94
N TYR A 38 11.02 -5.56 -9.78
CA TYR A 38 10.74 -4.31 -10.46
C TYR A 38 9.34 -3.82 -10.26
N VAL A 39 9.00 -3.67 -9.01
CA VAL A 39 7.72 -3.14 -8.64
C VAL A 39 7.74 -1.62 -8.76
N SER A 40 6.63 -1.04 -9.13
CA SER A 40 6.54 0.37 -9.39
C SER A 40 6.75 1.26 -8.14
N TYR A 41 6.13 0.92 -7.02
CA TYR A 41 6.18 1.80 -5.86
C TYR A 41 5.90 1.13 -4.56
N VAL A 42 6.65 1.55 -3.54
CA VAL A 42 6.59 0.96 -2.22
C VAL A 42 6.56 2.01 -1.13
N VAL A 43 5.90 1.67 -0.10
CA VAL A 43 5.78 2.46 1.09
C VAL A 43 6.43 1.72 2.25
N ILE A 44 7.52 2.26 2.75
CA ILE A 44 8.19 1.69 3.88
C ILE A 44 7.84 2.52 5.09
N LEU A 45 7.78 1.90 6.22
CA LEU A 45 7.50 2.56 7.46
C LEU A 45 8.75 2.69 8.29
N ASP A 46 8.59 3.38 9.35
CA ASP A 46 9.57 3.56 10.37
C ASP A 46 9.17 2.62 11.47
N PRO A 47 10.14 2.05 12.21
CA PRO A 47 9.89 1.13 13.33
C PRO A 47 8.73 1.52 14.25
N ASN A 48 8.54 2.82 14.44
CA ASN A 48 7.54 3.33 15.38
C ASN A 48 6.14 3.43 14.76
N GLY A 49 6.05 3.33 13.45
CA GLY A 49 4.74 3.40 12.83
C GLY A 49 4.51 4.67 12.06
N ALA A 50 5.57 5.26 11.62
CA ALA A 50 5.48 6.46 10.82
C ALA A 50 5.94 6.11 9.43
N ILE A 51 5.33 6.65 8.41
CA ILE A 51 5.75 6.27 7.06
C ILE A 51 7.04 6.97 6.68
N TYR A 52 7.91 6.29 5.92
CA TYR A 52 9.23 6.79 5.67
C TYR A 52 9.15 7.81 4.59
N TRP A 53 8.83 7.35 3.43
CA TRP A 53 8.54 8.18 2.35
C TRP A 53 7.77 7.38 1.38
N THR A 54 6.80 7.99 0.82
CA THR A 54 6.00 7.39 -0.15
C THR A 54 6.73 7.40 -1.49
N ASN A 55 7.34 6.29 -1.78
CA ASN A 55 8.23 6.13 -2.89
C ASN A 55 7.43 5.76 -4.09
N ASN A 56 6.77 6.77 -4.65
CA ASN A 56 5.94 6.61 -5.82
C ASN A 56 5.71 7.88 -6.54
N GLU A 57 5.40 8.93 -5.77
CA GLU A 57 4.92 10.21 -6.32
C GLU A 57 3.55 9.97 -6.93
N ASN A 58 2.90 8.93 -6.43
CA ASN A 58 1.58 8.52 -6.91
C ASN A 58 0.62 8.20 -5.77
N TRP A 59 1.14 8.14 -4.57
CA TRP A 59 0.35 7.90 -3.39
C TRP A 59 0.47 9.04 -2.43
N GLN A 60 -0.47 9.11 -1.54
CA GLN A 60 -0.46 10.06 -0.46
C GLN A 60 -0.73 9.27 0.77
N VAL A 61 0.25 8.66 1.31
CA VAL A 61 -0.04 7.95 2.50
C VAL A 61 0.40 8.70 3.72
N ASN A 62 -0.56 9.34 4.34
CA ASN A 62 -0.37 10.22 5.48
C ASN A 62 -0.23 9.48 6.79
N GLY A 63 0.59 8.46 6.77
CA GLY A 63 0.91 7.69 7.92
C GLY A 63 -0.23 6.89 8.41
N SER A 64 -0.99 7.55 9.21
CA SER A 64 -2.06 6.99 9.95
C SER A 64 -3.10 6.19 9.13
N GLU A 65 -3.46 6.65 7.92
CA GLU A 65 -4.55 6.03 7.12
C GLU A 65 -4.22 4.58 6.79
N VAL A 66 -2.99 4.35 6.47
CA VAL A 66 -2.45 3.06 6.14
C VAL A 66 -2.67 2.03 7.30
N LEU A 67 -2.49 2.50 8.51
CA LEU A 67 -2.69 1.73 9.73
C LEU A 67 -4.18 1.66 10.02
N ARG A 68 -4.77 2.82 9.97
CA ARG A 68 -6.12 3.07 10.37
C ARG A 68 -7.15 2.44 9.54
N GLN A 69 -7.01 2.51 8.26
CA GLN A 69 -8.10 2.14 7.46
C GLN A 69 -8.20 0.64 7.33
N TRP A 70 -7.07 -0.03 7.45
CA TRP A 70 -7.09 -1.44 7.37
C TRP A 70 -7.58 -2.01 8.66
N MET A 71 -7.13 -1.42 9.71
CA MET A 71 -7.51 -1.85 11.03
C MET A 71 -8.74 -1.07 11.48
N GLY A 72 -9.61 -0.83 10.54
CA GLY A 72 -10.85 -0.15 10.77
C GLY A 72 -11.99 -1.00 10.32
N SER A 73 -11.72 -2.30 10.14
CA SER A 73 -12.70 -3.29 9.72
C SER A 73 -13.32 -2.97 8.33
N ALA A 74 -12.55 -2.32 7.49
CA ALA A 74 -12.98 -2.00 6.15
C ALA A 74 -12.22 -2.91 5.18
N PRO A 75 -12.87 -3.41 4.12
CA PRO A 75 -12.24 -4.32 3.16
C PRO A 75 -11.57 -3.58 1.98
N SER A 76 -11.65 -2.28 1.97
CA SER A 76 -11.15 -1.50 0.89
C SER A 76 -10.44 -0.28 1.41
N ILE A 77 -9.33 0.01 0.84
CA ILE A 77 -8.50 1.12 1.21
C ILE A 77 -8.37 2.07 0.01
N THR A 78 -8.47 3.35 0.29
CA THR A 78 -8.37 4.39 -0.69
C THR A 78 -7.27 5.34 -0.29
N VAL A 79 -6.13 5.19 -0.89
CA VAL A 79 -5.02 6.06 -0.61
C VAL A 79 -4.68 6.83 -1.85
N ALA A 80 -4.53 8.15 -1.71
CA ALA A 80 -4.29 9.08 -2.83
C ALA A 80 -5.52 9.14 -3.72
N GLY A 81 -6.62 8.71 -3.17
CA GLY A 81 -7.85 8.70 -3.87
C GLY A 81 -8.18 7.36 -4.50
N THR A 82 -7.19 6.56 -4.82
CA THR A 82 -7.46 5.36 -5.58
C THR A 82 -7.88 4.18 -4.66
N LYS A 83 -8.82 3.36 -5.15
CA LYS A 83 -9.44 2.30 -4.35
C LYS A 83 -8.91 0.91 -4.71
N PHE A 84 -8.66 0.13 -3.70
CA PHE A 84 -8.23 -1.22 -3.86
C PHE A 84 -9.25 -2.15 -3.21
N SER A 85 -9.54 -3.24 -3.88
CA SER A 85 -10.47 -4.23 -3.39
C SER A 85 -9.66 -5.48 -3.03
N SER A 86 -9.83 -5.99 -1.83
CA SER A 86 -8.97 -7.03 -1.32
C SER A 86 -9.40 -8.47 -1.65
N PHE A 87 -8.42 -9.38 -1.72
CA PHE A 87 -8.67 -10.79 -1.99
C PHE A 87 -8.38 -11.58 -0.76
N ARG A 88 -7.15 -11.54 -0.35
CA ARG A 88 -6.77 -12.15 0.86
C ARG A 88 -6.72 -11.09 1.87
N ASN A 89 -7.62 -11.13 2.77
CA ASN A 89 -7.64 -10.15 3.78
C ASN A 89 -7.32 -10.78 5.11
N GLU A 90 -6.10 -10.82 5.38
CA GLU A 90 -5.64 -11.23 6.67
C GLU A 90 -5.28 -9.99 7.48
N PRO A 91 -6.12 -9.63 8.47
CA PRO A 91 -5.95 -8.43 9.27
C PRO A 91 -4.72 -8.51 10.17
N GLY A 92 -3.85 -7.52 10.03
CA GLY A 92 -2.67 -7.46 10.85
C GLY A 92 -1.56 -8.38 10.36
N VAL A 93 -1.84 -9.19 9.37
CA VAL A 93 -0.87 -10.12 8.89
C VAL A 93 -0.44 -9.71 7.51
N SER A 94 -1.38 -9.60 6.61
CA SER A 94 -1.08 -9.30 5.25
C SER A 94 -2.35 -9.30 4.48
N PHE A 95 -2.65 -8.24 3.87
CA PHE A 95 -3.77 -8.23 3.00
C PHE A 95 -3.33 -7.83 1.65
N VAL A 96 -3.95 -8.38 0.67
CA VAL A 96 -3.64 -8.09 -0.68
C VAL A 96 -4.90 -7.83 -1.46
N GLY A 97 -4.88 -6.77 -2.18
CA GLY A 97 -5.99 -6.36 -2.93
C GLY A 97 -5.58 -5.84 -4.26
N ARG A 98 -6.51 -5.65 -5.11
CA ARG A 98 -6.26 -5.19 -6.45
C ARG A 98 -6.92 -3.87 -6.64
N ASN A 99 -6.27 -3.01 -7.36
CA ASN A 99 -6.84 -1.79 -7.76
C ASN A 99 -7.91 -2.05 -8.79
N MET A 100 -9.07 -2.43 -8.29
CA MET A 100 -10.21 -2.66 -9.15
C MET A 100 -10.76 -1.33 -9.65
N ALA A 101 -10.09 -0.81 -10.65
CA ALA A 101 -10.41 0.44 -11.31
C ALA A 101 -9.46 0.61 -12.47
N GLY A 102 -8.19 0.56 -12.15
CA GLY A 102 -7.17 0.65 -13.14
C GLY A 102 -6.55 -0.70 -13.34
N GLY A 103 -5.54 -0.99 -12.58
CA GLY A 103 -4.90 -2.27 -12.65
C GLY A 103 -3.65 -2.30 -11.84
N GLY A 104 -3.58 -3.23 -10.92
CA GLY A 104 -2.40 -3.41 -10.09
C GLY A 104 -2.78 -3.93 -8.74
N LEU A 105 -1.81 -4.32 -7.94
CA LEU A 105 -2.12 -4.91 -6.63
C LEU A 105 -1.43 -4.16 -5.50
N ILE A 106 -2.06 -4.15 -4.33
CA ILE A 106 -1.47 -3.61 -3.11
C ILE A 106 -1.51 -4.67 -2.04
N ILE A 107 -0.38 -4.90 -1.43
CA ILE A 107 -0.30 -5.82 -0.32
C ILE A 107 0.43 -5.16 0.85
N LEU A 108 -0.21 -5.20 2.01
CA LEU A 108 0.29 -4.55 3.20
C LEU A 108 0.37 -5.46 4.40
N GLN A 109 1.52 -5.43 5.05
CA GLN A 109 1.73 -6.10 6.31
C GLN A 109 1.69 -5.00 7.35
N LYS A 110 0.99 -5.22 8.42
CA LYS A 110 0.90 -4.25 9.48
C LYS A 110 1.48 -4.89 10.74
N ALA A 111 2.64 -4.45 11.16
CA ALA A 111 3.31 -5.01 12.32
C ALA A 111 2.90 -4.26 13.59
N PRO A 112 2.92 -4.94 14.76
CA PRO A 112 2.54 -4.34 16.03
C PRO A 112 3.41 -3.14 16.46
N ASN A 113 4.68 -3.09 16.06
CA ASN A 113 5.49 -1.96 16.51
C ASN A 113 5.23 -0.72 15.65
N GLY A 114 4.61 -0.91 14.50
CA GLY A 114 4.30 0.21 13.65
C GLY A 114 4.73 0.01 12.22
N TYR A 115 5.76 -0.80 11.99
CA TYR A 115 6.22 -1.10 10.65
C TYR A 115 5.09 -1.67 9.78
N VAL A 116 4.93 -1.11 8.64
CA VAL A 116 3.95 -1.50 7.68
C VAL A 116 4.64 -1.56 6.34
N PHE A 117 4.26 -2.47 5.50
CA PHE A 117 4.80 -2.54 4.18
C PHE A 117 3.72 -2.51 3.20
N LEU A 118 3.57 -1.43 2.52
CA LEU A 118 2.57 -1.32 1.51
C LEU A 118 3.27 -1.28 0.18
N SER A 119 3.18 -2.36 -0.53
CA SER A 119 3.87 -2.47 -1.77
C SER A 119 2.87 -2.62 -2.90
N TRP A 120 3.12 -1.94 -4.00
CA TRP A 120 2.29 -2.03 -5.14
C TRP A 120 3.02 -2.84 -6.16
N THR A 121 2.31 -3.64 -6.87
CA THR A 121 2.93 -4.51 -7.79
C THR A 121 2.53 -4.07 -9.18
N SER A 122 3.55 -3.86 -9.99
CA SER A 122 3.46 -3.36 -11.34
C SER A 122 2.39 -4.11 -12.14
N HIS A 123 1.55 -3.37 -12.85
CA HIS A 123 0.50 -3.97 -13.65
C HIS A 123 1.05 -4.55 -14.93
N GLU A 124 2.29 -4.19 -15.23
CA GLU A 124 3.03 -4.76 -16.33
C GLU A 124 3.42 -6.19 -15.93
N PHE A 125 3.81 -6.33 -14.68
CA PHE A 125 4.12 -7.61 -14.08
C PHE A 125 2.88 -8.24 -13.42
N LEU A 126 1.68 -7.90 -13.88
CA LEU A 126 0.45 -8.38 -13.24
C LEU A 126 0.29 -9.89 -13.49
N THR A 127 0.83 -10.33 -14.60
CA THR A 127 0.82 -11.72 -14.96
C THR A 127 1.89 -12.46 -14.15
N THR A 128 2.81 -11.70 -13.60
CA THR A 128 3.87 -12.22 -12.81
C THR A 128 3.45 -12.23 -11.34
N SER A 129 2.67 -11.24 -10.95
CA SER A 129 2.18 -11.14 -9.60
C SER A 129 1.14 -12.23 -9.35
N GLY A 130 1.56 -13.29 -8.71
CA GLY A 130 0.70 -14.38 -8.45
C GLY A 130 1.04 -15.56 -9.33
N LEU A 131 2.05 -15.38 -10.17
CA LEU A 131 2.50 -16.48 -11.01
C LEU A 131 3.41 -17.48 -10.25
N PRO A 132 4.56 -17.05 -9.65
CA PRO A 132 5.39 -17.94 -8.85
C PRO A 132 4.77 -18.12 -7.46
N PRO A 133 5.26 -19.06 -6.63
CA PRO A 133 4.69 -19.29 -5.31
C PRO A 133 4.94 -18.13 -4.34
N LEU A 134 3.98 -17.20 -4.30
CA LEU A 134 3.96 -16.09 -3.34
C LEU A 134 5.15 -15.14 -3.48
N ASN A 135 5.63 -14.97 -4.69
CA ASN A 135 6.81 -14.15 -4.93
C ASN A 135 6.40 -12.70 -5.05
N ILE A 136 6.03 -12.21 -3.88
CA ILE A 136 5.65 -10.85 -3.49
C ILE A 136 4.89 -10.98 -2.20
N HIS A 137 3.88 -11.84 -2.28
CA HIS A 137 2.90 -12.09 -1.22
C HIS A 137 3.58 -12.52 0.08
N ALA A 138 4.59 -13.33 -0.03
CA ALA A 138 5.22 -13.89 1.14
C ALA A 138 6.16 -12.90 1.73
N GLU A 139 6.88 -12.21 0.86
CA GLU A 139 7.93 -11.31 1.27
C GLU A 139 7.40 -10.18 2.12
N ILE A 140 6.22 -9.73 1.78
CA ILE A 140 5.62 -8.57 2.42
C ILE A 140 5.27 -8.85 3.87
N ALA A 141 4.69 -10.01 4.13
CA ALA A 141 4.29 -10.32 5.48
C ALA A 141 5.48 -10.69 6.34
N MET A 142 6.60 -10.87 5.72
CA MET A 142 7.81 -11.17 6.42
C MET A 142 8.48 -9.89 6.83
N MET A 143 8.68 -9.00 5.86
CA MET A 143 9.44 -7.74 6.04
C MET A 143 9.07 -6.98 7.31
N ALA A 144 7.82 -6.55 7.39
CA ALA A 144 7.36 -5.72 8.50
C ALA A 144 7.32 -6.50 9.82
N ALA A 145 7.08 -7.79 9.73
CA ALA A 145 6.95 -8.61 10.92
C ALA A 145 8.30 -8.94 11.53
N LYS A 146 9.33 -8.98 10.71
CA LYS A 146 10.64 -9.33 11.18
C LYS A 146 11.39 -8.11 11.65
N PHE A 147 11.34 -7.05 10.88
CA PHE A 147 12.06 -5.85 11.22
C PHE A 147 11.08 -4.81 11.73
N GLN A 148 10.88 -4.80 13.03
CA GLN A 148 9.98 -3.88 13.67
C GLN A 148 10.52 -3.48 15.03
N MET A 1 10.70 18.64 -24.45
CA MET A 1 9.67 17.62 -24.68
C MET A 1 9.36 16.87 -23.41
N LYS A 2 8.10 16.87 -23.02
CA LYS A 2 7.59 16.10 -21.90
C LYS A 2 6.19 15.68 -22.21
N ASP A 3 5.77 14.58 -21.66
CA ASP A 3 4.42 14.08 -21.87
C ASP A 3 3.50 14.59 -20.78
N GLY A 4 2.25 14.78 -21.13
CA GLY A 4 1.26 15.33 -20.23
C GLY A 4 0.96 14.47 -19.03
N PHE A 5 0.35 15.05 -18.01
CA PHE A 5 0.08 14.33 -16.79
C PHE A 5 -1.27 13.63 -16.84
N ILE A 6 -1.24 12.36 -16.55
CA ILE A 6 -2.42 11.55 -16.51
C ILE A 6 -2.60 11.10 -15.06
N LEU A 7 -3.65 11.53 -14.43
CA LEU A 7 -3.88 11.15 -13.05
C LEU A 7 -5.06 10.21 -12.96
N LYS A 8 -4.81 9.01 -12.49
CA LYS A 8 -5.87 8.04 -12.36
C LYS A 8 -6.72 8.30 -11.13
N LYS A 9 -7.78 9.02 -11.34
CA LYS A 9 -8.67 9.36 -10.27
C LYS A 9 -9.85 8.41 -10.24
N LYS A 10 -9.88 7.61 -9.23
CA LYS A 10 -10.94 6.67 -9.00
C LYS A 10 -11.70 7.10 -7.78
N LYS A 11 -12.89 6.54 -7.59
CA LYS A 11 -13.77 6.88 -6.47
C LYS A 11 -13.02 6.86 -5.14
N ILE A 12 -12.75 8.02 -4.64
CA ILE A 12 -12.08 8.20 -3.40
C ILE A 12 -13.06 8.81 -2.42
N PRO A 13 -12.87 8.62 -1.12
CA PRO A 13 -13.72 9.22 -0.12
C PRO A 13 -13.44 10.72 -0.01
N LYS A 14 -14.30 11.45 0.66
CA LYS A 14 -14.10 12.87 0.81
C LYS A 14 -13.09 13.16 1.93
N ASN A 15 -11.91 12.74 1.69
CA ASN A 15 -10.76 13.01 2.51
C ASN A 15 -9.83 13.75 1.61
N ILE A 16 -9.09 14.69 2.11
CA ILE A 16 -8.22 15.45 1.24
C ILE A 16 -6.92 14.69 0.97
N PHE A 17 -6.83 14.15 -0.23
CA PHE A 17 -5.65 13.47 -0.68
C PHE A 17 -5.00 14.30 -1.75
N ARG A 18 -3.73 14.48 -1.67
CA ARG A 18 -3.00 15.17 -2.68
C ARG A 18 -2.07 14.15 -3.30
N ILE A 19 -1.69 14.30 -4.55
CA ILE A 19 -0.89 13.26 -5.16
C ILE A 19 0.58 13.28 -4.81
N GLY A 20 0.85 12.65 -3.70
CA GLY A 20 2.17 12.41 -3.24
C GLY A 20 2.81 13.58 -2.61
N ASN A 21 3.36 14.41 -3.45
CA ASN A 21 4.17 15.59 -3.04
C ASN A 21 5.55 15.21 -2.47
N LYS A 22 5.84 13.92 -2.42
CA LYS A 22 7.14 13.44 -2.00
C LYS A 22 7.84 12.98 -3.24
N GLU A 23 9.15 13.07 -3.27
CA GLU A 23 9.95 12.58 -4.39
C GLU A 23 9.93 11.04 -4.42
N MET A 24 10.54 10.46 -5.40
CA MET A 24 10.65 9.03 -5.46
C MET A 24 12.09 8.65 -5.22
N SER A 25 12.32 7.40 -4.91
CA SER A 25 13.64 6.94 -4.63
C SER A 25 14.39 6.67 -5.92
N TYR A 26 14.98 7.71 -6.46
CA TYR A 26 15.78 7.57 -7.64
C TYR A 26 17.16 7.15 -7.19
N SER A 27 17.55 7.69 -6.04
CA SER A 27 18.78 7.37 -5.38
C SER A 27 18.70 5.93 -4.88
N ASP A 28 19.84 5.27 -4.81
CA ASP A 28 19.92 3.84 -4.49
C ASP A 28 19.63 3.52 -3.01
N ASP A 29 19.04 4.45 -2.30
CA ASP A 29 18.74 4.24 -0.89
C ASP A 29 17.51 3.35 -0.75
N LEU A 30 16.34 3.86 -1.05
CA LEU A 30 15.14 3.04 -0.96
C LEU A 30 14.87 2.32 -2.29
N ASN A 31 15.55 2.75 -3.35
CA ASN A 31 15.35 2.23 -4.73
C ASN A 31 15.55 0.72 -4.77
N SER A 32 16.54 0.23 -4.04
CA SER A 32 16.85 -1.18 -3.99
C SER A 32 15.65 -2.01 -3.48
N LEU A 33 14.89 -1.46 -2.54
CA LEU A 33 13.76 -2.17 -1.94
C LEU A 33 12.58 -2.22 -2.89
N ILE A 34 12.55 -1.32 -3.85
CA ILE A 34 11.46 -1.27 -4.80
C ILE A 34 11.69 -2.33 -5.88
N GLN A 35 12.92 -2.81 -5.97
CA GLN A 35 13.32 -3.74 -7.01
C GLN A 35 12.94 -5.16 -6.67
N SER A 36 12.07 -5.30 -5.70
CA SER A 36 11.58 -6.55 -5.24
C SER A 36 10.54 -7.02 -6.22
N GLN A 37 11.04 -7.54 -7.33
CA GLN A 37 10.24 -8.06 -8.44
C GLN A 37 9.70 -6.94 -9.31
N TYR A 38 10.34 -5.79 -9.21
CA TYR A 38 10.06 -4.61 -10.01
C TYR A 38 8.72 -4.01 -9.62
N VAL A 39 8.63 -3.73 -8.36
CA VAL A 39 7.51 -3.07 -7.74
C VAL A 39 7.55 -1.59 -8.15
N SER A 40 6.40 -0.93 -8.21
CA SER A 40 6.37 0.46 -8.61
C SER A 40 6.81 1.37 -7.46
N TYR A 41 6.40 1.04 -6.25
CA TYR A 41 6.73 1.84 -5.09
C TYR A 41 6.56 1.04 -3.84
N VAL A 42 7.40 1.30 -2.89
CA VAL A 42 7.35 0.66 -1.60
C VAL A 42 7.37 1.72 -0.52
N VAL A 43 6.36 1.74 0.24
CA VAL A 43 6.22 2.66 1.31
C VAL A 43 6.75 2.00 2.56
N ILE A 44 7.90 2.44 3.01
CA ILE A 44 8.49 1.85 4.19
C ILE A 44 8.26 2.80 5.35
N LEU A 45 8.61 2.37 6.56
CA LEU A 45 8.25 3.10 7.74
C LEU A 45 9.41 3.28 8.65
N ASP A 46 9.08 3.88 9.74
CA ASP A 46 9.88 4.01 10.89
C ASP A 46 9.35 2.95 11.82
N PRO A 47 10.19 2.31 12.66
CA PRO A 47 9.78 1.26 13.61
C PRO A 47 8.44 1.49 14.34
N ASN A 48 8.10 2.75 14.56
CA ASN A 48 6.92 3.14 15.32
C ASN A 48 5.66 3.11 14.46
N GLY A 49 5.83 3.04 13.16
CA GLY A 49 4.70 2.97 12.29
C GLY A 49 4.47 4.22 11.51
N ALA A 50 5.38 5.14 11.64
CA ALA A 50 5.31 6.34 10.90
C ALA A 50 5.91 6.07 9.53
N ILE A 51 5.34 6.66 8.50
CA ILE A 51 5.85 6.42 7.14
C ILE A 51 7.26 7.00 7.01
N TYR A 52 8.15 6.25 6.41
CA TYR A 52 9.50 6.68 6.21
C TYR A 52 9.50 7.48 4.95
N TRP A 53 8.96 6.87 3.90
CA TRP A 53 8.81 7.53 2.64
C TRP A 53 8.00 6.65 1.71
N THR A 54 7.09 7.27 1.02
CA THR A 54 6.35 6.62 -0.04
C THR A 54 6.86 7.17 -1.35
N ASN A 55 7.62 6.38 -2.01
CA ASN A 55 8.39 6.78 -3.17
C ASN A 55 7.67 6.63 -4.50
N ASN A 56 6.62 7.40 -4.72
CA ASN A 56 5.95 7.30 -6.02
C ASN A 56 5.43 8.63 -6.53
N GLU A 57 5.51 9.68 -5.70
CA GLU A 57 4.99 11.01 -6.06
C GLU A 57 3.47 10.97 -6.31
N ASN A 58 2.81 10.03 -5.66
CA ASN A 58 1.36 9.86 -5.82
C ASN A 58 0.70 9.51 -4.47
N TRP A 59 1.36 8.71 -3.70
CA TRP A 59 0.86 8.33 -2.43
C TRP A 59 1.51 9.22 -1.41
N GLN A 60 0.88 9.37 -0.33
CA GLN A 60 1.32 10.20 0.74
C GLN A 60 0.64 9.71 1.98
N VAL A 61 0.76 8.39 2.17
CA VAL A 61 0.15 7.71 3.32
C VAL A 61 0.50 8.45 4.60
N ASN A 62 -0.49 8.81 5.36
CA ASN A 62 -0.25 9.49 6.63
C ASN A 62 -0.18 8.46 7.77
N GLY A 63 0.56 7.40 7.50
CA GLY A 63 0.87 6.35 8.45
C GLY A 63 -0.30 5.58 8.94
N SER A 64 -0.98 6.17 9.83
CA SER A 64 -1.95 5.50 10.62
C SER A 64 -3.24 5.21 9.87
N GLU A 65 -3.58 6.02 8.87
CA GLU A 65 -4.84 5.85 8.18
C GLU A 65 -4.85 4.56 7.40
N VAL A 66 -3.70 4.16 6.92
CA VAL A 66 -3.60 3.00 6.09
C VAL A 66 -3.83 1.72 6.92
N LEU A 67 -3.54 1.85 8.19
CA LEU A 67 -3.68 0.82 9.15
C LEU A 67 -5.11 0.87 9.71
N ARG A 68 -5.54 2.08 9.97
CA ARG A 68 -6.84 2.36 10.56
C ARG A 68 -7.98 2.11 9.57
N GLN A 69 -7.76 2.35 8.28
CA GLN A 69 -8.80 2.07 7.29
C GLN A 69 -8.90 0.60 7.03
N TRP A 70 -7.81 -0.09 7.21
CA TRP A 70 -7.80 -1.52 7.06
C TRP A 70 -8.50 -2.15 8.22
N MET A 71 -8.33 -1.56 9.34
CA MET A 71 -8.91 -2.07 10.54
C MET A 71 -10.07 -1.18 10.94
N GLY A 72 -10.77 -0.73 9.92
CA GLY A 72 -11.92 0.11 10.10
C GLY A 72 -13.13 -0.48 9.43
N SER A 73 -13.13 -1.81 9.34
CA SER A 73 -14.21 -2.59 8.72
C SER A 73 -14.32 -2.28 7.22
N ALA A 74 -13.25 -1.79 6.63
CA ALA A 74 -13.25 -1.45 5.23
C ALA A 74 -12.45 -2.47 4.45
N PRO A 75 -13.08 -3.16 3.50
CA PRO A 75 -12.41 -4.11 2.63
C PRO A 75 -11.84 -3.40 1.39
N SER A 76 -11.95 -2.11 1.39
CA SER A 76 -11.51 -1.29 0.35
C SER A 76 -10.87 -0.05 0.95
N ILE A 77 -9.75 0.28 0.44
CA ILE A 77 -8.92 1.35 0.88
C ILE A 77 -8.47 2.02 -0.40
N THR A 78 -8.24 3.27 -0.37
CA THR A 78 -7.85 3.98 -1.54
C THR A 78 -6.36 4.25 -1.52
N VAL A 79 -5.64 3.66 -2.43
CA VAL A 79 -4.25 3.89 -2.51
C VAL A 79 -4.01 5.02 -3.44
N ALA A 80 -3.73 6.15 -2.84
CA ALA A 80 -3.19 7.28 -3.56
C ALA A 80 -4.12 7.75 -4.70
N GLY A 81 -5.40 7.62 -4.48
CA GLY A 81 -6.38 8.05 -5.45
C GLY A 81 -7.13 6.90 -6.12
N THR A 82 -6.76 5.67 -5.81
CA THR A 82 -7.48 4.54 -6.38
C THR A 82 -8.04 3.59 -5.31
N LYS A 83 -9.33 3.33 -5.38
CA LYS A 83 -10.00 2.44 -4.46
C LYS A 83 -9.76 0.98 -4.87
N PHE A 84 -8.82 0.36 -4.23
CA PHE A 84 -8.56 -1.02 -4.44
C PHE A 84 -9.48 -1.89 -3.59
N SER A 85 -9.84 -3.02 -4.14
CA SER A 85 -10.66 -3.99 -3.46
C SER A 85 -9.73 -5.09 -2.97
N SER A 86 -9.87 -5.48 -1.73
CA SER A 86 -8.95 -6.44 -1.18
C SER A 86 -9.39 -7.89 -1.41
N PHE A 87 -8.42 -8.80 -1.48
CA PHE A 87 -8.69 -10.20 -1.74
C PHE A 87 -8.33 -11.04 -0.56
N ARG A 88 -7.05 -11.19 -0.30
CA ARG A 88 -6.65 -11.99 0.78
C ARG A 88 -6.47 -11.08 1.93
N ASN A 89 -7.34 -11.21 2.86
CA ASN A 89 -7.32 -10.35 3.97
C ASN A 89 -6.78 -11.10 5.17
N GLU A 90 -5.54 -10.94 5.32
CA GLU A 90 -4.85 -11.50 6.44
C GLU A 90 -4.61 -10.36 7.39
N PRO A 91 -5.33 -10.32 8.51
CA PRO A 91 -5.18 -9.24 9.47
C PRO A 91 -3.79 -9.26 10.06
N GLY A 92 -3.10 -8.16 9.91
CA GLY A 92 -1.78 -8.07 10.45
C GLY A 92 -0.72 -8.56 9.49
N VAL A 93 -0.88 -9.78 8.97
CA VAL A 93 0.14 -10.48 8.21
C VAL A 93 0.49 -9.75 6.92
N SER A 94 -0.43 -9.73 6.01
CA SER A 94 -0.23 -9.17 4.71
C SER A 94 -1.55 -9.15 4.05
N PHE A 95 -2.04 -8.01 3.81
CA PHE A 95 -3.27 -7.95 3.10
C PHE A 95 -3.01 -7.46 1.70
N VAL A 96 -3.77 -7.95 0.79
CA VAL A 96 -3.57 -7.65 -0.59
C VAL A 96 -4.87 -7.27 -1.25
N GLY A 97 -4.80 -6.27 -2.05
CA GLY A 97 -5.89 -5.76 -2.77
C GLY A 97 -5.44 -5.35 -4.13
N ARG A 98 -6.30 -5.46 -5.08
CA ARG A 98 -5.96 -5.14 -6.44
C ARG A 98 -6.76 -3.94 -6.80
N ASN A 99 -6.16 -3.04 -7.51
CA ASN A 99 -6.83 -1.83 -7.96
C ASN A 99 -7.86 -2.17 -9.01
N MET A 100 -9.00 -2.64 -8.52
CA MET A 100 -10.20 -3.08 -9.26
C MET A 100 -9.95 -4.30 -10.16
N ALA A 101 -9.02 -4.19 -11.09
CA ALA A 101 -8.67 -5.25 -12.03
C ALA A 101 -7.47 -4.79 -12.83
N GLY A 102 -7.71 -3.85 -13.74
CA GLY A 102 -6.67 -3.31 -14.58
C GLY A 102 -5.85 -2.29 -13.86
N GLY A 103 -4.90 -2.75 -13.10
CA GLY A 103 -4.01 -1.91 -12.39
C GLY A 103 -2.94 -2.73 -11.75
N GLY A 104 -2.77 -2.56 -10.48
CA GLY A 104 -1.77 -3.30 -9.76
C GLY A 104 -2.34 -3.74 -8.44
N LEU A 105 -1.49 -4.17 -7.54
CA LEU A 105 -1.95 -4.66 -6.24
C LEU A 105 -1.11 -4.07 -5.15
N ILE A 106 -1.75 -3.65 -4.09
CA ILE A 106 -1.01 -3.22 -2.92
C ILE A 106 -0.93 -4.43 -1.99
N ILE A 107 0.18 -4.59 -1.35
CA ILE A 107 0.32 -5.60 -0.33
C ILE A 107 0.90 -4.91 0.88
N LEU A 108 0.23 -5.02 2.01
CA LEU A 108 0.70 -4.35 3.21
C LEU A 108 0.85 -5.30 4.39
N GLN A 109 1.98 -5.19 5.04
CA GLN A 109 2.32 -5.97 6.24
C GLN A 109 2.16 -5.02 7.41
N LYS A 110 1.50 -5.44 8.45
CA LYS A 110 1.35 -4.65 9.59
C LYS A 110 2.09 -5.36 10.74
N ALA A 111 3.28 -4.92 11.03
CA ALA A 111 4.05 -5.44 12.12
C ALA A 111 3.55 -4.85 13.43
N PRO A 112 3.57 -5.66 14.51
CA PRO A 112 3.14 -5.23 15.87
C PRO A 112 3.76 -3.90 16.32
N ASN A 113 5.01 -3.63 15.94
CA ASN A 113 5.69 -2.41 16.45
C ASN A 113 5.21 -1.12 15.75
N GLY A 114 4.51 -1.26 14.62
CA GLY A 114 3.99 -0.09 13.94
C GLY A 114 4.14 -0.17 12.45
N TYR A 115 5.19 -0.83 12.00
CA TYR A 115 5.51 -0.99 10.55
C TYR A 115 4.29 -1.47 9.71
N VAL A 116 4.01 -0.74 8.65
CA VAL A 116 2.93 -0.97 7.70
C VAL A 116 3.50 -0.81 6.28
N PHE A 117 3.78 -1.90 5.64
CA PHE A 117 4.63 -1.88 4.48
C PHE A 117 3.79 -2.00 3.30
N LEU A 118 3.66 -0.93 2.59
CA LEU A 118 2.79 -0.93 1.47
C LEU A 118 3.58 -0.97 0.20
N SER A 119 3.43 -2.02 -0.52
CA SER A 119 4.08 -2.19 -1.78
C SER A 119 3.03 -2.18 -2.85
N TRP A 120 3.39 -1.79 -4.05
CA TRP A 120 2.45 -1.85 -5.13
C TRP A 120 3.07 -2.53 -6.29
N THR A 121 2.39 -3.45 -6.79
CA THR A 121 2.88 -4.26 -7.86
C THR A 121 2.56 -3.55 -9.16
N SER A 122 3.57 -3.37 -9.97
CA SER A 122 3.45 -2.69 -11.24
C SER A 122 2.35 -3.32 -12.11
N HIS A 123 1.66 -2.50 -12.94
CA HIS A 123 0.54 -2.99 -13.73
C HIS A 123 0.98 -4.03 -14.77
N GLU A 124 2.23 -3.93 -15.20
CA GLU A 124 2.84 -4.92 -16.08
C GLU A 124 2.99 -6.23 -15.32
N PHE A 125 3.36 -6.11 -14.08
CA PHE A 125 3.60 -7.22 -13.19
C PHE A 125 2.31 -7.63 -12.45
N LEU A 126 1.17 -7.36 -13.07
CA LEU A 126 -0.15 -7.72 -12.53
C LEU A 126 -0.25 -9.25 -12.44
N THR A 127 0.53 -9.92 -13.26
CA THR A 127 0.54 -11.34 -13.29
C THR A 127 1.49 -11.90 -12.22
N THR A 128 2.35 -11.06 -11.70
CA THR A 128 3.33 -11.48 -10.74
C THR A 128 2.71 -11.49 -9.32
N SER A 129 1.70 -10.68 -9.12
CA SER A 129 1.00 -10.68 -7.87
C SER A 129 -0.40 -11.24 -8.00
N GLY A 130 -0.50 -12.45 -7.60
CA GLY A 130 -1.77 -13.13 -7.52
C GLY A 130 -1.84 -14.33 -8.42
N LEU A 131 -0.92 -14.44 -9.34
CA LEU A 131 -0.85 -15.62 -10.17
C LEU A 131 0.08 -16.69 -9.60
N PRO A 132 1.39 -16.40 -9.36
CA PRO A 132 2.26 -17.35 -8.69
C PRO A 132 2.03 -17.30 -7.16
N PRO A 133 2.41 -18.36 -6.43
CA PRO A 133 2.19 -18.45 -4.99
C PRO A 133 2.92 -17.39 -4.18
N LEU A 134 2.17 -16.34 -3.82
CA LEU A 134 2.60 -15.22 -2.95
C LEU A 134 4.01 -14.70 -3.24
N ASN A 135 4.37 -14.65 -4.54
CA ASN A 135 5.71 -14.23 -4.97
C ASN A 135 6.14 -12.90 -4.36
N ILE A 136 5.37 -11.87 -4.60
CA ILE A 136 5.68 -10.56 -4.05
C ILE A 136 5.12 -10.41 -2.64
N HIS A 137 3.97 -11.01 -2.45
CA HIS A 137 3.17 -10.96 -1.21
C HIS A 137 3.94 -11.51 0.02
N ALA A 138 4.78 -12.50 -0.19
CA ALA A 138 5.45 -13.20 0.91
C ALA A 138 6.53 -12.38 1.51
N GLU A 139 7.28 -11.70 0.66
CA GLU A 139 8.43 -10.95 1.10
C GLU A 139 8.04 -9.70 1.84
N ILE A 140 6.78 -9.36 1.72
CA ILE A 140 6.20 -8.26 2.42
C ILE A 140 6.12 -8.60 3.92
N ALA A 141 5.67 -9.82 4.22
CA ALA A 141 5.59 -10.29 5.60
C ALA A 141 6.93 -10.81 6.08
N MET A 142 7.92 -10.65 5.25
CA MET A 142 9.28 -10.93 5.62
C MET A 142 9.94 -9.65 6.08
N MET A 143 9.77 -8.61 5.28
CA MET A 143 10.40 -7.31 5.52
C MET A 143 9.96 -6.69 6.84
N ALA A 144 8.67 -6.42 6.98
CA ALA A 144 8.16 -5.68 8.14
C ALA A 144 8.13 -6.51 9.40
N ALA A 145 8.17 -7.82 9.25
CA ALA A 145 8.13 -8.69 10.40
C ALA A 145 9.49 -8.78 11.08
N LYS A 146 10.54 -8.59 10.31
CA LYS A 146 11.89 -8.61 10.86
C LYS A 146 12.34 -7.20 11.17
N PHE A 147 11.96 -6.26 10.34
CA PHE A 147 12.31 -4.89 10.55
C PHE A 147 11.17 -4.17 11.23
N GLN A 148 11.17 -4.22 12.53
CA GLN A 148 10.17 -3.58 13.34
C GLN A 148 10.77 -3.15 14.65
N MET A 1 -19.19 15.08 9.63
CA MET A 1 -20.58 15.19 10.12
C MET A 1 -21.00 13.90 10.76
N LYS A 2 -22.16 13.90 11.35
CA LYS A 2 -22.74 12.72 11.96
C LYS A 2 -24.24 12.77 11.75
N ASP A 3 -24.89 11.63 11.71
CA ASP A 3 -26.34 11.58 11.53
C ASP A 3 -26.83 10.17 11.81
N GLY A 4 -28.12 10.00 11.94
CA GLY A 4 -28.68 8.71 12.20
C GLY A 4 -28.96 7.96 10.92
N PHE A 5 -29.08 8.67 9.83
CA PHE A 5 -29.31 8.06 8.55
C PHE A 5 -27.99 7.52 8.01
N ILE A 6 -28.05 6.43 7.31
CA ILE A 6 -26.85 5.82 6.78
C ILE A 6 -26.42 6.46 5.47
N LEU A 7 -25.26 7.03 5.48
CA LEU A 7 -24.69 7.62 4.31
C LEU A 7 -23.91 6.54 3.59
N LYS A 8 -24.29 6.27 2.37
CA LYS A 8 -23.64 5.26 1.58
C LYS A 8 -22.27 5.74 1.16
N LYS A 9 -21.27 5.04 1.63
CA LYS A 9 -19.91 5.44 1.42
C LYS A 9 -19.32 4.76 0.23
N LYS A 10 -18.78 5.56 -0.64
CA LYS A 10 -18.15 5.11 -1.85
C LYS A 10 -16.72 4.80 -1.51
N LYS A 11 -16.10 3.94 -2.25
CA LYS A 11 -14.74 3.56 -1.92
C LYS A 11 -13.74 4.48 -2.54
N ILE A 12 -13.74 5.66 -2.00
CA ILE A 12 -12.82 6.70 -2.30
C ILE A 12 -12.29 7.18 -0.97
N PRO A 13 -11.12 7.81 -0.91
CA PRO A 13 -10.60 8.35 0.33
C PRO A 13 -11.46 9.50 0.81
N LYS A 14 -11.51 9.68 2.10
CA LYS A 14 -12.29 10.75 2.68
C LYS A 14 -11.47 12.01 2.71
N ASN A 15 -10.18 11.84 2.62
CA ASN A 15 -9.25 12.95 2.51
C ASN A 15 -9.12 13.25 1.03
N ILE A 16 -8.75 14.46 0.70
CA ILE A 16 -8.61 14.79 -0.71
C ILE A 16 -7.29 14.21 -1.18
N PHE A 17 -7.28 13.66 -2.38
CA PHE A 17 -6.10 13.05 -2.89
C PHE A 17 -5.11 14.10 -3.36
N ARG A 18 -3.89 13.96 -2.93
CA ARG A 18 -2.84 14.82 -3.33
C ARG A 18 -1.81 14.00 -4.02
N ILE A 19 -1.79 14.06 -5.30
CA ILE A 19 -0.82 13.34 -6.08
C ILE A 19 0.21 14.34 -6.60
N GLY A 20 0.76 15.07 -5.66
CA GLY A 20 1.68 16.16 -5.97
C GLY A 20 3.13 15.77 -6.25
N ASN A 21 3.37 14.62 -6.90
CA ASN A 21 4.71 14.22 -7.38
C ASN A 21 5.83 14.27 -6.32
N LYS A 22 5.66 13.55 -5.25
CA LYS A 22 6.67 13.53 -4.23
C LYS A 22 7.14 12.10 -4.12
N GLU A 23 8.23 11.77 -4.82
CA GLU A 23 8.72 10.40 -4.81
C GLU A 23 10.24 10.34 -4.91
N MET A 24 10.89 11.44 -4.58
CA MET A 24 12.34 11.56 -4.68
C MET A 24 13.04 10.55 -3.77
N SER A 25 13.52 9.49 -4.38
CA SER A 25 14.22 8.41 -3.70
C SER A 25 15.72 8.67 -3.75
N TYR A 26 16.10 9.86 -3.31
CA TYR A 26 17.48 10.27 -3.27
C TYR A 26 18.16 9.61 -2.09
N SER A 27 18.60 8.40 -2.34
CA SER A 27 19.25 7.52 -1.39
C SER A 27 19.52 6.21 -2.09
N ASP A 28 18.46 5.72 -2.79
CA ASP A 28 18.42 4.40 -3.46
C ASP A 28 18.30 3.30 -2.46
N ASP A 29 18.06 3.67 -1.22
CA ASP A 29 18.00 2.68 -0.14
C ASP A 29 16.68 2.01 -0.14
N LEU A 30 15.64 2.80 -0.16
CA LEU A 30 14.28 2.27 -0.24
C LEU A 30 14.03 1.65 -1.61
N ASN A 31 14.82 2.09 -2.60
CA ASN A 31 14.68 1.62 -3.98
C ASN A 31 14.98 0.12 -4.05
N SER A 32 15.94 -0.31 -3.25
CA SER A 32 16.32 -1.71 -3.15
C SER A 32 15.11 -2.61 -2.80
N LEU A 33 14.22 -2.10 -1.96
CA LEU A 33 13.07 -2.86 -1.51
C LEU A 33 11.94 -2.79 -2.53
N ILE A 34 12.02 -1.85 -3.46
CA ILE A 34 11.02 -1.75 -4.50
C ILE A 34 11.27 -2.89 -5.48
N GLN A 35 12.52 -3.18 -5.70
CA GLN A 35 12.97 -4.22 -6.61
C GLN A 35 12.82 -5.61 -5.97
N SER A 36 11.69 -5.84 -5.36
CA SER A 36 11.35 -7.11 -4.78
C SER A 36 10.60 -7.95 -5.81
N GLN A 37 11.25 -8.16 -6.94
CA GLN A 37 10.74 -8.93 -8.04
C GLN A 37 9.61 -8.26 -8.80
N TYR A 38 9.93 -7.06 -9.28
CA TYR A 38 9.12 -6.28 -10.21
C TYR A 38 7.99 -5.55 -9.55
N VAL A 39 8.23 -5.11 -8.34
CA VAL A 39 7.29 -4.31 -7.64
C VAL A 39 7.46 -2.88 -8.11
N SER A 40 6.39 -2.19 -8.37
CA SER A 40 6.46 -0.88 -8.94
C SER A 40 6.89 0.17 -7.91
N TYR A 41 6.25 0.18 -6.74
CA TYR A 41 6.59 1.14 -5.69
C TYR A 41 6.35 0.47 -4.36
N VAL A 42 7.16 0.79 -3.39
CA VAL A 42 6.98 0.29 -2.05
C VAL A 42 7.15 1.45 -1.10
N VAL A 43 6.42 1.45 -0.03
CA VAL A 43 6.58 2.48 0.95
C VAL A 43 7.03 1.87 2.23
N ILE A 44 8.18 2.28 2.68
CA ILE A 44 8.71 1.80 3.91
C ILE A 44 8.30 2.74 4.99
N LEU A 45 8.03 2.20 6.11
CA LEU A 45 7.68 2.96 7.26
C LEU A 45 8.86 2.95 8.20
N ASP A 46 8.75 3.70 9.21
CA ASP A 46 9.67 3.71 10.29
C ASP A 46 9.07 2.83 11.33
N PRO A 47 9.88 2.14 12.15
CA PRO A 47 9.42 1.29 13.24
C PRO A 47 8.21 1.84 14.02
N ASN A 48 8.14 3.16 14.23
CA ASN A 48 7.04 3.75 15.02
C ASN A 48 5.72 3.82 14.22
N GLY A 49 5.81 3.67 12.92
CA GLY A 49 4.61 3.65 12.13
C GLY A 49 4.43 4.90 11.30
N ALA A 50 5.51 5.60 11.04
CA ALA A 50 5.47 6.77 10.19
C ALA A 50 6.22 6.50 8.94
N ILE A 51 5.76 7.00 7.83
CA ILE A 51 6.38 6.70 6.56
C ILE A 51 7.79 7.23 6.43
N TYR A 52 8.62 6.47 5.74
CA TYR A 52 9.95 6.93 5.50
C TYR A 52 9.90 7.78 4.25
N TRP A 53 9.33 7.20 3.19
CA TRP A 53 9.10 7.90 1.96
C TRP A 53 8.27 7.01 1.06
N THR A 54 7.36 7.61 0.35
CA THR A 54 6.56 6.93 -0.62
C THR A 54 6.96 7.36 -2.01
N ASN A 55 7.31 6.41 -2.83
CA ASN A 55 7.87 6.69 -4.13
C ASN A 55 6.91 6.41 -5.27
N ASN A 56 5.82 7.13 -5.29
CA ASN A 56 4.86 7.00 -6.40
C ASN A 56 3.99 8.22 -6.51
N GLU A 57 4.45 9.23 -7.25
CA GLU A 57 3.71 10.52 -7.53
C GLU A 57 2.97 11.12 -6.30
N ASN A 58 3.49 10.83 -5.10
CA ASN A 58 2.91 11.21 -3.79
C ASN A 58 1.68 10.33 -3.46
N TRP A 59 1.88 9.03 -3.63
CA TRP A 59 0.97 7.98 -3.21
C TRP A 59 0.83 8.16 -1.72
N GLN A 60 -0.35 8.59 -1.29
CA GLN A 60 -0.60 9.09 0.07
C GLN A 60 -0.53 8.07 1.18
N VAL A 61 0.52 7.38 1.25
CA VAL A 61 0.77 6.51 2.32
C VAL A 61 1.34 7.40 3.41
N ASN A 62 0.51 7.75 4.36
CA ASN A 62 0.93 8.67 5.42
C ASN A 62 0.76 8.03 6.77
N GLY A 63 1.17 6.78 6.84
CA GLY A 63 1.13 6.03 8.05
C GLY A 63 -0.27 5.75 8.52
N SER A 64 -0.81 6.70 9.22
CA SER A 64 -2.05 6.54 9.92
C SER A 64 -3.27 6.21 9.02
N GLU A 65 -3.31 6.70 7.79
CA GLU A 65 -4.43 6.42 6.88
C GLU A 65 -4.51 4.95 6.65
N VAL A 66 -3.36 4.40 6.40
CA VAL A 66 -3.19 3.02 6.08
C VAL A 66 -3.71 2.13 7.20
N LEU A 67 -3.29 2.41 8.42
CA LEU A 67 -3.65 1.57 9.54
C LEU A 67 -5.08 1.79 9.93
N ARG A 68 -5.49 3.03 9.90
CA ARG A 68 -6.81 3.41 10.33
C ARG A 68 -7.87 3.01 9.31
N GLN A 69 -7.55 3.07 8.02
CA GLN A 69 -8.49 2.63 6.99
C GLN A 69 -8.55 1.10 6.95
N TRP A 70 -7.44 0.48 7.34
CA TRP A 70 -7.36 -0.98 7.44
C TRP A 70 -8.23 -1.40 8.62
N MET A 71 -8.19 -0.57 9.67
CA MET A 71 -9.00 -0.77 10.88
C MET A 71 -10.39 -0.17 10.71
N GLY A 72 -10.92 -0.31 9.53
CA GLY A 72 -12.21 0.24 9.26
C GLY A 72 -13.18 -0.84 8.90
N SER A 73 -12.79 -2.11 9.16
CA SER A 73 -13.58 -3.29 8.80
C SER A 73 -13.82 -3.28 7.27
N ALA A 74 -12.86 -2.73 6.57
CA ALA A 74 -12.95 -2.50 5.16
C ALA A 74 -12.11 -3.50 4.39
N PRO A 75 -12.70 -4.16 3.38
CA PRO A 75 -11.99 -5.07 2.49
C PRO A 75 -11.52 -4.33 1.23
N SER A 76 -11.33 -3.05 1.38
CA SER A 76 -10.88 -2.19 0.34
C SER A 76 -10.23 -0.94 0.93
N ILE A 77 -8.94 -0.81 0.74
CA ILE A 77 -8.20 0.32 1.21
C ILE A 77 -8.09 1.36 0.10
N THR A 78 -8.25 2.60 0.45
CA THR A 78 -8.21 3.68 -0.49
C THR A 78 -7.09 4.66 -0.18
N VAL A 79 -6.10 4.71 -1.04
CA VAL A 79 -4.96 5.58 -0.87
C VAL A 79 -4.73 6.31 -2.19
N ALA A 80 -4.47 7.62 -2.14
CA ALA A 80 -4.14 8.45 -3.32
C ALA A 80 -5.30 8.56 -4.31
N GLY A 81 -6.49 8.26 -3.82
CA GLY A 81 -7.68 8.36 -4.64
C GLY A 81 -8.04 7.08 -5.34
N THR A 82 -7.32 6.02 -5.06
CA THR A 82 -7.59 4.76 -5.70
C THR A 82 -7.89 3.66 -4.65
N LYS A 83 -8.75 2.72 -5.03
CA LYS A 83 -9.21 1.66 -4.15
C LYS A 83 -8.57 0.31 -4.45
N PHE A 84 -8.10 -0.33 -3.44
CA PHE A 84 -7.54 -1.64 -3.55
C PHE A 84 -8.48 -2.61 -2.84
N SER A 85 -9.15 -3.44 -3.58
CA SER A 85 -10.07 -4.43 -3.05
C SER A 85 -9.28 -5.67 -2.66
N SER A 86 -9.36 -6.06 -1.42
CA SER A 86 -8.58 -7.16 -0.93
C SER A 86 -9.19 -8.53 -1.23
N PHE A 87 -8.32 -9.50 -1.35
CA PHE A 87 -8.67 -10.88 -1.58
C PHE A 87 -8.53 -11.64 -0.29
N ARG A 88 -7.43 -11.43 0.36
CA ARG A 88 -7.24 -11.95 1.67
C ARG A 88 -7.00 -10.78 2.56
N ASN A 89 -7.96 -10.51 3.38
CA ASN A 89 -7.81 -9.48 4.34
C ASN A 89 -7.56 -10.11 5.65
N GLU A 90 -6.34 -10.10 6.02
CA GLU A 90 -5.99 -10.57 7.30
C GLU A 90 -5.41 -9.39 8.08
N PRO A 91 -6.19 -8.87 9.05
CA PRO A 91 -5.83 -7.70 9.87
C PRO A 91 -4.49 -7.85 10.54
N GLY A 92 -3.64 -6.89 10.29
CA GLY A 92 -2.30 -6.85 10.84
C GLY A 92 -1.39 -7.99 10.43
N VAL A 93 -1.74 -8.74 9.40
CA VAL A 93 -0.96 -9.86 9.00
C VAL A 93 -0.67 -9.79 7.53
N SER A 94 -1.69 -9.73 6.71
CA SER A 94 -1.49 -9.78 5.31
C SER A 94 -2.67 -9.23 4.63
N PHE A 95 -2.48 -8.13 4.06
CA PHE A 95 -3.47 -7.51 3.34
C PHE A 95 -3.11 -7.55 1.89
N VAL A 96 -3.78 -8.35 1.14
CA VAL A 96 -3.49 -8.45 -0.25
C VAL A 96 -4.72 -8.11 -1.06
N GLY A 97 -4.59 -7.09 -1.84
CA GLY A 97 -5.67 -6.62 -2.62
C GLY A 97 -5.24 -6.18 -3.97
N ARG A 98 -6.20 -6.05 -4.83
CA ARG A 98 -5.95 -5.62 -6.17
C ARG A 98 -6.61 -4.31 -6.36
N ASN A 99 -5.91 -3.44 -6.99
CA ASN A 99 -6.36 -2.19 -7.33
C ASN A 99 -7.38 -2.32 -8.45
N MET A 100 -8.59 -2.68 -8.05
CA MET A 100 -9.74 -2.82 -8.94
C MET A 100 -9.96 -1.56 -9.81
N ALA A 101 -9.47 -0.44 -9.36
CA ALA A 101 -9.60 0.79 -10.11
C ALA A 101 -8.23 1.35 -10.42
N GLY A 102 -7.65 0.90 -11.50
CA GLY A 102 -6.35 1.36 -11.90
C GLY A 102 -5.52 0.24 -12.46
N GLY A 103 -5.57 -0.89 -11.78
CA GLY A 103 -4.86 -2.05 -12.24
C GLY A 103 -3.54 -2.24 -11.55
N GLY A 104 -3.57 -2.94 -10.44
CA GLY A 104 -2.35 -3.24 -9.74
C GLY A 104 -2.67 -4.01 -8.50
N LEU A 105 -1.70 -4.35 -7.72
CA LEU A 105 -1.93 -5.08 -6.47
C LEU A 105 -1.15 -4.45 -5.33
N ILE A 106 -1.72 -4.51 -4.13
CA ILE A 106 -1.05 -4.04 -2.93
C ILE A 106 -1.01 -5.12 -1.89
N ILE A 107 0.15 -5.30 -1.31
CA ILE A 107 0.32 -6.21 -0.22
C ILE A 107 0.83 -5.40 0.96
N LEU A 108 0.07 -5.39 2.02
CA LEU A 108 0.40 -4.66 3.21
C LEU A 108 0.46 -5.57 4.45
N GLN A 109 1.49 -5.37 5.24
CA GLN A 109 1.73 -6.14 6.48
C GLN A 109 1.90 -5.11 7.60
N LYS A 110 1.45 -5.43 8.80
CA LYS A 110 1.60 -4.55 9.94
C LYS A 110 2.49 -5.19 10.99
N ALA A 111 3.60 -4.59 11.26
CA ALA A 111 4.40 -4.96 12.37
C ALA A 111 3.76 -4.31 13.59
N PRO A 112 3.69 -5.01 14.75
CA PRO A 112 3.01 -4.51 15.95
C PRO A 112 3.71 -3.30 16.61
N ASN A 113 4.70 -2.76 15.95
CA ASN A 113 5.40 -1.60 16.46
C ASN A 113 4.92 -0.34 15.72
N GLY A 114 4.21 -0.53 14.60
CA GLY A 114 3.69 0.57 13.87
C GLY A 114 4.05 0.47 12.41
N TYR A 115 5.21 -0.11 12.16
CA TYR A 115 5.74 -0.29 10.87
C TYR A 115 4.80 -1.11 9.98
N VAL A 116 4.57 -0.64 8.80
CA VAL A 116 3.72 -1.28 7.84
C VAL A 116 4.44 -1.28 6.52
N PHE A 117 4.17 -2.25 5.69
CA PHE A 117 4.90 -2.36 4.46
C PHE A 117 3.92 -2.36 3.34
N LEU A 118 3.92 -1.34 2.52
CA LEU A 118 3.00 -1.31 1.40
C LEU A 118 3.75 -1.53 0.11
N SER A 119 3.31 -2.47 -0.63
CA SER A 119 3.89 -2.75 -1.94
C SER A 119 2.82 -2.61 -3.01
N TRP A 120 3.17 -2.01 -4.13
CA TRP A 120 2.25 -1.90 -5.24
C TRP A 120 2.92 -2.51 -6.44
N THR A 121 2.29 -3.46 -7.02
CA THR A 121 2.81 -4.11 -8.17
C THR A 121 1.86 -3.79 -9.30
N SER A 122 2.39 -3.48 -10.45
CA SER A 122 1.57 -3.00 -11.54
C SER A 122 0.88 -4.12 -12.30
N HIS A 123 -0.17 -3.75 -13.01
CA HIS A 123 -0.95 -4.63 -13.88
C HIS A 123 -0.10 -5.15 -15.02
N GLU A 124 0.93 -4.41 -15.37
CA GLU A 124 1.82 -4.83 -16.41
C GLU A 124 2.76 -5.91 -15.89
N PHE A 125 3.06 -5.84 -14.60
CA PHE A 125 3.86 -6.83 -13.91
C PHE A 125 2.97 -7.91 -13.29
N LEU A 126 1.71 -7.99 -13.73
CA LEU A 126 0.70 -8.89 -13.14
C LEU A 126 1.04 -10.36 -13.42
N THR A 127 1.95 -10.59 -14.32
CA THR A 127 2.42 -11.91 -14.62
C THR A 127 3.30 -12.38 -13.44
N THR A 128 3.92 -11.43 -12.80
CA THR A 128 4.74 -11.66 -11.68
C THR A 128 3.88 -11.54 -10.39
N SER A 129 2.71 -10.95 -10.53
CA SER A 129 1.83 -10.72 -9.41
C SER A 129 0.84 -11.88 -9.28
N GLY A 130 1.16 -12.83 -8.45
CA GLY A 130 0.24 -13.91 -8.18
C GLY A 130 0.47 -15.17 -8.98
N LEU A 131 1.27 -15.10 -10.02
CA LEU A 131 1.57 -16.31 -10.79
C LEU A 131 2.73 -17.12 -10.18
N PRO A 132 3.92 -16.51 -9.91
CA PRO A 132 4.97 -17.21 -9.20
C PRO A 132 4.58 -17.27 -7.72
N PRO A 133 4.62 -18.48 -7.13
CA PRO A 133 4.13 -18.74 -5.76
C PRO A 133 4.53 -17.71 -4.71
N LEU A 134 3.57 -16.86 -4.35
CA LEU A 134 3.67 -15.90 -3.24
C LEU A 134 4.81 -14.86 -3.47
N ASN A 135 5.18 -14.68 -4.75
CA ASN A 135 6.32 -13.85 -5.16
C ASN A 135 6.38 -12.46 -4.52
N ILE A 136 5.34 -11.68 -4.69
CA ILE A 136 5.36 -10.31 -4.16
C ILE A 136 4.90 -10.27 -2.72
N HIS A 137 4.04 -11.20 -2.35
CA HIS A 137 3.44 -11.23 -1.03
C HIS A 137 4.49 -11.62 0.04
N ALA A 138 5.38 -12.53 -0.30
CA ALA A 138 6.37 -13.04 0.64
C ALA A 138 7.45 -12.03 0.94
N GLU A 139 7.55 -11.01 0.12
CA GLU A 139 8.54 -9.97 0.37
C GLU A 139 8.00 -8.95 1.35
N ILE A 140 6.71 -9.03 1.63
CA ILE A 140 6.08 -8.08 2.53
C ILE A 140 5.58 -8.73 3.82
N ALA A 141 4.70 -9.74 3.71
CA ALA A 141 4.07 -10.30 4.92
C ALA A 141 5.01 -11.16 5.75
N MET A 142 6.14 -11.47 5.17
CA MET A 142 7.18 -12.22 5.85
C MET A 142 8.18 -11.26 6.49
N MET A 143 8.59 -10.27 5.71
CA MET A 143 9.64 -9.35 6.11
C MET A 143 9.21 -8.37 7.18
N ALA A 144 8.01 -7.80 7.02
CA ALA A 144 7.51 -6.81 7.98
C ALA A 144 7.14 -7.46 9.30
N ALA A 145 7.08 -8.77 9.32
CA ALA A 145 6.77 -9.48 10.54
C ALA A 145 8.04 -9.61 11.39
N LYS A 146 9.17 -9.39 10.76
CA LYS A 146 10.45 -9.49 11.40
C LYS A 146 10.92 -8.10 11.78
N PHE A 147 10.76 -7.18 10.83
CA PHE A 147 11.16 -5.81 11.04
C PHE A 147 10.07 -5.10 11.82
N GLN A 148 10.29 -4.99 13.09
CA GLN A 148 9.36 -4.36 14.00
C GLN A 148 10.13 -3.57 15.06
N MET A 1 -29.50 20.82 -6.74
CA MET A 1 -28.13 20.34 -6.97
C MET A 1 -28.02 18.97 -6.36
N LYS A 2 -27.13 18.16 -6.88
CA LYS A 2 -26.99 16.78 -6.45
C LYS A 2 -26.17 16.68 -5.18
N ASP A 3 -25.25 17.60 -5.01
CA ASP A 3 -24.42 17.67 -3.81
C ASP A 3 -25.29 17.95 -2.61
N GLY A 4 -24.92 17.38 -1.51
CA GLY A 4 -25.66 17.54 -0.31
C GLY A 4 -25.86 16.20 0.28
N PHE A 5 -26.87 15.53 -0.19
CA PHE A 5 -27.09 14.19 0.21
C PHE A 5 -26.94 13.28 -1.00
N ILE A 6 -25.83 12.61 -1.05
CA ILE A 6 -25.52 11.66 -2.09
C ILE A 6 -25.40 10.27 -1.49
N LEU A 7 -25.88 9.27 -2.20
CA LEU A 7 -25.74 7.91 -1.75
C LEU A 7 -24.28 7.46 -1.85
N LYS A 8 -23.83 6.76 -0.86
CA LYS A 8 -22.42 6.43 -0.74
C LYS A 8 -22.12 5.01 -1.17
N LYS A 9 -21.52 4.88 -2.33
CA LYS A 9 -21.04 3.61 -2.82
C LYS A 9 -19.53 3.64 -2.73
N LYS A 10 -18.89 2.51 -2.52
CA LYS A 10 -17.43 2.45 -2.45
C LYS A 10 -16.82 2.73 -3.80
N LYS A 11 -16.37 3.93 -3.98
CA LYS A 11 -15.74 4.36 -5.21
C LYS A 11 -14.38 4.93 -4.87
N ILE A 12 -13.69 5.43 -5.85
CA ILE A 12 -12.43 6.10 -5.61
C ILE A 12 -12.75 7.53 -5.14
N PRO A 13 -12.34 7.90 -3.93
CA PRO A 13 -12.66 9.19 -3.39
C PRO A 13 -11.83 10.28 -4.04
N LYS A 14 -12.48 11.19 -4.70
CA LYS A 14 -11.79 12.26 -5.33
C LYS A 14 -11.71 13.45 -4.43
N ASN A 15 -10.70 13.44 -3.62
CA ASN A 15 -10.40 14.53 -2.75
C ASN A 15 -9.07 15.06 -3.14
N ILE A 16 -8.75 16.24 -2.70
CA ILE A 16 -7.46 16.81 -2.98
C ILE A 16 -6.40 16.21 -2.05
N PHE A 17 -5.60 15.36 -2.61
CA PHE A 17 -4.51 14.73 -1.90
C PHE A 17 -3.23 15.12 -2.57
N ARG A 18 -2.15 15.02 -1.86
CA ARG A 18 -0.86 15.30 -2.42
C ARG A 18 -0.30 14.00 -2.92
N ILE A 19 -0.34 13.79 -4.22
CA ILE A 19 0.11 12.53 -4.76
C ILE A 19 1.61 12.45 -4.90
N GLY A 20 2.26 12.29 -3.77
CA GLY A 20 3.71 12.18 -3.73
C GLY A 20 4.31 13.56 -3.76
N ASN A 21 4.34 14.11 -4.97
CA ASN A 21 4.80 15.48 -5.27
C ASN A 21 6.30 15.76 -4.97
N LYS A 22 7.02 14.75 -4.48
CA LYS A 22 8.45 14.84 -4.19
C LYS A 22 8.99 13.45 -4.20
N GLU A 23 10.29 13.33 -4.12
CA GLU A 23 10.95 12.06 -3.99
C GLU A 23 11.93 12.20 -2.86
N MET A 24 11.90 11.30 -1.94
CA MET A 24 12.82 11.33 -0.84
C MET A 24 13.78 10.18 -0.93
N SER A 25 14.89 10.42 -1.56
CA SER A 25 15.93 9.47 -1.66
C SER A 25 17.12 9.93 -0.85
N TYR A 26 17.18 9.53 0.42
CA TYR A 26 18.33 9.83 1.28
C TYR A 26 19.46 8.93 0.83
N SER A 27 19.04 7.85 0.28
CA SER A 27 19.86 6.89 -0.31
C SER A 27 19.00 6.33 -1.43
N ASP A 28 19.58 5.60 -2.34
CA ASP A 28 18.81 5.00 -3.42
C ASP A 28 18.41 3.59 -3.03
N ASP A 29 18.55 3.30 -1.76
CA ASP A 29 18.28 1.98 -1.20
C ASP A 29 16.82 1.65 -1.31
N LEU A 30 15.98 2.57 -0.89
CA LEU A 30 14.54 2.41 -0.94
C LEU A 30 14.05 2.35 -2.40
N ASN A 31 14.76 3.03 -3.27
CA ASN A 31 14.41 3.08 -4.69
C ASN A 31 14.82 1.79 -5.39
N SER A 32 15.90 1.20 -4.93
CA SER A 32 16.39 -0.06 -5.48
C SER A 32 15.46 -1.21 -5.05
N LEU A 33 14.68 -0.95 -4.03
CA LEU A 33 13.79 -1.94 -3.47
C LEU A 33 12.51 -2.09 -4.31
N ILE A 34 12.23 -1.12 -5.19
CA ILE A 34 11.05 -1.24 -6.04
C ILE A 34 11.37 -2.13 -7.24
N GLN A 35 12.66 -2.32 -7.49
CA GLN A 35 13.11 -3.16 -8.60
C GLN A 35 12.95 -4.60 -8.18
N SER A 36 12.71 -4.80 -6.91
CA SER A 36 12.61 -6.04 -6.32
C SER A 36 11.24 -6.55 -6.58
N GLN A 37 11.20 -7.29 -7.64
CA GLN A 37 10.04 -8.01 -8.12
C GLN A 37 9.04 -7.12 -8.89
N TYR A 38 9.54 -5.97 -9.35
CA TYR A 38 8.81 -5.07 -10.23
C TYR A 38 7.68 -4.36 -9.52
N VAL A 39 8.05 -3.72 -8.47
CA VAL A 39 7.12 -3.02 -7.65
C VAL A 39 7.12 -1.53 -8.07
N SER A 40 5.97 -0.87 -8.07
CA SER A 40 5.92 0.52 -8.51
C SER A 40 6.43 1.45 -7.41
N TYR A 41 6.16 1.07 -6.18
CA TYR A 41 6.60 1.85 -5.04
C TYR A 41 6.61 0.94 -3.83
N VAL A 42 7.58 1.12 -3.00
CA VAL A 42 7.64 0.44 -1.73
C VAL A 42 7.74 1.49 -0.66
N VAL A 43 7.08 1.30 0.43
CA VAL A 43 7.15 2.29 1.47
C VAL A 43 7.72 1.73 2.76
N ILE A 44 8.49 2.53 3.42
CA ILE A 44 8.93 2.22 4.76
C ILE A 44 8.43 3.21 5.72
N LEU A 45 8.61 2.93 6.98
CA LEU A 45 7.95 3.66 8.00
C LEU A 45 8.89 4.13 9.09
N ASP A 46 8.29 4.71 10.05
CA ASP A 46 8.87 5.12 11.30
C ASP A 46 8.51 4.02 12.29
N PRO A 47 9.32 3.81 13.36
CA PRO A 47 9.05 2.78 14.40
C PRO A 47 7.63 2.77 14.98
N ASN A 48 6.88 3.81 14.77
CA ASN A 48 5.54 3.93 15.33
C ASN A 48 4.44 3.72 14.30
N GLY A 49 4.80 3.58 13.03
CA GLY A 49 3.78 3.40 12.04
C GLY A 49 3.55 4.61 11.19
N ALA A 50 4.39 5.62 11.37
CA ALA A 50 4.32 6.78 10.52
C ALA A 50 5.08 6.45 9.24
N ILE A 51 4.76 7.06 8.13
CA ILE A 51 5.42 6.68 6.89
C ILE A 51 6.76 7.43 6.77
N TYR A 52 7.77 6.75 6.28
CA TYR A 52 9.07 7.33 6.04
C TYR A 52 9.01 7.92 4.67
N TRP A 53 8.82 7.07 3.67
CA TRP A 53 8.60 7.53 2.34
C TRP A 53 8.03 6.45 1.43
N THR A 54 7.19 6.89 0.54
CA THR A 54 6.54 6.14 -0.49
C THR A 54 7.13 6.61 -1.82
N ASN A 55 8.00 5.80 -2.37
CA ASN A 55 8.88 6.27 -3.41
C ASN A 55 8.38 6.02 -4.80
N ASN A 56 7.52 6.88 -5.24
CA ASN A 56 7.17 6.91 -6.68
C ASN A 56 6.74 8.29 -7.13
N GLU A 57 6.68 9.23 -6.17
CA GLU A 57 6.27 10.63 -6.41
C GLU A 57 4.82 10.72 -6.93
N ASN A 58 4.04 9.66 -6.76
CA ASN A 58 2.67 9.63 -7.30
C ASN A 58 1.70 8.98 -6.30
N TRP A 59 2.23 8.31 -5.33
CA TRP A 59 1.43 7.59 -4.41
C TRP A 59 1.84 8.10 -3.11
N GLN A 60 0.93 8.57 -2.36
CA GLN A 60 1.33 9.04 -1.11
C GLN A 60 0.59 8.30 -0.07
N VAL A 61 1.21 7.23 0.32
CA VAL A 61 0.75 6.39 1.38
C VAL A 61 0.68 7.19 2.66
N ASN A 62 -0.50 7.56 3.01
CA ASN A 62 -0.76 8.25 4.21
C ASN A 62 -1.15 7.25 5.26
N GLY A 63 -0.16 6.86 6.04
CA GLY A 63 -0.30 5.87 7.12
C GLY A 63 -1.55 6.02 7.97
N SER A 64 -1.93 7.26 8.23
CA SER A 64 -3.09 7.58 9.03
C SER A 64 -4.41 7.09 8.39
N GLU A 65 -4.38 6.74 7.12
CA GLU A 65 -5.51 6.13 6.46
C GLU A 65 -5.20 4.67 6.21
N VAL A 66 -4.03 4.44 5.66
CA VAL A 66 -3.53 3.12 5.25
C VAL A 66 -3.73 2.04 6.33
N LEU A 67 -3.20 2.28 7.50
CA LEU A 67 -3.31 1.37 8.60
C LEU A 67 -4.71 1.45 9.21
N ARG A 68 -5.19 2.66 9.32
CA ARG A 68 -6.45 2.95 9.96
C ARG A 68 -7.66 2.35 9.24
N GLN A 69 -7.67 2.41 7.94
CA GLN A 69 -8.79 1.96 7.15
C GLN A 69 -8.82 0.45 7.13
N TRP A 70 -7.65 -0.14 7.29
CA TRP A 70 -7.55 -1.57 7.35
C TRP A 70 -8.04 -2.05 8.68
N MET A 71 -7.70 -1.31 9.70
CA MET A 71 -8.11 -1.68 11.04
C MET A 71 -9.45 -1.01 11.35
N GLY A 72 -10.28 -0.94 10.33
CA GLY A 72 -11.60 -0.41 10.45
C GLY A 72 -12.61 -1.42 9.98
N SER A 73 -12.12 -2.67 9.82
CA SER A 73 -12.92 -3.82 9.39
C SER A 73 -13.50 -3.63 7.97
N ALA A 74 -12.86 -2.78 7.19
CA ALA A 74 -13.31 -2.50 5.84
C ALA A 74 -12.38 -3.17 4.84
N PRO A 75 -12.93 -3.80 3.79
CA PRO A 75 -12.14 -4.46 2.74
C PRO A 75 -11.90 -3.52 1.54
N SER A 76 -11.87 -2.26 1.81
CA SER A 76 -11.62 -1.27 0.79
C SER A 76 -10.83 -0.11 1.36
N ILE A 77 -9.58 -0.10 1.03
CA ILE A 77 -8.66 0.94 1.46
C ILE A 77 -8.49 1.94 0.35
N THR A 78 -8.50 3.20 0.68
CA THR A 78 -8.38 4.23 -0.33
C THR A 78 -7.15 5.09 -0.07
N VAL A 79 -6.16 4.98 -0.93
CA VAL A 79 -4.93 5.75 -0.80
C VAL A 79 -4.71 6.49 -2.09
N ALA A 80 -4.29 7.74 -2.00
CA ALA A 80 -3.99 8.60 -3.14
C ALA A 80 -5.24 8.84 -4.00
N GLY A 81 -6.41 8.59 -3.43
CA GLY A 81 -7.66 8.78 -4.13
C GLY A 81 -8.10 7.57 -4.93
N THR A 82 -7.44 6.44 -4.76
CA THR A 82 -7.82 5.24 -5.46
C THR A 82 -8.12 4.12 -4.44
N LYS A 83 -9.07 3.23 -4.74
CA LYS A 83 -9.47 2.21 -3.79
C LYS A 83 -8.82 0.86 -4.08
N PHE A 84 -8.46 0.19 -3.04
CA PHE A 84 -7.97 -1.12 -3.09
C PHE A 84 -8.98 -2.05 -2.42
N SER A 85 -9.72 -2.73 -3.24
CA SER A 85 -10.70 -3.69 -2.82
C SER A 85 -9.96 -4.98 -2.46
N SER A 86 -9.97 -5.29 -1.20
CA SER A 86 -9.21 -6.37 -0.65
C SER A 86 -9.56 -7.77 -1.22
N PHE A 87 -8.52 -8.55 -1.46
CA PHE A 87 -8.65 -9.94 -1.87
C PHE A 87 -8.73 -10.76 -0.60
N ARG A 88 -7.61 -10.77 0.08
CA ARG A 88 -7.41 -11.56 1.25
C ARG A 88 -7.27 -10.70 2.47
N ASN A 89 -8.11 -10.95 3.42
CA ASN A 89 -7.99 -10.35 4.71
C ASN A 89 -7.18 -11.31 5.55
N GLU A 90 -5.88 -11.14 5.55
CA GLU A 90 -5.07 -11.98 6.40
C GLU A 90 -4.71 -11.15 7.63
N PRO A 91 -5.32 -11.45 8.79
CA PRO A 91 -5.15 -10.67 10.00
C PRO A 91 -3.74 -10.75 10.56
N GLY A 92 -3.12 -9.60 10.72
CA GLY A 92 -1.79 -9.50 11.30
C GLY A 92 -0.67 -10.02 10.41
N VAL A 93 -1.00 -10.56 9.26
CA VAL A 93 -0.02 -11.14 8.40
C VAL A 93 0.30 -10.21 7.27
N SER A 94 -0.61 -10.08 6.34
CA SER A 94 -0.38 -9.33 5.14
C SER A 94 -1.60 -9.37 4.30
N PHE A 95 -2.14 -8.27 4.06
CA PHE A 95 -3.36 -8.20 3.31
C PHE A 95 -3.10 -7.75 1.91
N VAL A 96 -3.91 -8.22 1.02
CA VAL A 96 -3.76 -7.95 -0.39
C VAL A 96 -5.00 -7.17 -0.86
N GLY A 97 -4.79 -6.06 -1.50
CA GLY A 97 -5.89 -5.25 -1.97
C GLY A 97 -5.76 -4.92 -3.43
N ARG A 98 -6.86 -5.00 -4.14
CA ARG A 98 -6.85 -4.80 -5.58
C ARG A 98 -7.11 -3.40 -5.86
N ASN A 99 -6.25 -2.77 -6.57
CA ASN A 99 -6.47 -1.49 -7.03
C ASN A 99 -7.42 -1.61 -8.21
N MET A 100 -8.67 -1.92 -7.85
CA MET A 100 -9.82 -2.06 -8.75
C MET A 100 -9.75 -1.12 -9.96
N ALA A 101 -9.48 0.13 -9.72
CA ALA A 101 -9.36 1.08 -10.78
C ALA A 101 -7.91 1.48 -10.90
N GLY A 102 -7.22 0.74 -11.69
CA GLY A 102 -5.81 0.92 -11.91
C GLY A 102 -5.23 -0.36 -12.43
N GLY A 103 -5.69 -1.46 -11.86
CA GLY A 103 -5.27 -2.77 -12.33
C GLY A 103 -4.05 -3.29 -11.62
N GLY A 104 -3.88 -2.88 -10.38
CA GLY A 104 -2.72 -3.34 -9.63
C GLY A 104 -3.13 -3.83 -8.27
N LEU A 105 -2.19 -4.19 -7.44
CA LEU A 105 -2.52 -4.66 -6.10
C LEU A 105 -1.54 -4.15 -5.05
N ILE A 106 -2.07 -3.76 -3.90
CA ILE A 106 -1.27 -3.41 -2.74
C ILE A 106 -1.19 -4.61 -1.84
N ILE A 107 -0.05 -4.90 -1.35
CA ILE A 107 0.09 -5.94 -0.38
C ILE A 107 0.89 -5.35 0.79
N LEU A 108 0.28 -5.37 1.97
CA LEU A 108 0.83 -4.73 3.15
C LEU A 108 0.93 -5.68 4.30
N GLN A 109 2.10 -5.79 4.85
CA GLN A 109 2.32 -6.54 6.05
C GLN A 109 2.23 -5.54 7.16
N LYS A 110 1.43 -5.84 8.11
CA LYS A 110 1.23 -4.97 9.23
C LYS A 110 2.05 -5.46 10.42
N ALA A 111 3.22 -4.89 10.61
CA ALA A 111 4.00 -5.19 11.78
C ALA A 111 3.32 -4.55 12.97
N PRO A 112 3.23 -5.25 14.11
CA PRO A 112 2.49 -4.78 15.30
C PRO A 112 3.12 -3.54 15.95
N ASN A 113 4.30 -3.20 15.51
CA ASN A 113 5.03 -2.08 16.06
C ASN A 113 4.60 -0.77 15.39
N GLY A 114 3.91 -0.86 14.28
CA GLY A 114 3.46 0.30 13.58
C GLY A 114 3.76 0.20 12.11
N TYR A 115 4.93 -0.33 11.80
CA TYR A 115 5.39 -0.50 10.42
C TYR A 115 4.36 -1.25 9.52
N VAL A 116 4.12 -0.69 8.35
CA VAL A 116 3.17 -1.18 7.37
C VAL A 116 3.86 -1.15 6.01
N PHE A 117 4.06 -2.26 5.39
CA PHE A 117 4.88 -2.23 4.20
C PHE A 117 4.03 -2.29 2.99
N LEU A 118 4.06 -1.23 2.25
CA LEU A 118 3.28 -1.11 1.05
C LEU A 118 4.11 -1.45 -0.11
N SER A 119 3.68 -2.40 -0.83
CA SER A 119 4.29 -2.74 -2.04
C SER A 119 3.19 -2.92 -3.07
N TRP A 120 3.27 -2.15 -4.09
CA TRP A 120 2.29 -2.24 -5.16
C TRP A 120 2.94 -2.88 -6.31
N THR A 121 2.37 -3.89 -6.76
CA THR A 121 2.95 -4.61 -7.83
C THR A 121 2.49 -3.95 -9.12
N SER A 122 3.47 -3.57 -9.93
CA SER A 122 3.26 -2.86 -11.18
C SER A 122 2.17 -3.49 -12.04
N HIS A 123 1.25 -2.65 -12.55
CA HIS A 123 0.08 -3.13 -13.27
C HIS A 123 0.41 -3.76 -14.62
N GLU A 124 1.59 -3.48 -15.16
CA GLU A 124 2.03 -4.18 -16.38
C GLU A 124 2.40 -5.61 -16.01
N PHE A 125 2.98 -5.75 -14.85
CA PHE A 125 3.47 -7.01 -14.35
C PHE A 125 2.40 -7.74 -13.58
N LEU A 126 1.14 -7.30 -13.76
CA LEU A 126 -0.02 -7.90 -13.10
C LEU A 126 -0.18 -9.35 -13.61
N THR A 127 0.36 -9.56 -14.80
CA THR A 127 0.40 -10.85 -15.45
C THR A 127 1.17 -11.84 -14.58
N THR A 128 2.21 -11.34 -14.00
CA THR A 128 3.12 -12.07 -13.20
C THR A 128 2.74 -12.02 -11.69
N SER A 129 1.96 -11.02 -11.31
CA SER A 129 1.62 -10.78 -9.91
C SER A 129 0.83 -11.94 -9.30
N GLY A 130 1.47 -12.69 -8.43
CA GLY A 130 0.79 -13.76 -7.74
C GLY A 130 1.12 -15.14 -8.30
N LEU A 131 1.78 -15.18 -9.45
CA LEU A 131 2.13 -16.45 -10.07
C LEU A 131 3.30 -17.16 -9.38
N PRO A 132 4.51 -16.53 -9.24
CA PRO A 132 5.59 -17.11 -8.42
C PRO A 132 5.10 -17.24 -6.97
N PRO A 133 5.12 -18.51 -6.41
CA PRO A 133 4.52 -18.90 -5.11
C PRO A 133 4.37 -17.81 -4.07
N LEU A 134 3.24 -17.05 -4.20
CA LEU A 134 2.85 -15.93 -3.34
C LEU A 134 4.02 -15.05 -2.92
N ASN A 135 4.98 -14.86 -3.82
CA ASN A 135 6.21 -14.13 -3.50
C ASN A 135 5.91 -12.76 -2.98
N ILE A 136 5.10 -12.01 -3.70
CA ILE A 136 4.75 -10.64 -3.29
C ILE A 136 4.03 -10.60 -1.94
N HIS A 137 3.40 -11.70 -1.56
CA HIS A 137 2.70 -11.76 -0.29
C HIS A 137 3.68 -12.11 0.84
N ALA A 138 4.58 -13.00 0.53
CA ALA A 138 5.43 -13.63 1.52
C ALA A 138 6.64 -12.80 1.78
N GLU A 139 7.12 -12.14 0.74
CA GLU A 139 8.28 -11.29 0.80
C GLU A 139 8.01 -10.19 1.83
N ILE A 140 6.82 -9.65 1.74
CA ILE A 140 6.43 -8.55 2.58
C ILE A 140 6.11 -9.04 3.97
N ALA A 141 5.39 -10.18 4.05
CA ALA A 141 4.97 -10.72 5.33
C ALA A 141 6.13 -11.06 6.26
N MET A 142 7.28 -11.27 5.67
CA MET A 142 8.47 -11.47 6.47
C MET A 142 9.26 -10.18 6.67
N MET A 143 9.46 -9.41 5.58
CA MET A 143 10.31 -8.20 5.65
C MET A 143 9.81 -7.14 6.61
N ALA A 144 8.51 -6.98 6.71
CA ALA A 144 7.95 -5.94 7.58
C ALA A 144 7.95 -6.38 9.02
N ALA A 145 7.90 -7.68 9.22
CA ALA A 145 7.82 -8.26 10.55
C ALA A 145 9.18 -8.24 11.23
N LYS A 146 10.18 -7.74 10.53
CA LYS A 146 11.52 -7.65 11.05
C LYS A 146 11.64 -6.37 11.85
N PHE A 147 10.82 -5.41 11.50
CA PHE A 147 10.86 -4.14 12.13
C PHE A 147 9.87 -4.10 13.28
N GLN A 148 10.34 -4.57 14.40
CA GLN A 148 9.57 -4.68 15.61
C GLN A 148 10.58 -4.70 16.73
N MET A 1 -21.40 22.64 -24.69
CA MET A 1 -22.33 22.25 -23.62
C MET A 1 -21.69 22.52 -22.27
N LYS A 2 -22.50 22.78 -21.28
CA LYS A 2 -22.02 23.01 -19.95
C LYS A 2 -22.13 21.70 -19.19
N ASP A 3 -21.07 20.94 -19.24
CA ASP A 3 -21.02 19.62 -18.62
C ASP A 3 -19.60 19.21 -18.43
N GLY A 4 -19.16 19.21 -17.20
CA GLY A 4 -17.80 18.80 -16.90
C GLY A 4 -17.66 17.31 -17.04
N PHE A 5 -16.45 16.85 -17.22
CA PHE A 5 -16.22 15.43 -17.38
C PHE A 5 -16.39 14.77 -16.03
N ILE A 6 -17.43 13.99 -15.92
CA ILE A 6 -17.78 13.36 -14.69
C ILE A 6 -17.13 11.99 -14.63
N LEU A 7 -16.33 11.80 -13.64
CA LEU A 7 -15.71 10.54 -13.41
C LEU A 7 -16.70 9.67 -12.70
N LYS A 8 -16.78 8.43 -13.09
CA LYS A 8 -17.69 7.51 -12.46
C LYS A 8 -16.99 6.99 -11.24
N LYS A 9 -17.21 7.69 -10.16
CA LYS A 9 -16.45 7.55 -8.96
C LYS A 9 -17.10 6.60 -7.98
N LYS A 10 -16.28 5.93 -7.23
CA LYS A 10 -16.67 5.08 -6.14
C LYS A 10 -16.39 5.87 -4.88
N LYS A 11 -16.96 5.52 -3.75
CA LYS A 11 -16.77 6.36 -2.59
C LYS A 11 -15.38 6.35 -1.98
N ILE A 12 -14.62 7.29 -2.43
CA ILE A 12 -13.31 7.56 -1.98
C ILE A 12 -13.37 8.86 -1.18
N PRO A 13 -12.68 8.93 -0.05
CA PRO A 13 -12.70 10.12 0.77
C PRO A 13 -12.04 11.29 0.05
N LYS A 14 -12.69 12.42 0.10
CA LYS A 14 -12.17 13.61 -0.50
C LYS A 14 -11.18 14.29 0.42
N ASN A 15 -10.00 13.75 0.41
CA ASN A 15 -8.91 14.23 1.23
C ASN A 15 -7.95 14.97 0.35
N ILE A 16 -7.19 15.83 0.93
CA ILE A 16 -6.23 16.57 0.16
C ILE A 16 -4.94 15.76 0.04
N PHE A 17 -4.73 15.22 -1.12
CA PHE A 17 -3.54 14.48 -1.42
C PHE A 17 -2.85 15.07 -2.58
N ARG A 18 -1.74 15.65 -2.31
CA ARG A 18 -0.90 16.17 -3.33
C ARG A 18 0.04 15.07 -3.66
N ILE A 19 -0.30 14.31 -4.66
CA ILE A 19 0.45 13.15 -5.04
C ILE A 19 1.73 13.49 -5.81
N GLY A 20 2.62 14.15 -5.11
CA GLY A 20 3.88 14.51 -5.66
C GLY A 20 5.00 13.78 -5.00
N ASN A 21 4.91 13.66 -3.66
CA ASN A 21 5.94 12.99 -2.84
C ASN A 21 7.24 13.72 -3.00
N LYS A 22 7.22 15.02 -2.73
CA LYS A 22 8.40 15.84 -2.93
C LYS A 22 9.56 15.50 -2.01
N GLU A 23 10.43 14.67 -2.55
CA GLU A 23 11.65 14.22 -1.94
C GLU A 23 12.37 13.45 -3.03
N MET A 24 13.66 13.28 -2.92
CA MET A 24 14.38 12.60 -3.94
C MET A 24 14.69 11.16 -3.58
N SER A 25 14.23 10.29 -4.43
CA SER A 25 14.50 8.89 -4.34
C SER A 25 15.47 8.58 -5.47
N TYR A 26 16.70 9.00 -5.30
CA TYR A 26 17.68 8.89 -6.36
C TYR A 26 18.99 8.29 -5.82
N SER A 27 19.00 7.95 -4.55
CA SER A 27 20.20 7.39 -3.92
C SER A 27 20.27 5.89 -4.21
N ASP A 28 19.22 5.37 -4.86
CA ASP A 28 19.09 3.99 -5.33
C ASP A 28 18.93 2.99 -4.21
N ASP A 29 18.69 3.46 -3.01
CA ASP A 29 18.57 2.56 -1.88
C ASP A 29 17.15 2.12 -1.77
N LEU A 30 16.26 3.09 -1.60
CA LEU A 30 14.84 2.84 -1.51
C LEU A 30 14.35 2.33 -2.86
N ASN A 31 15.02 2.79 -3.91
CA ASN A 31 14.71 2.41 -5.30
C ASN A 31 14.98 0.92 -5.49
N SER A 32 16.02 0.43 -4.83
CA SER A 32 16.42 -0.95 -4.94
C SER A 32 15.34 -1.83 -4.30
N LEU A 33 14.74 -1.32 -3.23
CA LEU A 33 13.66 -2.01 -2.53
C LEU A 33 12.41 -2.07 -3.42
N ILE A 34 12.26 -1.07 -4.29
CA ILE A 34 11.16 -1.02 -5.24
C ILE A 34 11.34 -2.10 -6.30
N GLN A 35 12.59 -2.34 -6.67
CA GLN A 35 12.92 -3.28 -7.73
C GLN A 35 12.95 -4.72 -7.21
N SER A 36 12.12 -4.99 -6.24
CA SER A 36 12.02 -6.30 -5.70
C SER A 36 10.99 -7.09 -6.47
N GLN A 37 11.40 -7.47 -7.67
CA GLN A 37 10.63 -8.35 -8.57
C GLN A 37 9.48 -7.62 -9.30
N TYR A 38 9.68 -6.33 -9.52
CA TYR A 38 8.76 -5.46 -10.26
C TYR A 38 7.60 -4.92 -9.46
N VAL A 39 7.97 -4.28 -8.41
CA VAL A 39 7.10 -3.53 -7.59
C VAL A 39 7.14 -2.10 -8.15
N SER A 40 6.04 -1.39 -8.17
CA SER A 40 6.04 -0.04 -8.71
C SER A 40 6.54 0.96 -7.68
N TYR A 41 6.23 0.72 -6.44
CA TYR A 41 6.61 1.62 -5.38
C TYR A 41 6.57 0.92 -4.06
N VAL A 42 7.40 1.33 -3.16
CA VAL A 42 7.36 0.84 -1.83
C VAL A 42 7.43 1.98 -0.87
N VAL A 43 6.52 1.95 0.00
CA VAL A 43 6.33 2.91 0.99
C VAL A 43 6.90 2.36 2.26
N ILE A 44 7.89 3.02 2.78
CA ILE A 44 8.56 2.57 3.97
C ILE A 44 7.91 3.26 5.16
N LEU A 45 7.80 2.58 6.26
CA LEU A 45 7.18 3.13 7.46
C LEU A 45 8.20 3.34 8.58
N ASP A 46 7.75 4.06 9.55
CA ASP A 46 8.47 4.41 10.75
C ASP A 46 7.87 3.60 11.90
N PRO A 47 8.61 3.33 13.01
CA PRO A 47 8.10 2.56 14.18
C PRO A 47 6.85 3.18 14.87
N ASN A 48 6.47 4.35 14.44
CA ASN A 48 5.27 4.97 14.97
C ASN A 48 4.07 4.64 14.06
N GLY A 49 4.31 4.02 12.90
CA GLY A 49 3.24 3.77 12.00
C GLY A 49 3.05 4.96 11.10
N ALA A 50 4.10 5.72 10.97
CA ALA A 50 4.09 6.89 10.13
C ALA A 50 4.94 6.60 8.92
N ILE A 51 4.70 7.24 7.81
CA ILE A 51 5.45 6.92 6.60
C ILE A 51 6.85 7.52 6.68
N TYR A 52 7.82 6.76 6.26
CA TYR A 52 9.18 7.23 6.15
C TYR A 52 9.23 8.02 4.86
N TRP A 53 8.93 7.34 3.75
CA TRP A 53 8.72 8.00 2.50
C TRP A 53 8.04 7.09 1.48
N THR A 54 7.24 7.72 0.66
CA THR A 54 6.49 7.14 -0.42
C THR A 54 7.26 7.21 -1.71
N ASN A 55 7.82 6.11 -2.13
CA ASN A 55 8.69 6.16 -3.28
C ASN A 55 7.95 5.85 -4.56
N ASN A 56 6.96 6.64 -4.88
CA ASN A 56 6.33 6.51 -6.21
C ASN A 56 6.43 7.81 -6.96
N GLU A 57 6.59 8.91 -6.18
CA GLU A 57 6.62 10.28 -6.72
C GLU A 57 5.28 10.64 -7.33
N ASN A 58 4.23 9.96 -6.85
CA ASN A 58 2.89 10.13 -7.39
C ASN A 58 1.85 9.38 -6.53
N TRP A 59 2.26 8.91 -5.34
CA TRP A 59 1.36 8.15 -4.49
C TRP A 59 1.46 8.70 -3.12
N GLN A 60 0.45 9.30 -2.61
CA GLN A 60 0.62 9.87 -1.32
C GLN A 60 -0.03 9.01 -0.28
N VAL A 61 0.76 8.43 0.55
CA VAL A 61 0.27 7.61 1.61
C VAL A 61 0.38 8.35 2.91
N ASN A 62 -0.67 8.31 3.66
CA ASN A 62 -0.66 8.81 4.98
C ASN A 62 -0.71 7.63 5.93
N GLY A 63 0.40 7.39 6.60
CA GLY A 63 0.56 6.32 7.59
C GLY A 63 -0.61 6.23 8.57
N SER A 64 -1.12 7.37 8.91
CA SER A 64 -2.24 7.54 9.79
C SER A 64 -3.51 6.83 9.28
N GLU A 65 -3.56 6.56 7.98
CA GLU A 65 -4.72 5.92 7.40
C GLU A 65 -4.36 4.56 6.82
N VAL A 66 -3.14 4.41 6.28
CA VAL A 66 -2.71 3.14 5.67
C VAL A 66 -2.86 1.96 6.69
N LEU A 67 -2.57 2.27 7.94
CA LEU A 67 -2.61 1.33 9.04
C LEU A 67 -4.04 1.31 9.65
N ARG A 68 -4.79 2.35 9.40
CA ARG A 68 -6.08 2.55 10.04
C ARG A 68 -7.17 1.95 9.17
N GLN A 69 -6.94 1.94 7.87
CA GLN A 69 -7.88 1.32 6.99
C GLN A 69 -7.68 -0.13 7.06
N TRP A 70 -6.46 -0.53 7.36
CA TRP A 70 -6.20 -1.89 7.51
C TRP A 70 -6.19 -2.31 8.95
N MET A 71 -7.31 -2.11 9.48
CA MET A 71 -7.69 -2.62 10.74
C MET A 71 -8.56 -3.86 10.50
N GLY A 72 -9.67 -3.96 11.19
CA GLY A 72 -10.51 -5.13 11.09
C GLY A 72 -11.28 -5.24 9.77
N SER A 73 -10.76 -6.09 8.88
CA SER A 73 -11.44 -6.56 7.67
C SER A 73 -12.01 -5.48 6.72
N ALA A 74 -11.16 -4.62 6.21
CA ALA A 74 -11.59 -3.65 5.24
C ALA A 74 -11.54 -4.24 3.83
N PRO A 75 -12.70 -4.37 3.17
CA PRO A 75 -12.78 -4.90 1.80
C PRO A 75 -12.43 -3.84 0.76
N SER A 76 -12.16 -2.65 1.24
CA SER A 76 -11.79 -1.54 0.43
C SER A 76 -10.95 -0.58 1.24
N ILE A 77 -9.79 -0.30 0.77
CA ILE A 77 -8.90 0.65 1.39
C ILE A 77 -8.64 1.78 0.42
N THR A 78 -8.58 2.99 0.92
CA THR A 78 -8.35 4.13 0.11
C THR A 78 -7.02 4.79 0.47
N VAL A 79 -6.13 4.84 -0.48
CA VAL A 79 -4.85 5.47 -0.34
C VAL A 79 -4.66 6.34 -1.55
N ALA A 80 -4.14 7.56 -1.36
CA ALA A 80 -3.91 8.54 -2.45
C ALA A 80 -5.24 8.94 -3.12
N GLY A 81 -6.33 8.68 -2.44
CA GLY A 81 -7.65 8.97 -2.97
C GLY A 81 -8.14 7.92 -3.96
N THR A 82 -7.56 6.74 -3.94
CA THR A 82 -8.04 5.68 -4.79
C THR A 82 -8.40 4.44 -3.95
N LYS A 83 -9.42 3.71 -4.39
CA LYS A 83 -9.95 2.58 -3.64
C LYS A 83 -9.45 1.25 -4.19
N PHE A 84 -8.83 0.48 -3.34
CA PHE A 84 -8.42 -0.85 -3.66
C PHE A 84 -9.49 -1.81 -3.17
N SER A 85 -9.85 -2.73 -4.01
CA SER A 85 -10.78 -3.77 -3.68
C SER A 85 -9.99 -4.98 -3.23
N SER A 86 -10.05 -5.24 -1.97
CA SER A 86 -9.31 -6.26 -1.30
C SER A 86 -9.60 -7.70 -1.79
N PHE A 87 -8.60 -8.57 -1.63
CA PHE A 87 -8.73 -10.00 -1.92
C PHE A 87 -8.46 -10.78 -0.67
N ARG A 88 -7.18 -10.88 -0.31
CA ARG A 88 -6.79 -11.60 0.87
C ARG A 88 -6.95 -10.70 2.03
N ASN A 89 -7.90 -11.02 2.82
CA ASN A 89 -8.16 -10.29 4.01
C ASN A 89 -7.45 -11.02 5.10
N GLU A 90 -6.22 -10.68 5.32
CA GLU A 90 -5.48 -11.25 6.39
C GLU A 90 -5.10 -10.14 7.31
N PRO A 91 -5.76 -10.05 8.49
CA PRO A 91 -5.55 -8.98 9.44
C PRO A 91 -4.11 -8.90 9.86
N GLY A 92 -3.53 -7.74 9.66
CA GLY A 92 -2.17 -7.49 10.03
C GLY A 92 -1.16 -8.09 9.07
N VAL A 93 -1.31 -9.37 8.79
CA VAL A 93 -0.32 -10.18 8.12
C VAL A 93 -0.07 -9.78 6.69
N SER A 94 -1.04 -9.81 5.85
CA SER A 94 -0.76 -9.57 4.51
C SER A 94 -1.98 -9.10 3.91
N PHE A 95 -1.97 -7.89 3.59
CA PHE A 95 -3.06 -7.34 2.98
C PHE A 95 -2.85 -7.29 1.51
N VAL A 96 -3.82 -7.74 0.78
CA VAL A 96 -3.75 -7.74 -0.65
C VAL A 96 -5.05 -7.17 -1.21
N GLY A 97 -4.97 -6.02 -1.84
CA GLY A 97 -6.14 -5.40 -2.42
C GLY A 97 -5.80 -4.79 -3.74
N ARG A 98 -6.71 -4.81 -4.67
CA ARG A 98 -6.35 -4.37 -6.01
C ARG A 98 -6.95 -3.08 -6.31
N ASN A 99 -6.18 -2.21 -6.87
CA ASN A 99 -6.65 -1.03 -7.36
C ASN A 99 -7.44 -1.36 -8.58
N MET A 100 -8.71 -1.63 -8.37
CA MET A 100 -9.74 -1.89 -9.43
C MET A 100 -9.80 -0.81 -10.59
N ALA A 101 -8.69 -0.23 -10.93
CA ALA A 101 -8.60 0.77 -11.95
C ALA A 101 -7.35 0.50 -12.75
N GLY A 102 -7.52 -0.19 -13.86
CA GLY A 102 -6.39 -0.53 -14.70
C GLY A 102 -5.74 -1.82 -14.24
N GLY A 103 -5.47 -1.90 -12.96
CA GLY A 103 -4.86 -3.05 -12.39
C GLY A 103 -3.76 -2.67 -11.48
N GLY A 104 -3.39 -3.59 -10.64
CA GLY A 104 -2.29 -3.39 -9.73
C GLY A 104 -2.78 -3.57 -8.34
N LEU A 105 -2.02 -4.23 -7.52
CA LEU A 105 -2.49 -4.51 -6.18
C LEU A 105 -1.53 -4.08 -5.11
N ILE A 106 -2.10 -3.54 -4.05
CA ILE A 106 -1.35 -3.05 -2.92
C ILE A 106 -1.22 -4.14 -1.90
N ILE A 107 -0.04 -4.29 -1.38
CA ILE A 107 0.23 -5.29 -0.41
C ILE A 107 0.73 -4.60 0.85
N LEU A 108 0.09 -4.88 1.97
CA LEU A 108 0.49 -4.29 3.24
C LEU A 108 0.81 -5.37 4.26
N GLN A 109 1.96 -5.27 4.85
CA GLN A 109 2.26 -6.03 6.04
C GLN A 109 2.27 -5.05 7.15
N LYS A 110 1.34 -5.17 8.03
CA LYS A 110 1.24 -4.25 9.11
C LYS A 110 1.80 -4.88 10.36
N ALA A 111 2.96 -4.46 10.76
CA ALA A 111 3.52 -4.89 11.99
C ALA A 111 2.85 -4.10 13.11
N PRO A 112 2.69 -4.69 14.30
CA PRO A 112 2.12 -3.98 15.46
C PRO A 112 3.02 -2.83 15.93
N ASN A 113 4.25 -2.83 15.42
CA ASN A 113 5.23 -1.83 15.76
C ASN A 113 5.16 -0.64 14.78
N GLY A 114 4.01 -0.49 14.12
CA GLY A 114 3.78 0.66 13.27
C GLY A 114 4.28 0.47 11.86
N TYR A 115 5.39 -0.18 11.75
CA TYR A 115 6.00 -0.50 10.48
C TYR A 115 5.05 -1.26 9.56
N VAL A 116 4.87 -0.74 8.40
CA VAL A 116 4.07 -1.32 7.37
C VAL A 116 4.89 -1.21 6.11
N PHE A 117 4.74 -2.09 5.19
CA PHE A 117 5.37 -1.93 3.91
C PHE A 117 4.34 -1.95 2.88
N LEU A 118 4.21 -0.88 2.15
CA LEU A 118 3.25 -0.84 1.10
C LEU A 118 3.94 -0.94 -0.20
N SER A 119 3.78 -2.05 -0.81
CA SER A 119 4.37 -2.30 -2.08
C SER A 119 3.26 -2.59 -3.05
N TRP A 120 3.40 -2.11 -4.25
CA TRP A 120 2.40 -2.30 -5.25
C TRP A 120 2.96 -3.15 -6.30
N THR A 121 2.20 -4.06 -6.72
CA THR A 121 2.62 -4.90 -7.77
C THR A 121 2.12 -4.24 -9.03
N SER A 122 3.06 -3.86 -9.91
CA SER A 122 2.79 -3.13 -11.15
C SER A 122 1.57 -3.67 -11.89
N HIS A 123 0.85 -2.78 -12.58
CA HIS A 123 -0.33 -3.16 -13.34
C HIS A 123 0.00 -4.18 -14.43
N GLU A 124 1.24 -4.17 -14.89
CA GLU A 124 1.69 -5.12 -15.88
C GLU A 124 2.11 -6.42 -15.16
N PHE A 125 2.92 -6.26 -14.13
CA PHE A 125 3.49 -7.40 -13.40
C PHE A 125 2.62 -7.88 -12.23
N LEU A 126 1.34 -7.51 -12.23
CA LEU A 126 0.40 -7.89 -11.14
C LEU A 126 0.24 -9.40 -11.07
N THR A 127 0.61 -10.03 -12.16
CA THR A 127 0.60 -11.44 -12.37
C THR A 127 1.36 -12.14 -11.26
N THR A 128 2.50 -11.57 -10.98
CA THR A 128 3.45 -12.09 -10.09
C THR A 128 2.96 -12.09 -8.60
N SER A 129 1.88 -11.40 -8.34
CA SER A 129 1.30 -11.44 -7.04
C SER A 129 -0.01 -12.22 -7.05
N GLY A 130 0.10 -13.45 -6.68
CA GLY A 130 -1.05 -14.31 -6.48
C GLY A 130 -1.19 -15.39 -7.54
N LEU A 131 -0.47 -15.26 -8.63
CA LEU A 131 -0.49 -16.32 -9.61
C LEU A 131 0.67 -17.30 -9.30
N PRO A 132 1.95 -16.86 -9.31
CA PRO A 132 3.04 -17.70 -8.84
C PRO A 132 3.08 -17.71 -7.29
N PRO A 133 3.57 -18.79 -6.69
CA PRO A 133 3.54 -18.96 -5.25
C PRO A 133 4.50 -18.05 -4.44
N LEU A 134 3.90 -17.05 -3.77
CA LEU A 134 4.58 -16.24 -2.74
C LEU A 134 5.75 -15.39 -3.24
N ASN A 135 5.76 -15.06 -4.49
CA ASN A 135 6.85 -14.23 -5.05
C ASN A 135 6.95 -12.84 -4.43
N ILE A 136 6.03 -11.96 -4.76
CA ILE A 136 6.11 -10.60 -4.23
C ILE A 136 5.43 -10.44 -2.86
N HIS A 137 4.19 -10.87 -2.77
CA HIS A 137 3.35 -10.61 -1.57
C HIS A 137 3.89 -11.22 -0.27
N ALA A 138 4.55 -12.35 -0.37
CA ALA A 138 5.01 -13.04 0.81
C ALA A 138 6.13 -12.31 1.45
N GLU A 139 7.01 -11.74 0.64
CA GLU A 139 8.17 -11.02 1.14
C GLU A 139 7.75 -9.80 1.90
N ILE A 140 6.63 -9.26 1.53
CA ILE A 140 6.08 -8.09 2.20
C ILE A 140 5.74 -8.46 3.62
N ALA A 141 5.08 -9.61 3.77
CA ALA A 141 4.69 -10.10 5.09
C ALA A 141 5.90 -10.72 5.81
N MET A 142 7.02 -10.71 5.17
CA MET A 142 8.26 -11.12 5.79
C MET A 142 8.97 -9.89 6.32
N MET A 143 9.09 -8.88 5.46
CA MET A 143 9.82 -7.63 5.73
C MET A 143 9.38 -6.96 7.03
N ALA A 144 8.13 -6.53 7.08
CA ALA A 144 7.67 -5.77 8.26
C ALA A 144 7.41 -6.69 9.42
N ALA A 145 7.44 -7.97 9.17
CA ALA A 145 7.24 -8.92 10.22
C ALA A 145 8.54 -9.13 10.99
N LYS A 146 9.62 -8.54 10.51
CA LYS A 146 10.89 -8.56 11.19
C LYS A 146 10.99 -7.34 12.08
N PHE A 147 10.31 -6.30 11.66
CA PHE A 147 10.29 -5.06 12.40
C PHE A 147 9.21 -5.13 13.47
N GLN A 148 9.61 -5.66 14.58
CA GLN A 148 8.74 -5.93 15.71
C GLN A 148 9.39 -5.37 16.95
N MET A 1 -10.49 24.53 4.00
CA MET A 1 -10.39 25.54 5.04
C MET A 1 -11.68 26.26 5.12
N LYS A 2 -12.07 26.65 6.34
CA LYS A 2 -13.34 27.34 6.63
C LYS A 2 -14.54 26.40 6.44
N ASP A 3 -14.23 25.15 6.26
CA ASP A 3 -15.20 24.10 6.11
C ASP A 3 -14.88 23.09 7.17
N GLY A 4 -15.77 22.20 7.43
CA GLY A 4 -15.55 21.24 8.47
C GLY A 4 -14.91 19.99 7.94
N PHE A 5 -14.15 19.33 8.77
CA PHE A 5 -13.54 18.08 8.40
C PHE A 5 -14.54 16.97 8.59
N ILE A 6 -15.05 16.49 7.51
CA ILE A 6 -16.04 15.45 7.51
C ILE A 6 -15.34 14.13 7.29
N LEU A 7 -15.70 13.13 8.07
CA LEU A 7 -15.11 11.82 7.90
C LEU A 7 -15.70 11.16 6.67
N LYS A 8 -14.87 10.62 5.86
CA LYS A 8 -15.31 9.93 4.67
C LYS A 8 -15.26 8.45 4.91
N LYS A 9 -16.29 7.77 4.47
CA LYS A 9 -16.27 6.32 4.50
C LYS A 9 -15.46 5.88 3.31
N LYS A 10 -14.80 4.76 3.42
CA LYS A 10 -13.87 4.36 2.39
C LYS A 10 -14.53 3.86 1.14
N LYS A 11 -14.59 4.74 0.19
CA LYS A 11 -15.12 4.54 -1.13
C LYS A 11 -14.28 5.39 -2.05
N ILE A 12 -14.35 5.13 -3.33
CA ILE A 12 -13.64 5.97 -4.28
C ILE A 12 -14.38 7.32 -4.38
N PRO A 13 -13.68 8.44 -4.23
CA PRO A 13 -14.27 9.76 -4.37
C PRO A 13 -14.69 10.04 -5.83
N LYS A 14 -15.34 11.17 -6.07
CA LYS A 14 -15.77 11.53 -7.41
C LYS A 14 -14.57 11.76 -8.37
N ASN A 15 -14.08 12.95 -8.46
CA ASN A 15 -12.91 13.21 -9.25
C ASN A 15 -11.78 13.75 -8.40
N ILE A 16 -11.20 12.89 -7.60
CA ILE A 16 -10.13 13.31 -6.74
C ILE A 16 -8.97 12.38 -6.92
N PHE A 17 -7.97 12.84 -7.59
CA PHE A 17 -6.79 12.08 -7.83
C PHE A 17 -5.57 12.85 -7.36
N ARG A 18 -4.95 12.36 -6.32
CA ARG A 18 -3.76 12.94 -5.79
C ARG A 18 -2.73 11.86 -5.83
N ILE A 19 -1.98 11.81 -6.88
CA ILE A 19 -1.09 10.72 -7.04
C ILE A 19 0.34 11.11 -6.88
N GLY A 20 0.57 11.72 -5.74
CA GLY A 20 1.89 12.06 -5.26
C GLY A 20 2.68 13.02 -6.10
N ASN A 21 3.37 12.46 -7.09
CA ASN A 21 4.35 13.16 -7.91
C ASN A 21 5.47 13.69 -6.98
N LYS A 22 5.74 12.91 -5.93
CA LYS A 22 6.69 13.29 -4.90
C LYS A 22 7.66 12.15 -4.61
N GLU A 23 8.93 12.42 -4.85
CA GLU A 23 10.10 11.60 -4.45
C GLU A 23 10.12 10.09 -4.75
N MET A 24 11.04 9.70 -5.58
CA MET A 24 11.32 8.30 -5.81
C MET A 24 12.69 8.00 -5.25
N SER A 25 12.90 6.79 -4.83
CA SER A 25 14.16 6.34 -4.33
C SER A 25 15.01 5.83 -5.46
N TYR A 26 15.82 6.70 -6.01
CA TYR A 26 16.75 6.32 -7.03
C TYR A 26 18.05 5.92 -6.35
N SER A 27 18.33 6.58 -5.23
CA SER A 27 19.48 6.26 -4.41
C SER A 27 19.32 4.82 -3.87
N ASP A 28 20.44 4.13 -3.70
CA ASP A 28 20.47 2.71 -3.30
C ASP A 28 20.12 2.46 -1.84
N ASP A 29 19.11 3.11 -1.36
CA ASP A 29 18.65 2.86 -0.02
C ASP A 29 17.34 2.16 -0.05
N LEU A 30 16.31 2.88 -0.45
CA LEU A 30 14.99 2.30 -0.53
C LEU A 30 14.78 1.67 -1.90
N ASN A 31 15.65 2.01 -2.84
CA ASN A 31 15.59 1.49 -4.22
C ASN A 31 15.78 -0.02 -4.21
N SER A 32 16.54 -0.50 -3.26
CA SER A 32 16.83 -1.90 -3.14
C SER A 32 15.57 -2.71 -2.85
N LEU A 33 14.57 -2.10 -2.21
CA LEU A 33 13.35 -2.80 -1.88
C LEU A 33 12.47 -2.96 -3.12
N ILE A 34 12.53 -2.01 -4.04
CA ILE A 34 11.76 -2.11 -5.28
C ILE A 34 12.36 -3.07 -6.27
N GLN A 35 13.60 -3.44 -6.05
CA GLN A 35 14.26 -4.38 -6.92
C GLN A 35 13.85 -5.81 -6.59
N SER A 36 12.84 -5.97 -5.75
CA SER A 36 12.32 -7.25 -5.41
C SER A 36 11.41 -7.68 -6.54
N GLN A 37 12.05 -8.14 -7.59
CA GLN A 37 11.41 -8.64 -8.81
C GLN A 37 10.75 -7.52 -9.61
N TYR A 38 11.24 -6.30 -9.38
CA TYR A 38 10.84 -5.10 -10.11
C TYR A 38 9.48 -4.65 -9.67
N VAL A 39 9.34 -4.46 -8.39
CA VAL A 39 8.12 -3.97 -7.84
C VAL A 39 8.18 -2.45 -7.89
N SER A 40 7.07 -1.79 -8.01
CA SER A 40 7.09 -0.37 -8.20
C SER A 40 6.97 0.43 -6.88
N TYR A 41 6.12 0.01 -5.99
CA TYR A 41 5.89 0.77 -4.78
C TYR A 41 6.48 0.10 -3.58
N VAL A 42 7.22 0.86 -2.82
CA VAL A 42 7.60 0.44 -1.49
C VAL A 42 7.38 1.58 -0.53
N VAL A 43 6.44 1.43 0.30
CA VAL A 43 6.20 2.43 1.32
C VAL A 43 6.73 1.94 2.63
N ILE A 44 7.73 2.64 3.12
CA ILE A 44 8.37 2.28 4.35
C ILE A 44 7.76 3.12 5.45
N LEU A 45 7.53 2.52 6.57
CA LEU A 45 7.03 3.21 7.74
C LEU A 45 8.16 3.37 8.74
N ASP A 46 7.83 3.94 9.86
CA ASP A 46 8.75 4.05 10.96
C ASP A 46 7.99 3.56 12.20
N PRO A 47 8.69 3.25 13.34
CA PRO A 47 8.06 2.70 14.58
C PRO A 47 6.91 3.53 15.20
N ASN A 48 6.61 4.68 14.66
CA ASN A 48 5.51 5.46 15.17
C ASN A 48 4.23 5.09 14.41
N GLY A 49 4.38 4.40 13.28
CA GLY A 49 3.25 4.06 12.48
C GLY A 49 2.99 5.14 11.50
N ALA A 50 4.04 5.84 11.19
CA ALA A 50 4.01 6.92 10.26
C ALA A 50 4.96 6.60 9.16
N ILE A 51 4.64 7.05 7.99
CA ILE A 51 5.44 6.73 6.84
C ILE A 51 6.76 7.43 6.86
N TYR A 52 7.75 6.73 6.38
CA TYR A 52 9.04 7.28 6.23
C TYR A 52 8.98 7.94 4.89
N TRP A 53 8.55 7.14 3.91
CA TRP A 53 8.26 7.61 2.59
C TRP A 53 7.62 6.50 1.77
N THR A 54 6.71 6.91 0.93
CA THR A 54 6.04 6.06 -0.03
C THR A 54 6.70 6.21 -1.35
N ASN A 55 7.53 5.26 -1.64
CA ASN A 55 8.33 5.30 -2.79
C ASN A 55 7.61 4.83 -4.01
N ASN A 56 7.06 5.79 -4.69
CA ASN A 56 6.63 5.57 -6.10
C ASN A 56 6.32 6.87 -6.80
N GLU A 57 6.15 7.95 -6.03
CA GLU A 57 5.68 9.25 -6.53
C GLU A 57 4.21 9.11 -6.96
N ASN A 58 3.50 8.16 -6.36
CA ASN A 58 2.09 7.94 -6.68
C ASN A 58 1.29 7.79 -5.41
N TRP A 59 1.58 6.76 -4.64
CA TRP A 59 0.90 6.54 -3.39
C TRP A 59 1.13 7.65 -2.43
N GLN A 60 0.05 8.16 -1.93
CA GLN A 60 0.06 9.16 -0.90
C GLN A 60 -0.80 8.66 0.18
N VAL A 61 -0.18 7.97 1.06
CA VAL A 61 -0.87 7.38 2.15
C VAL A 61 -0.27 7.73 3.47
N ASN A 62 -1.10 8.17 4.36
CA ASN A 62 -0.73 8.36 5.71
C ASN A 62 -0.74 7.00 6.37
N GLY A 63 0.43 6.50 6.65
CA GLY A 63 0.61 5.24 7.33
C GLY A 63 -0.26 5.08 8.56
N SER A 64 -0.45 6.16 9.28
CA SER A 64 -1.27 6.14 10.46
C SER A 64 -2.76 5.91 10.11
N GLU A 65 -3.15 6.29 8.89
CA GLU A 65 -4.51 6.12 8.43
C GLU A 65 -4.63 4.75 7.81
N VAL A 66 -3.54 4.28 7.19
CA VAL A 66 -3.55 2.98 6.57
C VAL A 66 -3.73 1.89 7.65
N LEU A 67 -3.13 2.14 8.83
CA LEU A 67 -3.26 1.27 10.00
C LEU A 67 -4.68 1.34 10.49
N ARG A 68 -5.12 2.57 10.62
CA ARG A 68 -6.39 2.90 11.21
C ARG A 68 -7.53 2.39 10.39
N GLN A 69 -7.45 2.59 9.10
CA GLN A 69 -8.57 2.30 8.30
C GLN A 69 -8.70 0.85 7.98
N TRP A 70 -7.60 0.14 8.01
CA TRP A 70 -7.67 -1.27 7.83
C TRP A 70 -8.27 -1.89 9.06
N MET A 71 -7.94 -1.30 10.17
CA MET A 71 -8.43 -1.79 11.44
C MET A 71 -9.60 -0.93 11.86
N GLY A 72 -10.39 -0.55 10.88
CA GLY A 72 -11.55 0.26 11.10
C GLY A 72 -12.80 -0.38 10.56
N SER A 73 -12.77 -1.72 10.46
CA SER A 73 -13.89 -2.53 9.93
C SER A 73 -14.09 -2.29 8.42
N ALA A 74 -13.11 -1.73 7.77
CA ALA A 74 -13.22 -1.43 6.36
C ALA A 74 -12.67 -2.57 5.53
N PRO A 75 -13.41 -3.03 4.52
CA PRO A 75 -12.95 -4.08 3.61
C PRO A 75 -12.29 -3.49 2.37
N SER A 76 -11.94 -2.23 2.44
CA SER A 76 -11.35 -1.53 1.33
C SER A 76 -10.63 -0.29 1.83
N ILE A 77 -9.40 -0.14 1.43
CA ILE A 77 -8.59 1.01 1.76
C ILE A 77 -8.52 1.94 0.53
N THR A 78 -8.52 3.25 0.75
CA THR A 78 -8.45 4.21 -0.32
C THR A 78 -7.20 5.03 -0.14
N VAL A 79 -6.34 5.01 -1.09
CA VAL A 79 -5.10 5.75 -1.03
C VAL A 79 -4.89 6.51 -2.31
N ALA A 80 -4.49 7.78 -2.19
CA ALA A 80 -4.14 8.64 -3.33
C ALA A 80 -5.36 8.92 -4.23
N GLY A 81 -6.53 8.71 -3.68
CA GLY A 81 -7.78 8.95 -4.38
C GLY A 81 -8.33 7.70 -5.06
N THR A 82 -7.57 6.63 -5.03
CA THR A 82 -7.99 5.43 -5.68
C THR A 82 -8.30 4.34 -4.61
N LYS A 83 -9.27 3.49 -4.90
CA LYS A 83 -9.68 2.48 -3.94
C LYS A 83 -9.11 1.13 -4.29
N PHE A 84 -8.86 0.36 -3.29
CA PHE A 84 -8.35 -0.96 -3.46
C PHE A 84 -9.38 -1.94 -2.97
N SER A 85 -10.02 -2.60 -3.89
CA SER A 85 -10.94 -3.64 -3.57
C SER A 85 -10.12 -4.77 -3.01
N SER A 86 -10.30 -5.07 -1.77
CA SER A 86 -9.49 -6.04 -1.12
C SER A 86 -10.16 -7.41 -1.17
N PHE A 87 -9.36 -8.44 -1.33
CA PHE A 87 -9.89 -9.78 -1.53
C PHE A 87 -9.48 -10.69 -0.41
N ARG A 88 -8.20 -10.73 -0.14
CA ARG A 88 -7.70 -11.56 0.89
C ARG A 88 -7.45 -10.67 2.06
N ASN A 89 -8.24 -10.81 3.07
CA ASN A 89 -8.11 -9.92 4.19
C ASN A 89 -7.53 -10.61 5.41
N GLU A 90 -6.27 -10.56 5.49
CA GLU A 90 -5.59 -11.04 6.68
C GLU A 90 -5.10 -9.83 7.49
N PRO A 91 -5.76 -9.55 8.63
CA PRO A 91 -5.43 -8.41 9.49
C PRO A 91 -4.08 -8.57 10.14
N GLY A 92 -3.23 -7.57 9.94
CA GLY A 92 -1.91 -7.59 10.53
C GLY A 92 -0.96 -8.58 9.88
N VAL A 93 -1.39 -9.19 8.79
CA VAL A 93 -0.57 -10.18 8.14
C VAL A 93 -0.15 -9.69 6.78
N SER A 94 -1.10 -9.52 5.93
CA SER A 94 -0.87 -9.14 4.58
C SER A 94 -2.19 -9.17 3.93
N PHE A 95 -2.70 -8.05 3.57
CA PHE A 95 -3.95 -8.15 2.87
C PHE A 95 -3.72 -7.87 1.43
N VAL A 96 -4.47 -8.54 0.62
CA VAL A 96 -4.28 -8.45 -0.78
C VAL A 96 -5.52 -7.90 -1.39
N GLY A 97 -5.36 -6.83 -2.04
CA GLY A 97 -6.41 -6.20 -2.70
C GLY A 97 -5.96 -5.82 -4.05
N ARG A 98 -6.80 -5.26 -4.79
CA ARG A 98 -6.42 -4.88 -6.12
C ARG A 98 -6.92 -3.52 -6.36
N ASN A 99 -6.11 -2.73 -6.97
CA ASN A 99 -6.49 -1.46 -7.32
C ASN A 99 -7.35 -1.60 -8.55
N MET A 100 -8.64 -1.74 -8.27
CA MET A 100 -9.72 -1.87 -9.28
C MET A 100 -9.63 -0.89 -10.48
N ALA A 101 -8.88 0.17 -10.32
CA ALA A 101 -8.65 1.11 -11.38
C ALA A 101 -7.16 1.17 -11.62
N GLY A 102 -6.71 0.38 -12.53
CA GLY A 102 -5.31 0.28 -12.84
C GLY A 102 -4.98 -1.16 -13.11
N GLY A 103 -5.46 -2.02 -12.24
CA GLY A 103 -5.28 -3.45 -12.43
C GLY A 103 -4.13 -4.03 -11.65
N GLY A 104 -3.46 -3.21 -10.89
CA GLY A 104 -2.36 -3.68 -10.09
C GLY A 104 -2.83 -4.07 -8.73
N LEU A 105 -2.03 -4.77 -8.00
CA LEU A 105 -2.49 -5.30 -6.75
C LEU A 105 -1.71 -4.73 -5.58
N ILE A 106 -2.40 -4.61 -4.47
CA ILE A 106 -1.86 -3.95 -3.31
C ILE A 106 -1.73 -4.95 -2.16
N ILE A 107 -0.54 -5.02 -1.58
CA ILE A 107 -0.25 -5.96 -0.50
C ILE A 107 0.41 -5.21 0.68
N LEU A 108 -0.21 -5.23 1.86
CA LEU A 108 0.44 -4.59 3.00
C LEU A 108 0.55 -5.47 4.26
N GLN A 109 1.75 -5.51 4.80
CA GLN A 109 2.02 -6.18 6.07
C GLN A 109 2.08 -5.15 7.16
N LYS A 110 1.23 -5.29 8.11
CA LYS A 110 1.15 -4.37 9.18
C LYS A 110 1.75 -5.00 10.44
N ALA A 111 3.00 -4.68 10.71
CA ALA A 111 3.62 -5.13 11.93
C ALA A 111 3.12 -4.27 13.11
N PRO A 112 3.07 -4.84 14.33
CA PRO A 112 2.50 -4.15 15.51
C PRO A 112 3.26 -2.91 15.98
N ASN A 113 4.45 -2.66 15.45
CA ASN A 113 5.23 -1.50 15.92
C ASN A 113 5.08 -0.34 14.95
N GLY A 114 3.98 -0.31 14.20
CA GLY A 114 3.70 0.80 13.31
C GLY A 114 4.34 0.65 11.96
N TYR A 115 5.46 -0.02 11.93
CA TYR A 115 6.16 -0.35 10.73
C TYR A 115 5.30 -1.25 9.84
N VAL A 116 4.85 -0.70 8.77
CA VAL A 116 4.08 -1.38 7.79
C VAL A 116 4.91 -1.39 6.54
N PHE A 117 4.76 -2.38 5.73
CA PHE A 117 5.41 -2.40 4.48
C PHE A 117 4.36 -2.53 3.43
N LEU A 118 4.10 -1.44 2.74
CA LEU A 118 3.12 -1.43 1.70
C LEU A 118 3.82 -1.58 0.39
N SER A 119 3.39 -2.50 -0.39
CA SER A 119 3.95 -2.66 -1.68
C SER A 119 2.82 -2.88 -2.66
N TRP A 120 3.09 -2.61 -3.89
CA TRP A 120 2.10 -2.70 -4.94
C TRP A 120 2.81 -3.27 -6.09
N THR A 121 2.24 -4.22 -6.69
CA THR A 121 2.88 -4.95 -7.71
C THR A 121 2.38 -4.43 -9.03
N SER A 122 3.33 -4.07 -9.87
CA SER A 122 3.06 -3.44 -11.13
C SER A 122 2.05 -4.22 -11.98
N HIS A 123 1.17 -3.47 -12.62
CA HIS A 123 0.18 -4.02 -13.52
C HIS A 123 0.85 -4.36 -14.83
N GLU A 124 2.07 -3.85 -15.00
CA GLU A 124 2.88 -4.16 -16.14
C GLU A 124 3.50 -5.53 -15.90
N PHE A 125 4.04 -5.71 -14.70
CA PHE A 125 4.62 -6.97 -14.27
C PHE A 125 3.57 -7.86 -13.61
N LEU A 126 2.34 -7.86 -14.15
CA LEU A 126 1.22 -8.69 -13.63
C LEU A 126 1.53 -10.18 -13.78
N THR A 127 2.53 -10.44 -14.58
CA THR A 127 3.06 -11.74 -14.85
C THR A 127 3.63 -12.32 -13.54
N THR A 128 4.29 -11.48 -12.84
CA THR A 128 5.00 -11.84 -11.67
C THR A 128 4.07 -11.85 -10.43
N SER A 129 2.82 -11.55 -10.64
CA SER A 129 1.86 -11.58 -9.58
C SER A 129 0.73 -12.56 -9.88
N GLY A 130 0.69 -13.60 -9.10
CA GLY A 130 -0.33 -14.63 -9.22
C GLY A 130 0.15 -15.82 -10.00
N LEU A 131 1.27 -15.66 -10.69
CA LEU A 131 1.87 -16.79 -11.38
C LEU A 131 2.92 -17.50 -10.49
N PRO A 132 4.05 -16.84 -10.09
CA PRO A 132 4.98 -17.45 -9.16
C PRO A 132 4.41 -17.35 -7.73
N PRO A 133 4.20 -18.51 -7.05
CA PRO A 133 3.55 -18.60 -5.73
C PRO A 133 3.99 -17.55 -4.72
N LEU A 134 3.09 -16.56 -4.49
CA LEU A 134 3.23 -15.46 -3.51
C LEU A 134 4.61 -14.82 -3.53
N ASN A 135 5.18 -14.72 -4.72
CA ASN A 135 6.56 -14.27 -4.92
C ASN A 135 6.88 -12.94 -4.24
N ILE A 136 6.15 -11.92 -4.58
CA ILE A 136 6.39 -10.62 -3.99
C ILE A 136 5.67 -10.51 -2.65
N HIS A 137 4.53 -11.20 -2.57
CA HIS A 137 3.67 -11.21 -1.37
C HIS A 137 4.41 -11.72 -0.12
N ALA A 138 5.18 -12.77 -0.29
CA ALA A 138 5.88 -13.43 0.82
C ALA A 138 6.87 -12.49 1.46
N GLU A 139 7.56 -11.73 0.63
CA GLU A 139 8.59 -10.81 1.08
C GLU A 139 7.99 -9.71 1.95
N ILE A 140 6.71 -9.45 1.75
CA ILE A 140 6.02 -8.35 2.40
C ILE A 140 5.79 -8.65 3.86
N ALA A 141 5.12 -9.77 4.12
CA ALA A 141 4.77 -10.16 5.48
C ALA A 141 5.98 -10.63 6.26
N MET A 142 7.07 -10.76 5.58
CA MET A 142 8.31 -11.13 6.21
C MET A 142 9.12 -9.90 6.57
N MET A 143 9.22 -8.96 5.64
CA MET A 143 10.09 -7.79 5.81
C MET A 143 9.71 -6.95 7.02
N ALA A 144 8.47 -6.51 7.09
CA ALA A 144 8.03 -5.68 8.22
C ALA A 144 7.92 -6.50 9.51
N ALA A 145 7.83 -7.81 9.37
CA ALA A 145 7.77 -8.69 10.53
C ALA A 145 9.17 -8.84 11.13
N LYS A 146 10.15 -8.59 10.32
CA LYS A 146 11.52 -8.58 10.76
C LYS A 146 11.90 -7.19 11.21
N PHE A 147 11.70 -6.23 10.34
CA PHE A 147 12.07 -4.88 10.62
C PHE A 147 10.86 -4.08 11.06
N GLN A 148 10.68 -3.94 12.36
CA GLN A 148 9.67 -3.06 12.87
C GLN A 148 10.24 -2.29 14.04
N MET A 1 -26.44 28.24 -5.85
CA MET A 1 -26.75 27.83 -7.22
C MET A 1 -25.75 26.79 -7.66
N LYS A 2 -26.22 25.74 -8.24
CA LYS A 2 -25.38 24.70 -8.75
C LYS A 2 -25.96 24.23 -10.06
N ASP A 3 -25.17 23.64 -10.90
CA ASP A 3 -25.65 23.18 -12.19
C ASP A 3 -26.08 21.75 -12.09
N GLY A 4 -26.54 21.19 -13.19
CA GLY A 4 -27.02 19.85 -13.19
C GLY A 4 -25.91 18.84 -13.33
N PHE A 5 -25.00 18.86 -12.39
CA PHE A 5 -23.91 17.92 -12.40
C PHE A 5 -24.21 16.81 -11.42
N ILE A 6 -23.90 15.61 -11.80
CA ILE A 6 -24.15 14.48 -10.97
C ILE A 6 -22.90 14.13 -10.22
N LEU A 7 -23.01 13.97 -8.94
CA LEU A 7 -21.90 13.59 -8.13
C LEU A 7 -21.67 12.10 -8.30
N LYS A 8 -20.51 11.75 -8.79
CA LYS A 8 -20.18 10.38 -9.04
C LYS A 8 -19.76 9.69 -7.74
N LYS A 9 -20.70 8.96 -7.17
CA LYS A 9 -20.50 8.34 -5.90
C LYS A 9 -19.82 7.00 -6.00
N LYS A 10 -18.53 7.05 -6.02
CA LYS A 10 -17.69 5.89 -5.96
C LYS A 10 -16.84 6.05 -4.73
N LYS A 11 -16.23 5.00 -4.25
CA LYS A 11 -15.38 5.14 -3.07
C LYS A 11 -14.03 5.80 -3.41
N ILE A 12 -14.04 7.08 -3.67
CA ILE A 12 -12.83 7.83 -3.90
C ILE A 12 -12.86 9.07 -3.04
N PRO A 13 -11.71 9.53 -2.53
CA PRO A 13 -11.61 10.82 -1.84
C PRO A 13 -11.99 11.94 -2.80
N LYS A 14 -12.75 12.90 -2.33
CA LYS A 14 -13.27 13.94 -3.19
C LYS A 14 -12.30 15.09 -3.32
N ASN A 15 -11.42 15.21 -2.35
CA ASN A 15 -10.41 16.24 -2.34
C ASN A 15 -9.29 15.85 -3.29
N ILE A 16 -8.85 16.78 -4.09
CA ILE A 16 -7.79 16.53 -5.02
C ILE A 16 -6.47 16.56 -4.28
N PHE A 17 -5.79 15.45 -4.27
CA PHE A 17 -4.51 15.37 -3.62
C PHE A 17 -3.41 15.42 -4.66
N ARG A 18 -2.33 16.08 -4.32
CA ARG A 18 -1.22 16.19 -5.22
C ARG A 18 -0.27 15.09 -4.88
N ILE A 19 -0.24 14.11 -5.74
CA ILE A 19 0.42 12.84 -5.51
C ILE A 19 1.94 12.90 -5.33
N GLY A 20 2.32 13.01 -4.07
CA GLY A 20 3.70 12.90 -3.67
C GLY A 20 4.45 14.20 -3.77
N ASN A 21 4.65 14.64 -5.00
CA ASN A 21 5.39 15.89 -5.36
C ASN A 21 6.85 15.89 -4.78
N LYS A 22 7.36 14.72 -4.44
CA LYS A 22 8.68 14.58 -3.86
C LYS A 22 9.43 13.50 -4.61
N GLU A 23 10.73 13.64 -4.70
CA GLU A 23 11.60 12.74 -5.45
C GLU A 23 11.62 11.33 -4.87
N MET A 24 11.95 10.38 -5.71
CA MET A 24 12.07 9.00 -5.31
C MET A 24 13.47 8.74 -4.83
N SER A 25 13.67 7.60 -4.20
CA SER A 25 14.96 7.19 -3.75
C SER A 25 15.92 7.00 -4.92
N TYR A 26 16.84 7.92 -5.04
CA TYR A 26 17.90 7.84 -6.01
C TYR A 26 18.92 6.89 -5.42
N SER A 27 19.02 6.93 -4.11
CA SER A 27 19.87 6.09 -3.38
C SER A 27 19.18 4.75 -3.09
N ASP A 28 19.93 3.82 -2.54
CA ASP A 28 19.51 2.41 -2.32
C ASP A 28 18.48 2.24 -1.22
N ASP A 29 18.21 3.29 -0.45
CA ASP A 29 17.34 3.24 0.75
C ASP A 29 16.00 2.55 0.50
N LEU A 30 15.09 3.20 -0.16
CA LEU A 30 13.84 2.54 -0.48
C LEU A 30 13.96 1.77 -1.78
N ASN A 31 14.87 2.23 -2.63
CA ASN A 31 15.04 1.72 -4.00
C ASN A 31 15.28 0.21 -4.09
N SER A 32 16.24 -0.30 -3.35
CA SER A 32 16.61 -1.70 -3.43
C SER A 32 15.51 -2.62 -2.89
N LEU A 33 14.61 -2.05 -2.13
CA LEU A 33 13.51 -2.80 -1.57
C LEU A 33 12.36 -2.86 -2.54
N ILE A 34 12.37 -1.99 -3.54
CA ILE A 34 11.27 -1.97 -4.51
C ILE A 34 11.37 -3.17 -5.44
N GLN A 35 12.57 -3.60 -5.69
CA GLN A 35 12.85 -4.70 -6.59
C GLN A 35 12.55 -6.06 -5.96
N SER A 36 11.83 -6.05 -4.86
CA SER A 36 11.51 -7.25 -4.15
C SER A 36 10.32 -7.95 -4.81
N GLN A 37 10.59 -8.53 -5.95
CA GLN A 37 9.66 -9.35 -6.71
C GLN A 37 8.61 -8.58 -7.50
N TYR A 38 9.11 -7.70 -8.39
CA TYR A 38 8.29 -7.02 -9.41
C TYR A 38 7.43 -5.93 -8.84
N VAL A 39 7.89 -5.37 -7.75
CA VAL A 39 7.17 -4.34 -7.11
C VAL A 39 7.54 -3.01 -7.75
N SER A 40 6.55 -2.19 -8.02
CA SER A 40 6.78 -0.92 -8.67
C SER A 40 7.06 0.18 -7.64
N TYR A 41 6.50 0.02 -6.42
CA TYR A 41 6.71 0.98 -5.35
C TYR A 41 6.45 0.41 -3.98
N VAL A 42 7.34 0.72 -3.07
CA VAL A 42 7.28 0.28 -1.70
C VAL A 42 7.30 1.49 -0.79
N VAL A 43 6.62 1.38 0.32
CA VAL A 43 6.60 2.41 1.31
C VAL A 43 7.18 1.87 2.58
N ILE A 44 8.09 2.61 3.16
CA ILE A 44 8.68 2.18 4.39
C ILE A 44 8.12 3.00 5.51
N LEU A 45 7.77 2.34 6.56
CA LEU A 45 7.28 2.97 7.75
C LEU A 45 8.40 3.09 8.76
N ASP A 46 8.14 3.85 9.75
CA ASP A 46 9.04 4.13 10.85
C ASP A 46 8.51 3.36 12.06
N PRO A 47 9.34 3.03 13.10
CA PRO A 47 8.88 2.31 14.33
C PRO A 47 7.75 3.02 15.11
N ASN A 48 7.34 4.14 14.62
CA ASN A 48 6.25 4.91 15.19
C ASN A 48 4.94 4.59 14.46
N GLY A 49 5.02 3.92 13.29
CA GLY A 49 3.83 3.68 12.53
C GLY A 49 3.57 4.84 11.63
N ALA A 50 4.62 5.58 11.38
CA ALA A 50 4.58 6.73 10.54
C ALA A 50 5.38 6.47 9.32
N ILE A 51 5.05 7.10 8.25
CA ILE A 51 5.71 6.84 7.01
C ILE A 51 7.06 7.52 6.88
N TYR A 52 7.97 6.86 6.21
CA TYR A 52 9.25 7.46 5.98
C TYR A 52 9.15 8.18 4.66
N TRP A 53 8.68 7.45 3.65
CA TRP A 53 8.37 7.97 2.34
C TRP A 53 7.84 6.83 1.47
N THR A 54 7.05 7.19 0.52
CA THR A 54 6.50 6.33 -0.48
C THR A 54 6.99 6.83 -1.82
N ASN A 55 8.02 6.20 -2.30
CA ASN A 55 8.70 6.71 -3.47
C ASN A 55 8.08 6.29 -4.78
N ASN A 56 7.08 7.03 -5.18
CA ASN A 56 6.49 6.83 -6.53
C ASN A 56 5.77 8.05 -7.09
N GLU A 57 5.42 9.01 -6.22
CA GLU A 57 4.61 10.17 -6.63
C GLU A 57 3.23 9.74 -7.11
N ASN A 58 2.71 8.74 -6.47
CA ASN A 58 1.35 8.26 -6.70
C ASN A 58 0.77 8.04 -5.36
N TRP A 59 1.50 7.29 -4.56
CA TRP A 59 1.13 7.10 -3.21
C TRP A 59 1.51 8.26 -2.36
N GLN A 60 0.67 8.48 -1.41
CA GLN A 60 0.77 9.53 -0.44
C GLN A 60 0.34 8.94 0.86
N VAL A 61 0.64 7.66 1.03
CA VAL A 61 0.18 6.94 2.19
C VAL A 61 0.78 7.58 3.45
N ASN A 62 -0.08 8.17 4.25
CA ASN A 62 0.37 8.95 5.40
C ASN A 62 0.18 8.23 6.71
N GLY A 63 0.56 6.96 6.75
CA GLY A 63 0.57 6.15 7.95
C GLY A 63 -0.80 5.89 8.51
N SER A 64 -1.31 6.86 9.20
CA SER A 64 -2.54 6.77 9.92
C SER A 64 -3.76 6.47 9.02
N GLU A 65 -3.71 6.82 7.76
CA GLU A 65 -4.82 6.57 6.91
C GLU A 65 -4.77 5.13 6.42
N VAL A 66 -3.57 4.63 6.28
CA VAL A 66 -3.32 3.27 5.82
C VAL A 66 -3.98 2.30 6.81
N LEU A 67 -3.78 2.58 8.07
CA LEU A 67 -4.20 1.75 9.16
C LEU A 67 -5.64 2.01 9.56
N ARG A 68 -6.16 3.13 9.13
CA ARG A 68 -7.50 3.50 9.50
C ARG A 68 -8.44 2.99 8.47
N GLN A 69 -7.99 3.00 7.21
CA GLN A 69 -8.82 2.44 6.18
C GLN A 69 -8.76 0.93 6.31
N TRP A 70 -7.67 0.48 6.93
CA TRP A 70 -7.40 -0.94 7.25
C TRP A 70 -8.15 -1.36 8.54
N MET A 71 -9.36 -0.91 8.66
CA MET A 71 -10.24 -1.44 9.69
C MET A 71 -10.44 -2.92 9.42
N GLY A 72 -10.69 -3.69 10.47
CA GLY A 72 -10.80 -5.14 10.34
C GLY A 72 -11.79 -5.58 9.28
N SER A 73 -11.26 -6.24 8.25
CA SER A 73 -12.04 -6.85 7.16
C SER A 73 -12.54 -5.81 6.17
N ALA A 74 -11.77 -4.75 6.00
CA ALA A 74 -12.09 -3.71 5.05
C ALA A 74 -11.95 -4.23 3.60
N PRO A 75 -13.03 -4.23 2.82
CA PRO A 75 -13.00 -4.65 1.43
C PRO A 75 -12.49 -3.53 0.50
N SER A 76 -12.11 -2.41 1.07
CA SER A 76 -11.63 -1.31 0.30
C SER A 76 -10.79 -0.38 1.14
N ILE A 77 -9.79 0.18 0.54
CA ILE A 77 -8.94 1.16 1.17
C ILE A 77 -8.75 2.30 0.16
N THR A 78 -8.89 3.51 0.62
CA THR A 78 -8.71 4.66 -0.23
C THR A 78 -7.62 5.56 0.33
N VAL A 79 -6.47 5.51 -0.28
CA VAL A 79 -5.34 6.31 0.15
C VAL A 79 -4.73 6.98 -1.08
N ALA A 80 -4.32 8.26 -0.95
CA ALA A 80 -3.66 9.03 -2.02
C ALA A 80 -4.62 9.42 -3.12
N GLY A 81 -5.88 9.37 -2.80
CA GLY A 81 -6.92 9.72 -3.73
C GLY A 81 -7.37 8.55 -4.59
N THR A 82 -6.75 7.41 -4.44
CA THR A 82 -7.04 6.28 -5.26
C THR A 82 -7.67 5.14 -4.44
N LYS A 83 -8.55 4.39 -5.07
CA LYS A 83 -9.30 3.35 -4.40
C LYS A 83 -8.73 1.96 -4.68
N PHE A 84 -8.59 1.19 -3.63
CA PHE A 84 -8.16 -0.16 -3.71
C PHE A 84 -9.30 -0.99 -3.18
N SER A 85 -9.61 -2.05 -3.84
CA SER A 85 -10.60 -2.96 -3.35
C SER A 85 -9.88 -4.20 -2.90
N SER A 86 -9.98 -4.47 -1.65
CA SER A 86 -9.20 -5.46 -1.01
C SER A 86 -9.91 -6.80 -0.95
N PHE A 87 -9.14 -7.85 -1.11
CA PHE A 87 -9.66 -9.18 -1.23
C PHE A 87 -9.35 -10.04 -0.03
N ARG A 88 -8.07 -10.23 0.23
CA ARG A 88 -7.66 -11.06 1.32
C ARG A 88 -7.19 -10.21 2.41
N ASN A 89 -7.94 -10.19 3.45
CA ASN A 89 -7.61 -9.43 4.57
C ASN A 89 -7.03 -10.36 5.63
N GLU A 90 -5.77 -10.38 5.69
CA GLU A 90 -5.12 -11.10 6.73
C GLU A 90 -4.65 -10.13 7.79
N PRO A 91 -5.32 -10.12 8.97
CA PRO A 91 -5.03 -9.17 10.04
C PRO A 91 -3.63 -9.33 10.57
N GLY A 92 -2.90 -8.25 10.52
CA GLY A 92 -1.54 -8.22 10.94
C GLY A 92 -0.62 -9.08 10.09
N VAL A 93 -1.07 -9.45 8.89
CA VAL A 93 -0.25 -10.30 8.05
C VAL A 93 -0.12 -9.72 6.64
N SER A 94 -1.12 -9.89 5.83
CA SER A 94 -0.96 -9.54 4.47
C SER A 94 -2.24 -9.06 4.01
N PHE A 95 -2.29 -7.84 3.78
CA PHE A 95 -3.47 -7.28 3.32
C PHE A 95 -3.37 -7.04 1.83
N VAL A 96 -4.17 -7.75 1.04
CA VAL A 96 -4.06 -7.68 -0.40
C VAL A 96 -5.32 -7.15 -1.01
N GLY A 97 -5.16 -6.14 -1.80
CA GLY A 97 -6.22 -5.54 -2.50
C GLY A 97 -5.78 -5.15 -3.86
N ARG A 98 -6.67 -4.71 -4.68
CA ARG A 98 -6.29 -4.35 -6.01
C ARG A 98 -6.89 -3.05 -6.36
N ASN A 99 -6.17 -2.26 -7.12
CA ASN A 99 -6.71 -1.05 -7.64
C ASN A 99 -7.68 -1.41 -8.69
N MET A 100 -8.93 -1.55 -8.32
CA MET A 100 -10.03 -1.82 -9.29
C MET A 100 -10.25 -0.66 -10.30
N ALA A 101 -9.35 0.30 -10.30
CA ALA A 101 -9.37 1.45 -11.16
C ALA A 101 -7.95 1.74 -11.59
N GLY A 102 -7.19 0.68 -11.70
CA GLY A 102 -5.78 0.79 -12.04
C GLY A 102 -5.25 -0.50 -12.61
N GLY A 103 -5.68 -1.60 -12.03
CA GLY A 103 -5.28 -2.90 -12.53
C GLY A 103 -4.26 -3.58 -11.64
N GLY A 104 -3.44 -2.78 -11.00
CA GLY A 104 -2.37 -3.32 -10.17
C GLY A 104 -2.84 -3.63 -8.79
N LEU A 105 -2.01 -4.23 -7.98
CA LEU A 105 -2.44 -4.68 -6.68
C LEU A 105 -1.60 -4.13 -5.57
N ILE A 106 -2.21 -4.01 -4.41
CA ILE A 106 -1.60 -3.41 -3.26
C ILE A 106 -1.54 -4.47 -2.14
N ILE A 107 -0.41 -4.61 -1.53
CA ILE A 107 -0.27 -5.52 -0.41
C ILE A 107 0.41 -4.81 0.77
N LEU A 108 -0.21 -4.86 1.95
CA LEU A 108 0.41 -4.26 3.11
C LEU A 108 0.54 -5.22 4.31
N GLN A 109 1.76 -5.37 4.78
CA GLN A 109 2.04 -6.11 6.01
C GLN A 109 2.16 -5.13 7.12
N LYS A 110 1.37 -5.31 8.12
CA LYS A 110 1.38 -4.42 9.25
C LYS A 110 2.08 -5.13 10.42
N ALA A 111 3.32 -4.76 10.69
CA ALA A 111 4.10 -5.32 11.81
C ALA A 111 3.59 -4.75 13.16
N PRO A 112 3.96 -5.36 14.32
CA PRO A 112 3.50 -4.91 15.65
C PRO A 112 4.14 -3.59 16.13
N ASN A 113 5.05 -3.05 15.36
CA ASN A 113 5.75 -1.82 15.77
C ASN A 113 5.38 -0.62 14.91
N GLY A 114 4.24 -0.66 14.28
CA GLY A 114 3.80 0.45 13.45
C GLY A 114 4.31 0.34 12.04
N TYR A 115 5.42 -0.33 11.90
CA TYR A 115 6.00 -0.65 10.63
C TYR A 115 5.00 -1.35 9.72
N VAL A 116 4.72 -0.76 8.61
CA VAL A 116 3.90 -1.35 7.62
C VAL A 116 4.75 -1.38 6.39
N PHE A 117 4.61 -2.36 5.60
CA PHE A 117 5.34 -2.41 4.37
C PHE A 117 4.34 -2.53 3.27
N LEU A 118 4.09 -1.42 2.61
CA LEU A 118 3.16 -1.39 1.52
C LEU A 118 3.93 -1.56 0.25
N SER A 119 3.48 -2.43 -0.57
CA SER A 119 4.08 -2.64 -1.85
C SER A 119 3.03 -2.76 -2.91
N TRP A 120 3.32 -2.21 -4.06
CA TRP A 120 2.42 -2.24 -5.16
C TRP A 120 3.08 -2.97 -6.29
N THR A 121 2.39 -3.85 -6.89
CA THR A 121 2.92 -4.62 -7.95
C THR A 121 2.26 -4.14 -9.24
N SER A 122 3.09 -3.93 -10.24
CA SER A 122 2.69 -3.38 -11.53
C SER A 122 1.47 -4.08 -12.12
N HIS A 123 0.69 -3.29 -12.86
CA HIS A 123 -0.48 -3.80 -13.58
C HIS A 123 -0.02 -4.66 -14.76
N GLU A 124 1.24 -4.57 -15.08
CA GLU A 124 1.84 -5.40 -16.09
C GLU A 124 2.19 -6.74 -15.46
N PHE A 125 2.70 -6.68 -14.25
CA PHE A 125 3.09 -7.86 -13.50
C PHE A 125 1.94 -8.42 -12.65
N LEU A 126 0.69 -8.07 -12.99
CA LEU A 126 -0.47 -8.58 -12.26
C LEU A 126 -0.65 -10.08 -12.50
N THR A 127 -0.09 -10.54 -13.58
CA THR A 127 -0.13 -11.92 -13.93
C THR A 127 1.01 -12.67 -13.22
N THR A 128 2.08 -11.95 -12.94
CA THR A 128 3.25 -12.48 -12.32
C THR A 128 3.05 -12.59 -10.79
N SER A 129 2.37 -11.62 -10.22
CA SER A 129 2.12 -11.60 -8.81
C SER A 129 1.14 -12.70 -8.39
N GLY A 130 1.67 -13.66 -7.68
CA GLY A 130 0.86 -14.75 -7.25
C GLY A 130 1.08 -15.98 -8.08
N LEU A 131 1.76 -15.82 -9.22
CA LEU A 131 2.04 -16.97 -10.07
C LEU A 131 3.09 -17.88 -9.40
N PRO A 132 4.33 -17.38 -9.08
CA PRO A 132 5.22 -18.12 -8.21
C PRO A 132 4.64 -18.10 -6.79
N PRO A 133 4.72 -19.22 -6.04
CA PRO A 133 4.20 -19.31 -4.68
C PRO A 133 4.68 -18.18 -3.80
N LEU A 134 3.72 -17.44 -3.22
CA LEU A 134 3.95 -16.29 -2.33
C LEU A 134 4.95 -15.28 -2.90
N ASN A 135 4.86 -15.09 -4.23
CA ASN A 135 5.74 -14.20 -5.02
C ASN A 135 5.99 -12.87 -4.33
N ILE A 136 4.96 -12.09 -4.13
CA ILE A 136 5.16 -10.80 -3.51
C ILE A 136 5.01 -10.92 -1.99
N HIS A 137 4.14 -11.83 -1.57
CA HIS A 137 3.79 -12.06 -0.15
C HIS A 137 5.05 -12.27 0.71
N ALA A 138 5.99 -13.02 0.19
CA ALA A 138 7.21 -13.40 0.89
C ALA A 138 8.10 -12.20 1.13
N GLU A 139 7.96 -11.24 0.29
CA GLU A 139 8.75 -10.05 0.37
C GLU A 139 8.10 -9.02 1.25
N ILE A 140 6.88 -9.29 1.68
CA ILE A 140 6.13 -8.29 2.40
C ILE A 140 5.99 -8.72 3.83
N ALA A 141 5.26 -9.80 4.01
CA ALA A 141 4.89 -10.26 5.33
C ALA A 141 6.08 -10.81 6.07
N MET A 142 7.06 -11.26 5.34
CA MET A 142 8.23 -11.83 5.94
C MET A 142 9.28 -10.78 6.20
N MET A 143 9.10 -9.61 5.61
CA MET A 143 10.08 -8.55 5.75
C MET A 143 9.69 -7.58 6.85
N ALA A 144 8.45 -7.12 6.81
CA ALA A 144 7.98 -6.16 7.80
C ALA A 144 7.92 -6.76 9.18
N ALA A 145 7.75 -8.09 9.24
CA ALA A 145 7.69 -8.82 10.51
C ALA A 145 9.06 -8.87 11.19
N LYS A 146 10.08 -8.41 10.49
CA LYS A 146 11.42 -8.38 11.03
C LYS A 146 11.65 -7.04 11.71
N PHE A 147 10.82 -6.09 11.39
CA PHE A 147 10.96 -4.79 11.95
C PHE A 147 10.10 -4.64 13.18
N GLN A 148 10.68 -5.07 14.26
CA GLN A 148 10.13 -4.98 15.57
C GLN A 148 11.28 -4.99 16.55
N MET A 1 -25.21 17.31 -12.53
CA MET A 1 -25.11 16.17 -13.47
C MET A 1 -24.46 14.96 -12.81
N LYS A 2 -23.78 15.17 -11.71
CA LYS A 2 -23.15 14.12 -10.96
C LYS A 2 -23.67 14.22 -9.55
N ASP A 3 -24.43 13.25 -9.11
CA ASP A 3 -25.00 13.33 -7.78
C ASP A 3 -23.99 12.91 -6.74
N GLY A 4 -23.94 13.68 -5.67
CA GLY A 4 -22.95 13.46 -4.66
C GLY A 4 -23.46 12.68 -3.46
N PHE A 5 -24.67 12.17 -3.51
CA PHE A 5 -25.12 11.33 -2.41
C PHE A 5 -24.58 9.94 -2.68
N ILE A 6 -23.59 9.57 -1.93
CA ILE A 6 -22.89 8.34 -2.17
C ILE A 6 -23.49 7.19 -1.39
N LEU A 7 -24.04 6.24 -2.11
CA LEU A 7 -24.48 5.00 -1.54
C LEU A 7 -23.23 4.16 -1.42
N LYS A 8 -23.09 3.45 -0.33
CA LYS A 8 -21.83 2.77 -0.03
C LYS A 8 -21.43 1.67 -1.01
N LYS A 9 -20.70 2.07 -2.00
CA LYS A 9 -20.02 1.22 -2.94
C LYS A 9 -18.58 1.60 -2.77
N LYS A 10 -17.68 0.65 -2.79
CA LYS A 10 -16.31 1.03 -2.64
C LYS A 10 -15.74 1.49 -3.95
N LYS A 11 -15.70 2.78 -4.10
CA LYS A 11 -15.23 3.44 -5.28
C LYS A 11 -13.98 4.19 -4.94
N ILE A 12 -13.50 4.95 -5.89
CA ILE A 12 -12.38 5.82 -5.66
C ILE A 12 -12.86 7.06 -4.87
N PRO A 13 -12.41 7.23 -3.63
CA PRO A 13 -12.88 8.30 -2.75
C PRO A 13 -12.36 9.68 -3.16
N LYS A 14 -13.06 10.70 -2.71
CA LYS A 14 -12.72 12.08 -3.02
C LYS A 14 -11.79 12.67 -1.97
N ASN A 15 -11.23 11.83 -1.12
CA ASN A 15 -10.24 12.28 -0.16
C ASN A 15 -9.00 12.70 -0.92
N ILE A 16 -8.78 13.97 -0.96
CA ILE A 16 -7.69 14.51 -1.70
C ILE A 16 -6.55 14.91 -0.76
N PHE A 17 -5.53 14.12 -0.79
CA PHE A 17 -4.34 14.35 -0.02
C PHE A 17 -3.20 14.39 -1.02
N ARG A 18 -2.10 14.98 -0.66
CA ARG A 18 -0.98 15.00 -1.58
C ARG A 18 -0.42 13.61 -1.73
N ILE A 19 -0.18 13.22 -2.95
CA ILE A 19 0.32 11.90 -3.27
C ILE A 19 1.85 11.85 -3.05
N GLY A 20 2.24 12.24 -1.87
CA GLY A 20 3.62 12.40 -1.54
C GLY A 20 3.99 13.81 -1.83
N ASN A 21 4.19 14.09 -3.12
CA ASN A 21 4.44 15.44 -3.68
C ASN A 21 5.61 16.14 -2.95
N LYS A 22 6.57 15.37 -2.51
CA LYS A 22 7.69 15.91 -1.78
C LYS A 22 8.85 16.13 -2.73
N GLU A 23 9.43 15.04 -3.22
CA GLU A 23 10.58 15.07 -4.11
C GLU A 23 10.53 13.85 -5.01
N MET A 24 11.36 13.84 -6.02
CA MET A 24 11.49 12.69 -6.91
C MET A 24 12.42 11.68 -6.27
N SER A 25 12.36 10.45 -6.74
CA SER A 25 13.18 9.38 -6.19
C SER A 25 14.62 9.41 -6.77
N TYR A 26 15.28 10.55 -6.69
CA TYR A 26 16.60 10.70 -7.29
C TYR A 26 17.71 10.23 -6.34
N SER A 27 17.43 10.23 -5.05
CA SER A 27 18.39 9.79 -4.05
C SER A 27 18.68 8.29 -4.22
N ASP A 28 17.65 7.56 -4.68
CA ASP A 28 17.70 6.11 -4.83
C ASP A 28 18.04 5.46 -3.50
N ASP A 29 17.13 5.60 -2.58
CA ASP A 29 17.28 5.05 -1.25
C ASP A 29 16.16 4.07 -1.01
N LEU A 30 14.96 4.54 -1.22
CA LEU A 30 13.79 3.70 -1.11
C LEU A 30 13.56 3.05 -2.49
N ASN A 31 14.11 3.69 -3.52
CA ASN A 31 14.00 3.21 -4.91
C ASN A 31 14.76 1.89 -5.09
N SER A 32 15.69 1.63 -4.20
CA SER A 32 16.44 0.42 -4.18
C SER A 32 15.52 -0.79 -3.87
N LEU A 33 14.39 -0.48 -3.28
CA LEU A 33 13.41 -1.46 -2.89
C LEU A 33 12.40 -1.69 -4.01
N ILE A 34 12.31 -0.76 -4.96
CA ILE A 34 11.33 -0.92 -6.03
C ILE A 34 11.81 -1.90 -7.07
N GLN A 35 13.11 -2.09 -7.17
CA GLN A 35 13.63 -2.96 -8.17
C GLN A 35 13.63 -4.38 -7.65
N SER A 36 13.15 -4.53 -6.44
CA SER A 36 13.08 -5.77 -5.81
C SER A 36 11.76 -6.41 -6.16
N GLN A 37 11.80 -7.06 -7.29
CA GLN A 37 10.69 -7.85 -7.87
C GLN A 37 9.63 -6.98 -8.55
N TYR A 38 10.02 -5.77 -8.97
CA TYR A 38 9.17 -4.88 -9.78
C TYR A 38 8.05 -4.26 -8.98
N VAL A 39 8.47 -3.62 -7.94
CA VAL A 39 7.61 -2.90 -7.07
C VAL A 39 7.59 -1.47 -7.58
N SER A 40 6.47 -0.82 -7.58
CA SER A 40 6.42 0.53 -8.09
C SER A 40 6.36 1.55 -6.97
N TYR A 41 5.74 1.19 -5.86
CA TYR A 41 5.59 2.12 -4.76
C TYR A 41 5.98 1.43 -3.50
N VAL A 42 6.97 1.94 -2.84
CA VAL A 42 7.37 1.42 -1.58
C VAL A 42 7.62 2.53 -0.66
N VAL A 43 7.01 2.45 0.43
CA VAL A 43 7.16 3.39 1.46
C VAL A 43 7.54 2.63 2.70
N ILE A 44 8.52 3.08 3.37
CA ILE A 44 9.00 2.40 4.53
C ILE A 44 8.56 3.16 5.73
N LEU A 45 8.24 2.47 6.77
CA LEU A 45 7.83 3.07 8.01
C LEU A 45 9.03 3.23 8.93
N ASP A 46 8.85 3.91 10.02
CA ASP A 46 9.89 4.12 11.00
C ASP A 46 9.52 3.27 12.24
N PRO A 47 10.38 3.21 13.30
CA PRO A 47 10.10 2.44 14.53
C PRO A 47 8.90 2.96 15.34
N ASN A 48 8.22 3.95 14.84
CA ASN A 48 7.09 4.49 15.54
C ASN A 48 5.82 4.14 14.81
N GLY A 49 5.92 3.62 13.61
CA GLY A 49 4.77 3.32 12.88
C GLY A 49 4.33 4.47 12.04
N ALA A 50 5.24 5.38 11.78
CA ALA A 50 4.97 6.49 10.92
C ALA A 50 5.79 6.29 9.65
N ILE A 51 5.34 6.81 8.52
CA ILE A 51 6.06 6.54 7.29
C ILE A 51 7.30 7.40 7.20
N TYR A 52 8.38 6.80 6.71
CA TYR A 52 9.66 7.44 6.63
C TYR A 52 9.64 8.37 5.46
N TRP A 53 9.11 7.87 4.35
CA TRP A 53 8.91 8.66 3.17
C TRP A 53 8.13 7.88 2.12
N THR A 54 7.27 8.58 1.42
CA THR A 54 6.55 8.05 0.30
C THR A 54 7.39 8.16 -0.90
N ASN A 55 7.70 7.06 -1.45
CA ASN A 55 8.52 6.97 -2.58
C ASN A 55 7.62 6.42 -3.61
N ASN A 56 6.56 7.17 -3.82
CA ASN A 56 5.58 6.76 -4.69
C ASN A 56 5.22 7.77 -5.75
N GLU A 57 5.25 9.06 -5.37
CA GLU A 57 4.77 10.18 -6.21
C GLU A 57 3.33 9.93 -6.70
N ASN A 58 2.63 9.01 -6.02
CA ASN A 58 1.27 8.58 -6.46
C ASN A 58 0.40 8.14 -5.31
N TRP A 59 1.00 7.76 -4.21
CA TRP A 59 0.24 7.31 -3.07
C TRP A 59 0.22 8.37 -1.99
N GLN A 60 -0.89 8.45 -1.31
CA GLN A 60 -1.13 9.48 -0.30
C GLN A 60 -0.86 8.90 1.07
N VAL A 61 0.18 8.11 1.19
CA VAL A 61 0.31 7.39 2.42
C VAL A 61 1.05 8.14 3.50
N ASN A 62 0.32 8.51 4.51
CA ASN A 62 0.87 9.25 5.64
C ASN A 62 0.67 8.43 6.91
N GLY A 63 0.95 7.16 6.79
CA GLY A 63 0.83 6.23 7.91
C GLY A 63 -0.60 5.87 8.17
N SER A 64 -1.35 6.88 8.53
CA SER A 64 -2.71 6.78 8.91
C SER A 64 -3.60 6.12 7.85
N GLU A 65 -3.62 6.64 6.61
CA GLU A 65 -4.60 6.17 5.59
C GLU A 65 -4.50 4.67 5.35
N VAL A 66 -3.28 4.24 5.26
CA VAL A 66 -2.87 2.87 5.12
C VAL A 66 -3.59 1.97 6.12
N LEU A 67 -3.44 2.31 7.38
CA LEU A 67 -3.94 1.52 8.50
C LEU A 67 -5.38 1.87 8.87
N ARG A 68 -5.70 3.12 8.77
CA ARG A 68 -7.00 3.62 9.12
C ARG A 68 -8.04 3.09 8.14
N GLN A 69 -7.70 3.04 6.86
CA GLN A 69 -8.65 2.56 5.90
C GLN A 69 -8.69 1.03 5.97
N TRP A 70 -7.59 0.46 6.41
CA TRP A 70 -7.43 -0.95 6.68
C TRP A 70 -8.37 -1.37 7.78
N MET A 71 -8.52 -0.50 8.76
CA MET A 71 -9.41 -0.77 9.86
C MET A 71 -10.83 -0.27 9.54
N GLY A 72 -11.22 -0.42 8.30
CA GLY A 72 -12.53 -0.03 7.88
C GLY A 72 -13.44 -1.22 7.79
N SER A 73 -12.84 -2.41 8.00
CA SER A 73 -13.55 -3.69 7.98
C SER A 73 -14.21 -3.93 6.62
N ALA A 74 -13.68 -3.29 5.61
CA ALA A 74 -14.20 -3.35 4.29
C ALA A 74 -13.28 -4.19 3.44
N PRO A 75 -13.84 -4.95 2.47
CA PRO A 75 -13.05 -5.81 1.58
C PRO A 75 -12.44 -5.02 0.42
N SER A 76 -12.25 -3.76 0.63
CA SER A 76 -11.70 -2.85 -0.31
C SER A 76 -11.15 -1.66 0.42
N ILE A 77 -9.87 -1.57 0.45
CA ILE A 77 -9.21 -0.48 1.09
C ILE A 77 -8.99 0.59 0.04
N THR A 78 -9.20 1.82 0.41
CA THR A 78 -9.06 2.90 -0.50
C THR A 78 -7.94 3.85 -0.02
N VAL A 79 -6.83 3.75 -0.68
CA VAL A 79 -5.65 4.52 -0.38
C VAL A 79 -5.24 5.23 -1.66
N ALA A 80 -4.80 6.48 -1.55
CA ALA A 80 -4.35 7.30 -2.69
C ALA A 80 -5.52 7.67 -3.58
N GLY A 81 -6.66 7.79 -2.95
CA GLY A 81 -7.89 8.09 -3.64
C GLY A 81 -8.32 6.99 -4.60
N THR A 82 -7.75 5.80 -4.42
CA THR A 82 -8.03 4.69 -5.31
C THR A 82 -8.57 3.48 -4.52
N LYS A 83 -9.46 2.70 -5.14
CA LYS A 83 -9.99 1.51 -4.48
C LYS A 83 -9.24 0.25 -4.90
N PHE A 84 -8.85 -0.51 -3.92
CA PHE A 84 -8.25 -1.79 -4.14
C PHE A 84 -9.26 -2.83 -3.72
N SER A 85 -9.78 -3.58 -4.66
CA SER A 85 -10.63 -4.69 -4.35
C SER A 85 -9.74 -5.69 -3.63
N SER A 86 -9.94 -5.80 -2.36
CA SER A 86 -9.05 -6.53 -1.54
C SER A 86 -9.44 -8.00 -1.48
N PHE A 87 -8.43 -8.84 -1.36
CA PHE A 87 -8.61 -10.28 -1.41
C PHE A 87 -8.47 -10.89 -0.05
N ARG A 88 -7.33 -10.67 0.57
CA ARG A 88 -7.13 -11.23 1.87
C ARG A 88 -6.76 -10.13 2.79
N ASN A 89 -7.37 -10.11 3.91
CA ASN A 89 -6.97 -9.21 4.93
C ASN A 89 -6.61 -9.99 6.14
N GLU A 90 -5.39 -10.31 6.20
CA GLU A 90 -4.84 -11.02 7.31
C GLU A 90 -4.28 -9.98 8.24
N PRO A 91 -4.93 -9.76 9.38
CA PRO A 91 -4.62 -8.63 10.25
C PRO A 91 -3.21 -8.71 10.81
N GLY A 92 -2.45 -7.66 10.55
CA GLY A 92 -1.09 -7.56 11.03
C GLY A 92 -0.15 -8.53 10.34
N VAL A 93 -0.63 -9.20 9.30
CA VAL A 93 0.19 -10.18 8.60
C VAL A 93 0.27 -9.89 7.12
N SER A 94 -0.81 -9.91 6.43
CA SER A 94 -0.78 -9.74 5.00
C SER A 94 -2.10 -9.31 4.52
N PHE A 95 -2.20 -8.11 4.09
CA PHE A 95 -3.39 -7.74 3.48
C PHE A 95 -3.10 -7.22 2.12
N VAL A 96 -3.97 -7.56 1.21
CA VAL A 96 -3.69 -7.49 -0.20
C VAL A 96 -4.93 -7.15 -0.96
N GLY A 97 -4.82 -6.20 -1.83
CA GLY A 97 -5.89 -5.80 -2.66
C GLY A 97 -5.42 -5.48 -4.01
N ARG A 98 -6.28 -5.57 -4.96
CA ARG A 98 -5.91 -5.29 -6.32
C ARG A 98 -6.60 -4.06 -6.75
N ASN A 99 -5.89 -3.22 -7.40
CA ASN A 99 -6.43 -2.07 -8.00
C ASN A 99 -7.24 -2.51 -9.16
N MET A 100 -8.48 -2.86 -8.84
CA MET A 100 -9.46 -3.22 -9.87
C MET A 100 -9.68 -2.01 -10.77
N ALA A 101 -9.39 -0.86 -10.23
CA ALA A 101 -9.41 0.38 -10.94
C ALA A 101 -7.97 0.64 -11.34
N GLY A 102 -7.66 0.32 -12.56
CA GLY A 102 -6.31 0.41 -13.02
C GLY A 102 -5.78 -0.98 -13.29
N GLY A 103 -4.83 -1.43 -12.51
CA GLY A 103 -4.32 -2.78 -12.68
C GLY A 103 -3.04 -3.06 -11.93
N GLY A 104 -3.13 -3.15 -10.62
CA GLY A 104 -1.95 -3.47 -9.80
C GLY A 104 -2.37 -4.01 -8.46
N LEU A 105 -1.44 -4.39 -7.61
CA LEU A 105 -1.79 -4.92 -6.28
C LEU A 105 -1.00 -4.27 -5.17
N ILE A 106 -1.67 -4.03 -4.06
CA ILE A 106 -1.04 -3.52 -2.85
C ILE A 106 -0.81 -4.72 -1.92
N ILE A 107 0.34 -4.81 -1.32
CA ILE A 107 0.59 -5.83 -0.32
C ILE A 107 1.14 -5.13 0.91
N LEU A 108 0.48 -5.30 2.03
CA LEU A 108 0.85 -4.65 3.26
C LEU A 108 1.02 -5.62 4.44
N GLN A 109 2.00 -5.30 5.27
CA GLN A 109 2.32 -6.01 6.53
C GLN A 109 2.47 -4.97 7.61
N LYS A 110 1.94 -5.26 8.78
CA LYS A 110 2.01 -4.35 9.89
C LYS A 110 2.76 -5.04 11.05
N ALA A 111 4.06 -4.76 11.18
CA ALA A 111 4.89 -5.33 12.24
C ALA A 111 4.50 -4.76 13.63
N PRO A 112 4.84 -5.48 14.74
CA PRO A 112 4.47 -5.08 16.12
C PRO A 112 5.28 -3.90 16.66
N ASN A 113 6.07 -3.29 15.83
CA ASN A 113 6.87 -2.14 16.23
C ASN A 113 6.36 -0.86 15.56
N GLY A 114 5.39 -1.03 14.68
CA GLY A 114 4.83 0.10 14.01
C GLY A 114 5.10 0.04 12.54
N TYR A 115 6.23 -0.54 12.21
CA TYR A 115 6.66 -0.73 10.84
C TYR A 115 5.61 -1.41 9.98
N VAL A 116 5.22 -0.76 8.94
CA VAL A 116 4.32 -1.28 7.98
C VAL A 116 5.12 -1.32 6.69
N PHE A 117 4.87 -2.25 5.84
CA PHE A 117 5.63 -2.31 4.64
C PHE A 117 4.70 -2.29 3.48
N LEU A 118 4.81 -1.28 2.64
CA LEU A 118 3.95 -1.19 1.51
C LEU A 118 4.74 -1.43 0.28
N SER A 119 4.33 -2.38 -0.46
CA SER A 119 4.92 -2.59 -1.74
C SER A 119 3.84 -2.80 -2.74
N TRP A 120 3.82 -1.97 -3.72
CA TRP A 120 2.87 -2.06 -4.77
C TRP A 120 3.53 -2.75 -5.91
N THR A 121 2.81 -3.54 -6.59
CA THR A 121 3.41 -4.34 -7.60
C THR A 121 3.08 -3.74 -8.94
N SER A 122 4.11 -3.57 -9.77
CA SER A 122 4.02 -2.93 -11.09
C SER A 122 2.82 -3.41 -11.90
N HIS A 123 2.19 -2.45 -12.62
CA HIS A 123 1.03 -2.76 -13.44
C HIS A 123 1.43 -3.62 -14.63
N GLU A 124 2.72 -3.63 -14.94
CA GLU A 124 3.27 -4.42 -16.01
C GLU A 124 3.57 -5.82 -15.49
N PHE A 125 3.90 -5.90 -14.22
CA PHE A 125 4.26 -7.15 -13.55
C PHE A 125 2.98 -7.79 -12.99
N LEU A 126 1.85 -7.17 -13.31
CA LEU A 126 0.49 -7.55 -12.86
C LEU A 126 0.17 -9.02 -13.18
N THR A 127 0.72 -9.53 -14.26
CA THR A 127 0.44 -10.88 -14.67
C THR A 127 1.16 -11.85 -13.71
N THR A 128 2.24 -11.39 -13.16
CA THR A 128 3.03 -12.14 -12.25
C THR A 128 2.57 -11.82 -10.79
N SER A 129 1.54 -11.00 -10.66
CA SER A 129 1.07 -10.60 -9.36
C SER A 129 -0.26 -11.26 -9.06
N GLY A 130 -0.22 -12.34 -8.31
CA GLY A 130 -1.44 -13.04 -7.95
C GLY A 130 -1.65 -14.29 -8.77
N LEU A 131 -0.90 -14.43 -9.83
CA LEU A 131 -0.93 -15.64 -10.60
C LEU A 131 -0.09 -16.71 -9.88
N PRO A 132 1.22 -16.45 -9.52
CA PRO A 132 1.96 -17.34 -8.64
C PRO A 132 1.35 -17.24 -7.24
N PRO A 133 1.43 -18.34 -6.44
CA PRO A 133 0.83 -18.46 -5.10
C PRO A 133 0.78 -17.16 -4.28
N LEU A 134 1.92 -16.69 -3.86
CA LEU A 134 1.97 -15.47 -3.11
C LEU A 134 2.83 -14.47 -3.86
N ASN A 135 4.04 -14.90 -4.16
CA ASN A 135 5.07 -14.14 -4.84
C ASN A 135 5.46 -12.90 -4.06
N ILE A 136 4.67 -11.87 -4.16
CA ILE A 136 4.96 -10.61 -3.51
C ILE A 136 4.23 -10.58 -2.17
N HIS A 137 3.10 -11.27 -2.14
CA HIS A 137 2.18 -11.37 -0.99
C HIS A 137 2.89 -11.89 0.28
N ALA A 138 3.87 -12.72 0.09
CA ALA A 138 4.53 -13.37 1.21
C ALA A 138 5.67 -12.52 1.74
N GLU A 139 6.48 -12.05 0.82
CA GLU A 139 7.75 -11.36 1.11
C GLU A 139 7.58 -10.15 2.01
N ILE A 140 6.46 -9.53 1.89
CA ILE A 140 6.18 -8.28 2.58
C ILE A 140 5.99 -8.56 4.05
N ALA A 141 5.29 -9.64 4.35
CA ALA A 141 5.04 -10.07 5.70
C ALA A 141 6.31 -10.55 6.37
N MET A 142 7.26 -10.93 5.54
CA MET A 142 8.51 -11.48 6.04
C MET A 142 9.48 -10.36 6.38
N MET A 143 9.52 -9.35 5.52
CA MET A 143 10.48 -8.25 5.66
C MET A 143 10.21 -7.35 6.86
N ALA A 144 8.99 -6.90 7.01
CA ALA A 144 8.67 -5.98 8.11
C ALA A 144 8.77 -6.66 9.46
N ALA A 145 8.62 -7.97 9.46
CA ALA A 145 8.68 -8.76 10.70
C ALA A 145 10.11 -8.79 11.26
N LYS A 146 11.06 -8.32 10.48
CA LYS A 146 12.43 -8.25 10.92
C LYS A 146 12.64 -6.99 11.70
N PHE A 147 11.87 -5.97 11.36
CA PHE A 147 11.98 -4.70 11.98
C PHE A 147 11.00 -4.61 13.14
N GLN A 148 11.45 -5.08 14.27
CA GLN A 148 10.66 -5.06 15.47
C GLN A 148 11.56 -4.90 16.69
N MET A 1 -24.96 23.72 -26.08
CA MET A 1 -24.35 24.06 -24.79
C MET A 1 -23.80 22.81 -24.12
N LYS A 2 -22.49 22.73 -23.99
CA LYS A 2 -21.84 21.62 -23.33
C LYS A 2 -20.62 22.09 -22.58
N ASP A 3 -20.75 22.17 -21.27
CA ASP A 3 -19.65 22.53 -20.38
C ASP A 3 -20.09 22.26 -18.96
N GLY A 4 -19.15 22.16 -18.06
CA GLY A 4 -19.46 21.92 -16.68
C GLY A 4 -18.45 21.02 -16.05
N PHE A 5 -18.60 20.79 -14.78
CA PHE A 5 -17.72 19.93 -14.05
C PHE A 5 -18.19 18.51 -14.21
N ILE A 6 -17.27 17.59 -14.27
CA ILE A 6 -17.61 16.20 -14.42
C ILE A 6 -18.12 15.69 -13.11
N LEU A 7 -19.33 15.19 -13.12
CA LEU A 7 -19.97 14.70 -11.93
C LEU A 7 -19.40 13.37 -11.51
N LYS A 8 -18.52 13.44 -10.55
CA LYS A 8 -17.87 12.28 -10.01
C LYS A 8 -18.32 12.10 -8.59
N LYS A 9 -18.69 10.89 -8.26
CA LYS A 9 -19.12 10.57 -6.93
C LYS A 9 -17.93 10.11 -6.13
N LYS A 10 -17.79 10.61 -4.94
CA LYS A 10 -16.65 10.32 -4.13
C LYS A 10 -16.83 9.07 -3.32
N LYS A 11 -16.05 8.10 -3.66
CA LYS A 11 -15.99 6.82 -2.99
C LYS A 11 -14.63 6.73 -2.31
N ILE A 12 -14.06 7.89 -2.14
CA ILE A 12 -12.76 8.11 -1.62
C ILE A 12 -12.90 9.14 -0.50
N PRO A 13 -11.94 9.24 0.45
CA PRO A 13 -12.01 10.21 1.54
C PRO A 13 -12.07 11.65 1.01
N LYS A 14 -12.79 12.49 1.70
CA LYS A 14 -12.93 13.89 1.29
C LYS A 14 -11.75 14.70 1.80
N ASN A 15 -10.99 14.08 2.66
CA ASN A 15 -9.79 14.66 3.23
C ASN A 15 -8.75 14.75 2.15
N ILE A 16 -8.57 15.94 1.64
CA ILE A 16 -7.67 16.18 0.54
C ILE A 16 -6.25 16.39 1.01
N PHE A 17 -5.38 15.54 0.57
CA PHE A 17 -3.99 15.62 0.92
C PHE A 17 -3.18 15.72 -0.33
N ARG A 18 -1.99 16.22 -0.21
CA ARG A 18 -1.08 16.28 -1.32
C ARG A 18 -0.51 14.92 -1.55
N ILE A 19 -0.28 14.58 -2.79
CA ILE A 19 0.28 13.29 -3.11
C ILE A 19 1.78 13.25 -2.89
N GLY A 20 2.16 13.25 -1.64
CA GLY A 20 3.54 13.26 -1.26
C GLY A 20 4.05 14.68 -1.18
N ASN A 21 4.28 15.25 -2.36
CA ASN A 21 4.79 16.62 -2.52
C ASN A 21 6.06 16.85 -1.68
N LYS A 22 7.02 15.94 -1.82
CA LYS A 22 8.29 16.04 -1.11
C LYS A 22 9.27 15.03 -1.71
N GLU A 23 10.39 15.51 -2.18
CA GLU A 23 11.38 14.68 -2.83
C GLU A 23 12.30 14.01 -1.81
N MET A 24 11.94 12.82 -1.35
CA MET A 24 12.77 12.13 -0.37
C MET A 24 13.44 10.89 -0.92
N SER A 25 14.56 11.09 -1.54
CA SER A 25 15.44 10.02 -1.92
C SER A 25 16.75 10.25 -1.18
N TYR A 26 16.63 10.42 0.12
CA TYR A 26 17.78 10.70 0.95
C TYR A 26 18.53 9.40 1.19
N SER A 27 17.83 8.32 1.04
CA SER A 27 18.39 7.03 1.14
C SER A 27 17.93 6.22 -0.06
N ASP A 28 18.80 5.38 -0.58
CA ASP A 28 18.46 4.51 -1.71
C ASP A 28 17.80 3.25 -1.23
N ASP A 29 17.26 3.31 -0.04
CA ASP A 29 16.68 2.14 0.60
C ASP A 29 15.40 1.79 -0.08
N LEU A 30 14.58 2.80 -0.28
CA LEU A 30 13.33 2.64 -0.98
C LEU A 30 13.56 2.28 -2.46
N ASN A 31 14.73 2.64 -2.98
CA ASN A 31 15.09 2.29 -4.35
C ASN A 31 15.47 0.83 -4.43
N SER A 32 16.26 0.37 -3.46
CA SER A 32 16.64 -1.03 -3.38
C SER A 32 15.41 -1.93 -3.27
N LEU A 33 14.44 -1.51 -2.47
CA LEU A 33 13.23 -2.28 -2.28
C LEU A 33 12.37 -2.39 -3.54
N ILE A 34 12.43 -1.41 -4.44
CA ILE A 34 11.65 -1.54 -5.66
C ILE A 34 12.37 -2.40 -6.70
N GLN A 35 13.66 -2.58 -6.50
CA GLN A 35 14.44 -3.46 -7.36
C GLN A 35 14.25 -4.89 -6.88
N SER A 36 13.60 -5.03 -5.76
CA SER A 36 13.41 -6.27 -5.14
C SER A 36 12.24 -6.97 -5.77
N GLN A 37 12.59 -7.64 -6.83
CA GLN A 37 11.72 -8.50 -7.61
C GLN A 37 10.79 -7.73 -8.57
N TYR A 38 11.14 -6.46 -8.81
CA TYR A 38 10.48 -5.60 -9.81
C TYR A 38 9.19 -4.98 -9.27
N VAL A 39 9.34 -4.30 -8.18
CA VAL A 39 8.22 -3.63 -7.53
C VAL A 39 8.21 -2.17 -8.00
N SER A 40 7.05 -1.53 -8.10
CA SER A 40 7.02 -0.18 -8.58
C SER A 40 7.21 0.83 -7.45
N TYR A 41 6.48 0.68 -6.36
CA TYR A 41 6.55 1.65 -5.27
C TYR A 41 6.55 0.93 -3.99
N VAL A 42 7.21 1.47 -3.02
CA VAL A 42 7.19 0.92 -1.70
C VAL A 42 6.95 2.03 -0.71
N VAL A 43 6.27 1.70 0.30
CA VAL A 43 5.99 2.58 1.41
C VAL A 43 6.45 1.88 2.64
N ILE A 44 7.47 2.40 3.20
CA ILE A 44 8.04 1.81 4.37
C ILE A 44 7.70 2.70 5.52
N LEU A 45 7.43 2.12 6.64
CA LEU A 45 7.18 2.88 7.81
C LEU A 45 8.34 2.82 8.80
N ASP A 46 8.25 3.65 9.75
CA ASP A 46 9.23 3.88 10.79
C ASP A 46 8.74 3.15 12.04
N PRO A 47 9.64 2.75 12.98
CA PRO A 47 9.28 2.06 14.26
C PRO A 47 8.28 2.83 15.17
N ASN A 48 7.85 3.98 14.72
CA ASN A 48 6.85 4.77 15.42
C ASN A 48 5.46 4.50 14.80
N GLY A 49 5.49 3.89 13.63
CA GLY A 49 4.28 3.63 12.89
C GLY A 49 3.99 4.79 11.98
N ALA A 50 5.06 5.48 11.66
CA ALA A 50 5.04 6.68 10.87
C ALA A 50 5.64 6.36 9.52
N ILE A 51 5.30 7.07 8.48
CA ILE A 51 5.79 6.71 7.15
C ILE A 51 7.22 7.20 6.99
N TYR A 52 8.05 6.43 6.28
CA TYR A 52 9.40 6.85 5.99
C TYR A 52 9.26 7.81 4.84
N TRP A 53 8.79 7.29 3.74
CA TRP A 53 8.40 8.07 2.61
C TRP A 53 7.67 7.20 1.60
N THR A 54 6.76 7.83 0.89
CA THR A 54 6.01 7.25 -0.15
C THR A 54 6.76 7.30 -1.46
N ASN A 55 7.26 6.17 -1.86
CA ASN A 55 8.14 6.07 -2.98
C ASN A 55 7.37 5.98 -4.28
N ASN A 56 6.60 7.01 -4.53
CA ASN A 56 5.94 7.19 -5.80
C ASN A 56 5.86 8.68 -6.07
N GLU A 57 5.51 9.42 -5.00
CA GLU A 57 5.28 10.88 -5.05
C GLU A 57 4.02 11.18 -5.87
N ASN A 58 3.22 10.15 -6.07
CA ASN A 58 1.90 10.26 -6.74
C ASN A 58 0.92 9.36 -6.02
N TRP A 59 1.44 8.66 -5.05
CA TRP A 59 0.74 7.71 -4.27
C TRP A 59 1.06 8.12 -2.89
N GLN A 60 0.11 8.59 -2.21
CA GLN A 60 0.32 9.05 -0.89
C GLN A 60 -0.30 8.09 0.03
N VAL A 61 0.42 7.72 1.02
CA VAL A 61 -0.07 6.81 2.01
C VAL A 61 0.09 7.40 3.37
N ASN A 62 -1.00 7.80 3.96
CA ASN A 62 -1.00 8.28 5.31
C ASN A 62 -1.10 7.09 6.26
N GLY A 63 0.08 6.61 6.66
CA GLY A 63 0.28 5.41 7.47
C GLY A 63 -0.69 5.22 8.62
N SER A 64 -0.98 6.28 9.33
CA SER A 64 -1.86 6.18 10.47
C SER A 64 -3.28 5.80 10.05
N GLU A 65 -3.68 6.25 8.89
CA GLU A 65 -5.00 6.03 8.44
C GLU A 65 -5.06 4.86 7.46
N VAL A 66 -3.95 4.55 6.80
CA VAL A 66 -3.91 3.36 5.93
C VAL A 66 -4.17 2.12 6.80
N LEU A 67 -3.68 2.21 8.03
CA LEU A 67 -3.79 1.19 9.04
C LEU A 67 -5.22 1.23 9.62
N ARG A 68 -5.72 2.44 9.76
CA ARG A 68 -7.04 2.67 10.33
C ARG A 68 -8.11 2.18 9.36
N GLN A 69 -7.92 2.45 8.07
CA GLN A 69 -8.84 2.00 7.02
C GLN A 69 -8.71 0.51 6.84
N TRP A 70 -7.55 0.01 7.16
CA TRP A 70 -7.27 -1.40 7.11
C TRP A 70 -8.03 -2.10 8.21
N MET A 71 -8.14 -1.44 9.34
CA MET A 71 -8.85 -1.98 10.47
C MET A 71 -10.31 -1.60 10.40
N GLY A 72 -10.81 -1.58 9.21
CA GLY A 72 -12.18 -1.29 8.98
C GLY A 72 -12.83 -2.41 8.24
N SER A 73 -12.19 -3.61 8.31
CA SER A 73 -12.65 -4.82 7.59
C SER A 73 -12.78 -4.49 6.09
N ALA A 74 -11.87 -3.63 5.64
CA ALA A 74 -11.89 -3.02 4.34
C ALA A 74 -11.89 -4.00 3.17
N PRO A 75 -12.97 -3.97 2.37
CA PRO A 75 -13.00 -4.67 1.11
C PRO A 75 -12.35 -3.79 0.05
N SER A 76 -12.14 -2.53 0.42
CA SER A 76 -11.56 -1.53 -0.41
C SER A 76 -11.01 -0.43 0.50
N ILE A 77 -9.72 -0.26 0.48
CA ILE A 77 -9.07 0.81 1.23
C ILE A 77 -8.97 2.00 0.30
N THR A 78 -9.26 3.19 0.78
CA THR A 78 -9.21 4.34 -0.07
C THR A 78 -8.17 5.33 0.43
N VAL A 79 -7.02 5.29 -0.17
CA VAL A 79 -5.91 6.17 0.15
C VAL A 79 -5.36 6.71 -1.16
N ALA A 80 -4.98 8.00 -1.19
CA ALA A 80 -4.43 8.67 -2.39
C ALA A 80 -5.54 8.96 -3.39
N GLY A 81 -6.74 9.07 -2.88
CA GLY A 81 -7.92 9.37 -3.68
C GLY A 81 -8.37 8.21 -4.57
N THR A 82 -7.80 7.06 -4.36
CA THR A 82 -8.15 5.90 -5.12
C THR A 82 -8.53 4.72 -4.19
N LYS A 83 -9.43 3.85 -4.64
CA LYS A 83 -9.83 2.71 -3.83
C LYS A 83 -9.04 1.46 -4.26
N PHE A 84 -8.68 0.65 -3.31
CA PHE A 84 -8.01 -0.59 -3.57
C PHE A 84 -8.90 -1.74 -3.09
N SER A 85 -9.50 -2.43 -4.02
CA SER A 85 -10.37 -3.55 -3.73
C SER A 85 -9.51 -4.76 -3.34
N SER A 86 -9.68 -5.22 -2.14
CA SER A 86 -8.82 -6.22 -1.58
C SER A 86 -9.19 -7.65 -1.98
N PHE A 87 -8.19 -8.50 -1.98
CA PHE A 87 -8.36 -9.91 -2.25
C PHE A 87 -8.15 -10.67 -0.97
N ARG A 88 -6.90 -10.72 -0.54
CA ARG A 88 -6.56 -11.41 0.67
C ARG A 88 -6.41 -10.45 1.79
N ASN A 89 -7.26 -10.58 2.76
CA ASN A 89 -7.13 -9.81 3.93
C ASN A 89 -6.64 -10.77 5.02
N GLU A 90 -5.40 -10.82 5.08
CA GLU A 90 -4.73 -11.61 6.08
C GLU A 90 -4.44 -10.70 7.26
N PRO A 91 -5.18 -10.88 8.38
CA PRO A 91 -5.07 -10.00 9.52
C PRO A 91 -3.67 -10.01 10.11
N GLY A 92 -3.10 -8.83 10.18
CA GLY A 92 -1.77 -8.60 10.67
C GLY A 92 -0.68 -9.18 9.78
N VAL A 93 -1.06 -9.76 8.66
CA VAL A 93 -0.10 -10.45 7.84
C VAL A 93 0.09 -9.81 6.47
N SER A 94 -0.93 -9.78 5.66
CA SER A 94 -0.76 -9.37 4.29
C SER A 94 -2.06 -8.95 3.76
N PHE A 95 -2.15 -7.74 3.47
CA PHE A 95 -3.33 -7.25 2.99
C PHE A 95 -3.12 -6.81 1.56
N VAL A 96 -3.66 -7.56 0.64
CA VAL A 96 -3.46 -7.28 -0.76
C VAL A 96 -4.76 -6.93 -1.48
N GLY A 97 -4.74 -5.80 -2.12
CA GLY A 97 -5.86 -5.33 -2.88
C GLY A 97 -5.42 -4.66 -4.15
N ARG A 98 -6.20 -4.75 -5.18
CA ARG A 98 -5.81 -4.15 -6.45
C ARG A 98 -6.41 -2.80 -6.58
N ASN A 99 -5.73 -1.92 -7.24
CA ASN A 99 -6.16 -0.61 -7.43
C ASN A 99 -7.31 -0.50 -8.44
N MET A 100 -8.47 -0.99 -8.02
CA MET A 100 -9.83 -0.77 -8.63
C MET A 100 -10.03 -1.09 -10.13
N ALA A 101 -9.25 -0.53 -11.01
CA ALA A 101 -9.53 -0.62 -12.41
C ALA A 101 -8.72 -1.70 -13.05
N GLY A 102 -7.43 -1.51 -13.06
CA GLY A 102 -6.55 -2.46 -13.69
C GLY A 102 -6.25 -3.63 -12.80
N GLY A 103 -4.99 -3.84 -12.54
CA GLY A 103 -4.58 -4.98 -11.79
C GLY A 103 -3.28 -4.75 -11.05
N GLY A 104 -2.99 -3.53 -10.72
CA GLY A 104 -1.83 -3.27 -9.91
C GLY A 104 -2.26 -3.35 -8.48
N LEU A 105 -1.50 -3.99 -7.65
CA LEU A 105 -1.97 -4.22 -6.31
C LEU A 105 -1.12 -3.67 -5.21
N ILE A 106 -1.81 -3.28 -4.15
CA ILE A 106 -1.22 -2.79 -2.93
C ILE A 106 -1.21 -3.95 -1.96
N ILE A 107 -0.11 -4.20 -1.35
CA ILE A 107 -0.09 -5.18 -0.30
C ILE A 107 0.61 -4.62 0.91
N LEU A 108 -0.06 -4.66 2.05
CA LEU A 108 0.51 -4.12 3.26
C LEU A 108 0.64 -5.15 4.39
N GLN A 109 1.78 -5.12 5.03
CA GLN A 109 2.11 -5.91 6.21
C GLN A 109 2.13 -4.98 7.41
N LYS A 110 1.60 -5.43 8.51
CA LYS A 110 1.60 -4.64 9.71
C LYS A 110 2.49 -5.32 10.73
N ALA A 111 3.68 -4.81 10.91
CA ALA A 111 4.52 -5.28 11.98
C ALA A 111 4.03 -4.65 13.28
N PRO A 112 4.08 -5.40 14.39
CA PRO A 112 3.59 -4.94 15.71
C PRO A 112 4.30 -3.69 16.30
N ASN A 113 5.22 -3.10 15.56
CA ASN A 113 5.94 -1.93 16.03
C ASN A 113 5.46 -0.66 15.29
N GLY A 114 4.52 -0.82 14.38
CA GLY A 114 4.02 0.31 13.63
C GLY A 114 4.54 0.29 12.21
N TYR A 115 5.64 -0.41 12.04
CA TYR A 115 6.27 -0.66 10.76
C TYR A 115 5.29 -1.34 9.78
N VAL A 116 4.65 -0.57 8.94
CA VAL A 116 3.81 -1.11 7.94
C VAL A 116 4.60 -1.07 6.64
N PHE A 117 4.60 -2.14 5.92
CA PHE A 117 5.29 -2.19 4.67
C PHE A 117 4.30 -2.37 3.58
N LEU A 118 4.13 -1.35 2.77
CA LEU A 118 3.25 -1.43 1.66
C LEU A 118 4.06 -1.45 0.41
N SER A 119 3.61 -2.17 -0.55
CA SER A 119 4.27 -2.20 -1.81
C SER A 119 3.23 -2.20 -2.90
N TRP A 120 3.58 -1.66 -4.03
CA TRP A 120 2.72 -1.69 -5.16
C TRP A 120 3.45 -2.42 -6.22
N THR A 121 2.81 -3.34 -6.78
CA THR A 121 3.46 -4.23 -7.68
C THR A 121 3.13 -3.79 -9.08
N SER A 122 4.13 -3.87 -9.96
CA SER A 122 4.01 -3.39 -11.32
C SER A 122 2.79 -3.99 -12.03
N HIS A 123 2.02 -3.11 -12.63
CA HIS A 123 0.77 -3.46 -13.30
C HIS A 123 1.03 -4.36 -14.52
N GLU A 124 2.24 -4.30 -15.04
CA GLU A 124 2.63 -5.13 -16.19
C GLU A 124 3.07 -6.51 -15.67
N PHE A 125 3.51 -6.52 -14.43
CA PHE A 125 4.03 -7.70 -13.75
C PHE A 125 2.88 -8.45 -13.05
N LEU A 126 1.64 -8.03 -13.36
CA LEU A 126 0.40 -8.52 -12.72
C LEU A 126 0.22 -10.04 -12.83
N THR A 127 0.90 -10.62 -13.79
CA THR A 127 0.89 -12.03 -14.05
C THR A 127 1.51 -12.74 -12.86
N THR A 128 2.59 -12.22 -12.45
CA THR A 128 3.37 -12.76 -11.42
C THR A 128 2.98 -12.14 -10.05
N SER A 129 1.96 -11.30 -10.07
CA SER A 129 1.54 -10.64 -8.87
C SER A 129 0.27 -11.29 -8.31
N GLY A 130 0.42 -12.13 -7.30
CA GLY A 130 -0.73 -12.71 -6.64
C GLY A 130 -1.25 -13.98 -7.29
N LEU A 131 -0.78 -14.27 -8.48
CA LEU A 131 -1.20 -15.49 -9.19
C LEU A 131 -0.29 -16.70 -8.85
N PRO A 132 1.08 -16.54 -8.82
CA PRO A 132 1.96 -17.62 -8.31
C PRO A 132 1.67 -17.87 -6.82
N PRO A 133 2.09 -19.00 -6.25
CA PRO A 133 1.74 -19.35 -4.89
C PRO A 133 2.61 -18.69 -3.84
N LEU A 134 2.30 -17.42 -3.56
CA LEU A 134 2.94 -16.61 -2.52
C LEU A 134 4.45 -16.46 -2.65
N ASN A 135 4.84 -15.41 -3.31
CA ASN A 135 6.23 -15.02 -3.45
C ASN A 135 6.36 -13.55 -3.08
N ILE A 136 5.78 -12.67 -3.91
CA ILE A 136 5.78 -11.23 -3.63
C ILE A 136 4.98 -10.99 -2.35
N HIS A 137 3.82 -11.62 -2.31
CA HIS A 137 2.88 -11.58 -1.20
C HIS A 137 3.50 -12.15 0.08
N ALA A 138 4.41 -13.07 -0.10
CA ALA A 138 4.93 -13.86 1.00
C ALA A 138 5.90 -13.06 1.83
N GLU A 139 6.84 -12.45 1.16
CA GLU A 139 7.90 -11.77 1.86
C GLU A 139 7.54 -10.39 2.35
N ILE A 140 6.37 -9.88 1.97
CA ILE A 140 5.89 -8.62 2.51
C ILE A 140 5.72 -8.77 4.02
N ALA A 141 5.20 -9.92 4.42
CA ALA A 141 4.98 -10.24 5.82
C ALA A 141 6.30 -10.61 6.49
N MET A 142 7.35 -10.72 5.72
CA MET A 142 8.66 -11.03 6.27
C MET A 142 9.42 -9.75 6.52
N MET A 143 9.36 -8.86 5.55
CA MET A 143 10.08 -7.58 5.54
C MET A 143 9.89 -6.78 6.83
N ALA A 144 8.66 -6.39 7.11
CA ALA A 144 8.39 -5.56 8.26
C ALA A 144 8.48 -6.35 9.56
N ALA A 145 8.32 -7.66 9.47
CA ALA A 145 8.38 -8.49 10.64
C ALA A 145 9.81 -8.56 11.18
N LYS A 146 10.78 -8.57 10.29
CA LYS A 146 12.16 -8.65 10.70
C LYS A 146 12.76 -7.27 10.96
N PHE A 147 12.32 -6.29 10.22
CA PHE A 147 12.82 -4.96 10.42
C PHE A 147 11.83 -4.11 11.14
N GLN A 148 11.91 -4.10 12.44
CA GLN A 148 11.11 -3.24 13.27
C GLN A 148 12.07 -2.37 14.08
N MET A 1 -18.12 20.59 -17.42
CA MET A 1 -18.39 20.05 -16.09
C MET A 1 -19.59 19.11 -16.14
N LYS A 2 -19.46 17.96 -15.51
CA LYS A 2 -20.53 17.00 -15.51
C LYS A 2 -20.74 16.45 -14.11
N ASP A 3 -21.91 15.91 -13.87
CA ASP A 3 -22.26 15.32 -12.60
C ASP A 3 -22.63 13.91 -12.86
N GLY A 4 -22.40 13.08 -11.90
CA GLY A 4 -22.81 11.71 -12.01
C GLY A 4 -23.92 11.44 -11.05
N PHE A 5 -24.53 10.30 -11.13
CA PHE A 5 -25.59 9.94 -10.21
C PHE A 5 -24.96 9.45 -8.93
N ILE A 6 -25.59 9.71 -7.81
CA ILE A 6 -24.99 9.34 -6.56
C ILE A 6 -25.39 7.94 -6.11
N LEU A 7 -24.53 7.02 -6.43
CA LEU A 7 -24.69 5.63 -6.07
C LEU A 7 -23.79 5.40 -4.88
N LYS A 8 -24.35 5.12 -3.74
CA LYS A 8 -23.53 5.03 -2.57
C LYS A 8 -23.10 3.61 -2.24
N LYS A 9 -21.99 3.28 -2.81
CA LYS A 9 -21.20 2.14 -2.43
C LYS A 9 -19.85 2.72 -2.11
N LYS A 10 -19.08 2.13 -1.23
CA LYS A 10 -17.77 2.69 -0.89
C LYS A 10 -16.88 2.84 -2.14
N LYS A 11 -16.66 4.06 -2.53
CA LYS A 11 -15.92 4.41 -3.73
C LYS A 11 -14.66 5.18 -3.36
N ILE A 12 -13.98 5.70 -4.36
CA ILE A 12 -12.79 6.51 -4.13
C ILE A 12 -13.22 7.88 -3.57
N PRO A 13 -12.43 8.49 -2.68
CA PRO A 13 -12.75 9.79 -2.13
C PRO A 13 -12.13 10.92 -2.96
N LYS A 14 -12.96 11.77 -3.51
CA LYS A 14 -12.46 12.86 -4.31
C LYS A 14 -12.18 14.06 -3.45
N ASN A 15 -10.96 14.20 -3.09
CA ASN A 15 -10.48 15.31 -2.32
C ASN A 15 -9.50 16.05 -3.16
N ILE A 16 -9.17 17.26 -2.80
CA ILE A 16 -8.14 17.94 -3.52
C ILE A 16 -6.84 17.42 -2.96
N PHE A 17 -6.20 16.58 -3.71
CA PHE A 17 -5.01 15.94 -3.23
C PHE A 17 -3.84 16.19 -4.12
N ARG A 18 -2.70 16.06 -3.56
CA ARG A 18 -1.46 16.32 -4.21
C ARG A 18 -0.62 15.06 -4.15
N ILE A 19 -0.60 14.33 -5.25
CA ILE A 19 0.09 13.07 -5.29
C ILE A 19 1.57 13.21 -5.08
N GLY A 20 1.98 12.81 -3.90
CA GLY A 20 3.36 12.85 -3.53
C GLY A 20 3.76 14.20 -3.05
N ASN A 21 3.86 15.12 -3.99
CA ASN A 21 4.23 16.55 -3.78
C ASN A 21 5.67 16.72 -3.22
N LYS A 22 6.37 15.65 -3.03
CA LYS A 22 7.71 15.67 -2.52
C LYS A 22 8.53 14.65 -3.29
N GLU A 23 9.80 14.96 -3.42
CA GLU A 23 10.82 14.23 -4.18
C GLU A 23 10.94 12.73 -3.81
N MET A 24 11.69 12.02 -4.63
CA MET A 24 11.93 10.62 -4.47
C MET A 24 13.17 10.40 -3.62
N SER A 25 13.39 9.18 -3.20
CA SER A 25 14.46 8.82 -2.28
C SER A 25 15.85 9.27 -2.75
N TYR A 26 16.41 10.27 -2.10
CA TYR A 26 17.76 10.64 -2.35
C TYR A 26 18.65 9.78 -1.46
N SER A 27 18.83 8.58 -1.93
CA SER A 27 19.59 7.54 -1.27
C SER A 27 19.39 6.30 -2.07
N ASP A 28 18.13 6.13 -2.56
CA ASP A 28 17.70 4.99 -3.35
C ASP A 28 17.67 3.76 -2.51
N ASP A 29 17.60 3.97 -1.20
CA ASP A 29 17.61 2.88 -0.24
C ASP A 29 16.39 2.01 -0.45
N LEU A 30 15.24 2.63 -0.47
CA LEU A 30 14.02 1.92 -0.74
C LEU A 30 13.76 1.77 -2.25
N ASN A 31 14.56 2.46 -3.06
CA ASN A 31 14.45 2.33 -4.54
C ASN A 31 15.10 1.03 -4.96
N SER A 32 16.21 0.70 -4.33
CA SER A 32 16.89 -0.54 -4.60
C SER A 32 16.03 -1.72 -4.09
N LEU A 33 15.15 -1.40 -3.15
CA LEU A 33 14.24 -2.36 -2.57
C LEU A 33 13.09 -2.61 -3.59
N ILE A 34 12.71 -1.58 -4.36
CA ILE A 34 11.64 -1.77 -5.35
C ILE A 34 12.18 -2.50 -6.57
N GLN A 35 13.50 -2.49 -6.74
CA GLN A 35 14.13 -3.17 -7.85
C GLN A 35 14.08 -4.67 -7.62
N SER A 36 13.67 -5.07 -6.42
CA SER A 36 13.58 -6.41 -6.03
C SER A 36 12.35 -6.99 -6.66
N GLN A 37 12.60 -7.44 -7.85
CA GLN A 37 11.67 -8.04 -8.79
C GLN A 37 10.83 -7.00 -9.51
N TYR A 38 11.27 -5.75 -9.39
CA TYR A 38 10.72 -4.63 -10.13
C TYR A 38 9.32 -4.27 -9.72
N VAL A 39 9.23 -4.02 -8.47
CA VAL A 39 8.07 -3.53 -7.80
C VAL A 39 8.03 -2.03 -8.12
N SER A 40 6.86 -1.44 -8.28
CA SER A 40 6.81 -0.05 -8.68
C SER A 40 7.24 0.86 -7.53
N TYR A 41 6.75 0.55 -6.33
CA TYR A 41 7.06 1.34 -5.16
C TYR A 41 6.79 0.59 -3.88
N VAL A 42 7.59 0.89 -2.89
CA VAL A 42 7.44 0.39 -1.55
C VAL A 42 7.47 1.59 -0.64
N VAL A 43 6.75 1.53 0.43
CA VAL A 43 6.65 2.67 1.33
C VAL A 43 6.99 2.26 2.74
N ILE A 44 7.76 3.08 3.42
CA ILE A 44 8.12 2.82 4.79
C ILE A 44 7.55 3.81 5.74
N LEU A 45 7.77 3.52 6.97
CA LEU A 45 7.26 4.23 8.07
C LEU A 45 8.38 4.51 9.10
N ASP A 46 8.00 4.92 10.28
CA ASP A 46 8.89 5.32 11.34
C ASP A 46 8.39 4.61 12.61
N PRO A 47 9.31 4.21 13.55
CA PRO A 47 9.09 3.39 14.82
C PRO A 47 7.71 3.31 15.58
N ASN A 48 6.69 3.96 15.13
CA ASN A 48 5.39 3.97 15.81
C ASN A 48 4.33 3.40 14.91
N GLY A 49 4.69 3.19 13.66
CA GLY A 49 3.74 2.76 12.70
C GLY A 49 3.24 3.93 11.91
N ALA A 50 3.94 5.02 12.04
CA ALA A 50 3.63 6.23 11.35
C ALA A 50 4.39 6.24 10.06
N ILE A 51 3.70 6.40 8.95
CA ILE A 51 4.34 6.33 7.63
C ILE A 51 5.40 7.43 7.46
N TYR A 52 6.49 7.10 6.78
CA TYR A 52 7.58 8.00 6.62
C TYR A 52 7.52 8.60 5.24
N TRP A 53 7.83 7.80 4.22
CA TRP A 53 7.80 8.32 2.89
C TRP A 53 7.62 7.21 1.84
N THR A 54 6.97 7.61 0.77
CA THR A 54 6.64 6.82 -0.38
C THR A 54 7.43 7.34 -1.57
N ASN A 55 8.25 6.48 -2.14
CA ASN A 55 9.22 6.96 -3.12
C ASN A 55 8.74 6.80 -4.53
N ASN A 56 7.86 7.70 -4.89
CA ASN A 56 7.31 7.67 -6.24
C ASN A 56 6.76 9.00 -6.73
N GLU A 57 6.40 9.88 -5.77
CA GLU A 57 5.78 11.19 -6.07
C GLU A 57 4.39 10.99 -6.68
N ASN A 58 3.79 9.84 -6.47
CA ASN A 58 2.47 9.58 -7.05
C ASN A 58 1.55 8.79 -6.13
N TRP A 59 2.09 7.91 -5.34
CA TRP A 59 1.25 7.06 -4.53
C TRP A 59 1.20 7.67 -3.14
N GLN A 60 0.06 8.21 -2.77
CA GLN A 60 -0.11 8.87 -1.50
C GLN A 60 -0.65 7.94 -0.49
N VAL A 61 0.20 7.34 0.27
CA VAL A 61 -0.33 6.56 1.34
C VAL A 61 -0.69 7.55 2.45
N ASN A 62 -1.91 7.53 2.83
CA ASN A 62 -2.49 8.53 3.73
C ASN A 62 -2.17 8.34 5.20
N GLY A 63 -0.89 8.14 5.47
CA GLY A 63 -0.36 8.07 6.81
C GLY A 63 -1.06 7.11 7.69
N SER A 64 -1.91 7.63 8.51
CA SER A 64 -2.55 6.85 9.48
C SER A 64 -3.75 6.08 8.92
N GLU A 65 -4.31 6.53 7.79
CA GLU A 65 -5.50 5.86 7.26
C GLU A 65 -5.10 4.53 6.65
N VAL A 66 -3.86 4.45 6.19
CA VAL A 66 -3.23 3.22 5.70
C VAL A 66 -3.43 2.08 6.73
N LEU A 67 -3.16 2.44 7.95
CA LEU A 67 -3.22 1.57 9.07
C LEU A 67 -4.65 1.49 9.62
N ARG A 68 -5.24 2.63 9.78
CA ARG A 68 -6.53 2.79 10.42
C ARG A 68 -7.68 2.25 9.55
N GLN A 69 -7.50 2.21 8.23
CA GLN A 69 -8.56 1.71 7.38
C GLN A 69 -8.53 0.18 7.35
N TRP A 70 -7.36 -0.40 7.56
CA TRP A 70 -7.24 -1.82 7.69
C TRP A 70 -7.79 -2.18 9.06
N MET A 71 -7.39 -1.37 10.02
CA MET A 71 -7.87 -1.53 11.40
C MET A 71 -9.22 -0.84 11.57
N GLY A 72 -10.03 -0.95 10.53
CA GLY A 72 -11.37 -0.48 10.52
C GLY A 72 -12.31 -1.60 10.16
N SER A 73 -11.72 -2.82 10.13
CA SER A 73 -12.42 -4.08 9.81
C SER A 73 -12.88 -4.11 8.34
N ALA A 74 -12.32 -3.22 7.54
CA ALA A 74 -12.68 -3.12 6.15
C ALA A 74 -11.55 -3.66 5.27
N PRO A 75 -11.78 -4.74 4.51
CA PRO A 75 -10.81 -5.30 3.57
C PRO A 75 -10.71 -4.46 2.28
N SER A 76 -10.78 -3.18 2.43
CA SER A 76 -10.72 -2.25 1.33
C SER A 76 -10.08 -0.96 1.81
N ILE A 77 -9.16 -0.44 1.03
CA ILE A 77 -8.36 0.70 1.43
C ILE A 77 -8.26 1.69 0.27
N THR A 78 -8.23 2.96 0.59
CA THR A 78 -8.12 4.02 -0.38
C THR A 78 -6.81 4.78 -0.18
N VAL A 79 -5.95 4.72 -1.16
CA VAL A 79 -4.65 5.38 -1.14
C VAL A 79 -4.47 6.09 -2.49
N ALA A 80 -3.92 7.31 -2.48
CA ALA A 80 -3.65 8.10 -3.70
C ALA A 80 -4.94 8.48 -4.44
N GLY A 81 -6.04 8.41 -3.73
CA GLY A 81 -7.34 8.70 -4.30
C GLY A 81 -7.92 7.53 -5.09
N THR A 82 -7.33 6.37 -4.95
CA THR A 82 -7.80 5.20 -5.62
C THR A 82 -8.11 4.06 -4.60
N LYS A 83 -9.10 3.24 -4.90
CA LYS A 83 -9.54 2.19 -3.98
C LYS A 83 -8.96 0.84 -4.38
N PHE A 84 -8.68 0.03 -3.39
CA PHE A 84 -8.18 -1.31 -3.59
C PHE A 84 -9.18 -2.32 -3.06
N SER A 85 -9.32 -3.42 -3.76
CA SER A 85 -10.14 -4.53 -3.32
C SER A 85 -9.20 -5.68 -2.98
N SER A 86 -9.34 -6.26 -1.81
CA SER A 86 -8.39 -7.22 -1.32
C SER A 86 -8.74 -8.66 -1.67
N PHE A 87 -7.73 -9.49 -1.76
CA PHE A 87 -7.90 -10.89 -2.07
C PHE A 87 -7.63 -11.71 -0.82
N ARG A 88 -6.54 -11.43 -0.19
CA ARG A 88 -6.16 -12.07 1.01
C ARG A 88 -6.02 -10.97 2.00
N ASN A 89 -6.90 -10.95 2.94
CA ASN A 89 -6.90 -9.93 3.92
C ASN A 89 -6.73 -10.55 5.30
N GLU A 90 -5.56 -10.64 5.66
CA GLU A 90 -5.16 -11.20 6.93
C GLU A 90 -4.72 -10.08 7.82
N PRO A 91 -5.44 -9.85 8.95
CA PRO A 91 -5.14 -8.77 9.89
C PRO A 91 -3.67 -8.75 10.24
N GLY A 92 -3.06 -7.62 9.99
CA GLY A 92 -1.66 -7.42 10.23
C GLY A 92 -0.76 -8.08 9.19
N VAL A 93 -0.91 -9.37 9.05
CA VAL A 93 -0.03 -10.22 8.29
C VAL A 93 0.03 -9.90 6.78
N SER A 94 -1.09 -9.79 6.14
CA SER A 94 -1.09 -9.74 4.73
C SER A 94 -2.24 -8.95 4.27
N PHE A 95 -1.98 -7.80 3.73
CA PHE A 95 -3.03 -7.19 3.09
C PHE A 95 -2.70 -7.07 1.63
N VAL A 96 -3.30 -7.90 0.83
CA VAL A 96 -3.06 -7.88 -0.57
C VAL A 96 -4.33 -7.67 -1.33
N GLY A 97 -4.32 -6.64 -2.10
CA GLY A 97 -5.42 -6.32 -2.90
C GLY A 97 -4.99 -5.84 -4.22
N ARG A 98 -5.91 -5.61 -5.07
CA ARG A 98 -5.61 -5.09 -6.36
C ARG A 98 -6.32 -3.81 -6.51
N ASN A 99 -5.69 -2.90 -7.15
CA ASN A 99 -6.27 -1.70 -7.47
C ASN A 99 -7.28 -1.90 -8.57
N MET A 100 -8.48 -2.23 -8.14
CA MET A 100 -9.69 -2.38 -8.97
C MET A 100 -9.89 -1.27 -10.03
N ALA A 101 -9.33 -0.09 -9.79
CA ALA A 101 -9.52 1.04 -10.67
C ALA A 101 -8.63 0.92 -11.90
N GLY A 102 -7.41 0.52 -11.66
CA GLY A 102 -6.47 0.33 -12.73
C GLY A 102 -6.18 -1.12 -12.91
N GLY A 103 -5.00 -1.52 -12.54
CA GLY A 103 -4.64 -2.91 -12.65
C GLY A 103 -3.33 -3.22 -11.98
N GLY A 104 -3.14 -2.71 -10.79
CA GLY A 104 -1.91 -2.99 -10.07
C GLY A 104 -2.23 -3.58 -8.74
N LEU A 105 -1.29 -4.17 -8.07
CA LEU A 105 -1.60 -4.83 -6.81
C LEU A 105 -0.97 -4.11 -5.67
N ILE A 106 -1.64 -4.09 -4.56
CA ILE A 106 -1.16 -3.41 -3.39
C ILE A 106 -1.01 -4.43 -2.29
N ILE A 107 0.12 -4.45 -1.68
CA ILE A 107 0.38 -5.38 -0.61
C ILE A 107 0.94 -4.64 0.59
N LEU A 108 0.24 -4.68 1.71
CA LEU A 108 0.76 -4.09 2.90
C LEU A 108 0.83 -5.03 4.08
N GLN A 109 2.00 -5.15 4.61
CA GLN A 109 2.25 -5.93 5.80
C GLN A 109 2.24 -4.96 6.97
N LYS A 110 1.49 -5.26 7.99
CA LYS A 110 1.46 -4.43 9.15
C LYS A 110 1.99 -5.25 10.36
N ALA A 111 3.18 -4.92 10.81
CA ALA A 111 3.83 -5.57 11.94
C ALA A 111 3.13 -5.14 13.25
N PRO A 112 3.19 -5.99 14.30
CA PRO A 112 2.56 -5.69 15.60
C PRO A 112 3.06 -4.38 16.26
N ASN A 113 4.24 -3.94 15.88
CA ASN A 113 4.84 -2.72 16.44
C ASN A 113 4.21 -1.46 15.80
N GLY A 114 3.52 -1.63 14.69
CA GLY A 114 2.89 -0.52 14.05
C GLY A 114 3.34 -0.38 12.63
N TYR A 115 4.59 -0.79 12.41
CA TYR A 115 5.24 -0.75 11.09
C TYR A 115 4.39 -1.36 9.97
N VAL A 116 4.31 -0.64 8.86
CA VAL A 116 3.53 -1.02 7.73
C VAL A 116 4.44 -0.96 6.53
N PHE A 117 4.74 -2.07 5.96
CA PHE A 117 5.58 -2.09 4.80
C PHE A 117 4.70 -2.30 3.60
N LEU A 118 4.53 -1.25 2.84
CA LEU A 118 3.66 -1.31 1.69
C LEU A 118 4.47 -1.55 0.46
N SER A 119 3.90 -2.30 -0.43
CA SER A 119 4.49 -2.60 -1.69
C SER A 119 3.40 -2.58 -2.74
N TRP A 120 3.71 -2.07 -3.90
CA TRP A 120 2.75 -2.04 -4.97
C TRP A 120 3.35 -2.75 -6.13
N THR A 121 2.68 -3.74 -6.60
CA THR A 121 3.19 -4.57 -7.60
C THR A 121 2.81 -4.02 -8.96
N SER A 122 3.81 -3.86 -9.79
CA SER A 122 3.71 -3.34 -11.12
C SER A 122 2.58 -3.99 -11.92
N HIS A 123 1.81 -3.17 -12.61
CA HIS A 123 0.62 -3.58 -13.34
C HIS A 123 0.91 -4.56 -14.48
N GLU A 124 2.09 -4.46 -15.07
CA GLU A 124 2.48 -5.36 -16.15
C GLU A 124 2.89 -6.70 -15.51
N PHE A 125 3.41 -6.59 -14.31
CA PHE A 125 3.94 -7.71 -13.54
C PHE A 125 2.80 -8.46 -12.82
N LEU A 126 1.57 -8.08 -13.17
CA LEU A 126 0.33 -8.65 -12.62
C LEU A 126 0.15 -10.11 -13.08
N THR A 127 0.84 -10.47 -14.12
CA THR A 127 0.80 -11.80 -14.65
C THR A 127 1.47 -12.74 -13.64
N THR A 128 2.55 -12.28 -13.14
CA THR A 128 3.35 -13.01 -12.24
C THR A 128 2.95 -12.71 -10.78
N SER A 129 2.15 -11.69 -10.57
CA SER A 129 1.75 -11.31 -9.24
C SER A 129 0.24 -11.39 -9.09
N GLY A 130 -0.21 -12.36 -8.35
CA GLY A 130 -1.65 -12.55 -8.17
C GLY A 130 -2.14 -13.79 -8.88
N LEU A 131 -1.33 -14.34 -9.74
CA LEU A 131 -1.58 -15.67 -10.24
C LEU A 131 -0.88 -16.61 -9.27
N PRO A 132 0.47 -16.43 -9.07
CA PRO A 132 1.11 -16.90 -7.86
C PRO A 132 0.73 -15.87 -6.78
N PRO A 133 -0.12 -16.23 -5.81
CA PRO A 133 -0.70 -15.30 -4.83
C PRO A 133 0.33 -14.59 -3.95
N LEU A 134 1.50 -15.14 -3.83
CA LEU A 134 2.44 -14.59 -2.89
C LEU A 134 3.76 -14.23 -3.53
N ASN A 135 3.72 -13.92 -4.83
CA ASN A 135 4.91 -13.61 -5.64
C ASN A 135 5.91 -12.71 -4.92
N ILE A 136 5.51 -11.48 -4.63
CA ILE A 136 6.40 -10.61 -3.90
C ILE A 136 6.03 -10.58 -2.44
N HIS A 137 4.83 -11.07 -2.15
CA HIS A 137 4.28 -11.08 -0.79
C HIS A 137 5.14 -11.92 0.16
N ALA A 138 5.79 -12.92 -0.38
CA ALA A 138 6.59 -13.84 0.41
C ALA A 138 7.77 -13.14 1.07
N GLU A 139 8.10 -11.98 0.57
CA GLU A 139 9.13 -11.16 1.15
C GLU A 139 8.52 -10.23 2.19
N ILE A 140 7.26 -9.93 2.01
CA ILE A 140 6.58 -8.91 2.79
C ILE A 140 6.27 -9.34 4.22
N ALA A 141 5.57 -10.47 4.39
CA ALA A 141 5.15 -10.88 5.74
C ALA A 141 6.28 -11.57 6.49
N MET A 142 7.39 -11.62 5.83
CA MET A 142 8.63 -12.07 6.42
C MET A 142 9.42 -10.86 6.89
N MET A 143 9.63 -9.92 5.98
CA MET A 143 10.48 -8.75 6.22
C MET A 143 9.87 -7.80 7.23
N ALA A 144 8.60 -7.43 7.05
CA ALA A 144 7.93 -6.48 7.94
C ALA A 144 7.76 -7.05 9.32
N ALA A 145 7.84 -8.36 9.43
CA ALA A 145 7.72 -9.03 10.69
C ALA A 145 9.01 -8.90 11.49
N LYS A 146 10.08 -8.48 10.84
CA LYS A 146 11.38 -8.32 11.48
C LYS A 146 11.73 -6.83 11.54
N PHE A 147 11.01 -6.04 10.77
CA PHE A 147 11.22 -4.65 10.66
C PHE A 147 10.30 -3.95 11.63
N GLN A 148 10.78 -3.79 12.84
CA GLN A 148 10.03 -3.20 13.91
C GLN A 148 10.97 -2.68 15.00
N MET A 1 -6.75 27.71 -6.99
CA MET A 1 -8.05 27.36 -7.57
C MET A 1 -8.20 25.86 -7.61
N LYS A 2 -9.40 25.38 -7.39
CA LYS A 2 -9.63 23.96 -7.49
C LYS A 2 -10.35 23.68 -8.78
N ASP A 3 -10.05 22.56 -9.39
CA ASP A 3 -10.72 22.14 -10.62
C ASP A 3 -12.19 21.82 -10.31
N GLY A 4 -13.06 21.98 -11.28
CA GLY A 4 -14.47 21.64 -11.08
C GLY A 4 -14.62 20.14 -10.98
N PHE A 5 -14.51 19.63 -9.78
CA PHE A 5 -14.48 18.21 -9.55
C PHE A 5 -15.82 17.56 -9.77
N ILE A 6 -15.86 16.69 -10.74
CA ILE A 6 -17.06 15.95 -11.03
C ILE A 6 -17.05 14.66 -10.20
N LEU A 7 -18.19 14.27 -9.71
CA LEU A 7 -18.25 13.06 -8.95
C LEU A 7 -18.46 11.89 -9.88
N LYS A 8 -17.38 11.27 -10.19
CA LYS A 8 -17.38 10.08 -11.00
C LYS A 8 -17.57 8.92 -10.07
N LYS A 9 -18.47 8.05 -10.40
CA LYS A 9 -18.83 7.00 -9.49
C LYS A 9 -17.90 5.82 -9.51
N LYS A 10 -16.83 5.98 -8.78
CA LYS A 10 -15.86 4.97 -8.47
C LYS A 10 -15.84 4.90 -6.96
N LYS A 11 -15.32 3.85 -6.38
CA LYS A 11 -15.26 3.77 -4.90
C LYS A 11 -14.13 4.64 -4.31
N ILE A 12 -14.03 5.84 -4.80
CA ILE A 12 -13.00 6.79 -4.39
C ILE A 12 -13.56 7.77 -3.35
N PRO A 13 -12.68 8.41 -2.55
CA PRO A 13 -13.08 9.43 -1.57
C PRO A 13 -13.61 10.71 -2.23
N LYS A 14 -14.10 11.61 -1.42
CA LYS A 14 -14.70 12.83 -1.90
C LYS A 14 -13.67 13.89 -2.28
N ASN A 15 -12.62 14.00 -1.50
CA ASN A 15 -11.60 15.00 -1.73
C ASN A 15 -10.53 14.51 -2.68
N ILE A 16 -9.76 15.46 -3.21
CA ILE A 16 -8.69 15.18 -4.14
C ILE A 16 -7.39 15.22 -3.36
N PHE A 17 -6.50 14.33 -3.63
CA PHE A 17 -5.27 14.25 -2.89
C PHE A 17 -4.05 14.49 -3.78
N ARG A 18 -3.07 15.18 -3.24
CA ARG A 18 -1.82 15.42 -3.93
C ARG A 18 -0.97 14.19 -3.77
N ILE A 19 -0.95 13.38 -4.79
CA ILE A 19 -0.37 12.03 -4.74
C ILE A 19 1.17 11.96 -4.68
N GLY A 20 1.76 12.64 -3.71
CA GLY A 20 3.19 12.57 -3.43
C GLY A 20 4.09 13.20 -4.50
N ASN A 21 4.10 12.58 -5.68
CA ASN A 21 4.89 12.99 -6.85
C ASN A 21 6.40 12.73 -6.63
N LYS A 22 6.75 12.04 -5.55
CA LYS A 22 8.15 11.73 -5.30
C LYS A 22 8.40 10.25 -5.16
N GLU A 23 9.53 9.85 -5.67
CA GLU A 23 10.07 8.53 -5.54
C GLU A 23 11.51 8.82 -5.21
N MET A 24 12.16 8.03 -4.43
CA MET A 24 13.47 8.41 -4.01
C MET A 24 14.56 7.79 -4.80
N SER A 25 14.83 8.41 -5.90
CA SER A 25 15.92 8.08 -6.71
C SER A 25 16.84 9.31 -6.67
N TYR A 26 17.12 9.74 -5.45
CA TYR A 26 17.98 10.87 -5.13
C TYR A 26 18.85 10.44 -3.96
N SER A 27 18.87 9.15 -3.76
CA SER A 27 19.53 8.46 -2.67
C SER A 27 19.55 7.00 -3.09
N ASP A 28 18.37 6.58 -3.57
CA ASP A 28 18.16 5.28 -4.25
C ASP A 28 18.22 4.08 -3.33
N ASP A 29 18.34 4.32 -2.03
CA ASP A 29 18.43 3.23 -1.05
C ASP A 29 17.14 2.46 -1.05
N LEU A 30 16.04 3.18 -0.96
CA LEU A 30 14.72 2.58 -0.94
C LEU A 30 14.35 2.09 -2.34
N ASN A 31 14.92 2.76 -3.33
CA ASN A 31 14.72 2.43 -4.73
C ASN A 31 15.31 1.04 -5.06
N SER A 32 16.35 0.66 -4.33
CA SER A 32 16.98 -0.66 -4.51
C SER A 32 16.02 -1.79 -4.06
N LEU A 33 14.97 -1.42 -3.35
CA LEU A 33 14.03 -2.39 -2.84
C LEU A 33 12.93 -2.64 -3.86
N ILE A 34 12.66 -1.66 -4.70
CA ILE A 34 11.60 -1.80 -5.67
C ILE A 34 12.07 -2.54 -6.91
N GLN A 35 13.37 -2.65 -7.09
CA GLN A 35 13.90 -3.26 -8.27
C GLN A 35 14.01 -4.75 -8.06
N SER A 36 13.54 -5.17 -6.92
CA SER A 36 13.53 -6.51 -6.53
C SER A 36 12.19 -7.06 -6.95
N GLN A 37 12.20 -7.57 -8.13
CA GLN A 37 11.05 -8.22 -8.78
C GLN A 37 10.02 -7.24 -9.34
N TYR A 38 10.49 -6.04 -9.70
CA TYR A 38 9.67 -5.07 -10.47
C TYR A 38 8.55 -4.51 -9.64
N VAL A 39 8.85 -4.29 -8.41
CA VAL A 39 7.94 -3.68 -7.51
C VAL A 39 7.99 -2.19 -7.84
N SER A 40 6.88 -1.55 -7.93
CA SER A 40 6.94 -0.20 -8.36
C SER A 40 7.16 0.76 -7.20
N TYR A 41 6.53 0.49 -6.07
CA TYR A 41 6.64 1.43 -4.95
C TYR A 41 6.75 0.69 -3.67
N VAL A 42 7.41 1.29 -2.72
CA VAL A 42 7.47 0.79 -1.38
C VAL A 42 7.23 1.94 -0.45
N VAL A 43 6.54 1.66 0.59
CA VAL A 43 6.31 2.63 1.61
C VAL A 43 6.73 2.01 2.88
N ILE A 44 7.69 2.60 3.50
CA ILE A 44 8.22 2.07 4.70
C ILE A 44 7.81 2.97 5.81
N LEU A 45 7.36 2.40 6.87
CA LEU A 45 7.09 3.17 8.04
C LEU A 45 8.27 3.14 8.97
N ASP A 46 8.20 3.96 9.94
CA ASP A 46 9.23 4.15 10.92
C ASP A 46 8.82 3.35 12.14
N PRO A 47 9.77 2.90 12.99
CA PRO A 47 9.47 2.17 14.25
C PRO A 47 8.47 2.88 15.23
N ASN A 48 7.92 4.01 14.83
CA ASN A 48 6.89 4.65 15.63
C ASN A 48 5.50 4.41 15.01
N GLY A 49 5.46 3.96 13.74
CA GLY A 49 4.20 3.72 13.10
C GLY A 49 3.76 4.82 12.19
N ALA A 50 4.71 5.57 11.72
CA ALA A 50 4.44 6.63 10.77
C ALA A 50 5.31 6.45 9.59
N ILE A 51 4.85 6.90 8.44
CA ILE A 51 5.57 6.72 7.21
C ILE A 51 6.91 7.39 7.24
N TYR A 52 7.90 6.69 6.73
CA TYR A 52 9.27 7.16 6.79
C TYR A 52 9.47 8.00 5.57
N TRP A 53 8.98 7.47 4.49
CA TRP A 53 8.95 8.12 3.24
C TRP A 53 8.03 7.32 2.36
N THR A 54 7.41 7.98 1.42
CA THR A 54 6.55 7.35 0.48
C THR A 54 7.13 7.62 -0.91
N ASN A 55 7.54 6.58 -1.60
CA ASN A 55 8.25 6.74 -2.84
C ASN A 55 7.51 6.06 -3.93
N ASN A 56 6.40 6.64 -4.25
CA ASN A 56 5.50 6.05 -5.17
C ASN A 56 5.24 6.97 -6.35
N GLU A 57 5.58 8.24 -6.16
CA GLU A 57 5.31 9.36 -7.07
C GLU A 57 3.86 9.41 -7.61
N ASN A 58 2.96 8.68 -6.95
CA ASN A 58 1.53 8.59 -7.33
C ASN A 58 0.65 8.22 -6.14
N TRP A 59 1.26 8.11 -4.98
CA TRP A 59 0.57 7.74 -3.77
C TRP A 59 0.91 8.71 -2.67
N GLN A 60 0.18 8.60 -1.62
CA GLN A 60 0.41 9.31 -0.41
C GLN A 60 -0.12 8.45 0.70
N VAL A 61 0.68 7.50 1.08
CA VAL A 61 0.29 6.58 2.09
C VAL A 61 0.38 7.23 3.43
N ASN A 62 -0.75 7.60 3.88
CA ASN A 62 -0.90 8.15 5.15
C ASN A 62 -1.04 7.04 6.16
N GLY A 63 0.12 6.72 6.75
CA GLY A 63 0.31 5.68 7.76
C GLY A 63 -0.76 5.61 8.86
N SER A 64 -1.42 6.71 9.12
CA SER A 64 -2.45 6.76 10.12
C SER A 64 -3.73 6.08 9.57
N GLU A 65 -4.03 6.30 8.30
CA GLU A 65 -5.27 5.85 7.70
C GLU A 65 -5.08 4.47 7.09
N VAL A 66 -3.92 4.23 6.48
CA VAL A 66 -3.63 2.94 5.83
C VAL A 66 -3.75 1.77 6.85
N LEU A 67 -3.46 2.12 8.09
CA LEU A 67 -3.52 1.24 9.23
C LEU A 67 -4.98 1.15 9.71
N ARG A 68 -5.59 2.31 9.84
CA ARG A 68 -6.91 2.48 10.41
C ARG A 68 -8.03 1.95 9.52
N GLN A 69 -7.96 2.27 8.27
CA GLN A 69 -9.03 1.98 7.34
C GLN A 69 -9.06 0.49 6.99
N TRP A 70 -7.95 -0.19 7.28
CA TRP A 70 -7.86 -1.62 7.08
C TRP A 70 -8.46 -2.27 8.26
N MET A 71 -8.20 -1.67 9.37
CA MET A 71 -8.61 -2.16 10.65
C MET A 71 -10.00 -1.60 10.95
N GLY A 72 -10.79 -1.51 9.91
CA GLY A 72 -12.15 -1.11 9.99
C GLY A 72 -13.02 -2.19 9.39
N SER A 73 -12.39 -3.33 9.10
CA SER A 73 -13.03 -4.50 8.51
C SER A 73 -13.59 -4.22 7.11
N ALA A 74 -13.00 -3.24 6.44
CA ALA A 74 -13.42 -2.87 5.11
C ALA A 74 -12.69 -3.75 4.09
N PRO A 75 -13.38 -4.24 3.06
CA PRO A 75 -12.79 -5.08 2.01
C PRO A 75 -12.18 -4.26 0.87
N SER A 76 -12.10 -2.99 1.09
CA SER A 76 -11.57 -2.09 0.13
C SER A 76 -10.91 -0.96 0.86
N ILE A 77 -9.80 -0.53 0.38
CA ILE A 77 -9.08 0.54 0.98
C ILE A 77 -8.85 1.61 -0.05
N THR A 78 -8.97 2.84 0.38
CA THR A 78 -8.68 3.93 -0.47
C THR A 78 -7.62 4.80 0.16
N VAL A 79 -6.49 4.83 -0.45
CA VAL A 79 -5.38 5.65 -0.02
C VAL A 79 -4.94 6.41 -1.24
N ALA A 80 -4.61 7.70 -1.08
CA ALA A 80 -4.17 8.57 -2.17
C ALA A 80 -5.32 8.81 -3.13
N GLY A 81 -6.53 8.72 -2.63
CA GLY A 81 -7.71 8.89 -3.44
C GLY A 81 -7.83 7.80 -4.47
N THR A 82 -7.24 6.68 -4.17
CA THR A 82 -7.20 5.58 -5.06
C THR A 82 -7.82 4.34 -4.39
N LYS A 83 -8.67 3.62 -5.10
CA LYS A 83 -9.33 2.45 -4.57
C LYS A 83 -8.64 1.13 -4.89
N PHE A 84 -8.46 0.36 -3.86
CA PHE A 84 -7.90 -0.95 -3.93
C PHE A 84 -8.95 -1.90 -3.39
N SER A 85 -9.36 -2.81 -4.20
CA SER A 85 -10.31 -3.80 -3.80
C SER A 85 -9.54 -5.02 -3.33
N SER A 86 -9.54 -5.22 -2.05
CA SER A 86 -8.78 -6.25 -1.40
C SER A 86 -9.35 -7.65 -1.65
N PHE A 87 -8.49 -8.66 -1.62
CA PHE A 87 -8.92 -10.03 -1.85
C PHE A 87 -8.67 -10.89 -0.65
N ARG A 88 -7.43 -11.11 -0.33
CA ARG A 88 -7.10 -11.95 0.77
C ARG A 88 -6.86 -11.07 1.94
N ASN A 89 -7.74 -11.14 2.86
CA ASN A 89 -7.64 -10.31 4.00
C ASN A 89 -6.97 -11.07 5.13
N GLU A 90 -5.74 -10.82 5.28
CA GLU A 90 -5.02 -11.34 6.40
C GLU A 90 -4.61 -10.18 7.28
N PRO A 91 -5.26 -10.02 8.43
CA PRO A 91 -5.04 -8.88 9.32
C PRO A 91 -3.65 -8.89 9.91
N GLY A 92 -2.95 -7.80 9.72
CA GLY A 92 -1.63 -7.64 10.26
C GLY A 92 -0.54 -8.33 9.47
N VAL A 93 -0.85 -9.46 8.86
CA VAL A 93 0.14 -10.29 8.20
C VAL A 93 0.44 -9.75 6.81
N SER A 94 -0.45 -9.93 5.93
CA SER A 94 -0.25 -9.55 4.57
C SER A 94 -1.56 -9.57 3.93
N PHE A 95 -2.03 -8.43 3.59
CA PHE A 95 -3.24 -8.43 2.88
C PHE A 95 -3.00 -7.86 1.53
N VAL A 96 -3.72 -8.33 0.60
CA VAL A 96 -3.54 -7.99 -0.76
C VAL A 96 -4.83 -7.52 -1.38
N GLY A 97 -4.73 -6.47 -2.14
CA GLY A 97 -5.82 -5.89 -2.81
C GLY A 97 -5.41 -5.42 -4.14
N ARG A 98 -6.34 -5.20 -5.01
CA ARG A 98 -5.99 -4.82 -6.36
C ARG A 98 -6.59 -3.52 -6.69
N ASN A 99 -5.85 -2.74 -7.41
CA ASN A 99 -6.37 -1.54 -7.98
C ASN A 99 -7.24 -1.95 -9.12
N MET A 100 -8.44 -2.32 -8.76
CA MET A 100 -9.40 -2.84 -9.71
C MET A 100 -9.84 -1.79 -10.75
N ALA A 101 -9.14 -1.79 -11.89
CA ALA A 101 -9.43 -0.92 -13.05
C ALA A 101 -8.42 -1.20 -14.16
N GLY A 102 -7.18 -0.92 -13.88
CA GLY A 102 -6.12 -1.11 -14.84
C GLY A 102 -5.21 -2.22 -14.45
N GLY A 103 -4.87 -2.26 -13.18
CA GLY A 103 -4.05 -3.31 -12.71
C GLY A 103 -2.98 -2.85 -11.77
N GLY A 104 -2.77 -3.63 -10.76
CA GLY A 104 -1.74 -3.41 -9.79
C GLY A 104 -2.23 -3.80 -8.45
N LEU A 105 -1.40 -4.41 -7.67
CA LEU A 105 -1.83 -4.88 -6.37
C LEU A 105 -1.04 -4.29 -5.24
N ILE A 106 -1.76 -3.86 -4.23
CA ILE A 106 -1.18 -3.33 -3.00
C ILE A 106 -1.07 -4.48 -2.02
N ILE A 107 0.04 -4.59 -1.36
CA ILE A 107 0.22 -5.62 -0.34
C ILE A 107 0.75 -4.94 0.92
N LEU A 108 0.13 -5.24 2.05
CA LEU A 108 0.51 -4.62 3.33
C LEU A 108 0.81 -5.61 4.46
N GLN A 109 1.83 -5.27 5.21
CA GLN A 109 2.25 -5.96 6.44
C GLN A 109 2.28 -4.95 7.54
N LYS A 110 1.77 -5.29 8.68
CA LYS A 110 1.76 -4.40 9.79
C LYS A 110 2.53 -5.01 10.93
N ALA A 111 3.78 -4.61 11.08
CA ALA A 111 4.56 -5.06 12.19
C ALA A 111 4.12 -4.32 13.46
N PRO A 112 4.11 -5.03 14.61
CA PRO A 112 3.71 -4.49 15.93
C PRO A 112 4.32 -3.13 16.28
N ASN A 113 5.53 -2.88 15.82
CA ASN A 113 6.22 -1.65 16.16
C ASN A 113 5.79 -0.46 15.30
N GLY A 114 4.80 -0.64 14.45
CA GLY A 114 4.29 0.44 13.65
C GLY A 114 4.85 0.42 12.26
N TYR A 115 5.90 -0.33 12.09
CA TYR A 115 6.50 -0.59 10.82
C TYR A 115 5.52 -1.29 9.88
N VAL A 116 4.77 -0.54 9.16
CA VAL A 116 3.87 -1.05 8.18
C VAL A 116 4.60 -1.02 6.84
N PHE A 117 4.39 -2.02 6.02
CA PHE A 117 5.12 -2.12 4.78
C PHE A 117 4.16 -2.22 3.63
N LEU A 118 4.12 -1.19 2.83
CA LEU A 118 3.28 -1.19 1.64
C LEU A 118 4.18 -1.42 0.46
N SER A 119 3.78 -2.29 -0.40
CA SER A 119 4.47 -2.50 -1.62
C SER A 119 3.46 -2.67 -2.72
N TRP A 120 3.77 -2.15 -3.88
CA TRP A 120 2.85 -2.23 -4.97
C TRP A 120 3.51 -2.94 -6.09
N THR A 121 2.79 -3.77 -6.73
CA THR A 121 3.33 -4.59 -7.75
C THR A 121 2.97 -3.99 -9.09
N SER A 122 3.98 -3.88 -9.95
CA SER A 122 3.85 -3.28 -11.26
C SER A 122 2.67 -3.82 -12.06
N HIS A 123 2.07 -2.93 -12.83
CA HIS A 123 0.96 -3.29 -13.70
C HIS A 123 1.50 -4.05 -14.90
N GLU A 124 2.79 -3.99 -15.08
CA GLU A 124 3.47 -4.70 -16.14
C GLU A 124 3.80 -6.11 -15.65
N PHE A 125 4.16 -6.19 -14.38
CA PHE A 125 4.52 -7.44 -13.70
C PHE A 125 3.25 -8.08 -13.10
N LEU A 126 2.11 -7.70 -13.66
CA LEU A 126 0.78 -8.03 -13.17
C LEU A 126 0.49 -9.55 -13.21
N THR A 127 1.23 -10.27 -14.02
CA THR A 127 1.02 -11.69 -14.15
C THR A 127 1.48 -12.39 -12.88
N THR A 128 2.42 -11.77 -12.21
CA THR A 128 2.94 -12.27 -11.00
C THR A 128 2.18 -11.65 -9.79
N SER A 129 1.27 -10.74 -10.08
CA SER A 129 0.56 -10.05 -9.03
C SER A 129 -0.73 -10.77 -8.68
N GLY A 130 -0.67 -11.68 -7.74
CA GLY A 130 -1.86 -12.35 -7.26
C GLY A 130 -2.22 -13.59 -8.05
N LEU A 131 -1.61 -13.79 -9.19
CA LEU A 131 -1.83 -15.02 -9.93
C LEU A 131 -1.04 -16.18 -9.28
N PRO A 132 0.29 -16.04 -9.05
CA PRO A 132 1.03 -16.99 -8.24
C PRO A 132 0.86 -16.58 -6.76
N PRO A 133 0.21 -17.48 -5.96
CA PRO A 133 -0.22 -17.26 -4.57
C PRO A 133 0.48 -16.17 -3.77
N LEU A 134 1.78 -16.29 -3.55
CA LEU A 134 2.43 -15.34 -2.66
C LEU A 134 3.82 -14.89 -3.12
N ASN A 135 4.04 -14.89 -4.44
CA ASN A 135 5.37 -14.53 -5.03
C ASN A 135 5.94 -13.19 -4.54
N ILE A 136 5.10 -12.20 -4.37
CA ILE A 136 5.55 -10.88 -3.87
C ILE A 136 5.00 -10.64 -2.45
N HIS A 137 4.03 -11.44 -2.12
CA HIS A 137 3.25 -11.32 -0.89
C HIS A 137 4.04 -11.78 0.35
N ALA A 138 4.83 -12.81 0.17
CA ALA A 138 5.50 -13.49 1.29
C ALA A 138 6.53 -12.62 1.96
N GLU A 139 7.31 -11.94 1.16
CA GLU A 139 8.42 -11.15 1.64
C GLU A 139 7.92 -9.89 2.36
N ILE A 140 6.69 -9.50 2.08
CA ILE A 140 6.10 -8.31 2.69
C ILE A 140 6.03 -8.47 4.19
N ALA A 141 5.52 -9.60 4.63
CA ALA A 141 5.41 -9.88 6.04
C ALA A 141 6.79 -10.06 6.64
N MET A 142 7.66 -10.68 5.87
CA MET A 142 9.02 -10.98 6.31
C MET A 142 9.80 -9.71 6.61
N MET A 143 9.77 -8.78 5.68
CA MET A 143 10.53 -7.52 5.78
C MET A 143 10.24 -6.78 7.07
N ALA A 144 9.00 -6.40 7.28
CA ALA A 144 8.63 -5.62 8.46
C ALA A 144 8.67 -6.43 9.75
N ALA A 145 8.45 -7.73 9.66
CA ALA A 145 8.50 -8.55 10.87
C ALA A 145 9.91 -8.62 11.41
N LYS A 146 10.88 -8.68 10.52
CA LYS A 146 12.26 -8.73 10.92
C LYS A 146 12.78 -7.34 11.21
N PHE A 147 12.50 -6.41 10.34
CA PHE A 147 12.93 -5.07 10.51
C PHE A 147 11.78 -4.21 10.97
N GLN A 148 11.63 -4.07 12.26
CA GLN A 148 10.59 -3.24 12.81
C GLN A 148 11.15 -2.37 13.92
N MET A 1 -16.04 22.02 -11.25
CA MET A 1 -15.73 21.39 -9.97
C MET A 1 -16.46 20.08 -9.88
N LYS A 2 -16.32 19.38 -8.79
CA LYS A 2 -17.04 18.16 -8.58
C LYS A 2 -18.32 18.46 -7.83
N ASP A 3 -19.41 18.46 -8.53
CA ASP A 3 -20.70 18.74 -7.93
C ASP A 3 -21.66 17.62 -8.25
N GLY A 4 -22.63 17.45 -7.41
CA GLY A 4 -23.61 16.43 -7.60
C GLY A 4 -24.06 15.86 -6.30
N PHE A 5 -25.10 15.08 -6.35
CA PHE A 5 -25.63 14.41 -5.19
C PHE A 5 -24.74 13.22 -4.90
N ILE A 6 -24.58 12.90 -3.65
CA ILE A 6 -23.76 11.77 -3.32
C ILE A 6 -24.62 10.50 -3.26
N LEU A 7 -24.25 9.53 -4.03
CA LEU A 7 -24.93 8.25 -4.05
C LEU A 7 -24.01 7.23 -3.45
N LYS A 8 -24.55 6.34 -2.66
CA LYS A 8 -23.72 5.37 -2.01
C LYS A 8 -23.32 4.22 -2.94
N LYS A 9 -22.23 4.43 -3.59
CA LYS A 9 -21.51 3.44 -4.35
C LYS A 9 -20.16 3.38 -3.74
N LYS A 10 -19.50 2.25 -3.79
CA LYS A 10 -18.14 2.14 -3.30
C LYS A 10 -17.28 3.18 -4.06
N LYS A 11 -16.87 4.22 -3.35
CA LYS A 11 -16.30 5.37 -4.00
C LYS A 11 -14.95 5.73 -3.46
N ILE A 12 -14.34 6.70 -4.09
CA ILE A 12 -13.07 7.20 -3.69
C ILE A 12 -13.26 8.57 -3.07
N PRO A 13 -12.36 8.98 -2.16
CA PRO A 13 -12.38 10.34 -1.61
C PRO A 13 -12.24 11.34 -2.75
N LYS A 14 -13.22 12.19 -2.92
CA LYS A 14 -13.22 13.11 -4.04
C LYS A 14 -12.80 14.50 -3.60
N ASN A 15 -12.18 14.54 -2.45
CA ASN A 15 -11.65 15.77 -1.88
C ASN A 15 -10.27 16.03 -2.50
N ILE A 16 -9.76 17.22 -2.40
CA ILE A 16 -8.46 17.53 -2.99
C ILE A 16 -7.28 17.24 -2.05
N PHE A 17 -6.43 16.34 -2.47
CA PHE A 17 -5.27 15.93 -1.69
C PHE A 17 -4.00 16.13 -2.49
N ARG A 18 -2.94 16.54 -1.84
CA ARG A 18 -1.66 16.59 -2.51
C ARG A 18 -1.00 15.23 -2.39
N ILE A 19 -0.88 14.54 -3.49
CA ILE A 19 -0.43 13.14 -3.51
C ILE A 19 1.07 12.99 -3.32
N GLY A 20 1.55 13.57 -2.28
CA GLY A 20 2.94 13.57 -2.02
C GLY A 20 3.54 14.74 -2.71
N ASN A 21 4.00 14.51 -3.96
CA ASN A 21 4.66 15.55 -4.80
C ASN A 21 5.71 16.32 -3.94
N LYS A 22 6.45 15.60 -3.13
CA LYS A 22 7.33 16.25 -2.17
C LYS A 22 8.75 15.73 -2.23
N GLU A 23 8.97 14.57 -1.67
CA GLU A 23 10.31 14.04 -1.52
C GLU A 23 10.75 13.25 -2.77
N MET A 24 12.05 13.20 -2.96
CA MET A 24 12.65 12.49 -4.05
C MET A 24 13.40 11.29 -3.52
N SER A 25 13.78 10.40 -4.38
CA SER A 25 14.55 9.26 -3.98
C SER A 25 16.04 9.60 -4.13
N TYR A 26 16.66 10.08 -3.06
CA TYR A 26 18.07 10.36 -3.07
C TYR A 26 18.71 9.78 -1.83
N SER A 27 18.89 8.50 -1.87
CA SER A 27 19.46 7.71 -0.78
C SER A 27 19.82 6.32 -1.28
N ASP A 28 19.11 5.89 -2.33
CA ASP A 28 19.19 4.53 -2.85
C ASP A 28 18.86 3.57 -1.76
N ASP A 29 17.63 3.68 -1.34
CA ASP A 29 17.11 2.92 -0.23
C ASP A 29 15.78 2.32 -0.64
N LEU A 30 14.75 3.13 -0.61
CA LEU A 30 13.41 2.71 -1.00
C LEU A 30 13.28 2.45 -2.50
N ASN A 31 14.09 3.13 -3.27
CA ASN A 31 14.09 3.00 -4.72
C ASN A 31 14.85 1.75 -5.14
N SER A 32 15.61 1.22 -4.22
CA SER A 32 16.33 0.01 -4.44
C SER A 32 15.46 -1.16 -3.99
N LEU A 33 14.53 -0.86 -3.12
CA LEU A 33 13.65 -1.84 -2.54
C LEU A 33 12.49 -2.17 -3.50
N ILE A 34 12.27 -1.29 -4.48
CA ILE A 34 11.22 -1.54 -5.48
C ILE A 34 11.68 -2.58 -6.50
N GLN A 35 12.98 -2.83 -6.53
CA GLN A 35 13.58 -3.78 -7.43
C GLN A 35 13.30 -5.20 -6.96
N SER A 36 12.64 -5.31 -5.83
CA SER A 36 12.27 -6.55 -5.26
C SER A 36 11.08 -7.03 -6.02
N GLN A 37 11.40 -7.71 -7.06
CA GLN A 37 10.48 -8.29 -8.03
C GLN A 37 9.97 -7.24 -9.02
N TYR A 38 10.73 -6.13 -9.08
CA TYR A 38 10.47 -5.03 -10.01
C TYR A 38 9.09 -4.43 -9.88
N VAL A 39 8.77 -4.04 -8.68
CA VAL A 39 7.50 -3.40 -8.41
C VAL A 39 7.67 -1.91 -8.63
N SER A 40 6.60 -1.22 -8.94
CA SER A 40 6.70 0.16 -9.34
C SER A 40 7.08 1.09 -8.17
N TYR A 41 6.47 0.88 -7.02
CA TYR A 41 6.72 1.74 -5.86
C TYR A 41 6.42 1.02 -4.56
N VAL A 42 7.25 1.29 -3.57
CA VAL A 42 7.12 0.73 -2.23
C VAL A 42 7.24 1.85 -1.25
N VAL A 43 6.56 1.73 -0.16
CA VAL A 43 6.65 2.73 0.85
C VAL A 43 7.30 2.12 2.08
N ILE A 44 8.06 2.91 2.76
CA ILE A 44 8.60 2.47 4.02
C ILE A 44 8.13 3.46 5.01
N LEU A 45 8.18 3.12 6.24
CA LEU A 45 7.66 3.92 7.27
C LEU A 45 8.74 4.24 8.29
N ASP A 46 8.35 4.87 9.35
CA ASP A 46 9.23 5.30 10.40
C ASP A 46 8.65 4.71 11.65
N PRO A 47 9.50 4.25 12.61
CA PRO A 47 9.18 3.50 13.90
C PRO A 47 7.80 3.66 14.66
N ASN A 48 6.89 4.38 14.13
CA ASN A 48 5.59 4.58 14.76
C ASN A 48 4.51 4.00 13.87
N GLY A 49 4.88 3.67 12.65
CA GLY A 49 3.90 3.14 11.73
C GLY A 49 3.55 4.14 10.68
N ALA A 50 4.04 5.34 10.85
CA ALA A 50 3.76 6.38 9.93
C ALA A 50 4.75 6.29 8.79
N ILE A 51 4.25 6.36 7.58
CA ILE A 51 5.07 6.19 6.40
C ILE A 51 6.13 7.28 6.29
N TYR A 52 7.31 6.88 5.87
CA TYR A 52 8.44 7.74 5.76
C TYR A 52 8.37 8.34 4.41
N TRP A 53 8.36 7.48 3.40
CA TRP A 53 8.20 7.94 2.07
C TRP A 53 7.75 6.83 1.13
N THR A 54 6.91 7.24 0.23
CA THR A 54 6.35 6.49 -0.83
C THR A 54 6.99 6.99 -2.14
N ASN A 55 7.82 6.14 -2.74
CA ASN A 55 8.72 6.63 -3.77
C ASN A 55 8.16 6.65 -5.18
N ASN A 56 7.31 7.59 -5.40
CA ASN A 56 6.81 7.90 -6.74
C ASN A 56 6.24 9.31 -6.77
N GLU A 57 6.06 9.89 -5.56
CA GLU A 57 5.49 11.22 -5.30
C GLU A 57 4.10 11.43 -5.95
N ASN A 58 3.41 10.33 -6.21
CA ASN A 58 2.08 10.36 -6.85
C ASN A 58 1.09 9.48 -6.06
N TRP A 59 1.61 8.79 -5.08
CA TRP A 59 0.89 7.84 -4.27
C TRP A 59 1.13 8.26 -2.86
N GLN A 60 0.12 8.72 -2.17
CA GLN A 60 0.31 9.23 -0.83
C GLN A 60 -0.17 8.24 0.22
N VAL A 61 0.72 7.48 0.71
CA VAL A 61 0.40 6.62 1.79
C VAL A 61 0.68 7.43 3.06
N ASN A 62 -0.38 7.93 3.63
CA ASN A 62 -0.30 8.93 4.69
C ASN A 62 -0.24 8.32 6.10
N GLY A 63 0.56 7.32 6.27
CA GLY A 63 0.81 6.76 7.58
C GLY A 63 -0.34 6.00 8.17
N SER A 64 -1.27 6.69 8.71
CA SER A 64 -2.27 6.10 9.54
C SER A 64 -3.43 5.50 8.76
N GLU A 65 -3.78 6.07 7.61
CA GLU A 65 -4.97 5.65 6.88
C GLU A 65 -4.79 4.27 6.31
N VAL A 66 -3.58 3.95 5.99
CA VAL A 66 -3.26 2.68 5.42
C VAL A 66 -3.51 1.56 6.46
N LEU A 67 -3.29 1.91 7.71
CA LEU A 67 -3.44 1.01 8.82
C LEU A 67 -4.90 1.09 9.30
N ARG A 68 -5.43 2.30 9.34
CA ARG A 68 -6.78 2.60 9.77
C ARG A 68 -7.82 1.95 8.88
N GLN A 69 -7.63 2.03 7.58
CA GLN A 69 -8.60 1.42 6.68
C GLN A 69 -8.50 -0.10 6.70
N TRP A 70 -7.32 -0.58 7.02
CA TRP A 70 -7.07 -2.00 7.16
C TRP A 70 -7.84 -2.52 8.36
N MET A 71 -7.80 -1.76 9.42
CA MET A 71 -8.42 -2.21 10.64
C MET A 71 -9.84 -1.68 10.73
N GLY A 72 -10.46 -1.64 9.60
CA GLY A 72 -11.84 -1.33 9.49
C GLY A 72 -12.53 -2.45 8.78
N SER A 73 -11.72 -3.45 8.38
CA SER A 73 -12.17 -4.62 7.61
C SER A 73 -12.80 -4.13 6.29
N ALA A 74 -12.25 -3.05 5.78
CA ALA A 74 -12.75 -2.41 4.59
C ALA A 74 -12.48 -3.26 3.35
N PRO A 75 -13.56 -3.65 2.62
CA PRO A 75 -13.44 -4.45 1.39
C PRO A 75 -12.79 -3.61 0.28
N SER A 76 -12.78 -2.34 0.49
CA SER A 76 -12.18 -1.40 -0.38
C SER A 76 -11.51 -0.37 0.48
N ILE A 77 -10.21 -0.44 0.51
CA ILE A 77 -9.39 0.46 1.27
C ILE A 77 -9.02 1.61 0.37
N THR A 78 -9.13 2.81 0.85
CA THR A 78 -8.81 3.95 0.04
C THR A 78 -7.68 4.74 0.64
N VAL A 79 -6.59 4.76 -0.06
CA VAL A 79 -5.41 5.51 0.31
C VAL A 79 -5.00 6.22 -0.96
N ALA A 80 -4.58 7.47 -0.84
CA ALA A 80 -4.18 8.31 -1.98
C ALA A 80 -5.39 8.68 -2.81
N GLY A 81 -6.54 8.67 -2.17
CA GLY A 81 -7.79 8.95 -2.84
C GLY A 81 -8.13 7.89 -3.86
N THR A 82 -7.54 6.73 -3.70
CA THR A 82 -7.70 5.66 -4.64
C THR A 82 -8.30 4.43 -3.92
N LYS A 83 -9.19 3.71 -4.59
CA LYS A 83 -9.81 2.54 -3.98
C LYS A 83 -9.12 1.24 -4.38
N PHE A 84 -8.78 0.47 -3.38
CA PHE A 84 -8.15 -0.80 -3.54
C PHE A 84 -9.08 -1.87 -3.00
N SER A 85 -9.57 -2.70 -3.87
CA SER A 85 -10.43 -3.78 -3.50
C SER A 85 -9.58 -4.84 -2.82
N SER A 86 -9.81 -5.10 -1.58
CA SER A 86 -8.99 -6.03 -0.89
C SER A 86 -9.51 -7.47 -1.05
N PHE A 87 -8.61 -8.43 -1.14
CA PHE A 87 -8.99 -9.79 -1.32
C PHE A 87 -8.74 -10.57 -0.08
N ARG A 88 -7.50 -10.90 0.17
CA ARG A 88 -7.20 -11.67 1.32
C ARG A 88 -6.78 -10.68 2.36
N ASN A 89 -7.57 -10.51 3.36
CA ASN A 89 -7.23 -9.55 4.36
C ASN A 89 -6.80 -10.28 5.58
N GLU A 90 -5.53 -10.55 5.65
CA GLU A 90 -4.97 -11.23 6.79
C GLU A 90 -4.29 -10.23 7.70
N PRO A 91 -4.87 -9.94 8.86
CA PRO A 91 -4.29 -9.01 9.78
C PRO A 91 -2.97 -9.57 10.31
N GLY A 92 -1.91 -8.81 10.12
CA GLY A 92 -0.61 -9.19 10.62
C GLY A 92 0.19 -10.04 9.65
N VAL A 93 -0.49 -10.73 8.75
CA VAL A 93 0.18 -11.66 7.85
C VAL A 93 0.11 -11.11 6.40
N SER A 94 -0.12 -9.80 6.32
CA SER A 94 -0.21 -9.07 5.07
C SER A 94 -1.58 -9.22 4.43
N PHE A 95 -2.08 -8.15 3.95
CA PHE A 95 -3.31 -8.17 3.26
C PHE A 95 -3.06 -7.72 1.86
N VAL A 96 -3.80 -8.24 0.96
CA VAL A 96 -3.63 -7.96 -0.41
C VAL A 96 -4.91 -7.47 -1.02
N GLY A 97 -4.79 -6.48 -1.83
CA GLY A 97 -5.85 -5.93 -2.54
C GLY A 97 -5.39 -5.59 -3.90
N ARG A 98 -6.29 -5.24 -4.75
CA ARG A 98 -5.94 -4.87 -6.07
C ARG A 98 -6.44 -3.50 -6.28
N ASN A 99 -5.65 -2.71 -6.90
CA ASN A 99 -6.03 -1.45 -7.20
C ASN A 99 -6.95 -1.51 -8.37
N MET A 100 -8.22 -1.57 -8.06
CA MET A 100 -9.33 -1.50 -9.03
C MET A 100 -9.13 -0.42 -10.16
N ALA A 101 -8.27 0.56 -9.91
CA ALA A 101 -7.99 1.62 -10.86
C ALA A 101 -6.80 1.27 -11.78
N GLY A 102 -5.59 1.31 -11.21
CA GLY A 102 -4.38 1.06 -11.97
C GLY A 102 -4.26 -0.36 -12.47
N GLY A 103 -4.84 -1.30 -11.74
CA GLY A 103 -4.80 -2.68 -12.15
C GLY A 103 -3.81 -3.50 -11.37
N GLY A 104 -2.94 -2.83 -10.64
CA GLY A 104 -1.89 -3.52 -9.89
C GLY A 104 -2.36 -3.94 -8.53
N LEU A 105 -1.48 -4.48 -7.72
CA LEU A 105 -1.87 -5.02 -6.43
C LEU A 105 -1.25 -4.22 -5.34
N ILE A 106 -1.89 -4.21 -4.19
CA ILE A 106 -1.36 -3.53 -3.06
C ILE A 106 -1.24 -4.56 -1.93
N ILE A 107 -0.05 -4.76 -1.45
CA ILE A 107 0.19 -5.74 -0.40
C ILE A 107 0.79 -5.02 0.80
N LEU A 108 0.16 -5.18 1.95
CA LEU A 108 0.59 -4.47 3.17
C LEU A 108 0.82 -5.46 4.33
N GLN A 109 2.05 -5.49 4.83
CA GLN A 109 2.41 -6.30 6.00
C GLN A 109 2.22 -5.50 7.27
N LYS A 110 1.79 -6.17 8.31
CA LYS A 110 1.51 -5.54 9.55
C LYS A 110 2.33 -6.00 10.72
N ALA A 111 3.38 -5.28 10.98
CA ALA A 111 4.08 -5.43 12.22
C ALA A 111 3.24 -4.74 13.29
N PRO A 112 3.09 -5.33 14.48
CA PRO A 112 2.26 -4.76 15.55
C PRO A 112 2.87 -3.51 16.19
N ASN A 113 4.07 -3.19 15.77
CA ASN A 113 4.82 -2.09 16.32
C ASN A 113 4.60 -0.81 15.51
N GLY A 114 3.59 -0.80 14.68
CA GLY A 114 3.29 0.35 13.91
C GLY A 114 3.57 0.13 12.47
N TYR A 115 4.74 -0.40 12.21
CA TYR A 115 5.28 -0.62 10.86
C TYR A 115 4.29 -1.34 9.93
N VAL A 116 4.24 -0.83 8.72
CA VAL A 116 3.38 -1.32 7.66
C VAL A 116 4.23 -1.41 6.40
N PHE A 117 4.00 -2.37 5.55
CA PHE A 117 4.83 -2.44 4.37
C PHE A 117 3.97 -2.47 3.16
N LEU A 118 3.88 -1.35 2.46
CA LEU A 118 3.03 -1.30 1.32
C LEU A 118 3.84 -1.30 0.08
N SER A 119 3.76 -2.37 -0.63
CA SER A 119 4.42 -2.48 -1.88
C SER A 119 3.39 -2.61 -2.96
N TRP A 120 3.46 -1.76 -3.94
CA TRP A 120 2.52 -1.80 -4.99
C TRP A 120 3.08 -2.65 -6.06
N THR A 121 2.38 -3.65 -6.39
CA THR A 121 2.85 -4.59 -7.30
C THR A 121 2.44 -4.15 -8.68
N SER A 122 3.43 -4.02 -9.53
CA SER A 122 3.32 -3.51 -10.87
C SER A 122 2.15 -4.13 -11.64
N HIS A 123 1.42 -3.29 -12.36
CA HIS A 123 0.31 -3.75 -13.17
C HIS A 123 0.83 -4.40 -14.45
N GLU A 124 2.11 -4.17 -14.73
CA GLU A 124 2.78 -4.81 -15.85
C GLU A 124 3.19 -6.22 -15.41
N PHE A 125 3.51 -6.32 -14.14
CA PHE A 125 3.96 -7.56 -13.54
C PHE A 125 2.74 -8.34 -13.02
N LEU A 126 1.55 -7.82 -13.28
CA LEU A 126 0.26 -8.34 -12.74
C LEU A 126 0.00 -9.80 -13.13
N THR A 127 0.53 -10.22 -14.26
CA THR A 127 0.35 -11.58 -14.73
C THR A 127 1.12 -12.54 -13.80
N THR A 128 2.21 -12.04 -13.28
CA THR A 128 3.07 -12.76 -12.42
C THR A 128 2.66 -12.51 -10.94
N SER A 129 2.15 -11.33 -10.67
CA SER A 129 1.74 -10.93 -9.34
C SER A 129 0.44 -11.64 -8.99
N GLY A 130 0.54 -12.71 -8.21
CA GLY A 130 -0.63 -13.46 -7.87
C GLY A 130 -0.72 -14.75 -8.66
N LEU A 131 0.29 -15.00 -9.51
CA LEU A 131 0.36 -16.26 -10.23
C LEU A 131 0.70 -17.38 -9.24
N PRO A 132 1.78 -17.24 -8.42
CA PRO A 132 1.96 -18.10 -7.27
C PRO A 132 1.15 -17.53 -6.09
N PRO A 133 0.77 -18.34 -5.10
CA PRO A 133 -0.06 -17.90 -3.99
C PRO A 133 0.53 -16.72 -3.21
N LEU A 134 1.83 -16.76 -2.96
CA LEU A 134 2.50 -15.71 -2.24
C LEU A 134 3.98 -15.75 -2.47
N ASN A 135 4.42 -15.17 -3.53
CA ASN A 135 5.86 -15.08 -3.76
C ASN A 135 6.31 -13.71 -3.34
N ILE A 136 5.73 -12.70 -3.95
CA ILE A 136 6.00 -11.31 -3.62
C ILE A 136 5.34 -11.02 -2.29
N HIS A 137 4.13 -11.56 -2.13
CA HIS A 137 3.32 -11.36 -0.94
C HIS A 137 4.04 -11.94 0.31
N ALA A 138 4.87 -12.92 0.08
CA ALA A 138 5.54 -13.61 1.14
C ALA A 138 6.64 -12.77 1.73
N GLU A 139 7.39 -12.13 0.87
CA GLU A 139 8.53 -11.34 1.30
C GLU A 139 8.09 -10.03 1.90
N ILE A 140 6.89 -9.61 1.57
CA ILE A 140 6.28 -8.43 2.19
C ILE A 140 6.13 -8.70 3.67
N ALA A 141 5.66 -9.91 3.96
CA ALA A 141 5.41 -10.37 5.32
C ALA A 141 6.73 -10.70 6.04
N MET A 142 7.80 -10.72 5.29
CA MET A 142 9.13 -10.97 5.85
C MET A 142 9.80 -9.65 6.17
N MET A 143 9.68 -8.72 5.25
CA MET A 143 10.31 -7.41 5.32
C MET A 143 9.92 -6.65 6.60
N ALA A 144 8.64 -6.40 6.79
CA ALA A 144 8.18 -5.67 7.98
C ALA A 144 8.02 -6.59 9.18
N ALA A 145 8.58 -7.77 9.09
CA ALA A 145 8.57 -8.68 10.21
C ALA A 145 9.86 -8.52 10.99
N LYS A 146 10.85 -7.91 10.35
CA LYS A 146 12.13 -7.76 10.99
C LYS A 146 12.47 -6.33 11.35
N PHE A 147 11.77 -5.36 10.77
CA PHE A 147 11.99 -4.00 11.20
C PHE A 147 10.85 -3.53 12.06
N GLN A 148 11.05 -3.66 13.33
CA GLN A 148 10.14 -3.21 14.33
C GLN A 148 10.91 -2.77 15.56
N MET A 1 -15.31 24.00 -11.62
CA MET A 1 -16.45 23.29 -11.05
C MET A 1 -16.78 23.89 -9.71
N LYS A 2 -18.00 23.72 -9.28
CA LYS A 2 -18.43 24.22 -8.00
C LYS A 2 -18.18 23.16 -6.98
N ASP A 3 -17.69 23.56 -5.82
CA ASP A 3 -17.42 22.60 -4.76
C ASP A 3 -18.72 22.16 -4.13
N GLY A 4 -18.87 20.88 -3.98
CA GLY A 4 -20.05 20.31 -3.40
C GLY A 4 -19.71 18.97 -2.82
N PHE A 5 -18.84 19.00 -1.86
CA PHE A 5 -18.35 17.81 -1.24
C PHE A 5 -19.12 17.53 0.02
N ILE A 6 -19.32 16.28 0.29
CA ILE A 6 -19.98 15.82 1.48
C ILE A 6 -18.90 15.15 2.31
N LEU A 7 -18.94 15.32 3.63
CA LEU A 7 -17.96 14.70 4.49
C LEU A 7 -18.21 13.20 4.50
N LYS A 8 -17.38 12.50 3.80
CA LYS A 8 -17.53 11.09 3.63
C LYS A 8 -16.36 10.36 4.22
N LYS A 9 -16.64 9.23 4.82
CA LYS A 9 -15.60 8.34 5.26
C LYS A 9 -14.87 7.83 4.03
N LYS A 10 -13.58 7.55 4.17
CA LYS A 10 -12.69 7.22 3.04
C LYS A 10 -13.23 6.24 2.02
N LYS A 11 -13.69 6.80 0.94
CA LYS A 11 -14.19 6.11 -0.21
C LYS A 11 -13.67 6.83 -1.42
N ILE A 12 -13.81 6.23 -2.56
CA ILE A 12 -13.23 6.77 -3.76
C ILE A 12 -14.03 8.00 -4.26
N PRO A 13 -13.34 9.11 -4.52
CA PRO A 13 -13.97 10.29 -5.10
C PRO A 13 -14.11 10.13 -6.62
N LYS A 14 -14.97 10.91 -7.23
CA LYS A 14 -15.19 10.82 -8.65
C LYS A 14 -14.06 11.48 -9.42
N ASN A 15 -14.08 12.79 -9.52
CA ASN A 15 -13.05 13.49 -10.24
C ASN A 15 -12.24 14.37 -9.31
N ILE A 16 -11.43 13.72 -8.51
CA ILE A 16 -10.48 14.37 -7.64
C ILE A 16 -9.20 13.59 -7.77
N PHE A 17 -8.24 14.12 -8.45
CA PHE A 17 -7.00 13.43 -8.56
C PHE A 17 -5.83 14.28 -8.10
N ARG A 18 -5.30 13.92 -6.98
CA ARG A 18 -4.06 14.43 -6.52
C ARG A 18 -3.20 13.23 -6.27
N ILE A 19 -2.42 12.83 -7.21
CA ILE A 19 -1.65 11.64 -7.00
C ILE A 19 -0.31 11.88 -6.48
N GLY A 20 -0.29 12.18 -5.22
CA GLY A 20 0.90 12.41 -4.46
C GLY A 20 1.72 13.51 -5.04
N ASN A 21 2.75 13.09 -5.76
CA ASN A 21 3.79 13.98 -6.35
C ASN A 21 4.24 15.02 -5.31
N LYS A 22 4.49 14.54 -4.10
CA LYS A 22 4.83 15.41 -3.01
C LYS A 22 6.34 15.61 -2.94
N GLU A 23 7.10 14.55 -3.03
CA GLU A 23 8.54 14.65 -3.00
C GLU A 23 9.11 13.69 -4.02
N MET A 24 10.27 14.01 -4.54
CA MET A 24 10.91 13.24 -5.60
C MET A 24 11.65 12.04 -5.04
N SER A 25 12.03 11.14 -5.91
CA SER A 25 12.84 9.98 -5.58
C SER A 25 14.31 10.40 -5.54
N TYR A 26 14.58 11.45 -4.77
CA TYR A 26 15.94 11.85 -4.51
C TYR A 26 16.50 10.83 -3.57
N SER A 27 15.64 10.37 -2.68
CA SER A 27 15.95 9.28 -1.85
C SER A 27 15.60 8.01 -2.65
N ASP A 28 16.47 7.64 -3.57
CA ASP A 28 16.26 6.47 -4.46
C ASP A 28 16.70 5.23 -3.74
N ASP A 29 16.93 5.40 -2.48
CA ASP A 29 17.37 4.31 -1.62
C ASP A 29 16.23 3.37 -1.40
N LEU A 30 15.04 3.92 -1.50
CA LEU A 30 13.83 3.16 -1.39
C LEU A 30 13.56 2.47 -2.73
N ASN A 31 14.00 3.12 -3.81
CA ASN A 31 13.84 2.60 -5.18
C ASN A 31 14.67 1.32 -5.34
N SER A 32 15.77 1.28 -4.63
CA SER A 32 16.65 0.12 -4.59
C SER A 32 15.90 -1.17 -4.16
N LEU A 33 14.90 -1.03 -3.28
CA LEU A 33 14.15 -2.18 -2.76
C LEU A 33 13.10 -2.67 -3.75
N ILE A 34 12.66 -1.80 -4.66
CA ILE A 34 11.62 -2.20 -5.59
C ILE A 34 12.18 -3.07 -6.70
N GLN A 35 13.49 -3.05 -6.86
CA GLN A 35 14.16 -3.84 -7.87
C GLN A 35 14.12 -5.32 -7.50
N SER A 36 13.68 -5.61 -6.29
CA SER A 36 13.59 -6.94 -5.81
C SER A 36 12.36 -7.58 -6.40
N GLN A 37 12.57 -8.08 -7.57
CA GLN A 37 11.61 -8.77 -8.42
C GLN A 37 10.67 -7.82 -9.15
N TYR A 38 11.08 -6.56 -9.19
CA TYR A 38 10.44 -5.52 -10.00
C TYR A 38 9.11 -5.09 -9.47
N VAL A 39 9.15 -4.72 -8.25
CA VAL A 39 8.03 -4.18 -7.54
C VAL A 39 7.99 -2.71 -7.93
N SER A 40 6.86 -2.07 -7.93
CA SER A 40 6.85 -0.71 -8.34
C SER A 40 7.04 0.23 -7.16
N TYR A 41 6.32 0.02 -6.08
CA TYR A 41 6.38 0.98 -4.98
C TYR A 41 6.46 0.25 -3.69
N VAL A 42 7.33 0.69 -2.83
CA VAL A 42 7.43 0.16 -1.50
C VAL A 42 7.54 1.34 -0.58
N VAL A 43 6.68 1.42 0.36
CA VAL A 43 6.75 2.51 1.30
C VAL A 43 7.44 2.01 2.55
N ILE A 44 8.37 2.77 3.07
CA ILE A 44 9.03 2.36 4.27
C ILE A 44 8.53 3.21 5.40
N LEU A 45 8.44 2.62 6.56
CA LEU A 45 7.89 3.27 7.71
C LEU A 45 8.98 3.62 8.71
N ASP A 46 8.56 4.28 9.73
CA ASP A 46 9.37 4.65 10.87
C ASP A 46 8.85 3.81 12.04
N PRO A 47 9.65 3.55 13.11
CA PRO A 47 9.20 2.77 14.33
C PRO A 47 7.96 3.34 15.05
N ASN A 48 7.43 4.41 14.54
CA ASN A 48 6.23 5.03 15.05
C ASN A 48 5.02 4.57 14.24
N GLY A 49 5.25 3.90 13.11
CA GLY A 49 4.17 3.49 12.28
C GLY A 49 3.77 4.61 11.39
N ALA A 50 4.72 5.48 11.16
CA ALA A 50 4.54 6.61 10.30
C ALA A 50 5.36 6.39 9.04
N ILE A 51 4.82 6.69 7.87
CA ILE A 51 5.54 6.39 6.62
C ILE A 51 6.70 7.38 6.43
N TYR A 52 7.86 6.88 6.05
CA TYR A 52 9.04 7.70 5.92
C TYR A 52 8.96 8.35 4.59
N TRP A 53 8.85 7.51 3.58
CA TRP A 53 8.52 7.98 2.31
C TRP A 53 7.82 6.93 1.53
N THR A 54 6.77 7.35 0.95
CA THR A 54 5.98 6.59 0.06
C THR A 54 6.61 6.72 -1.32
N ASN A 55 7.32 5.68 -1.66
CA ASN A 55 8.19 5.61 -2.79
C ASN A 55 7.39 5.30 -4.02
N ASN A 56 6.75 6.32 -4.52
CA ASN A 56 5.92 6.21 -5.71
C ASN A 56 5.68 7.55 -6.32
N GLU A 57 5.53 8.57 -5.46
CA GLU A 57 5.18 9.91 -5.88
C GLU A 57 3.75 9.88 -6.45
N ASN A 58 2.97 8.93 -5.95
CA ASN A 58 1.57 8.73 -6.41
C ASN A 58 0.63 8.54 -5.23
N TRP A 59 1.07 7.77 -4.27
CA TRP A 59 0.30 7.47 -3.10
C TRP A 59 0.30 8.60 -2.12
N GLN A 60 -0.81 8.73 -1.47
CA GLN A 60 -0.98 9.71 -0.43
C GLN A 60 -1.20 8.98 0.88
N VAL A 61 -0.21 8.22 1.27
CA VAL A 61 -0.34 7.50 2.50
C VAL A 61 -0.03 8.42 3.68
N ASN A 62 -1.08 8.88 4.30
CA ASN A 62 -0.99 9.84 5.39
C ASN A 62 -0.81 9.17 6.74
N GLY A 63 0.11 8.24 6.80
CA GLY A 63 0.42 7.57 8.02
C GLY A 63 -0.61 6.58 8.38
N SER A 64 -1.37 6.92 9.36
CA SER A 64 -2.37 6.09 9.93
C SER A 64 -3.46 5.63 8.95
N GLU A 65 -3.65 6.34 7.81
CA GLU A 65 -4.70 5.97 6.82
C GLU A 65 -4.53 4.53 6.44
N VAL A 66 -3.31 4.25 6.12
CA VAL A 66 -2.83 2.99 5.67
C VAL A 66 -3.25 1.83 6.61
N LEU A 67 -3.05 2.05 7.89
CA LEU A 67 -3.35 1.09 8.93
C LEU A 67 -4.82 1.15 9.34
N ARG A 68 -5.26 2.33 9.58
CA ARG A 68 -6.57 2.58 10.14
C ARG A 68 -7.71 2.33 9.13
N GLN A 69 -7.47 2.50 7.84
CA GLN A 69 -8.49 2.19 6.86
C GLN A 69 -8.46 0.68 6.54
N TRP A 70 -7.38 0.04 6.93
CA TRP A 70 -7.26 -1.41 6.84
C TRP A 70 -8.00 -2.02 8.01
N MET A 71 -7.94 -1.33 9.10
CA MET A 71 -8.55 -1.68 10.34
C MET A 71 -9.96 -1.03 10.41
N GLY A 72 -10.68 -1.00 9.30
CA GLY A 72 -11.96 -0.33 9.27
C GLY A 72 -13.12 -1.22 8.86
N SER A 73 -12.86 -2.53 8.75
CA SER A 73 -13.89 -3.53 8.39
C SER A 73 -14.42 -3.34 6.95
N ALA A 74 -13.69 -2.59 6.15
CA ALA A 74 -14.04 -2.32 4.78
C ALA A 74 -13.11 -3.11 3.85
N PRO A 75 -13.64 -3.71 2.77
CA PRO A 75 -12.84 -4.49 1.82
C PRO A 75 -12.27 -3.59 0.71
N SER A 76 -12.09 -2.36 1.04
CA SER A 76 -11.63 -1.38 0.13
C SER A 76 -10.86 -0.31 0.86
N ILE A 77 -9.68 -0.09 0.42
CA ILE A 77 -8.81 0.90 0.97
C ILE A 77 -8.59 1.95 -0.07
N THR A 78 -8.71 3.19 0.29
CA THR A 78 -8.52 4.24 -0.64
C THR A 78 -7.36 5.12 -0.21
N VAL A 79 -6.36 5.14 -1.02
CA VAL A 79 -5.20 5.96 -0.84
C VAL A 79 -4.97 6.67 -2.16
N ALA A 80 -4.70 7.97 -2.11
CA ALA A 80 -4.42 8.82 -3.30
C ALA A 80 -5.68 9.02 -4.14
N GLY A 81 -6.80 8.77 -3.51
CA GLY A 81 -8.09 8.89 -4.16
C GLY A 81 -8.46 7.65 -4.95
N THR A 82 -7.63 6.65 -4.87
CA THR A 82 -7.82 5.44 -5.60
C THR A 82 -8.30 4.31 -4.66
N LYS A 83 -9.23 3.47 -5.14
CA LYS A 83 -9.74 2.37 -4.34
C LYS A 83 -9.05 1.05 -4.71
N PHE A 84 -8.45 0.45 -3.72
CA PHE A 84 -7.91 -0.85 -3.82
C PHE A 84 -8.93 -1.79 -3.20
N SER A 85 -9.44 -2.70 -3.96
CA SER A 85 -10.37 -3.66 -3.47
C SER A 85 -9.58 -4.83 -2.92
N SER A 86 -9.70 -5.08 -1.64
CA SER A 86 -8.92 -6.09 -1.03
C SER A 86 -9.62 -7.44 -1.07
N PHE A 87 -8.84 -8.48 -1.24
CA PHE A 87 -9.36 -9.81 -1.42
C PHE A 87 -9.02 -10.68 -0.23
N ARG A 88 -7.76 -10.83 0.06
CA ARG A 88 -7.35 -11.66 1.15
C ARG A 88 -6.83 -10.77 2.20
N ASN A 89 -7.55 -10.67 3.25
CA ASN A 89 -7.13 -9.87 4.33
C ASN A 89 -6.61 -10.74 5.42
N GLU A 90 -5.35 -10.84 5.48
CA GLU A 90 -4.74 -11.48 6.60
C GLU A 90 -4.33 -10.36 7.52
N PRO A 91 -5.04 -10.18 8.63
CA PRO A 91 -4.80 -9.06 9.51
C PRO A 91 -3.45 -9.15 10.17
N GLY A 92 -2.67 -8.12 9.98
CA GLY A 92 -1.38 -8.04 10.54
C GLY A 92 -0.36 -8.57 9.60
N VAL A 93 -0.68 -9.69 8.99
CA VAL A 93 0.23 -10.40 8.14
C VAL A 93 0.37 -9.73 6.78
N SER A 94 -0.58 -9.87 5.94
CA SER A 94 -0.47 -9.40 4.60
C SER A 94 -1.81 -9.41 3.99
N PHE A 95 -2.31 -8.27 3.75
CA PHE A 95 -3.55 -8.22 3.06
C PHE A 95 -3.25 -7.87 1.63
N VAL A 96 -4.04 -8.39 0.75
CA VAL A 96 -3.84 -8.26 -0.66
C VAL A 96 -5.07 -7.67 -1.29
N GLY A 97 -4.88 -6.62 -2.01
CA GLY A 97 -5.93 -5.96 -2.70
C GLY A 97 -5.47 -5.50 -4.04
N ARG A 98 -6.34 -5.32 -4.95
CA ARG A 98 -5.99 -4.93 -6.28
C ARG A 98 -6.71 -3.69 -6.60
N ASN A 99 -6.08 -2.86 -7.33
CA ASN A 99 -6.67 -1.66 -7.80
C ASN A 99 -7.71 -1.97 -8.80
N MET A 100 -8.97 -2.06 -8.34
CA MET A 100 -10.12 -2.12 -9.28
C MET A 100 -10.05 -0.93 -10.26
N ALA A 101 -9.38 0.12 -9.82
CA ALA A 101 -9.12 1.28 -10.60
C ALA A 101 -7.61 1.43 -10.59
N GLY A 102 -6.97 0.96 -11.62
CA GLY A 102 -5.55 1.01 -11.69
C GLY A 102 -4.97 -0.23 -12.35
N GLY A 103 -5.49 -1.38 -11.97
CA GLY A 103 -5.02 -2.64 -12.55
C GLY A 103 -3.69 -3.10 -11.99
N GLY A 104 -3.50 -2.87 -10.70
CA GLY A 104 -2.28 -3.28 -10.03
C GLY A 104 -2.60 -3.85 -8.69
N LEU A 105 -1.67 -4.47 -8.03
CA LEU A 105 -1.99 -5.16 -6.79
C LEU A 105 -1.17 -4.60 -5.63
N ILE A 106 -1.85 -4.41 -4.51
CA ILE A 106 -1.30 -3.79 -3.33
C ILE A 106 -1.27 -4.81 -2.17
N ILE A 107 -0.10 -5.00 -1.55
CA ILE A 107 0.08 -5.97 -0.44
C ILE A 107 0.79 -5.30 0.74
N LEU A 108 0.20 -5.40 1.95
CA LEU A 108 0.81 -4.80 3.15
C LEU A 108 0.97 -5.75 4.32
N GLN A 109 2.14 -5.70 4.93
CA GLN A 109 2.47 -6.38 6.19
C GLN A 109 2.44 -5.33 7.27
N LYS A 110 1.87 -5.63 8.39
CA LYS A 110 1.79 -4.69 9.47
C LYS A 110 2.62 -5.24 10.62
N ALA A 111 3.85 -4.77 10.76
CA ALA A 111 4.73 -5.21 11.82
C ALA A 111 4.21 -4.71 13.18
N PRO A 112 4.48 -5.46 14.26
CA PRO A 112 4.05 -5.09 15.61
C PRO A 112 4.85 -3.90 16.20
N ASN A 113 5.67 -3.27 15.39
CA ASN A 113 6.47 -2.13 15.84
C ASN A 113 5.86 -0.80 15.32
N GLY A 114 4.95 -0.90 14.35
CA GLY A 114 4.38 0.27 13.75
C GLY A 114 4.61 0.23 12.27
N TYR A 115 5.78 -0.26 11.92
CA TYR A 115 6.19 -0.45 10.53
C TYR A 115 5.16 -1.26 9.73
N VAL A 116 4.95 -0.85 8.52
CA VAL A 116 4.08 -1.53 7.60
C VAL A 116 4.79 -1.57 6.29
N PHE A 117 4.56 -2.53 5.50
CA PHE A 117 5.24 -2.59 4.25
C PHE A 117 4.24 -2.64 3.17
N LEU A 118 4.01 -1.52 2.55
CA LEU A 118 3.02 -1.43 1.51
C LEU A 118 3.73 -1.51 0.19
N SER A 119 3.45 -2.52 -0.52
CA SER A 119 4.06 -2.76 -1.78
C SER A 119 3.03 -2.68 -2.88
N TRP A 120 3.46 -2.29 -4.04
CA TRP A 120 2.61 -2.27 -5.18
C TRP A 120 3.29 -3.03 -6.25
N THR A 121 2.56 -3.83 -6.89
CA THR A 121 3.10 -4.66 -7.89
C THR A 121 2.65 -4.10 -9.21
N SER A 122 3.60 -3.94 -10.11
CA SER A 122 3.39 -3.35 -11.41
C SER A 122 2.20 -3.95 -12.14
N HIS A 123 1.53 -3.11 -12.90
CA HIS A 123 0.41 -3.55 -13.70
C HIS A 123 0.91 -4.48 -14.81
N GLU A 124 2.17 -4.30 -15.17
CA GLU A 124 2.80 -5.17 -16.14
C GLU A 124 3.08 -6.49 -15.47
N PHE A 125 3.59 -6.41 -14.27
CA PHE A 125 3.92 -7.58 -13.48
C PHE A 125 2.71 -8.08 -12.71
N LEU A 126 1.52 -7.86 -13.29
CA LEU A 126 0.26 -8.34 -12.72
C LEU A 126 0.26 -9.87 -12.86
N THR A 127 1.10 -10.34 -13.76
CA THR A 127 1.36 -11.73 -13.97
C THR A 127 1.98 -12.31 -12.70
N THR A 128 2.85 -11.55 -12.16
CA THR A 128 3.60 -11.91 -11.02
C THR A 128 2.81 -11.56 -9.74
N SER A 129 1.70 -10.88 -9.91
CA SER A 129 0.89 -10.45 -8.80
C SER A 129 -0.08 -11.57 -8.38
N GLY A 130 0.44 -12.53 -7.66
CA GLY A 130 -0.42 -13.55 -7.11
C GLY A 130 -0.49 -14.83 -7.90
N LEU A 131 0.00 -14.84 -9.13
CA LEU A 131 -0.01 -16.09 -9.90
C LEU A 131 1.09 -17.04 -9.41
N PRO A 132 2.39 -16.62 -9.39
CA PRO A 132 3.44 -17.44 -8.78
C PRO A 132 3.20 -17.47 -7.26
N PRO A 133 3.21 -18.70 -6.65
CA PRO A 133 2.88 -18.94 -5.24
C PRO A 133 3.38 -17.88 -4.26
N LEU A 134 2.49 -16.91 -3.95
CA LEU A 134 2.72 -15.79 -3.02
C LEU A 134 4.10 -15.14 -3.20
N ASN A 135 4.53 -15.04 -4.46
CA ASN A 135 5.89 -14.55 -4.82
C ASN A 135 6.21 -13.18 -4.23
N ILE A 136 5.35 -12.23 -4.45
CA ILE A 136 5.57 -10.88 -3.95
C ILE A 136 5.10 -10.84 -2.49
N HIS A 137 3.96 -11.48 -2.26
CA HIS A 137 3.26 -11.52 -0.98
C HIS A 137 4.16 -11.97 0.18
N ALA A 138 4.87 -13.06 -0.01
CA ALA A 138 5.65 -13.70 1.05
C ALA A 138 6.75 -12.79 1.57
N GLU A 139 7.36 -12.06 0.66
CA GLU A 139 8.48 -11.20 0.99
C GLU A 139 8.02 -10.00 1.82
N ILE A 140 6.75 -9.69 1.71
CA ILE A 140 6.16 -8.58 2.40
C ILE A 140 6.14 -8.84 3.89
N ALA A 141 5.68 -10.02 4.27
CA ALA A 141 5.63 -10.36 5.69
C ALA A 141 6.98 -10.89 6.17
N MET A 142 7.97 -10.79 5.32
CA MET A 142 9.33 -11.11 5.69
C MET A 142 10.04 -9.83 6.10
N MET A 143 9.90 -8.83 5.24
CA MET A 143 10.59 -7.55 5.39
C MET A 143 10.22 -6.85 6.67
N ALA A 144 8.95 -6.58 6.87
CA ALA A 144 8.56 -5.80 8.03
C ALA A 144 8.46 -6.64 9.29
N ALA A 145 8.48 -7.95 9.17
CA ALA A 145 8.35 -8.85 10.33
C ALA A 145 9.60 -8.84 11.18
N LYS A 146 10.61 -8.15 10.74
CA LYS A 146 11.86 -8.07 11.42
C LYS A 146 11.81 -6.84 12.30
N PHE A 147 10.77 -6.06 12.10
CA PHE A 147 10.56 -4.88 12.85
C PHE A 147 9.59 -5.16 13.96
N GLN A 148 10.13 -5.38 15.07
CA GLN A 148 9.41 -5.67 16.28
C GLN A 148 10.18 -5.06 17.44
#